data_7LG5
#
_entry.id   7LG5
#
loop_
_entity.id
_entity.type
_entity.pdbx_description
1 polymer 'Cyanophycin synthase'
2 non-polymer "ADENOSINE-5'-TRIPHOSPHATE"
3 non-polymer 'MAGNESIUM ION'
#
_entity_poly.entity_id   1
_entity_poly.type   'polypeptide(L)'
_entity_poly.pdbx_seq_one_letter_code
;MKILKTLTLRGPNYWSIRRKKLIVMRLDLEDLAERPSNSIPGFYEGLIKVLPSLVEHFCSPGYQGGFLERVKEGTYMGHI
VEHVALELQELVGMTAGFGRTRETSTPGVYNVVYEYVDEQAGRYAGRAAVRLCRSLVDTGDYPRLELEKDLEDLRDLGAN
SALGPSTETIVTEAEARKIPWMLLSARAMVQLGYGVYQQRIQATLSSHSGILGVELACDKEGTKTILQDAGIPVPRGTTI
QYFDDLEEAINDVGGYPVVIKPLDGNHGRGITINVRHWQEAIAAYDLAAEESKSRAIIVERYYEGSDHRVLVVNGKLVAV
AERIPAHVTGDGSSTISELIEKTNQDPNRGDGHDNILTKIVVNKTAIDVMERQGYNLDSVLPKDEVVYLRATANLSTGGI
AIDRTDDIHPENIWLMERVAKVIGLDIAGIDVVTSDISKPLRETNGVIVEVNAAPGFRMHVAPSQGLPRNVAAPVLDMLF
PPGTPSRIPILAVTGTNGKTTTTRLLAHIYRQTGKTVGYTSTDAIYINEYCVEKGDNTGPQSAGVILRDPTVEVAVLETA
RGGILRAGLAFDSCDVGVVLNVAADHLGLGDIDTIEQMAKVKSVIAEVVDPSGYAVLNADDPLVAAMADKVKAKVAYFSM
NPDNPIIQAHVRRNGIAAVYESGYLSILEGSWTLRVEQAKLIPMTMGGMAPFMIANALAACLAAFVNGLDVEVIRQGVRT
FTTSAEQTPGRMNLFNLGQHHALVDYAHNPAGYRAVGDFVKNWQGQRFGVVGGPGDRRDSDLIELGQIAAQVFDRIIVKE
DDDKRGRSEGETADLIVKGILQENPGASYEVILDETIALNKALDQVEEKGLVVVFPESVTRAIDLIKVRNPIGENLYFQ
;
_entity_poly.pdbx_strand_id   A,B,C,D
#
# COMPACT_ATOMS: atom_id res chain seq x y z
N MET A 1 -18.94 -12.83 -64.53
CA MET A 1 -19.09 -12.40 -63.15
C MET A 1 -18.04 -11.37 -62.80
N LYS A 2 -18.48 -10.12 -62.67
CA LYS A 2 -17.58 -9.01 -62.38
C LYS A 2 -17.57 -8.62 -60.91
N ILE A 3 -16.40 -8.42 -60.34
CA ILE A 3 -16.34 -7.98 -58.96
C ILE A 3 -16.34 -6.46 -58.96
N LEU A 4 -17.29 -5.87 -58.26
CA LEU A 4 -17.43 -4.42 -58.24
C LEU A 4 -16.76 -3.78 -57.04
N LYS A 5 -16.84 -4.44 -55.90
CA LYS A 5 -16.30 -3.89 -54.65
C LYS A 5 -15.87 -4.94 -53.65
N THR A 6 -14.76 -4.74 -52.95
CA THR A 6 -14.38 -5.67 -51.89
C THR A 6 -14.10 -4.96 -50.56
N LEU A 7 -14.70 -5.45 -49.48
CA LEU A 7 -14.44 -4.93 -48.13
C LEU A 7 -13.83 -5.99 -47.24
N THR A 8 -12.91 -5.59 -46.39
CA THR A 8 -12.32 -6.52 -45.43
C THR A 8 -12.74 -6.05 -44.04
N LEU A 9 -13.39 -6.93 -43.29
CA LEU A 9 -13.85 -6.57 -41.97
C LEU A 9 -12.97 -7.20 -40.92
N ARG A 10 -12.63 -6.41 -39.91
CA ARG A 10 -11.79 -6.86 -38.81
C ARG A 10 -12.34 -6.48 -37.45
N GLY A 11 -13.34 -7.20 -36.98
CA GLY A 11 -13.98 -6.88 -35.70
C GLY A 11 -15.46 -7.15 -35.82
N PRO A 12 -16.25 -7.05 -34.72
CA PRO A 12 -17.67 -7.29 -34.66
C PRO A 12 -18.34 -6.43 -35.70
N ASN A 13 -19.30 -7.01 -36.37
CA ASN A 13 -19.92 -6.33 -37.47
C ASN A 13 -21.36 -6.73 -37.70
N TYR A 14 -21.90 -6.17 -38.76
CA TYR A 14 -23.25 -6.37 -39.24
C TYR A 14 -23.59 -7.83 -39.54
N TRP A 15 -22.66 -8.58 -40.14
CA TRP A 15 -22.92 -9.95 -40.55
C TRP A 15 -22.80 -10.91 -39.38
N SER A 16 -21.86 -10.64 -38.49
CA SER A 16 -21.63 -11.46 -37.31
C SER A 16 -20.86 -10.73 -36.20
N ILE A 17 -21.21 -11.02 -34.95
CA ILE A 17 -20.46 -10.48 -33.82
C ILE A 17 -19.20 -11.29 -33.56
N ARG A 18 -19.32 -12.62 -33.60
CA ARG A 18 -18.19 -13.52 -33.36
C ARG A 18 -17.29 -13.72 -34.60
N ARG A 19 -17.85 -13.67 -35.79
CA ARG A 19 -17.00 -13.90 -36.96
C ARG A 19 -16.44 -12.56 -37.37
N LYS A 20 -15.33 -12.25 -36.72
CA LYS A 20 -14.62 -10.99 -36.83
C LYS A 20 -13.89 -10.81 -38.15
N LYS A 21 -13.37 -11.90 -38.72
CA LYS A 21 -12.59 -11.86 -39.96
C LYS A 21 -13.36 -12.27 -41.19
N LEU A 22 -13.92 -11.28 -41.89
CA LEU A 22 -14.77 -11.56 -43.04
C LEU A 22 -14.42 -10.73 -44.26
N ILE A 23 -14.62 -11.30 -45.43
CA ILE A 23 -14.51 -10.58 -46.69
C ILE A 23 -15.85 -10.49 -47.33
N VAL A 24 -16.23 -9.27 -47.67
CA VAL A 24 -17.51 -9.04 -48.31
C VAL A 24 -17.26 -8.60 -49.73
N MET A 25 -17.70 -9.41 -50.66
CA MET A 25 -17.49 -9.13 -52.06
C MET A 25 -18.80 -8.80 -52.76
N ARG A 26 -18.80 -7.70 -53.49
CA ARG A 26 -19.97 -7.27 -54.25
C ARG A 26 -19.79 -7.76 -55.67
N LEU A 27 -20.55 -8.79 -56.02
CA LEU A 27 -20.38 -9.49 -57.29
C LEU A 27 -21.56 -9.27 -58.24
N ASP A 28 -21.27 -8.82 -59.44
CA ASP A 28 -22.26 -8.52 -60.48
C ASP A 28 -22.45 -9.68 -61.48
N LEU A 29 -23.54 -10.41 -61.34
CA LEU A 29 -23.76 -11.56 -62.19
C LEU A 29 -24.40 -11.13 -63.49
N GLU A 30 -23.56 -10.61 -64.40
CA GLU A 30 -24.02 -10.08 -65.68
C GLU A 30 -24.71 -11.19 -66.49
N ASP A 31 -24.12 -12.36 -66.40
CA ASP A 31 -24.61 -13.63 -66.95
C ASP A 31 -25.00 -14.43 -65.74
N LEU A 32 -25.49 -15.63 -65.92
CA LEU A 32 -25.76 -16.60 -64.84
C LEU A 32 -26.92 -16.24 -63.90
N ALA A 33 -27.18 -14.97 -63.68
CA ALA A 33 -28.30 -14.50 -62.85
C ALA A 33 -29.64 -14.97 -63.42
N GLU A 34 -29.64 -15.25 -64.70
CA GLU A 34 -30.79 -15.73 -65.43
C GLU A 34 -30.70 -17.24 -65.75
N ARG A 35 -29.64 -17.91 -65.28
CA ARG A 35 -29.39 -19.31 -65.60
C ARG A 35 -29.08 -20.18 -64.37
N PRO A 36 -30.07 -20.69 -63.63
CA PRO A 36 -29.90 -21.41 -62.37
C PRO A 36 -29.41 -22.84 -62.55
N SER A 37 -28.19 -22.98 -63.08
CA SER A 37 -27.45 -24.27 -63.29
C SER A 37 -28.03 -25.24 -64.31
N ASN A 38 -29.33 -25.46 -64.27
CA ASN A 38 -29.99 -26.38 -65.18
C ASN A 38 -30.02 -25.84 -66.60
N SER A 39 -29.62 -24.59 -66.71
CA SER A 39 -29.49 -23.81 -67.92
C SER A 39 -28.02 -23.70 -68.35
N ILE A 40 -27.14 -24.39 -67.62
CA ILE A 40 -25.70 -24.42 -67.86
C ILE A 40 -25.27 -25.90 -67.94
N PRO A 41 -25.41 -26.57 -69.09
CA PRO A 41 -25.17 -27.99 -69.23
C PRO A 41 -23.76 -28.36 -68.81
N GLY A 42 -23.66 -29.45 -68.05
CA GLY A 42 -22.37 -29.97 -67.59
C GLY A 42 -21.90 -29.35 -66.26
N PHE A 43 -22.59 -28.32 -65.77
CA PHE A 43 -22.13 -27.66 -64.55
C PHE A 43 -22.60 -28.30 -63.25
N TYR A 44 -22.18 -29.52 -63.08
CA TYR A 44 -22.39 -30.30 -61.89
C TYR A 44 -21.21 -31.23 -61.84
N GLU A 45 -21.07 -32.02 -62.90
CA GLU A 45 -19.99 -32.96 -63.04
C GLU A 45 -18.67 -32.21 -63.16
N GLY A 46 -18.67 -31.10 -63.92
CA GLY A 46 -17.45 -30.31 -64.07
C GLY A 46 -17.03 -29.73 -62.73
N LEU A 47 -17.96 -29.17 -61.97
CA LEU A 47 -17.59 -28.55 -60.72
C LEU A 47 -17.08 -29.57 -59.71
N ILE A 48 -17.72 -30.73 -59.63
CA ILE A 48 -17.24 -31.70 -58.67
C ILE A 48 -15.94 -32.38 -59.12
N LYS A 49 -15.74 -32.65 -60.40
CA LYS A 49 -14.47 -33.30 -60.73
C LYS A 49 -13.28 -32.36 -60.51
N VAL A 50 -13.48 -31.04 -60.63
CA VAL A 50 -12.41 -30.08 -60.40
C VAL A 50 -12.14 -29.97 -58.91
N LEU A 51 -13.21 -29.88 -58.11
CA LEU A 51 -13.10 -29.75 -56.67
C LEU A 51 -13.91 -30.85 -55.96
N PRO A 52 -13.44 -32.12 -55.96
CA PRO A 52 -14.13 -33.32 -55.49
C PRO A 52 -14.45 -33.32 -54.00
N SER A 53 -13.80 -32.43 -53.27
CA SER A 53 -13.99 -32.29 -51.85
C SER A 53 -15.29 -31.57 -51.47
N LEU A 54 -15.98 -30.95 -52.45
CA LEU A 54 -17.18 -30.15 -52.13
C LEU A 54 -18.42 -30.99 -51.83
N VAL A 55 -18.32 -31.86 -50.84
CA VAL A 55 -19.39 -32.72 -50.34
C VAL A 55 -19.51 -32.40 -48.87
N GLU A 56 -18.49 -31.74 -48.36
CA GLU A 56 -18.44 -31.42 -46.93
C GLU A 56 -19.18 -30.13 -46.63
N HIS A 57 -19.75 -29.56 -47.68
CA HIS A 57 -20.49 -28.33 -47.63
C HIS A 57 -21.98 -28.61 -47.50
N PHE A 58 -22.54 -27.97 -46.48
CA PHE A 58 -23.93 -28.04 -46.05
C PHE A 58 -24.55 -26.71 -46.43
N CYS A 59 -25.85 -26.69 -46.69
CA CYS A 59 -26.49 -25.42 -46.98
C CYS A 59 -27.76 -25.37 -46.18
N SER A 60 -28.88 -25.02 -46.80
CA SER A 60 -30.11 -25.08 -46.06
C SER A 60 -30.33 -26.53 -45.59
N PRO A 61 -30.11 -27.58 -46.43
CA PRO A 61 -30.19 -28.94 -45.99
C PRO A 61 -28.99 -29.17 -45.06
N GLY A 62 -29.27 -29.61 -43.84
CA GLY A 62 -28.23 -29.86 -42.84
C GLY A 62 -27.60 -31.25 -42.99
N TYR A 63 -27.11 -31.53 -44.19
CA TYR A 63 -26.60 -32.86 -44.51
C TYR A 63 -25.27 -32.81 -45.23
N GLN A 64 -24.48 -33.87 -45.08
CA GLN A 64 -23.25 -34.02 -45.85
C GLN A 64 -23.73 -34.14 -47.27
N GLY A 65 -23.14 -33.37 -48.17
CA GLY A 65 -23.57 -33.39 -49.55
C GLY A 65 -24.77 -32.46 -49.76
N GLY A 66 -25.20 -31.72 -48.73
CA GLY A 66 -26.36 -30.82 -48.83
C GLY A 66 -26.15 -29.80 -49.92
N PHE A 67 -24.90 -29.35 -50.09
CA PHE A 67 -24.58 -28.44 -51.18
C PHE A 67 -24.85 -29.14 -52.50
N LEU A 68 -24.32 -30.35 -52.65
CA LEU A 68 -24.41 -31.13 -53.88
C LEU A 68 -25.79 -31.72 -54.13
N GLU A 69 -26.69 -31.65 -53.15
CA GLU A 69 -28.07 -32.04 -53.36
C GLU A 69 -28.70 -31.04 -54.31
N ARG A 70 -28.11 -29.84 -54.37
CA ARG A 70 -28.50 -28.77 -55.23
C ARG A 70 -27.41 -28.65 -56.27
N VAL A 71 -26.93 -27.43 -56.56
CA VAL A 71 -25.96 -27.15 -57.62
C VAL A 71 -26.59 -27.39 -58.99
N LYS A 72 -27.06 -28.62 -59.27
CA LYS A 72 -27.74 -29.01 -60.53
C LYS A 72 -29.09 -28.29 -60.66
N GLU A 73 -29.62 -27.93 -59.51
CA GLU A 73 -30.81 -27.13 -59.33
C GLU A 73 -30.18 -25.92 -58.72
N GLY A 74 -29.92 -24.90 -59.55
CA GLY A 74 -29.02 -23.89 -59.11
C GLY A 74 -29.54 -22.85 -58.17
N THR A 75 -28.56 -22.09 -57.72
CA THR A 75 -28.63 -21.01 -56.79
C THR A 75 -28.17 -19.70 -57.42
N TYR A 76 -28.08 -19.69 -58.75
CA TYR A 76 -27.64 -18.50 -59.50
C TYR A 76 -26.27 -18.03 -59.06
N MET A 77 -25.38 -18.98 -58.82
CA MET A 77 -23.99 -18.78 -58.40
C MET A 77 -23.84 -18.24 -56.96
N GLY A 78 -24.93 -18.12 -56.20
CA GLY A 78 -24.79 -17.80 -54.81
C GLY A 78 -24.41 -19.16 -54.33
N HIS A 79 -23.88 -19.34 -53.14
CA HIS A 79 -23.44 -20.67 -52.71
C HIS A 79 -22.23 -21.20 -53.50
N ILE A 80 -22.26 -21.24 -54.81
CA ILE A 80 -21.16 -21.78 -55.54
C ILE A 80 -19.92 -20.90 -55.45
N VAL A 81 -20.02 -19.59 -55.68
CA VAL A 81 -18.78 -18.81 -55.55
C VAL A 81 -18.32 -18.82 -54.09
N GLU A 82 -19.27 -18.69 -53.18
CA GLU A 82 -19.06 -18.70 -51.74
C GLU A 82 -18.38 -19.99 -51.25
N HIS A 83 -18.86 -21.15 -51.68
CA HIS A 83 -18.32 -22.42 -51.23
C HIS A 83 -16.98 -22.70 -51.90
N VAL A 84 -16.81 -22.27 -53.14
CA VAL A 84 -15.52 -22.47 -53.75
C VAL A 84 -14.46 -21.63 -53.05
N ALA A 85 -14.74 -20.35 -52.73
CA ALA A 85 -13.72 -19.55 -52.04
C ALA A 85 -13.37 -20.20 -50.70
N LEU A 86 -14.36 -20.75 -49.99
CA LEU A 86 -14.05 -21.40 -48.72
C LEU A 86 -13.26 -22.68 -48.93
N GLU A 87 -13.58 -23.46 -49.95
CA GLU A 87 -12.85 -24.71 -50.18
C GLU A 87 -11.42 -24.45 -50.64
N LEU A 88 -11.21 -23.44 -51.48
CA LEU A 88 -9.85 -23.20 -51.94
C LEU A 88 -8.96 -22.86 -50.75
N GLN A 89 -9.48 -22.11 -49.77
CA GLN A 89 -8.69 -21.83 -48.59
C GLN A 89 -8.47 -23.09 -47.74
N GLU A 90 -9.49 -23.93 -47.62
CA GLU A 90 -9.40 -25.13 -46.80
C GLU A 90 -8.35 -26.11 -47.35
N LEU A 91 -8.23 -26.17 -48.69
CA LEU A 91 -7.27 -27.05 -49.38
C LEU A 91 -5.82 -26.78 -49.05
N VAL A 92 -5.50 -25.58 -48.55
CA VAL A 92 -4.13 -25.25 -48.22
C VAL A 92 -3.94 -25.07 -46.72
N GLY A 93 -4.95 -25.46 -45.92
CA GLY A 93 -4.88 -25.34 -44.47
C GLY A 93 -5.42 -24.04 -43.85
N MET A 94 -6.01 -23.14 -44.65
CA MET A 94 -6.52 -21.90 -44.09
C MET A 94 -7.88 -22.46 -43.75
N THR A 95 -8.14 -22.64 -42.46
CA THR A 95 -9.34 -23.32 -42.02
C THR A 95 -10.47 -22.32 -41.82
N ALA A 96 -11.43 -22.30 -42.76
CA ALA A 96 -12.59 -21.38 -42.64
C ALA A 96 -13.92 -21.86 -43.22
N GLY A 97 -15.01 -21.88 -42.42
CA GLY A 97 -16.30 -22.20 -43.01
C GLY A 97 -17.56 -21.34 -42.98
N PHE A 98 -17.51 -20.19 -42.32
CA PHE A 98 -18.67 -19.31 -42.34
C PHE A 98 -18.85 -18.60 -43.67
N GLY A 99 -20.08 -18.50 -44.12
CA GLY A 99 -20.39 -17.69 -45.27
C GLY A 99 -21.88 -17.52 -45.51
N ARG A 100 -22.20 -16.47 -46.26
CA ARG A 100 -23.57 -16.07 -46.61
C ARG A 100 -23.68 -15.39 -47.97
N THR A 101 -24.85 -15.50 -48.60
CA THR A 101 -25.13 -14.75 -49.82
C THR A 101 -26.47 -14.00 -49.71
N ARG A 102 -26.47 -12.73 -50.10
CA ARG A 102 -27.69 -11.89 -50.12
C ARG A 102 -27.80 -11.03 -51.37
N GLU A 103 -28.99 -10.95 -51.97
CA GLU A 103 -29.13 -10.11 -53.16
C GLU A 103 -29.33 -8.66 -52.74
N THR A 104 -28.67 -7.76 -53.45
CA THR A 104 -28.76 -6.32 -53.24
C THR A 104 -28.99 -5.54 -54.50
N SER A 105 -29.06 -4.21 -54.38
CA SER A 105 -29.20 -3.32 -55.53
C SER A 105 -30.24 -3.76 -56.52
N THR A 106 -29.87 -3.71 -57.79
CA THR A 106 -30.71 -4.18 -58.85
C THR A 106 -30.52 -5.70 -58.93
N PRO A 107 -31.44 -6.45 -59.56
CA PRO A 107 -31.33 -7.87 -59.68
C PRO A 107 -30.01 -8.26 -60.31
N GLY A 108 -29.41 -9.31 -59.77
CA GLY A 108 -28.13 -9.82 -60.26
C GLY A 108 -26.92 -9.38 -59.44
N VAL A 109 -27.06 -8.38 -58.56
CA VAL A 109 -25.90 -7.99 -57.77
C VAL A 109 -25.98 -8.60 -56.39
N TYR A 110 -24.98 -9.37 -56.02
CA TYR A 110 -25.00 -10.06 -54.74
C TYR A 110 -23.85 -9.74 -53.81
N ASN A 111 -24.15 -9.79 -52.53
CA ASN A 111 -23.12 -9.71 -51.52
C ASN A 111 -22.71 -11.09 -51.07
N VAL A 112 -21.47 -11.41 -51.37
CA VAL A 112 -20.90 -12.72 -51.05
C VAL A 112 -20.01 -12.54 -49.85
N VAL A 113 -20.34 -13.21 -48.75
CA VAL A 113 -19.59 -13.02 -47.53
C VAL A 113 -18.91 -14.30 -47.11
N TYR A 114 -17.61 -14.26 -46.90
CA TYR A 114 -16.93 -15.47 -46.44
C TYR A 114 -15.82 -15.18 -45.44
N GLU A 115 -15.56 -16.16 -44.62
CA GLU A 115 -14.52 -16.16 -43.61
C GLU A 115 -13.10 -16.32 -44.13
N TYR A 116 -12.15 -15.61 -43.51
CA TYR A 116 -10.73 -15.74 -43.86
C TYR A 116 -9.85 -15.95 -42.65
N VAL A 117 -8.66 -16.49 -42.89
CA VAL A 117 -7.64 -16.66 -41.84
C VAL A 117 -6.57 -15.59 -42.03
N ASP A 118 -6.01 -15.56 -43.23
CA ASP A 118 -5.05 -14.56 -43.68
C ASP A 118 -5.75 -13.63 -44.64
N GLU A 119 -5.55 -12.35 -44.43
CA GLU A 119 -6.19 -11.33 -45.23
C GLU A 119 -5.92 -11.38 -46.73
N GLN A 120 -4.69 -11.68 -47.14
CA GLN A 120 -4.41 -11.65 -48.58
C GLN A 120 -4.79 -12.97 -49.19
N ALA A 121 -4.61 -14.06 -48.44
CA ALA A 121 -4.99 -15.35 -48.94
C ALA A 121 -6.51 -15.37 -49.15
N GLY A 122 -7.24 -14.71 -48.25
CA GLY A 122 -8.69 -14.63 -48.31
C GLY A 122 -9.13 -13.92 -49.57
N ARG A 123 -8.59 -12.73 -49.82
CA ARG A 123 -9.00 -12.02 -51.02
C ARG A 123 -8.60 -12.78 -52.29
N TYR A 124 -7.44 -13.44 -52.27
CA TYR A 124 -6.96 -14.21 -53.42
C TYR A 124 -7.95 -15.32 -53.76
N ALA A 125 -8.38 -16.08 -52.72
CA ALA A 125 -9.31 -17.20 -52.90
C ALA A 125 -10.63 -16.73 -53.49
N GLY A 126 -11.07 -15.54 -53.13
CA GLY A 126 -12.30 -14.99 -53.66
C GLY A 126 -12.19 -14.79 -55.16
N ARG A 127 -11.12 -14.14 -55.59
CA ARG A 127 -10.92 -13.90 -57.00
C ARG A 127 -10.75 -15.21 -57.78
N ALA A 128 -10.03 -16.16 -57.17
CA ALA A 128 -9.82 -17.46 -57.78
C ALA A 128 -11.12 -18.22 -57.92
N ALA A 129 -12.02 -18.13 -56.92
CA ALA A 129 -13.30 -18.83 -57.00
C ALA A 129 -14.11 -18.31 -58.15
N VAL A 130 -14.04 -17.01 -58.41
CA VAL A 130 -14.79 -16.46 -59.51
C VAL A 130 -14.23 -16.97 -60.84
N ARG A 131 -12.89 -17.02 -61.01
CA ARG A 131 -12.33 -17.52 -62.27
C ARG A 131 -12.66 -18.99 -62.52
N LEU A 132 -12.59 -19.81 -61.47
CA LEU A 132 -12.87 -21.23 -61.60
C LEU A 132 -14.32 -21.43 -61.97
N CYS A 133 -15.19 -20.75 -61.25
CA CYS A 133 -16.63 -20.87 -61.45
C CYS A 133 -17.03 -20.34 -62.81
N ARG A 134 -16.37 -19.28 -63.30
CA ARG A 134 -16.74 -18.75 -64.60
C ARG A 134 -16.29 -19.68 -65.72
N SER A 135 -15.11 -20.30 -65.63
CA SER A 135 -14.68 -21.19 -66.70
C SER A 135 -15.62 -22.37 -66.84
N LEU A 136 -16.13 -22.86 -65.72
CA LEU A 136 -17.01 -24.03 -65.75
C LEU A 136 -18.44 -23.76 -66.22
N VAL A 137 -18.79 -22.51 -66.51
CA VAL A 137 -20.12 -22.22 -67.01
C VAL A 137 -20.00 -21.74 -68.46
N ASP A 138 -18.78 -21.87 -68.99
CA ASP A 138 -18.39 -21.55 -70.35
C ASP A 138 -18.07 -22.89 -71.03
N THR A 139 -17.18 -23.65 -70.39
CA THR A 139 -16.76 -24.97 -70.80
C THR A 139 -17.14 -25.96 -69.71
N GLY A 140 -16.78 -27.23 -69.88
CA GLY A 140 -17.17 -28.25 -68.90
C GLY A 140 -16.10 -28.69 -67.90
N ASP A 141 -14.95 -28.04 -67.89
CA ASP A 141 -13.84 -28.46 -67.04
C ASP A 141 -12.92 -27.28 -66.67
N TYR A 142 -11.88 -27.56 -65.90
CA TYR A 142 -10.93 -26.55 -65.48
C TYR A 142 -9.54 -27.24 -65.44
N PRO A 143 -8.51 -26.72 -66.14
CA PRO A 143 -7.20 -27.34 -66.23
C PRO A 143 -6.58 -27.59 -64.88
N ARG A 144 -5.93 -28.73 -64.71
CA ARG A 144 -5.33 -29.03 -63.43
C ARG A 144 -4.24 -28.03 -63.06
N LEU A 145 -3.49 -27.57 -64.05
CA LEU A 145 -2.39 -26.66 -63.76
C LEU A 145 -2.87 -25.28 -63.35
N GLU A 146 -4.15 -24.97 -63.65
CA GLU A 146 -4.73 -23.68 -63.31
C GLU A 146 -5.36 -23.76 -61.93
N LEU A 147 -5.28 -24.94 -61.32
CA LEU A 147 -5.75 -25.13 -59.97
C LEU A 147 -4.51 -25.24 -59.09
N GLU A 148 -3.52 -25.99 -59.56
CA GLU A 148 -2.31 -26.19 -58.76
C GLU A 148 -1.54 -24.90 -58.55
N LYS A 149 -1.44 -24.03 -59.56
CA LYS A 149 -0.67 -22.81 -59.33
C LYS A 149 -1.38 -21.87 -58.35
N ASP A 150 -2.72 -21.93 -58.29
CA ASP A 150 -3.44 -21.02 -57.41
C ASP A 150 -3.30 -21.52 -56.00
N LEU A 151 -3.27 -22.84 -55.82
CA LEU A 151 -3.09 -23.38 -54.48
C LEU A 151 -1.68 -23.03 -54.01
N GLU A 152 -0.69 -23.03 -54.92
CA GLU A 152 0.67 -22.64 -54.53
C GLU A 152 0.71 -21.19 -54.08
N ASP A 153 -0.01 -20.28 -54.77
CA ASP A 153 -0.01 -18.88 -54.34
C ASP A 153 -0.68 -18.73 -52.98
N LEU A 154 -1.74 -19.49 -52.72
CA LEU A 154 -2.37 -19.38 -51.42
C LEU A 154 -1.43 -19.86 -50.32
N ARG A 155 -0.67 -20.94 -50.57
CA ARG A 155 0.27 -21.42 -49.56
C ARG A 155 1.34 -20.39 -49.25
N ASP A 156 1.84 -19.67 -50.25
CA ASP A 156 2.84 -18.67 -49.96
C ASP A 156 2.25 -17.47 -49.22
N LEU A 157 1.05 -17.04 -49.60
CA LEU A 157 0.45 -15.89 -48.94
C LEU A 157 0.20 -16.16 -47.48
N GLY A 158 -0.18 -17.39 -47.15
CA GLY A 158 -0.46 -17.77 -45.78
C GLY A 158 0.81 -18.04 -44.96
N ALA A 159 1.98 -18.04 -45.60
CA ALA A 159 3.23 -18.30 -44.92
C ALA A 159 3.94 -17.00 -44.63
N ASN A 160 3.85 -16.07 -45.56
CA ASN A 160 4.57 -14.80 -45.48
C ASN A 160 4.12 -13.94 -44.31
N SER A 161 2.87 -14.09 -43.91
CA SER A 161 2.28 -13.33 -42.82
C SER A 161 2.31 -14.03 -41.47
N ALA A 162 2.88 -15.22 -41.40
CA ALA A 162 2.88 -15.97 -40.16
C ALA A 162 3.78 -15.35 -39.09
N LEU A 163 3.36 -15.50 -37.83
CA LEU A 163 4.17 -15.08 -36.69
C LEU A 163 5.16 -16.18 -36.39
N GLY A 164 6.33 -15.85 -35.85
CA GLY A 164 7.23 -16.92 -35.49
C GLY A 164 6.64 -17.66 -34.30
N PRO A 165 7.06 -18.91 -34.03
CA PRO A 165 6.56 -19.79 -32.98
C PRO A 165 6.71 -19.31 -31.56
N SER A 166 7.67 -18.43 -31.29
CA SER A 166 7.79 -17.95 -29.93
C SER A 166 6.77 -16.85 -29.66
N THR A 167 6.30 -16.20 -30.74
CA THR A 167 5.34 -15.14 -30.59
C THR A 167 3.98 -15.80 -30.52
N GLU A 168 3.79 -16.87 -31.31
CA GLU A 168 2.53 -17.59 -31.30
C GLU A 168 2.25 -18.18 -29.94
N THR A 169 3.30 -18.66 -29.27
CA THR A 169 3.19 -19.25 -27.95
C THR A 169 2.65 -18.22 -26.94
N ILE A 170 3.21 -17.00 -26.95
CA ILE A 170 2.77 -15.97 -26.01
C ILE A 170 1.39 -15.44 -26.38
N VAL A 171 1.13 -15.22 -27.66
CA VAL A 171 -0.14 -14.70 -28.11
C VAL A 171 -1.29 -15.66 -27.79
N THR A 172 -1.10 -16.95 -27.97
CA THR A 172 -2.14 -17.93 -27.69
C THR A 172 -2.54 -17.89 -26.21
N GLU A 173 -1.55 -17.82 -25.31
CA GLU A 173 -1.85 -17.74 -23.89
C GLU A 173 -2.56 -16.42 -23.57
N ALA A 174 -2.15 -15.32 -24.22
CA ALA A 174 -2.79 -14.04 -23.98
C ALA A 174 -4.25 -14.08 -24.32
N GLU A 175 -4.61 -14.76 -25.41
CA GLU A 175 -6.02 -14.88 -25.79
C GLU A 175 -6.82 -15.68 -24.77
N ALA A 176 -6.23 -16.74 -24.24
CA ALA A 176 -6.89 -17.58 -23.23
C ALA A 176 -7.26 -16.77 -21.98
N ARG A 177 -6.43 -15.79 -21.65
CA ARG A 177 -6.55 -14.88 -20.51
C ARG A 177 -7.33 -13.59 -20.82
N LYS A 178 -7.86 -13.47 -22.03
CA LYS A 178 -8.59 -12.32 -22.51
C LYS A 178 -7.80 -11.01 -22.55
N ILE A 179 -6.53 -11.08 -22.95
CA ILE A 179 -5.70 -9.90 -23.08
C ILE A 179 -5.71 -9.52 -24.56
N PRO A 180 -6.13 -8.32 -24.97
CA PRO A 180 -6.21 -7.91 -26.35
C PRO A 180 -4.82 -7.76 -26.93
N TRP A 181 -4.66 -8.03 -28.23
CA TRP A 181 -3.35 -7.84 -28.82
C TRP A 181 -3.44 -7.26 -30.22
N MET A 182 -2.39 -6.56 -30.62
CA MET A 182 -2.26 -5.87 -31.90
C MET A 182 -0.88 -5.96 -32.51
N LEU A 183 -0.79 -5.95 -33.83
CA LEU A 183 0.54 -5.86 -34.42
C LEU A 183 0.87 -4.40 -34.60
N LEU A 184 2.13 -4.05 -34.44
CA LEU A 184 2.57 -2.69 -34.65
C LEU A 184 3.23 -2.55 -36.00
N SER A 185 3.27 -1.31 -36.48
CA SER A 185 3.83 -0.93 -37.77
C SER A 185 5.35 -1.00 -37.93
N ALA A 186 6.10 -1.22 -36.85
CA ALA A 186 7.55 -1.30 -36.99
C ALA A 186 8.17 -2.44 -36.18
N ARG A 187 9.26 -2.96 -36.74
CA ARG A 187 10.19 -3.94 -36.18
C ARG A 187 9.56 -5.22 -35.65
N ALA A 188 8.50 -5.68 -36.28
CA ALA A 188 7.81 -6.91 -35.88
C ALA A 188 7.39 -6.94 -34.40
N MET A 189 6.99 -5.80 -33.84
CA MET A 189 6.54 -5.78 -32.45
C MET A 189 5.05 -6.02 -32.31
N VAL A 190 4.67 -6.60 -31.17
CA VAL A 190 3.29 -6.86 -30.81
C VAL A 190 2.90 -6.15 -29.51
N GLN A 191 1.77 -5.45 -29.53
CA GLN A 191 1.27 -4.77 -28.35
C GLN A 191 0.24 -5.61 -27.62
N LEU A 192 0.37 -5.69 -26.31
CA LEU A 192 -0.57 -6.40 -25.45
C LEU A 192 -1.24 -5.44 -24.46
N GLY A 193 -2.56 -5.39 -24.45
CA GLY A 193 -3.30 -4.48 -23.55
C GLY A 193 -3.57 -3.10 -24.16
N TYR A 194 -4.37 -2.27 -23.47
CA TYR A 194 -4.75 -0.91 -23.94
C TYR A 194 -4.30 0.25 -23.07
N GLY A 195 -4.05 1.39 -23.69
CA GLY A 195 -3.77 2.66 -23.01
C GLY A 195 -2.58 2.58 -22.09
N VAL A 196 -2.77 3.04 -20.87
CA VAL A 196 -1.74 3.02 -19.85
C VAL A 196 -1.31 1.62 -19.38
N TYR A 197 -2.01 0.56 -19.78
CA TYR A 197 -1.62 -0.77 -19.33
C TYR A 197 -0.94 -1.58 -20.40
N GLN A 198 -0.60 -0.96 -21.51
CA GLN A 198 0.03 -1.69 -22.59
C GLN A 198 1.45 -2.14 -22.31
N GLN A 199 1.80 -3.29 -22.89
CA GLN A 199 3.12 -3.88 -22.90
C GLN A 199 3.52 -4.22 -24.33
N ARG A 200 4.79 -4.30 -24.61
CA ARG A 200 5.25 -4.71 -25.94
C ARG A 200 6.17 -5.90 -25.85
N ILE A 201 6.05 -6.77 -26.85
CA ILE A 201 6.94 -7.90 -26.99
C ILE A 201 7.49 -8.01 -28.41
N GLN A 202 8.60 -8.70 -28.54
CA GLN A 202 9.17 -9.04 -29.81
C GLN A 202 9.82 -10.40 -29.64
N ALA A 203 9.18 -11.44 -30.14
CA ALA A 203 9.68 -12.79 -29.91
C ALA A 203 9.84 -13.02 -28.41
N THR A 204 11.08 -13.23 -27.96
CA THR A 204 11.42 -13.52 -26.58
C THR A 204 11.99 -12.35 -25.78
N LEU A 205 11.96 -11.15 -26.35
CA LEU A 205 12.32 -9.90 -25.68
C LEU A 205 11.05 -9.15 -25.32
N SER A 206 11.09 -8.40 -24.25
CA SER A 206 9.92 -7.63 -23.87
C SER A 206 10.29 -6.26 -23.35
N SER A 207 9.27 -5.51 -23.02
CA SER A 207 9.36 -4.19 -22.43
C SER A 207 10.06 -4.17 -21.07
N HIS A 208 10.24 -5.35 -20.44
CA HIS A 208 10.93 -5.50 -19.17
C HIS A 208 12.39 -5.94 -19.31
N SER A 209 12.87 -6.15 -20.54
CA SER A 209 14.23 -6.60 -20.75
C SER A 209 15.15 -5.41 -20.94
N GLY A 210 16.11 -5.27 -20.05
CA GLY A 210 17.03 -4.15 -20.06
C GLY A 210 18.16 -4.35 -21.04
N ILE A 211 18.66 -3.24 -21.54
CA ILE A 211 19.75 -3.29 -22.49
C ILE A 211 21.10 -3.65 -21.88
N LEU A 212 21.38 -3.25 -20.65
CA LEU A 212 22.70 -3.54 -20.11
C LEU A 212 22.85 -5.05 -19.92
N GLY A 213 21.78 -5.72 -19.48
CA GLY A 213 21.75 -7.16 -19.27
C GLY A 213 21.90 -7.91 -20.56
N VAL A 214 21.15 -7.51 -21.59
CA VAL A 214 21.20 -8.19 -22.87
C VAL A 214 22.57 -8.04 -23.50
N GLU A 215 23.16 -6.84 -23.47
CA GLU A 215 24.50 -6.70 -24.04
C GLU A 215 25.56 -7.48 -23.29
N LEU A 216 25.49 -7.54 -21.95
CA LEU A 216 26.47 -8.29 -21.19
C LEU A 216 26.40 -9.76 -21.53
N ALA A 217 25.20 -10.28 -21.70
CA ALA A 217 24.98 -11.69 -22.03
C ALA A 217 25.54 -12.07 -23.41
N CYS A 218 25.83 -11.09 -24.27
CA CYS A 218 26.32 -11.39 -25.60
C CYS A 218 27.84 -11.30 -25.67
N ASP A 219 28.45 -10.90 -24.56
CA ASP A 219 29.87 -10.71 -24.41
C ASP A 219 30.43 -11.87 -23.60
N LYS A 220 31.04 -12.85 -24.27
CA LYS A 220 31.45 -14.05 -23.54
C LYS A 220 32.54 -13.81 -22.51
N GLU A 221 33.49 -12.92 -22.81
CA GLU A 221 34.56 -12.61 -21.88
C GLU A 221 34.00 -11.85 -20.68
N GLY A 222 33.06 -10.93 -20.96
CA GLY A 222 32.40 -10.13 -19.97
C GLY A 222 31.60 -10.98 -19.03
N THR A 223 30.79 -11.89 -19.57
CA THR A 223 29.94 -12.76 -18.78
C THR A 223 30.77 -13.63 -17.87
N LYS A 224 31.83 -14.23 -18.39
CA LYS A 224 32.66 -15.08 -17.57
C LYS A 224 33.31 -14.32 -16.43
N THR A 225 33.78 -13.11 -16.70
CA THR A 225 34.41 -12.29 -15.67
C THR A 225 33.44 -11.96 -14.55
N ILE A 226 32.23 -11.53 -14.91
CA ILE A 226 31.22 -11.17 -13.93
C ILE A 226 30.80 -12.36 -13.09
N LEU A 227 30.62 -13.54 -13.69
CA LEU A 227 30.21 -14.68 -12.91
C LEU A 227 31.30 -15.25 -12.03
N GLN A 228 32.55 -15.29 -12.47
CA GLN A 228 33.53 -15.88 -11.58
C GLN A 228 33.82 -14.97 -10.39
N ASP A 229 33.57 -13.66 -10.52
CA ASP A 229 33.73 -12.71 -9.43
C ASP A 229 32.63 -12.85 -8.37
N ALA A 230 31.56 -13.59 -8.70
CA ALA A 230 30.43 -13.83 -7.83
C ALA A 230 30.50 -15.20 -7.18
N GLY A 231 31.58 -15.95 -7.45
CA GLY A 231 31.70 -17.31 -6.91
C GLY A 231 30.93 -18.38 -7.69
N ILE A 232 30.64 -18.14 -8.97
CA ILE A 232 29.88 -19.09 -9.79
C ILE A 232 30.84 -19.92 -10.68
N PRO A 233 30.76 -21.28 -10.70
CA PRO A 233 31.63 -22.16 -11.49
C PRO A 233 31.49 -22.03 -13.01
N VAL A 234 32.60 -21.75 -13.66
CA VAL A 234 32.70 -21.56 -15.10
C VAL A 234 33.92 -22.35 -15.58
N PRO A 235 34.09 -22.66 -16.87
CA PRO A 235 35.24 -23.34 -17.43
C PRO A 235 36.55 -22.57 -17.29
N ARG A 236 37.63 -23.30 -17.08
CA ARG A 236 38.99 -22.75 -17.04
C ARG A 236 39.57 -22.63 -18.46
N GLY A 237 40.18 -21.49 -18.82
CA GLY A 237 40.75 -21.32 -20.17
C GLY A 237 41.56 -20.03 -20.32
N THR A 238 42.05 -19.74 -21.53
CA THR A 238 42.92 -18.57 -21.77
C THR A 238 42.73 -17.82 -23.10
N THR A 239 43.67 -16.92 -23.39
CA THR A 239 43.68 -16.13 -24.62
C THR A 239 44.99 -16.26 -25.42
N ILE A 240 44.91 -16.90 -26.58
CA ILE A 240 46.06 -17.10 -27.46
C ILE A 240 45.73 -16.48 -28.80
N GLN A 241 46.31 -15.33 -29.17
CA GLN A 241 45.89 -14.67 -30.41
C GLN A 241 46.55 -15.21 -31.66
N TYR A 242 46.24 -16.47 -31.93
CA TYR A 242 46.74 -17.25 -33.04
C TYR A 242 48.26 -17.29 -33.03
N PHE A 243 48.82 -17.37 -31.82
CA PHE A 243 50.29 -17.55 -31.70
C PHE A 243 50.40 -19.06 -31.63
N ASP A 244 51.50 -19.64 -32.09
CA ASP A 244 51.57 -21.10 -32.10
C ASP A 244 52.13 -21.47 -30.71
N ASP A 245 51.30 -21.23 -29.69
CA ASP A 245 51.57 -21.45 -28.27
C ASP A 245 50.53 -22.37 -27.64
N LEU A 246 49.71 -23.03 -28.45
CA LEU A 246 48.67 -23.87 -27.85
C LEU A 246 49.31 -25.00 -27.08
N GLU A 247 50.46 -25.46 -27.56
CA GLU A 247 51.20 -26.54 -26.96
C GLU A 247 51.67 -26.20 -25.54
N GLU A 248 51.72 -24.91 -25.21
CA GLU A 248 52.11 -24.50 -23.87
C GLU A 248 50.86 -24.11 -23.08
N ALA A 249 49.86 -23.53 -23.77
CA ALA A 249 48.63 -23.05 -23.14
C ALA A 249 47.92 -24.16 -22.40
N ILE A 250 48.01 -25.37 -22.93
CA ILE A 250 47.38 -26.51 -22.31
C ILE A 250 47.94 -26.81 -20.91
N ASN A 251 49.14 -26.30 -20.59
CA ASN A 251 49.73 -26.53 -19.30
C ASN A 251 49.07 -25.69 -18.21
N ASP A 252 48.48 -24.55 -18.57
CA ASP A 252 47.84 -23.71 -17.57
C ASP A 252 46.43 -24.20 -17.37
N VAL A 253 45.88 -24.73 -18.45
CA VAL A 253 44.54 -25.28 -18.51
C VAL A 253 44.49 -26.62 -17.75
N GLY A 254 45.53 -27.45 -17.88
CA GLY A 254 45.59 -28.74 -17.18
C GLY A 254 45.88 -29.99 -18.00
N GLY A 255 46.14 -29.89 -19.30
CA GLY A 255 46.43 -31.07 -20.10
C GLY A 255 45.81 -31.05 -21.48
N TYR A 256 45.87 -32.17 -22.21
CA TYR A 256 45.31 -32.19 -23.55
C TYR A 256 43.80 -32.14 -23.74
N PRO A 257 42.91 -32.68 -22.89
CA PRO A 257 41.50 -32.72 -23.16
C PRO A 257 40.95 -31.31 -23.05
N VAL A 258 41.08 -30.58 -24.16
CA VAL A 258 40.71 -29.17 -24.24
C VAL A 258 39.79 -28.85 -25.41
N VAL A 259 39.19 -27.67 -25.31
CA VAL A 259 38.31 -27.15 -26.33
C VAL A 259 38.96 -25.97 -27.06
N ILE A 260 39.02 -26.06 -28.39
CA ILE A 260 39.58 -24.98 -29.22
C ILE A 260 38.48 -24.33 -30.03
N LYS A 261 38.35 -23.04 -29.86
CA LYS A 261 37.33 -22.23 -30.51
C LYS A 261 37.95 -21.07 -31.26
N PRO A 262 37.25 -20.49 -32.26
CA PRO A 262 37.65 -19.31 -32.96
C PRO A 262 37.65 -18.30 -31.91
N LEU A 263 38.51 -17.33 -31.98
CA LEU A 263 38.45 -16.38 -30.91
C LEU A 263 37.14 -15.58 -30.94
N ASP A 264 36.62 -15.26 -32.12
CA ASP A 264 35.38 -14.48 -32.19
C ASP A 264 34.13 -15.36 -32.18
N GLY A 265 32.98 -14.71 -32.22
CA GLY A 265 31.70 -15.39 -32.25
C GLY A 265 31.04 -15.37 -33.62
N ASN A 266 31.17 -16.47 -34.35
CA ASN A 266 30.58 -16.56 -35.69
C ASN A 266 29.84 -17.88 -35.87
N HIS A 267 28.93 -18.13 -34.95
CA HIS A 267 28.13 -19.35 -34.87
C HIS A 267 28.99 -20.58 -34.60
N GLY A 268 28.46 -21.78 -34.87
CA GLY A 268 29.14 -23.02 -34.54
C GLY A 268 30.21 -23.40 -35.56
N ARG A 269 31.22 -22.56 -35.70
CA ARG A 269 32.19 -22.77 -36.75
C ARG A 269 33.63 -22.74 -36.29
N GLY A 270 34.40 -23.73 -36.74
CA GLY A 270 35.82 -23.82 -36.41
C GLY A 270 36.06 -24.31 -34.99
N ILE A 271 35.13 -25.10 -34.46
CA ILE A 271 35.22 -25.58 -33.09
C ILE A 271 35.46 -27.05 -32.90
N THR A 272 36.50 -27.35 -32.11
CA THR A 272 36.80 -28.73 -31.76
C THR A 272 36.55 -28.88 -30.27
N ILE A 273 35.64 -29.79 -29.93
CA ILE A 273 35.27 -29.98 -28.54
C ILE A 273 36.26 -30.81 -27.74
N ASN A 274 36.77 -31.89 -28.27
CA ASN A 274 37.70 -32.65 -27.44
C ASN A 274 38.99 -32.93 -28.17
N VAL A 275 39.99 -32.09 -27.90
CA VAL A 275 41.29 -32.24 -28.50
C VAL A 275 42.05 -33.21 -27.63
N ARG A 276 42.54 -34.27 -28.25
CA ARG A 276 43.26 -35.29 -27.54
C ARG A 276 44.75 -35.26 -27.87
N HIS A 277 45.09 -34.73 -29.05
CA HIS A 277 46.47 -34.75 -29.52
C HIS A 277 46.98 -33.41 -30.07
N TRP A 278 48.30 -33.25 -30.11
CA TRP A 278 48.95 -32.03 -30.57
C TRP A 278 48.52 -31.62 -31.97
N GLN A 279 48.48 -32.58 -32.88
CA GLN A 279 48.12 -32.28 -34.26
C GLN A 279 46.65 -31.93 -34.43
N GLU A 280 45.82 -32.29 -33.47
CA GLU A 280 44.42 -31.99 -33.54
C GLU A 280 44.28 -30.53 -33.16
N ALA A 281 45.09 -30.11 -32.18
CA ALA A 281 45.09 -28.73 -31.75
C ALA A 281 45.47 -27.84 -32.92
N ILE A 282 46.42 -28.31 -33.73
CA ILE A 282 46.84 -27.52 -34.89
C ILE A 282 45.74 -27.47 -35.92
N ALA A 283 45.09 -28.59 -36.22
CA ALA A 283 44.03 -28.45 -37.20
C ALA A 283 42.96 -27.47 -36.69
N ALA A 284 42.65 -27.53 -35.39
CA ALA A 284 41.66 -26.63 -34.81
C ALA A 284 42.13 -25.19 -34.88
N TYR A 285 43.42 -24.97 -34.65
CA TYR A 285 44.10 -23.68 -34.69
C TYR A 285 43.95 -23.04 -36.05
N ASP A 286 44.21 -23.82 -37.10
CA ASP A 286 44.10 -23.33 -38.45
C ASP A 286 42.67 -22.89 -38.77
N LEU A 287 41.67 -23.58 -38.21
CA LEU A 287 40.29 -23.15 -38.44
C LEU A 287 39.94 -21.98 -37.54
N ALA A 288 40.43 -21.98 -36.31
CA ALA A 288 40.12 -20.92 -35.36
C ALA A 288 40.57 -19.60 -35.93
N ALA A 289 41.72 -19.65 -36.62
CA ALA A 289 42.45 -18.54 -37.23
C ALA A 289 41.65 -17.79 -38.28
N GLU A 290 40.56 -18.38 -38.77
CA GLU A 290 39.73 -17.74 -39.76
C GLU A 290 38.98 -16.52 -39.19
N GLU A 291 38.70 -16.52 -37.89
CA GLU A 291 38.06 -15.29 -37.34
C GLU A 291 39.18 -14.40 -36.78
N SER A 292 38.87 -13.17 -36.38
CA SER A 292 39.93 -12.24 -35.93
C SER A 292 40.58 -12.74 -34.64
N ILE A 297 38.63 -16.92 -25.56
CA ILE A 297 37.87 -18.15 -25.35
C ILE A 297 38.58 -19.39 -25.93
N ILE A 298 39.90 -19.50 -25.80
CA ILE A 298 40.58 -20.62 -26.44
C ILE A 298 41.25 -21.49 -25.38
N VAL A 299 41.37 -22.76 -25.69
CA VAL A 299 41.97 -23.77 -24.85
C VAL A 299 41.31 -24.00 -23.52
N GLU A 300 40.00 -24.13 -23.54
CA GLU A 300 39.32 -24.42 -22.31
C GLU A 300 39.44 -25.84 -21.87
N ARG A 301 39.38 -26.11 -20.60
CA ARG A 301 39.37 -27.48 -20.14
C ARG A 301 38.08 -28.13 -20.66
N TYR A 302 38.16 -29.38 -21.11
CA TYR A 302 36.94 -30.09 -21.57
C TYR A 302 36.34 -30.86 -20.39
N TYR A 303 35.17 -30.42 -19.92
CA TYR A 303 34.53 -31.09 -18.76
C TYR A 303 33.61 -32.18 -19.32
N GLU A 304 33.55 -33.33 -18.63
CA GLU A 304 32.77 -34.48 -19.16
C GLU A 304 31.35 -34.57 -18.58
N GLY A 305 30.32 -34.21 -19.35
CA GLY A 305 28.93 -34.41 -18.94
C GLY A 305 27.96 -34.02 -20.04
N SER A 306 26.67 -34.19 -19.78
CA SER A 306 25.62 -33.87 -20.72
C SER A 306 25.28 -32.39 -20.81
N ASP A 307 24.67 -32.00 -21.91
CA ASP A 307 24.27 -30.62 -22.17
C ASP A 307 22.83 -30.30 -21.73
N HIS A 308 22.67 -29.53 -20.67
CA HIS A 308 21.36 -29.20 -20.11
C HIS A 308 20.99 -27.75 -20.28
N ARG A 309 19.75 -27.51 -20.64
CA ARG A 309 19.22 -26.16 -20.75
C ARG A 309 18.23 -25.83 -19.66
N VAL A 310 18.51 -24.75 -18.95
CA VAL A 310 17.67 -24.31 -17.86
C VAL A 310 16.99 -22.98 -18.19
N LEU A 311 15.68 -22.93 -18.10
CA LEU A 311 14.91 -21.71 -18.38
C LEU A 311 14.43 -21.02 -17.11
N VAL A 312 14.84 -19.77 -16.93
CA VAL A 312 14.49 -18.92 -15.78
C VAL A 312 13.71 -17.70 -16.32
N VAL A 313 12.54 -17.38 -15.74
CA VAL A 313 11.73 -16.26 -16.26
C VAL A 313 11.67 -14.99 -15.43
N ASN A 314 11.46 -15.05 -14.14
CA ASN A 314 11.40 -13.79 -13.41
C ASN A 314 12.20 -13.94 -12.14
N GLY A 315 13.42 -14.44 -12.29
CA GLY A 315 14.27 -14.74 -11.15
C GLY A 315 13.82 -16.05 -10.52
N LYS A 316 13.05 -16.81 -11.28
CA LYS A 316 12.48 -18.08 -10.86
C LYS A 316 12.52 -19.14 -11.96
N LEU A 317 12.95 -20.35 -11.60
CA LEU A 317 13.04 -21.48 -12.53
C LEU A 317 11.71 -21.99 -13.08
N VAL A 318 11.64 -22.12 -14.41
CA VAL A 318 10.47 -22.63 -15.12
C VAL A 318 10.64 -24.03 -15.69
N ALA A 319 11.74 -24.31 -16.39
CA ALA A 319 11.89 -25.63 -17.01
C ALA A 319 13.33 -26.07 -17.21
N VAL A 320 13.56 -27.39 -17.20
CA VAL A 320 14.89 -27.95 -17.48
C VAL A 320 14.82 -29.06 -18.53
N ALA A 321 15.70 -29.03 -19.54
CA ALA A 321 15.70 -30.12 -20.53
C ALA A 321 17.11 -30.54 -20.93
N GLU A 322 17.28 -31.84 -21.11
CA GLU A 322 18.54 -32.43 -21.54
C GLU A 322 18.59 -32.60 -23.04
N ARG A 323 19.64 -32.09 -23.66
CA ARG A 323 19.74 -32.15 -25.11
C ARG A 323 20.82 -33.10 -25.60
N ILE A 324 20.42 -33.95 -26.54
CA ILE A 324 21.30 -34.96 -27.13
C ILE A 324 21.35 -34.82 -28.67
N PRO A 325 22.54 -34.84 -29.30
CA PRO A 325 22.74 -34.75 -30.75
C PRO A 325 22.26 -35.97 -31.49
N ALA A 326 21.94 -35.80 -32.78
CA ALA A 326 21.47 -36.88 -33.65
C ALA A 326 22.40 -38.06 -33.59
N HIS A 327 21.83 -39.24 -33.45
CA HIS A 327 22.62 -40.45 -33.33
C HIS A 327 21.88 -41.71 -33.70
N VAL A 328 22.65 -42.77 -33.88
CA VAL A 328 22.13 -44.12 -34.08
C VAL A 328 22.80 -45.07 -33.11
N THR A 329 22.17 -46.20 -32.85
CA THR A 329 22.77 -47.17 -31.96
C THR A 329 22.84 -48.56 -32.54
N GLY A 330 23.64 -49.41 -31.89
CA GLY A 330 23.84 -50.81 -32.27
C GLY A 330 22.62 -51.67 -32.00
N ASP A 331 21.56 -51.37 -32.74
CA ASP A 331 20.27 -52.00 -32.71
C ASP A 331 20.34 -53.22 -33.63
N GLY A 332 21.13 -54.18 -33.18
CA GLY A 332 21.40 -55.39 -33.94
C GLY A 332 22.62 -55.20 -34.82
N SER A 333 23.02 -56.26 -35.53
CA SER A 333 24.23 -56.22 -36.36
C SER A 333 23.98 -55.59 -37.73
N SER A 334 23.69 -54.30 -37.70
CA SER A 334 23.38 -53.49 -38.87
C SER A 334 24.42 -52.42 -39.05
N THR A 335 24.55 -51.90 -40.27
CA THR A 335 25.52 -50.86 -40.52
C THR A 335 24.95 -49.51 -40.16
N ILE A 336 25.80 -48.50 -40.10
CA ILE A 336 25.29 -47.16 -39.83
C ILE A 336 24.34 -46.69 -40.93
N SER A 337 24.65 -46.88 -42.20
CA SER A 337 23.68 -46.39 -43.18
C SER A 337 22.34 -47.12 -43.05
N GLU A 338 22.37 -48.41 -42.65
CA GLU A 338 21.14 -49.17 -42.44
C GLU A 338 20.38 -48.69 -41.21
N LEU A 339 21.11 -48.37 -40.14
CA LEU A 339 20.50 -47.89 -38.91
C LEU A 339 19.87 -46.53 -39.13
N ILE A 340 20.49 -45.69 -39.94
CA ILE A 340 19.89 -44.39 -40.19
C ILE A 340 18.60 -44.61 -40.95
N GLU A 341 18.58 -45.45 -41.96
CA GLU A 341 17.32 -45.61 -42.67
C GLU A 341 16.26 -46.24 -41.77
N LYS A 342 16.64 -47.14 -40.87
CA LYS A 342 15.69 -47.77 -39.97
C LYS A 342 15.04 -46.77 -39.00
N THR A 343 15.82 -45.86 -38.40
CA THR A 343 15.26 -44.94 -37.42
C THR A 343 14.74 -43.65 -38.02
N ASN A 344 15.13 -43.32 -39.24
CA ASN A 344 14.72 -42.06 -39.85
C ASN A 344 13.30 -42.17 -40.43
N GLN A 345 12.71 -43.36 -40.29
CA GLN A 345 11.34 -43.64 -40.71
C GLN A 345 10.34 -43.47 -39.55
N ASP A 346 10.85 -43.12 -38.37
CA ASP A 346 10.03 -42.92 -37.19
C ASP A 346 8.98 -41.84 -37.49
N PRO A 347 7.67 -42.09 -37.27
CA PRO A 347 6.55 -41.22 -37.60
C PRO A 347 6.55 -39.89 -36.86
N ASN A 348 7.40 -39.75 -35.84
CA ASN A 348 7.45 -38.51 -35.09
C ASN A 348 8.47 -37.55 -35.69
N ARG A 349 9.10 -37.99 -36.80
CA ARG A 349 10.10 -37.20 -37.50
C ARG A 349 9.59 -36.62 -38.81
N GLY A 350 9.91 -35.36 -39.04
CA GLY A 350 9.54 -34.70 -40.29
C GLY A 350 10.11 -33.29 -40.40
N ASP A 351 9.74 -32.59 -41.45
CA ASP A 351 10.28 -31.27 -41.75
C ASP A 351 9.80 -30.16 -40.81
N GLY A 352 10.65 -29.14 -40.65
CA GLY A 352 10.26 -27.91 -39.95
C GLY A 352 9.81 -28.10 -38.51
N HIS A 353 8.59 -27.62 -38.26
CA HIS A 353 7.90 -27.65 -36.98
C HIS A 353 6.59 -28.43 -37.10
N ASP A 354 6.48 -29.33 -38.09
CA ASP A 354 5.24 -30.08 -38.29
C ASP A 354 5.24 -31.42 -37.56
N ASN A 355 6.31 -31.66 -36.84
CA ASN A 355 6.60 -32.89 -36.13
C ASN A 355 7.35 -32.56 -34.86
N ILE A 356 7.72 -33.57 -34.07
CA ILE A 356 8.44 -33.26 -32.84
C ILE A 356 9.92 -33.25 -33.13
N LEU A 357 10.34 -34.27 -33.85
CA LEU A 357 11.70 -34.54 -34.26
C LEU A 357 11.86 -34.27 -35.73
N THR A 358 13.09 -34.14 -36.19
CA THR A 358 13.24 -34.02 -37.63
C THR A 358 14.13 -35.13 -38.14
N LYS A 359 14.36 -35.10 -39.43
CA LYS A 359 15.12 -36.14 -40.09
C LYS A 359 16.63 -36.02 -39.95
N ILE A 360 17.28 -37.17 -39.98
CA ILE A 360 18.72 -37.29 -39.95
C ILE A 360 19.27 -37.22 -41.36
N VAL A 361 20.19 -36.29 -41.55
CA VAL A 361 20.80 -36.09 -42.85
C VAL A 361 22.30 -36.35 -42.81
N VAL A 362 22.75 -37.22 -43.69
CA VAL A 362 24.16 -37.50 -43.81
C VAL A 362 24.75 -36.58 -44.84
N ASN A 363 25.82 -35.94 -44.46
CA ASN A 363 26.54 -34.96 -45.22
C ASN A 363 28.01 -35.09 -44.84
N LYS A 364 28.85 -34.27 -45.44
CA LYS A 364 30.30 -34.31 -45.18
C LYS A 364 30.62 -34.07 -43.71
N THR A 365 29.74 -33.37 -43.00
CA THR A 365 29.97 -33.06 -41.61
C THR A 365 29.58 -34.23 -40.72
N ALA A 366 28.70 -35.11 -41.20
CA ALA A 366 28.32 -36.27 -40.42
C ALA A 366 29.44 -37.24 -40.52
N ILE A 367 30.07 -37.24 -41.69
CA ILE A 367 31.17 -38.13 -41.94
C ILE A 367 32.34 -37.68 -41.11
N ASP A 368 32.64 -36.39 -41.09
CA ASP A 368 33.74 -35.92 -40.27
C ASP A 368 33.52 -36.32 -38.79
N VAL A 369 32.28 -36.21 -38.28
CA VAL A 369 31.99 -36.59 -36.90
C VAL A 369 32.16 -38.12 -36.72
N MET A 370 31.66 -38.92 -37.66
CA MET A 370 31.81 -40.39 -37.56
C MET A 370 33.27 -40.85 -37.64
N GLU A 371 34.08 -40.20 -38.47
CA GLU A 371 35.49 -40.61 -38.61
C GLU A 371 36.23 -40.48 -37.28
N ARG A 372 35.95 -39.44 -36.51
CA ARG A 372 36.61 -39.23 -35.22
C ARG A 372 36.28 -40.29 -34.18
N GLN A 373 35.20 -41.03 -34.40
CA GLN A 373 34.72 -42.07 -33.50
C GLN A 373 35.21 -43.44 -33.96
N GLY A 374 35.89 -43.50 -35.12
CA GLY A 374 36.36 -44.75 -35.69
C GLY A 374 35.32 -45.49 -36.55
N TYR A 375 34.30 -44.79 -37.06
CA TYR A 375 33.24 -45.42 -37.84
C TYR A 375 32.95 -44.74 -39.17
N ASN A 376 32.33 -45.48 -40.08
CA ASN A 376 31.87 -44.94 -41.36
C ASN A 376 30.52 -45.57 -41.69
N LEU A 377 29.93 -45.19 -42.83
CA LEU A 377 28.60 -45.66 -43.18
C LEU A 377 28.44 -47.18 -43.33
N ASP A 378 29.51 -47.87 -43.72
CA ASP A 378 29.41 -49.31 -43.90
C ASP A 378 29.81 -50.08 -42.66
N SER A 379 30.14 -49.38 -41.58
CA SER A 379 30.56 -50.02 -40.34
C SER A 379 29.38 -50.63 -39.64
N VAL A 380 29.60 -51.79 -39.01
CA VAL A 380 28.57 -52.45 -38.21
C VAL A 380 28.83 -52.12 -36.76
N LEU A 381 27.79 -51.67 -36.07
CA LEU A 381 28.05 -51.31 -34.69
C LEU A 381 27.87 -52.51 -33.74
N PRO A 382 28.69 -52.64 -32.68
CA PRO A 382 28.55 -53.59 -31.61
C PRO A 382 27.24 -53.35 -30.89
N LYS A 383 26.65 -54.39 -30.34
CA LYS A 383 25.39 -54.22 -29.64
C LYS A 383 25.47 -53.12 -28.59
N ASP A 384 24.48 -52.23 -28.64
CA ASP A 384 24.27 -51.08 -27.75
C ASP A 384 25.30 -49.94 -27.86
N GLU A 385 26.15 -49.97 -28.87
CA GLU A 385 27.11 -48.91 -29.16
C GLU A 385 26.38 -47.68 -29.69
N VAL A 386 26.79 -46.47 -29.29
CA VAL A 386 26.15 -45.28 -29.85
C VAL A 386 27.13 -44.45 -30.66
N VAL A 387 26.70 -44.07 -31.85
CA VAL A 387 27.46 -43.24 -32.75
C VAL A 387 26.73 -41.94 -33.05
N TYR A 388 27.43 -40.84 -32.87
CA TYR A 388 26.85 -39.54 -33.09
C TYR A 388 27.09 -39.06 -34.50
N LEU A 389 26.10 -38.41 -35.07
CA LEU A 389 26.18 -37.88 -36.42
C LEU A 389 26.38 -36.35 -36.47
N ARG A 390 26.40 -35.74 -35.28
CA ARG A 390 26.55 -34.29 -35.10
C ARG A 390 27.40 -33.98 -33.89
N ALA A 391 28.15 -32.88 -33.95
CA ALA A 391 28.97 -32.45 -32.83
C ALA A 391 28.18 -31.82 -31.67
N THR A 392 27.06 -31.15 -31.97
CA THR A 392 26.27 -30.49 -30.93
C THR A 392 24.80 -30.86 -31.04
N ALA A 393 24.07 -30.70 -29.93
CA ALA A 393 22.64 -31.01 -29.91
C ALA A 393 21.78 -29.91 -30.46
N ASN A 394 20.73 -30.31 -31.16
CA ASN A 394 19.72 -29.40 -31.67
C ASN A 394 18.54 -30.20 -32.24
N LEU A 395 17.32 -29.86 -31.84
CA LEU A 395 16.15 -30.57 -32.36
C LEU A 395 16.02 -30.40 -33.87
N SER A 396 16.42 -29.25 -34.39
CA SER A 396 16.29 -28.94 -35.81
C SER A 396 17.27 -29.73 -36.68
N THR A 397 18.24 -30.42 -36.07
CA THR A 397 19.20 -31.18 -36.83
C THR A 397 18.97 -32.68 -36.62
N GLY A 398 17.89 -33.04 -35.93
CA GLY A 398 17.59 -34.45 -35.69
C GLY A 398 17.92 -35.00 -34.31
N GLY A 399 18.24 -34.13 -33.34
CA GLY A 399 18.53 -34.59 -31.99
C GLY A 399 17.24 -34.73 -31.18
N ILE A 400 17.40 -34.92 -29.88
CA ILE A 400 16.27 -35.10 -28.98
C ILE A 400 16.34 -34.17 -27.77
N ALA A 401 15.21 -34.00 -27.08
CA ALA A 401 15.15 -33.19 -25.87
C ALA A 401 14.30 -33.89 -24.83
N ILE A 402 14.87 -34.09 -23.65
CA ILE A 402 14.21 -34.80 -22.58
C ILE A 402 13.90 -33.89 -21.40
N ASP A 403 12.64 -33.86 -20.98
CA ASP A 403 12.28 -33.03 -19.82
C ASP A 403 12.84 -33.61 -18.54
N ARG A 404 13.59 -32.79 -17.79
CA ARG A 404 14.22 -33.19 -16.53
C ARG A 404 13.84 -32.16 -15.46
N THR A 405 12.70 -31.53 -15.61
CA THR A 405 12.34 -30.42 -14.72
C THR A 405 12.18 -30.81 -13.28
N ASP A 406 11.67 -31.99 -13.02
CA ASP A 406 11.40 -32.39 -11.65
C ASP A 406 12.58 -33.14 -11.02
N ASP A 407 13.70 -33.29 -11.74
CA ASP A 407 14.85 -34.02 -11.22
C ASP A 407 15.99 -33.12 -10.75
N ILE A 408 15.79 -31.82 -10.74
CA ILE A 408 16.86 -30.90 -10.39
C ILE A 408 16.94 -30.62 -8.89
N HIS A 409 18.15 -30.77 -8.37
CA HIS A 409 18.46 -30.57 -6.95
C HIS A 409 18.22 -29.12 -6.47
N PRO A 410 17.63 -28.87 -5.27
CA PRO A 410 17.38 -27.57 -4.67
C PRO A 410 18.56 -26.60 -4.63
N GLU A 411 19.79 -27.10 -4.53
CA GLU A 411 20.91 -26.20 -4.52
C GLU A 411 21.20 -25.73 -5.92
N ASN A 412 20.95 -26.58 -6.92
CA ASN A 412 21.19 -26.20 -8.28
C ASN A 412 20.12 -25.22 -8.70
N ILE A 413 18.93 -25.34 -8.13
CA ILE A 413 17.87 -24.39 -8.46
C ILE A 413 18.29 -23.01 -7.97
N TRP A 414 18.79 -22.95 -6.73
CA TRP A 414 19.26 -21.70 -6.15
C TRP A 414 20.37 -21.06 -6.98
N LEU A 415 21.35 -21.85 -7.42
CA LEU A 415 22.42 -21.29 -8.20
C LEU A 415 21.94 -20.72 -9.52
N MET A 416 21.05 -21.41 -10.24
CA MET A 416 20.58 -20.92 -11.53
C MET A 416 19.85 -19.59 -11.43
N GLU A 417 19.06 -19.42 -10.39
CA GLU A 417 18.34 -18.18 -10.20
C GLU A 417 19.33 -17.05 -9.90
N ARG A 418 20.37 -17.34 -9.11
CA ARG A 418 21.38 -16.34 -8.78
C ARG A 418 22.12 -15.89 -10.05
N VAL A 419 22.40 -16.82 -10.98
CA VAL A 419 23.10 -16.47 -12.22
C VAL A 419 22.31 -15.47 -13.06
N ALA A 420 21.00 -15.70 -13.21
CA ALA A 420 20.19 -14.78 -13.99
C ALA A 420 20.16 -13.36 -13.40
N LYS A 421 20.13 -13.28 -12.06
CA LYS A 421 20.11 -12.00 -11.34
C LYS A 421 21.43 -11.26 -11.42
N VAL A 422 22.55 -11.97 -11.38
CA VAL A 422 23.89 -11.39 -11.49
C VAL A 422 24.10 -10.76 -12.87
N ILE A 423 23.67 -11.44 -13.94
CA ILE A 423 23.78 -10.90 -15.29
C ILE A 423 22.64 -9.96 -15.70
N GLY A 424 21.66 -9.75 -14.83
CA GLY A 424 20.59 -8.85 -15.17
C GLY A 424 19.56 -9.04 -16.27
N LEU A 425 19.18 -10.31 -16.47
CA LEU A 425 18.22 -10.67 -17.55
C LEU A 425 16.96 -11.27 -16.98
N ASP A 426 15.78 -10.81 -17.43
CA ASP A 426 14.56 -11.48 -16.99
C ASP A 426 14.30 -12.86 -17.59
N ILE A 427 14.25 -12.95 -18.90
CA ILE A 427 14.06 -14.26 -19.49
C ILE A 427 15.41 -14.74 -20.00
N ALA A 428 15.87 -15.84 -19.42
CA ALA A 428 17.19 -16.36 -19.73
C ALA A 428 17.29 -17.85 -19.88
N GLY A 429 18.14 -18.25 -20.81
CA GLY A 429 18.49 -19.64 -20.99
C GLY A 429 19.88 -19.89 -20.48
N ILE A 430 20.07 -20.86 -19.61
CA ILE A 430 21.39 -21.12 -19.09
C ILE A 430 21.86 -22.51 -19.54
N ASP A 431 23.04 -22.55 -20.15
CA ASP A 431 23.65 -23.80 -20.64
C ASP A 431 24.61 -24.37 -19.61
N VAL A 432 24.27 -25.55 -19.11
CA VAL A 432 24.99 -26.24 -18.05
C VAL A 432 25.54 -27.60 -18.49
N VAL A 433 26.80 -27.87 -18.16
CA VAL A 433 27.38 -29.18 -18.46
C VAL A 433 27.60 -29.95 -17.18
N THR A 434 26.94 -31.08 -17.09
CA THR A 434 27.00 -31.94 -15.90
C THR A 434 26.63 -33.36 -16.21
N SER A 435 27.19 -34.28 -15.45
CA SER A 435 26.84 -35.68 -15.58
C SER A 435 25.55 -36.05 -14.85
N ASP A 436 25.17 -35.25 -13.85
CA ASP A 436 23.98 -35.57 -13.06
C ASP A 436 23.30 -34.32 -12.48
N ILE A 437 22.17 -33.92 -13.06
CA ILE A 437 21.46 -32.71 -12.68
C ILE A 437 20.81 -32.83 -11.27
N SER A 438 20.75 -34.06 -10.75
CA SER A 438 20.13 -34.35 -9.47
C SER A 438 21.11 -34.25 -8.30
N LYS A 439 22.37 -33.94 -8.58
CA LYS A 439 23.39 -33.77 -7.57
C LYS A 439 23.91 -32.34 -7.70
N PRO A 440 24.46 -31.71 -6.67
CA PRO A 440 25.06 -30.40 -6.72
C PRO A 440 26.18 -30.31 -7.75
N LEU A 441 26.29 -29.17 -8.45
CA LEU A 441 27.35 -29.05 -9.45
C LEU A 441 28.74 -29.15 -8.83
N ARG A 442 28.90 -28.77 -7.56
CA ARG A 442 30.23 -28.85 -6.95
C ARG A 442 30.68 -30.29 -6.70
N GLU A 443 29.75 -31.25 -6.68
CA GLU A 443 30.09 -32.63 -6.39
C GLU A 443 30.33 -33.42 -7.65
N THR A 444 29.71 -33.00 -8.74
CA THR A 444 29.83 -33.67 -10.03
C THR A 444 30.85 -32.99 -10.93
N ASN A 445 31.47 -31.93 -10.42
CA ASN A 445 32.41 -31.08 -11.15
C ASN A 445 31.80 -30.48 -12.42
N GLY A 446 30.57 -29.98 -12.31
CA GLY A 446 29.89 -29.38 -13.45
C GLY A 446 30.20 -27.90 -13.60
N VAL A 447 29.94 -27.35 -14.77
CA VAL A 447 30.15 -25.94 -15.06
C VAL A 447 29.02 -25.25 -15.79
N ILE A 448 28.98 -23.93 -15.70
CA ILE A 448 28.05 -23.14 -16.47
C ILE A 448 28.81 -22.59 -17.65
N VAL A 449 28.34 -22.94 -18.83
CA VAL A 449 29.05 -22.63 -20.05
C VAL A 449 28.56 -21.34 -20.71
N GLU A 450 27.26 -21.12 -20.74
CA GLU A 450 26.75 -19.93 -21.43
C GLU A 450 25.44 -19.38 -20.86
N VAL A 451 25.27 -18.07 -20.94
CA VAL A 451 24.00 -17.44 -20.58
C VAL A 451 23.42 -16.77 -21.83
N ASN A 452 22.22 -17.16 -22.22
CA ASN A 452 21.57 -16.66 -23.43
C ASN A 452 20.35 -15.78 -23.19
N ALA A 453 20.44 -14.53 -23.62
CA ALA A 453 19.31 -13.65 -23.47
C ALA A 453 18.29 -14.05 -24.52
N ALA A 454 17.01 -13.96 -24.18
CA ALA A 454 15.94 -14.20 -25.16
C ALA A 454 15.99 -15.57 -25.88
N PRO A 455 15.97 -16.71 -25.15
CA PRO A 455 16.05 -18.09 -25.61
C PRO A 455 14.78 -18.54 -26.32
N GLY A 456 14.85 -19.59 -27.15
CA GLY A 456 13.62 -20.12 -27.76
C GLY A 456 12.89 -21.10 -26.86
N PHE A 457 11.69 -21.54 -27.27
CA PHE A 457 10.89 -22.46 -26.44
C PHE A 457 10.51 -23.86 -26.94
N ARG A 458 10.71 -24.18 -28.22
CA ARG A 458 10.25 -25.50 -28.79
C ARG A 458 10.64 -26.69 -27.90
N MET A 459 11.83 -26.70 -27.31
CA MET A 459 12.33 -27.81 -26.54
C MET A 459 11.62 -28.01 -25.21
N HIS A 460 10.90 -26.98 -24.75
CA HIS A 460 10.20 -27.05 -23.49
C HIS A 460 8.70 -27.22 -23.69
N VAL A 461 8.17 -26.75 -24.82
CA VAL A 461 6.74 -26.88 -25.07
C VAL A 461 6.42 -28.07 -25.95
N ALA A 462 7.43 -28.64 -26.62
CA ALA A 462 7.29 -29.81 -27.44
C ALA A 462 8.51 -30.74 -27.35
N PRO A 463 8.81 -31.31 -26.17
CA PRO A 463 9.93 -32.18 -25.90
C PRO A 463 9.68 -33.51 -26.56
N SER A 464 10.73 -34.29 -26.82
CA SER A 464 10.51 -35.60 -27.40
C SER A 464 10.25 -36.66 -26.33
N GLN A 465 10.72 -36.41 -25.13
CA GLN A 465 10.43 -37.29 -24.02
C GLN A 465 10.02 -36.45 -22.82
N GLY A 466 9.09 -36.95 -22.04
CA GLY A 466 8.64 -36.23 -20.87
C GLY A 466 7.41 -35.42 -21.19
N LEU A 467 6.97 -34.60 -20.23
CA LEU A 467 5.73 -33.88 -20.36
C LEU A 467 5.99 -32.42 -20.84
N PRO A 468 5.19 -31.84 -21.78
CA PRO A 468 5.22 -30.44 -22.23
C PRO A 468 4.94 -29.44 -21.12
N ARG A 469 5.60 -28.28 -21.14
CA ARG A 469 5.37 -27.28 -20.10
C ARG A 469 4.77 -25.99 -20.62
N ASN A 470 3.88 -25.38 -19.85
CA ASN A 470 3.32 -24.11 -20.29
C ASN A 470 4.22 -22.98 -19.88
N VAL A 471 5.13 -22.68 -20.77
CA VAL A 471 6.16 -21.67 -20.64
C VAL A 471 5.62 -20.25 -20.68
N ALA A 472 4.63 -19.99 -21.53
CA ALA A 472 4.04 -18.66 -21.67
C ALA A 472 3.35 -18.17 -20.41
N ALA A 473 2.72 -19.05 -19.65
CA ALA A 473 1.97 -18.58 -18.50
C ALA A 473 2.84 -17.74 -17.54
N PRO A 474 4.06 -18.14 -17.11
CA PRO A 474 4.99 -17.36 -16.32
C PRO A 474 5.45 -16.04 -16.95
N VAL A 475 5.32 -15.89 -18.26
CA VAL A 475 5.75 -14.67 -18.91
C VAL A 475 4.63 -13.65 -18.76
N LEU A 476 3.41 -14.07 -19.06
CA LEU A 476 2.30 -13.15 -18.93
C LEU A 476 2.04 -12.77 -17.50
N ASP A 477 2.37 -13.64 -16.55
CA ASP A 477 2.23 -13.30 -15.15
C ASP A 477 3.19 -12.19 -14.72
N MET A 478 4.35 -11.98 -15.39
CA MET A 478 5.20 -10.89 -14.95
C MET A 478 4.75 -9.61 -15.63
N LEU A 479 4.25 -9.73 -16.87
CA LEU A 479 3.83 -8.56 -17.63
C LEU A 479 2.52 -7.98 -17.10
N PHE A 480 1.61 -8.87 -16.69
CA PHE A 480 0.31 -8.51 -16.15
C PHE A 480 0.05 -9.25 -14.85
N PRO A 481 0.73 -8.75 -13.79
CA PRO A 481 0.70 -9.36 -12.46
C PRO A 481 -0.67 -9.70 -11.86
N PRO A 482 -0.82 -10.73 -11.03
CA PRO A 482 -2.16 -11.14 -10.53
C PRO A 482 -3.05 -9.99 -10.02
N GLY A 483 -4.33 -10.01 -10.40
CA GLY A 483 -5.28 -8.94 -10.04
C GLY A 483 -5.05 -7.54 -10.50
N THR A 484 -4.42 -7.36 -11.65
CA THR A 484 -4.04 -6.07 -12.26
C THR A 484 -4.70 -6.11 -13.64
N PRO A 485 -5.10 -4.97 -14.24
CA PRO A 485 -5.93 -4.94 -15.43
C PRO A 485 -5.05 -4.80 -16.66
N SER A 486 -5.56 -5.23 -17.81
CA SER A 486 -4.89 -5.07 -19.09
C SER A 486 -5.63 -4.09 -20.00
N ARG A 487 -6.78 -3.62 -19.55
CA ARG A 487 -7.66 -2.74 -20.30
C ARG A 487 -8.03 -1.49 -19.55
N ILE A 488 -8.40 -0.47 -20.32
CA ILE A 488 -8.91 0.77 -19.76
C ILE A 488 -10.38 0.78 -20.10
N PRO A 489 -11.25 1.51 -19.37
CA PRO A 489 -12.66 1.64 -19.66
C PRO A 489 -12.94 2.23 -21.02
N ILE A 490 -13.91 1.63 -21.71
CA ILE A 490 -14.36 2.12 -23.01
C ILE A 490 -15.85 2.39 -22.98
N LEU A 491 -16.20 3.61 -23.37
CA LEU A 491 -17.57 4.04 -23.44
C LEU A 491 -17.89 4.37 -24.89
N ALA A 492 -18.73 3.56 -25.50
CA ALA A 492 -19.06 3.68 -26.92
C ALA A 492 -20.45 4.27 -27.13
N VAL A 493 -20.53 5.34 -27.90
CA VAL A 493 -21.81 6.03 -28.11
C VAL A 493 -22.30 5.99 -29.55
N THR A 494 -23.50 5.47 -29.77
CA THR A 494 -24.02 5.48 -31.13
C THR A 494 -25.50 5.92 -31.19
N GLY A 495 -26.05 5.98 -32.39
CA GLY A 495 -27.44 6.39 -32.64
C GLY A 495 -27.49 7.34 -33.80
N THR A 496 -28.65 7.56 -34.38
CA THR A 496 -28.75 8.45 -35.54
C THR A 496 -28.44 9.93 -35.22
N ASN A 497 -29.01 10.49 -34.16
CA ASN A 497 -28.76 11.89 -33.80
C ASN A 497 -28.28 12.08 -32.36
N GLY A 498 -27.39 13.06 -32.15
CA GLY A 498 -26.94 13.43 -30.81
C GLY A 498 -25.61 12.86 -30.32
N LYS A 499 -24.96 12.01 -31.10
CA LYS A 499 -23.69 11.40 -30.72
C LYS A 499 -22.56 12.35 -30.34
N THR A 500 -22.28 13.38 -31.15
CA THR A 500 -21.19 14.28 -30.85
C THR A 500 -21.40 15.06 -29.57
N THR A 501 -22.61 15.53 -29.34
CA THR A 501 -22.94 16.29 -28.15
C THR A 501 -22.81 15.43 -26.90
N THR A 502 -23.32 14.20 -26.96
CA THR A 502 -23.30 13.28 -25.84
C THR A 502 -21.85 12.90 -25.51
N THR A 503 -21.04 12.68 -26.54
CA THR A 503 -19.64 12.29 -26.43
C THR A 503 -18.81 13.38 -25.76
N ARG A 504 -19.00 14.65 -26.14
CA ARG A 504 -18.25 15.73 -25.51
C ARG A 504 -18.65 15.95 -24.05
N LEU A 505 -19.94 15.81 -23.72
CA LEU A 505 -20.37 15.96 -22.35
C LEU A 505 -19.85 14.84 -21.47
N LEU A 506 -19.90 13.62 -21.95
CA LEU A 506 -19.47 12.50 -21.17
C LEU A 506 -17.97 12.58 -20.91
N ALA A 507 -17.18 12.98 -21.91
CA ALA A 507 -15.74 13.13 -21.72
C ALA A 507 -15.44 14.22 -20.69
N HIS A 508 -16.22 15.32 -20.71
CA HIS A 508 -16.10 16.44 -19.77
C HIS A 508 -16.36 16.00 -18.33
N ILE A 509 -17.36 15.13 -18.12
CA ILE A 509 -17.68 14.64 -16.79
C ILE A 509 -16.53 13.77 -16.25
N TYR A 510 -15.98 12.85 -17.06
CA TYR A 510 -14.89 12.00 -16.57
C TYR A 510 -13.66 12.78 -16.24
N ARG A 511 -13.44 13.83 -16.99
CA ARG A 511 -12.31 14.71 -16.84
C ARG A 511 -12.29 15.40 -15.47
N GLN A 512 -13.43 15.47 -14.78
CA GLN A 512 -13.51 16.18 -13.50
C GLN A 512 -12.92 15.34 -12.39
N THR A 513 -12.54 14.10 -12.71
CA THR A 513 -11.93 13.22 -11.74
C THR A 513 -10.40 13.32 -11.81
N GLY A 514 -9.87 14.11 -12.76
CA GLY A 514 -8.42 14.29 -12.90
C GLY A 514 -7.67 13.28 -13.76
N LYS A 515 -8.39 12.39 -14.43
CA LYS A 515 -7.81 11.37 -15.29
C LYS A 515 -7.56 11.84 -16.69
N THR A 516 -6.68 11.14 -17.42
CA THR A 516 -6.48 11.47 -18.82
C THR A 516 -7.55 10.81 -19.65
N VAL A 517 -8.29 11.65 -20.35
CA VAL A 517 -9.41 11.19 -21.12
C VAL A 517 -9.18 11.48 -22.58
N GLY A 518 -9.29 10.43 -23.39
CA GLY A 518 -9.14 10.58 -24.80
C GLY A 518 -10.47 10.36 -25.46
N TYR A 519 -10.72 11.06 -26.56
CA TYR A 519 -11.97 10.82 -27.25
C TYR A 519 -11.92 11.15 -28.73
N THR A 520 -12.83 10.55 -29.46
CA THR A 520 -12.90 10.83 -30.89
C THR A 520 -14.28 11.27 -31.27
N SER A 521 -14.33 12.19 -32.21
CA SER A 521 -15.57 12.73 -32.73
C SER A 521 -15.46 13.04 -34.21
N THR A 522 -16.54 13.53 -34.77
CA THR A 522 -16.54 13.97 -36.16
C THR A 522 -15.79 15.28 -36.39
N ASP A 523 -15.36 15.97 -35.33
CA ASP A 523 -14.63 17.20 -35.53
C ASP A 523 -13.11 17.00 -35.41
N ALA A 524 -12.67 16.16 -34.44
CA ALA A 524 -11.27 15.96 -34.09
C ALA A 524 -11.01 14.80 -33.11
N ILE A 525 -9.72 14.48 -32.91
CA ILE A 525 -9.27 13.55 -31.87
C ILE A 525 -8.60 14.36 -30.79
N TYR A 526 -9.06 14.21 -29.54
CA TYR A 526 -8.50 14.94 -28.40
C TYR A 526 -8.01 14.11 -27.24
N ILE A 527 -6.99 14.62 -26.57
CA ILE A 527 -6.54 14.08 -25.29
C ILE A 527 -6.45 15.20 -24.27
N ASN A 528 -7.26 15.20 -23.22
CA ASN A 528 -7.24 16.26 -22.19
C ASN A 528 -7.24 17.66 -22.75
N GLU A 529 -8.11 17.92 -23.69
CA GLU A 529 -8.26 19.22 -24.37
C GLU A 529 -7.15 19.64 -25.33
N TYR A 530 -6.22 18.74 -25.65
CA TYR A 530 -5.26 19.04 -26.70
C TYR A 530 -5.71 18.34 -27.95
N CYS A 531 -5.62 19.01 -29.07
CA CYS A 531 -6.06 18.37 -30.29
C CYS A 531 -4.92 17.61 -30.95
N VAL A 532 -5.15 16.33 -31.19
CA VAL A 532 -4.16 15.46 -31.80
C VAL A 532 -4.31 15.50 -33.32
N GLU A 533 -5.54 15.34 -33.80
CA GLU A 533 -5.85 15.37 -35.25
C GLU A 533 -7.16 16.08 -35.50
N LYS A 534 -7.33 16.72 -36.66
CA LYS A 534 -8.61 17.36 -37.01
C LYS A 534 -9.29 16.68 -38.19
N GLY A 535 -10.61 16.83 -38.29
CA GLY A 535 -11.39 16.25 -39.38
C GLY A 535 -12.30 15.15 -38.87
N ASP A 536 -12.98 14.45 -39.77
CA ASP A 536 -13.90 13.42 -39.32
C ASP A 536 -13.10 12.26 -38.86
N ASN A 537 -13.07 12.07 -37.56
CA ASN A 537 -12.27 11.08 -36.96
C ASN A 537 -13.04 9.96 -36.37
N THR A 538 -14.23 9.72 -36.87
CA THR A 538 -14.95 8.56 -36.39
C THR A 538 -14.42 7.35 -37.18
N GLY A 539 -14.72 6.16 -36.71
CA GLY A 539 -14.28 4.96 -37.38
C GLY A 539 -13.11 4.30 -36.63
N PRO A 540 -12.82 3.03 -36.95
CA PRO A 540 -11.84 2.17 -36.31
C PRO A 540 -10.39 2.61 -36.43
N GLN A 541 -10.07 3.44 -37.41
CA GLN A 541 -8.71 3.89 -37.54
C GLN A 541 -8.38 4.94 -36.49
N SER A 542 -9.38 5.68 -36.01
CA SER A 542 -9.15 6.70 -35.01
C SER A 542 -9.23 6.10 -33.64
N ALA A 543 -10.10 5.11 -33.49
CA ALA A 543 -10.25 4.47 -32.20
C ALA A 543 -8.92 3.85 -31.80
N GLY A 544 -8.18 3.35 -32.80
CA GLY A 544 -6.88 2.77 -32.59
C GLY A 544 -5.80 3.76 -32.17
N VAL A 545 -5.98 5.05 -32.42
CA VAL A 545 -4.99 6.04 -32.03
C VAL A 545 -5.12 6.22 -30.54
N ILE A 546 -6.35 6.30 -30.05
CA ILE A 546 -6.58 6.45 -28.62
C ILE A 546 -6.19 5.18 -27.86
N LEU A 547 -6.57 4.01 -28.35
CA LEU A 547 -6.27 2.77 -27.63
C LEU A 547 -4.78 2.44 -27.57
N ARG A 548 -4.00 2.84 -28.56
CA ARG A 548 -2.57 2.60 -28.52
C ARG A 548 -1.79 3.67 -27.75
N ASP A 549 -2.44 4.74 -27.30
CA ASP A 549 -1.77 5.84 -26.64
C ASP A 549 -1.42 5.52 -25.19
N PRO A 550 -0.13 5.54 -24.79
CA PRO A 550 0.40 5.14 -23.50
C PRO A 550 -0.04 6.00 -22.33
N THR A 551 -0.67 7.13 -22.59
CA THR A 551 -1.09 8.00 -21.50
C THR A 551 -2.60 7.93 -21.18
N VAL A 552 -3.41 7.32 -22.04
CA VAL A 552 -4.86 7.37 -21.85
C VAL A 552 -5.42 6.40 -20.82
N GLU A 553 -6.23 6.94 -19.90
CA GLU A 553 -6.87 6.17 -18.85
C GLU A 553 -8.33 5.85 -19.13
N VAL A 554 -9.04 6.74 -19.83
CA VAL A 554 -10.45 6.55 -20.20
C VAL A 554 -10.67 6.84 -21.68
N ALA A 555 -11.38 5.96 -22.41
CA ALA A 555 -11.67 6.23 -23.82
C ALA A 555 -13.16 6.42 -24.09
N VAL A 556 -13.54 7.55 -24.70
CA VAL A 556 -14.93 7.80 -25.04
C VAL A 556 -15.01 7.94 -26.58
N LEU A 557 -15.73 7.05 -27.24
CA LEU A 557 -15.69 7.03 -28.72
C LEU A 557 -17.03 7.19 -29.44
N GLU A 558 -17.24 8.24 -30.27
CA GLU A 558 -18.56 8.25 -30.96
C GLU A 558 -18.42 7.24 -32.11
N THR A 559 -19.43 6.41 -32.31
CA THR A 559 -19.40 5.39 -33.37
C THR A 559 -20.48 5.55 -34.42
N ALA A 560 -20.03 5.65 -35.66
CA ALA A 560 -20.88 5.84 -36.81
C ALA A 560 -21.07 4.53 -37.59
N ARG A 561 -22.19 4.48 -38.33
CA ARG A 561 -22.51 3.34 -39.18
C ARG A 561 -21.55 3.15 -40.33
N GLY A 562 -20.92 4.22 -40.83
CA GLY A 562 -20.02 4.05 -41.94
C GLY A 562 -18.85 3.19 -41.53
N GLY A 563 -18.34 3.41 -40.32
CA GLY A 563 -17.22 2.67 -39.81
C GLY A 563 -17.59 1.21 -39.62
N ILE A 564 -18.77 0.95 -39.06
CA ILE A 564 -19.14 -0.43 -38.80
C ILE A 564 -19.32 -1.20 -40.10
N LEU A 565 -20.05 -0.62 -41.04
CA LEU A 565 -20.32 -1.29 -42.30
C LEU A 565 -19.09 -1.48 -43.17
N ARG A 566 -18.15 -0.55 -43.12
CA ARG A 566 -16.96 -0.64 -43.92
C ARG A 566 -15.87 -1.54 -43.34
N ALA A 567 -15.63 -1.51 -42.01
CA ALA A 567 -14.55 -2.32 -41.47
C ALA A 567 -14.76 -3.00 -40.11
N GLY A 568 -15.95 -2.96 -39.49
CA GLY A 568 -16.16 -3.55 -38.16
C GLY A 568 -15.72 -2.61 -37.02
N LEU A 569 -15.93 -3.02 -35.77
CA LEU A 569 -15.49 -2.21 -34.61
C LEU A 569 -14.02 -2.44 -34.27
N ALA A 570 -13.33 -1.41 -33.78
CA ALA A 570 -11.92 -1.51 -33.39
C ALA A 570 -11.61 -2.16 -32.06
N PHE A 571 -12.57 -2.26 -31.16
CA PHE A 571 -12.26 -2.72 -29.81
C PHE A 571 -12.77 -4.07 -29.30
N ASP A 572 -13.55 -4.82 -30.07
CA ASP A 572 -14.14 -6.12 -29.65
C ASP A 572 -15.17 -6.08 -28.52
N SER A 573 -14.85 -5.47 -27.38
CA SER A 573 -15.81 -5.35 -26.29
C SER A 573 -15.64 -4.05 -25.53
N CYS A 574 -16.70 -3.65 -24.83
CA CYS A 574 -16.67 -2.41 -24.05
C CYS A 574 -17.47 -2.49 -22.75
N ASP A 575 -17.33 -1.44 -21.92
CA ASP A 575 -17.97 -1.42 -20.61
C ASP A 575 -19.33 -0.80 -20.63
N VAL A 576 -19.48 0.27 -21.42
CA VAL A 576 -20.75 0.92 -21.54
C VAL A 576 -21.07 1.10 -23.01
N GLY A 577 -22.26 0.70 -23.40
CA GLY A 577 -22.71 0.91 -24.77
C GLY A 577 -23.97 1.73 -24.74
N VAL A 578 -23.93 2.90 -25.37
CA VAL A 578 -25.08 3.80 -25.36
C VAL A 578 -25.72 3.91 -26.73
N VAL A 579 -27.03 3.62 -26.82
CA VAL A 579 -27.74 3.75 -28.09
C VAL A 579 -28.79 4.84 -27.89
N LEU A 580 -28.67 5.93 -28.61
CA LEU A 580 -29.53 7.07 -28.38
C LEU A 580 -30.87 7.08 -29.12
N ASN A 581 -30.91 6.59 -30.36
CA ASN A 581 -32.11 6.63 -31.20
C ASN A 581 -31.91 5.98 -32.55
N VAL A 582 -32.97 5.45 -33.14
CA VAL A 582 -32.90 4.96 -34.52
C VAL A 582 -33.86 5.76 -35.39
N ALA A 583 -33.35 6.34 -36.48
CA ALA A 583 -34.21 7.15 -37.34
C ALA A 583 -33.84 6.94 -38.79
N ALA A 584 -34.75 7.30 -39.69
CA ALA A 584 -34.58 7.04 -41.12
C ALA A 584 -33.65 7.99 -41.83
N ASP A 585 -32.39 7.89 -41.47
CA ASP A 585 -31.30 8.63 -42.09
C ASP A 585 -30.44 7.63 -42.83
N HIS A 586 -29.73 8.09 -43.83
CA HIS A 586 -28.80 7.25 -44.59
C HIS A 586 -29.43 5.99 -45.16
N LEU A 587 -30.69 6.04 -45.56
CA LEU A 587 -31.26 4.83 -46.09
C LEU A 587 -30.95 4.77 -47.55
N GLY A 588 -30.66 3.57 -48.00
CA GLY A 588 -30.30 3.27 -49.37
C GLY A 588 -28.79 3.16 -49.51
N LEU A 589 -28.04 3.59 -48.49
CA LEU A 589 -26.60 3.54 -48.56
C LEU A 589 -26.07 2.30 -47.87
N GLY A 590 -25.00 1.71 -48.38
CA GLY A 590 -24.37 0.61 -47.69
C GLY A 590 -25.23 -0.64 -47.69
N ASP A 591 -26.10 -0.75 -48.69
CA ASP A 591 -27.06 -1.85 -48.83
C ASP A 591 -28.13 -1.89 -47.73
N ILE A 592 -28.33 -0.79 -46.99
CA ILE A 592 -29.40 -0.73 -46.00
C ILE A 592 -30.50 0.18 -46.42
N ASP A 593 -31.62 -0.42 -46.76
CA ASP A 593 -32.80 0.27 -47.28
C ASP A 593 -33.89 0.53 -46.26
N THR A 594 -33.98 -0.32 -45.22
CA THR A 594 -35.10 -0.17 -44.30
C THR A 594 -34.66 0.25 -42.91
N ILE A 595 -35.64 0.63 -42.10
CA ILE A 595 -35.39 1.06 -40.74
C ILE A 595 -35.06 -0.16 -39.86
N GLU A 596 -35.67 -1.31 -40.16
CA GLU A 596 -35.40 -2.53 -39.43
C GLU A 596 -33.96 -2.97 -39.62
N GLN A 597 -33.42 -2.74 -40.82
CA GLN A 597 -32.02 -3.05 -41.08
C GLN A 597 -31.11 -2.06 -40.36
N MET A 598 -31.49 -0.78 -40.33
CA MET A 598 -30.66 0.22 -39.67
C MET A 598 -30.55 -0.08 -38.18
N ALA A 599 -31.61 -0.61 -37.61
CA ALA A 599 -31.62 -0.99 -36.22
C ALA A 599 -30.62 -2.12 -35.94
N LYS A 600 -30.32 -2.99 -36.93
CA LYS A 600 -29.40 -4.12 -36.77
C LYS A 600 -27.97 -3.62 -36.78
N VAL A 601 -27.74 -2.49 -37.42
CA VAL A 601 -26.42 -1.90 -37.41
C VAL A 601 -26.19 -1.27 -36.04
N LYS A 602 -27.17 -0.52 -35.54
CA LYS A 602 -26.98 0.17 -34.27
C LYS A 602 -26.86 -0.80 -33.11
N SER A 603 -27.55 -1.93 -33.19
CA SER A 603 -27.54 -2.94 -32.14
C SER A 603 -26.19 -3.61 -31.96
N VAL A 604 -25.25 -3.40 -32.90
CA VAL A 604 -23.93 -3.99 -32.78
C VAL A 604 -23.28 -3.49 -31.50
N ILE A 605 -23.45 -2.22 -31.14
CA ILE A 605 -22.84 -1.73 -29.91
C ILE A 605 -23.42 -2.39 -28.68
N ALA A 606 -24.73 -2.52 -28.61
CA ALA A 606 -25.37 -3.13 -27.46
C ALA A 606 -24.92 -4.59 -27.26
N GLU A 607 -24.69 -5.29 -28.36
CA GLU A 607 -24.30 -6.70 -28.32
C GLU A 607 -22.82 -6.97 -28.04
N VAL A 608 -21.99 -5.93 -27.92
CA VAL A 608 -20.58 -6.16 -27.62
C VAL A 608 -20.26 -5.68 -26.23
N VAL A 609 -21.26 -5.33 -25.45
CA VAL A 609 -20.96 -4.90 -24.10
C VAL A 609 -20.70 -6.14 -23.26
N ASP A 610 -19.60 -6.12 -22.53
CA ASP A 610 -19.18 -7.19 -21.65
C ASP A 610 -20.29 -7.51 -20.64
N PRO A 611 -20.60 -8.78 -20.30
CA PRO A 611 -21.64 -9.15 -19.35
C PRO A 611 -21.57 -8.43 -18.00
N SER A 612 -20.39 -7.96 -17.59
CA SER A 612 -20.27 -7.25 -16.32
C SER A 612 -20.62 -5.76 -16.45
N GLY A 613 -20.82 -5.29 -17.68
CA GLY A 613 -21.11 -3.90 -18.00
C GLY A 613 -22.58 -3.64 -18.26
N TYR A 614 -22.84 -2.47 -18.86
CA TYR A 614 -24.19 -2.00 -19.14
C TYR A 614 -24.47 -1.48 -20.53
N ALA A 615 -25.70 -1.69 -20.95
CA ALA A 615 -26.23 -1.09 -22.15
C ALA A 615 -27.18 0.00 -21.71
N VAL A 616 -27.08 1.17 -22.31
CA VAL A 616 -27.96 2.28 -21.99
C VAL A 616 -28.90 2.53 -23.15
N LEU A 617 -30.18 2.26 -22.92
CA LEU A 617 -31.18 2.35 -23.97
C LEU A 617 -32.21 3.44 -23.74
N ASN A 618 -32.74 3.95 -24.83
CA ASN A 618 -33.78 4.95 -24.83
C ASN A 618 -35.16 4.28 -24.74
N ALA A 619 -35.86 4.42 -23.62
CA ALA A 619 -37.13 3.72 -23.40
C ALA A 619 -38.28 4.37 -24.16
N ASP A 620 -38.04 5.54 -24.73
CA ASP A 620 -39.06 6.24 -25.49
C ASP A 620 -38.95 5.92 -26.98
N ASP A 621 -38.02 5.04 -27.35
CA ASP A 621 -37.77 4.64 -28.72
C ASP A 621 -38.04 3.14 -28.91
N PRO A 622 -39.12 2.73 -29.62
CA PRO A 622 -39.55 1.34 -29.76
C PRO A 622 -38.56 0.41 -30.48
N LEU A 623 -37.63 0.96 -31.28
CA LEU A 623 -36.69 0.05 -31.93
C LEU A 623 -35.51 -0.17 -31.00
N VAL A 624 -35.19 0.87 -30.23
CA VAL A 624 -34.07 0.80 -29.31
C VAL A 624 -34.41 0.00 -28.05
N ALA A 625 -35.58 0.22 -27.47
CA ALA A 625 -35.94 -0.50 -26.25
C ALA A 625 -35.94 -2.01 -26.49
N ALA A 626 -36.32 -2.41 -27.69
CA ALA A 626 -36.42 -3.80 -28.14
C ALA A 626 -35.06 -4.51 -28.20
N MET A 627 -33.96 -3.75 -28.19
CA MET A 627 -32.63 -4.31 -28.27
C MET A 627 -32.29 -4.98 -26.95
N ALA A 628 -33.05 -4.67 -25.91
CA ALA A 628 -32.82 -5.18 -24.58
C ALA A 628 -32.89 -6.68 -24.53
N ASP A 629 -33.57 -7.30 -25.51
CA ASP A 629 -33.75 -8.74 -25.51
C ASP A 629 -32.62 -9.47 -26.24
N LYS A 630 -31.65 -8.72 -26.76
CA LYS A 630 -30.49 -9.27 -27.44
C LYS A 630 -29.25 -9.13 -26.55
N VAL A 631 -29.28 -8.13 -25.68
CA VAL A 631 -28.19 -7.78 -24.80
C VAL A 631 -27.90 -8.80 -23.70
N LYS A 632 -26.62 -9.18 -23.59
CA LYS A 632 -26.10 -10.12 -22.58
C LYS A 632 -25.63 -9.41 -21.30
N ALA A 633 -25.54 -8.10 -21.42
CA ALA A 633 -25.10 -7.14 -20.41
C ALA A 633 -26.30 -6.68 -19.61
N LYS A 634 -26.08 -5.87 -18.59
CA LYS A 634 -27.17 -5.33 -17.81
C LYS A 634 -27.78 -4.20 -18.60
N VAL A 635 -29.05 -3.91 -18.37
CA VAL A 635 -29.68 -2.81 -19.10
C VAL A 635 -30.17 -1.71 -18.19
N ALA A 636 -29.84 -0.47 -18.56
CA ALA A 636 -30.29 0.74 -17.88
C ALA A 636 -31.11 1.52 -18.90
N TYR A 637 -32.10 2.26 -18.44
CA TYR A 637 -32.93 3.05 -19.37
C TYR A 637 -33.05 4.51 -19.07
N PHE A 638 -33.26 5.31 -20.10
CA PHE A 638 -33.56 6.69 -19.85
C PHE A 638 -34.82 7.11 -20.60
N SER A 639 -35.51 8.13 -20.07
CA SER A 639 -36.71 8.66 -20.72
C SER A 639 -37.06 10.10 -20.35
N MET A 640 -37.91 10.72 -21.14
CA MET A 640 -38.40 12.08 -20.91
C MET A 640 -39.76 12.12 -20.26
N ASN A 641 -40.24 10.97 -19.87
CA ASN A 641 -41.55 10.80 -19.27
C ASN A 641 -41.52 9.71 -18.22
N PRO A 642 -41.54 10.02 -16.92
CA PRO A 642 -41.51 9.05 -15.83
C PRO A 642 -42.62 8.01 -15.96
N ASP A 643 -43.74 8.38 -16.56
CA ASP A 643 -44.86 7.46 -16.74
C ASP A 643 -44.72 6.71 -18.05
N ASN A 644 -43.73 5.85 -18.05
CA ASN A 644 -43.36 4.99 -19.14
C ASN A 644 -43.34 3.59 -18.56
N PRO A 645 -44.27 2.69 -18.95
CA PRO A 645 -44.41 1.35 -18.43
C PRO A 645 -43.11 0.56 -18.39
N ILE A 646 -42.18 0.82 -19.31
CA ILE A 646 -40.91 0.11 -19.32
C ILE A 646 -40.12 0.49 -18.10
N ILE A 647 -40.10 1.78 -17.79
CA ILE A 647 -39.33 2.32 -16.70
C ILE A 647 -39.90 1.82 -15.42
N GLN A 648 -41.22 1.82 -15.32
CA GLN A 648 -41.86 1.41 -14.10
C GLN A 648 -41.64 -0.07 -13.84
N ALA A 649 -41.76 -0.91 -14.87
CA ALA A 649 -41.56 -2.32 -14.67
C ALA A 649 -40.13 -2.61 -14.25
N HIS A 650 -39.20 -1.85 -14.82
CA HIS A 650 -37.78 -1.99 -14.58
C HIS A 650 -37.35 -1.56 -13.16
N VAL A 651 -37.79 -0.40 -12.69
CA VAL A 651 -37.35 0.01 -11.35
C VAL A 651 -38.00 -0.87 -10.27
N ARG A 652 -39.17 -1.46 -10.56
CA ARG A 652 -39.83 -2.36 -9.61
C ARG A 652 -39.06 -3.66 -9.41
N ARG A 653 -38.08 -3.94 -10.26
CA ARG A 653 -37.22 -5.11 -10.18
C ARG A 653 -35.82 -4.68 -9.77
N ASN A 654 -35.74 -3.46 -9.22
CA ASN A 654 -34.54 -2.75 -8.80
C ASN A 654 -33.52 -2.44 -9.87
N GLY A 655 -33.99 -2.06 -11.06
CA GLY A 655 -33.09 -1.62 -12.09
C GLY A 655 -32.82 -0.13 -11.90
N ILE A 656 -32.07 0.44 -12.84
CA ILE A 656 -31.64 1.83 -12.82
C ILE A 656 -32.19 2.57 -14.02
N ALA A 657 -32.70 3.76 -13.79
CA ALA A 657 -33.20 4.56 -14.88
C ALA A 657 -32.96 6.03 -14.66
N ALA A 658 -32.88 6.78 -15.73
CA ALA A 658 -32.76 8.23 -15.61
C ALA A 658 -33.94 8.89 -16.26
N VAL A 659 -34.61 9.74 -15.51
CA VAL A 659 -35.78 10.40 -16.05
C VAL A 659 -35.77 11.88 -15.84
N TYR A 660 -36.54 12.56 -16.65
CA TYR A 660 -36.78 13.97 -16.43
C TYR A 660 -38.10 14.16 -15.70
N GLU A 661 -38.05 14.74 -14.49
CA GLU A 661 -39.25 14.92 -13.69
C GLU A 661 -39.20 16.19 -12.84
N SER A 662 -40.32 16.88 -12.72
CA SER A 662 -40.45 18.07 -11.87
C SER A 662 -39.37 19.12 -12.11
N GLY A 663 -38.90 19.26 -13.34
CA GLY A 663 -37.86 20.23 -13.66
C GLY A 663 -36.44 19.72 -13.41
N TYR A 664 -36.30 18.52 -12.89
CA TYR A 664 -35.02 17.91 -12.54
C TYR A 664 -34.61 16.72 -13.37
N LEU A 665 -33.32 16.58 -13.50
CA LEU A 665 -32.76 15.41 -14.10
C LEU A 665 -32.38 14.55 -12.92
N SER A 666 -32.98 13.37 -12.85
CA SER A 666 -32.78 12.49 -11.70
C SER A 666 -32.60 11.03 -12.05
N ILE A 667 -31.96 10.32 -11.13
CA ILE A 667 -31.71 8.91 -11.26
C ILE A 667 -32.53 8.08 -10.30
N LEU A 668 -33.22 7.11 -10.86
CA LEU A 668 -34.06 6.21 -10.11
C LEU A 668 -33.31 4.93 -9.88
N GLU A 669 -33.01 4.65 -8.63
CA GLU A 669 -32.26 3.45 -8.32
C GLU A 669 -33.12 2.62 -7.39
N GLY A 670 -33.85 1.68 -7.96
CA GLY A 670 -34.83 0.99 -7.16
C GLY A 670 -35.87 1.99 -6.65
N SER A 671 -36.11 1.97 -5.34
CA SER A 671 -37.08 2.86 -4.70
C SER A 671 -36.58 4.27 -4.39
N TRP A 672 -35.29 4.51 -4.52
CA TRP A 672 -34.73 5.81 -4.15
C TRP A 672 -34.53 6.73 -5.34
N THR A 673 -34.75 8.02 -5.13
CA THR A 673 -34.55 9.00 -6.19
C THR A 673 -33.39 9.91 -5.88
N LEU A 674 -32.49 10.06 -6.83
CA LEU A 674 -31.34 10.93 -6.71
C LEU A 674 -31.44 12.10 -7.65
N ARG A 675 -31.59 13.31 -7.15
CA ARG A 675 -31.70 14.43 -8.06
C ARG A 675 -30.31 14.95 -8.38
N VAL A 676 -30.01 15.16 -9.66
CA VAL A 676 -28.70 15.64 -10.01
C VAL A 676 -28.74 17.14 -10.11
N GLU A 677 -29.59 17.68 -11.00
CA GLU A 677 -29.68 19.13 -11.14
C GLU A 677 -30.98 19.55 -11.84
N GLN A 678 -31.23 20.85 -11.94
CA GLN A 678 -32.39 21.39 -12.65
C GLN A 678 -32.06 21.62 -14.09
N ALA A 679 -32.99 21.35 -14.99
CA ALA A 679 -32.69 21.52 -16.41
C ALA A 679 -32.32 22.96 -16.75
N LYS A 680 -32.95 23.92 -16.11
CA LYS A 680 -32.72 25.32 -16.43
C LYS A 680 -31.35 25.81 -16.00
N LEU A 681 -30.67 25.06 -15.13
CA LEU A 681 -29.37 25.48 -14.64
C LEU A 681 -28.24 24.75 -15.34
N ILE A 682 -28.54 23.97 -16.38
CA ILE A 682 -27.51 23.26 -17.11
C ILE A 682 -27.36 23.95 -18.48
N PRO A 683 -26.28 24.73 -18.73
CA PRO A 683 -26.07 25.59 -19.90
C PRO A 683 -26.24 25.00 -21.29
N MET A 684 -26.07 23.69 -21.47
CA MET A 684 -26.23 23.12 -22.81
C MET A 684 -27.68 23.15 -23.24
N THR A 685 -28.58 23.21 -22.28
CA THR A 685 -30.00 23.22 -22.58
C THR A 685 -30.40 24.66 -22.54
N MET A 686 -31.08 25.12 -23.57
CA MET A 686 -31.43 26.53 -23.65
C MET A 686 -32.51 26.95 -22.65
N GLY A 687 -32.16 26.97 -21.36
CA GLY A 687 -33.08 27.37 -20.30
C GLY A 687 -34.18 26.35 -20.07
N GLY A 688 -33.92 25.10 -20.41
CA GLY A 688 -34.92 24.05 -20.30
C GLY A 688 -35.84 23.96 -21.55
N MET A 689 -35.59 24.79 -22.58
CA MET A 689 -36.43 24.83 -23.80
C MET A 689 -36.03 23.92 -24.96
N ALA A 690 -35.05 23.05 -24.78
CA ALA A 690 -34.57 22.17 -25.84
C ALA A 690 -34.59 20.71 -25.40
N PRO A 691 -35.74 19.99 -25.49
CA PRO A 691 -35.98 18.63 -25.03
C PRO A 691 -34.96 17.62 -25.51
N PHE A 692 -34.43 17.84 -26.71
CA PHE A 692 -33.43 16.95 -27.28
C PHE A 692 -32.07 17.12 -26.60
N MET A 693 -31.82 18.28 -25.98
CA MET A 693 -30.58 18.49 -25.28
C MET A 693 -30.70 17.87 -23.91
N ILE A 694 -31.94 17.87 -23.39
CA ILE A 694 -32.18 17.27 -22.07
C ILE A 694 -31.98 15.79 -22.20
N ALA A 695 -32.52 15.18 -23.25
CA ALA A 695 -32.34 13.75 -23.46
C ALA A 695 -30.88 13.35 -23.63
N ASN A 696 -30.07 14.19 -24.30
CA ASN A 696 -28.66 13.88 -24.48
C ASN A 696 -27.95 13.95 -23.11
N ALA A 697 -28.33 14.93 -22.28
CA ALA A 697 -27.78 15.06 -20.94
C ALA A 697 -28.16 13.89 -20.04
N LEU A 698 -29.38 13.34 -20.17
CA LEU A 698 -29.77 12.20 -19.36
C LEU A 698 -28.94 10.99 -19.70
N ALA A 699 -28.68 10.77 -20.99
CA ALA A 699 -27.89 9.63 -21.42
C ALA A 699 -26.46 9.69 -20.89
N ALA A 700 -25.84 10.89 -20.91
CA ALA A 700 -24.48 11.05 -20.41
C ALA A 700 -24.41 10.87 -18.89
N CYS A 701 -25.41 11.36 -18.18
CA CYS A 701 -25.41 11.24 -16.72
C CYS A 701 -25.59 9.80 -16.29
N LEU A 702 -26.46 9.07 -16.99
CA LEU A 702 -26.71 7.69 -16.65
C LEU A 702 -25.49 6.84 -16.96
N ALA A 703 -24.80 7.06 -18.09
CA ALA A 703 -23.61 6.29 -18.41
C ALA A 703 -22.50 6.51 -17.36
N ALA A 704 -22.35 7.76 -16.91
CA ALA A 704 -21.35 8.08 -15.90
C ALA A 704 -21.66 7.41 -14.57
N PHE A 705 -22.95 7.37 -14.21
CA PHE A 705 -23.43 6.77 -12.97
C PHE A 705 -23.26 5.25 -12.94
N VAL A 706 -23.68 4.56 -14.00
CA VAL A 706 -23.60 3.10 -13.99
C VAL A 706 -22.17 2.61 -14.06
N ASN A 707 -21.26 3.44 -14.54
CA ASN A 707 -19.86 3.06 -14.57
C ASN A 707 -19.10 3.49 -13.31
N GLY A 708 -19.82 3.90 -12.26
CA GLY A 708 -19.19 4.21 -10.98
C GLY A 708 -18.86 5.64 -10.59
N LEU A 709 -19.24 6.68 -11.32
CA LEU A 709 -18.90 8.00 -10.82
C LEU A 709 -19.93 8.47 -9.80
N ASP A 710 -19.49 9.28 -8.85
CA ASP A 710 -20.37 9.85 -7.84
C ASP A 710 -21.24 10.95 -8.43
N VAL A 711 -22.35 11.22 -7.78
CA VAL A 711 -23.30 12.22 -8.21
C VAL A 711 -22.72 13.60 -8.15
N GLU A 712 -21.91 13.89 -7.14
CA GLU A 712 -21.36 15.24 -7.04
C GLU A 712 -20.44 15.54 -8.22
N VAL A 713 -19.72 14.53 -8.71
CA VAL A 713 -18.83 14.68 -9.86
C VAL A 713 -19.68 14.96 -11.09
N ILE A 714 -20.79 14.23 -11.23
CA ILE A 714 -21.68 14.40 -12.35
C ILE A 714 -22.27 15.82 -12.32
N ARG A 715 -22.68 16.33 -11.15
CA ARG A 715 -23.21 17.70 -11.06
C ARG A 715 -22.20 18.74 -11.46
N GLN A 716 -20.95 18.59 -11.03
CA GLN A 716 -19.93 19.54 -11.39
C GLN A 716 -19.73 19.57 -12.89
N GLY A 717 -19.74 18.37 -13.51
CA GLY A 717 -19.57 18.25 -14.94
C GLY A 717 -20.69 18.88 -15.74
N VAL A 718 -21.95 18.67 -15.37
CA VAL A 718 -23.00 19.25 -16.21
C VAL A 718 -23.06 20.76 -16.07
N ARG A 719 -22.79 21.29 -14.87
CA ARG A 719 -22.83 22.73 -14.60
C ARG A 719 -21.78 23.55 -15.33
N THR A 720 -20.61 23.00 -15.62
CA THR A 720 -19.55 23.76 -16.26
C THR A 720 -19.36 23.46 -17.73
N PHE A 721 -20.21 22.63 -18.32
CA PHE A 721 -20.05 22.26 -19.71
C PHE A 721 -20.61 23.31 -20.65
N THR A 722 -19.86 23.66 -21.70
CA THR A 722 -20.38 24.63 -22.64
C THR A 722 -20.33 24.13 -24.07
N THR A 723 -21.25 24.67 -24.86
CA THR A 723 -21.40 24.42 -26.29
C THR A 723 -21.56 25.77 -26.98
N SER A 724 -20.55 26.64 -26.90
CA SER A 724 -20.68 27.99 -27.43
C SER A 724 -20.43 28.02 -28.92
N ALA A 725 -20.72 29.16 -29.53
CA ALA A 725 -20.36 29.31 -30.90
C ALA A 725 -18.86 29.16 -30.94
N GLU A 726 -18.36 28.59 -32.02
CA GLU A 726 -16.96 28.29 -32.28
C GLU A 726 -16.40 27.14 -31.40
N GLN A 727 -17.25 26.49 -30.60
CA GLN A 727 -16.89 25.26 -29.90
C GLN A 727 -17.67 24.16 -30.58
N THR A 728 -18.94 24.46 -30.83
CA THR A 728 -19.85 23.56 -31.51
C THR A 728 -20.58 24.33 -32.61
N PRO A 729 -19.89 24.83 -33.64
CA PRO A 729 -20.49 25.65 -34.66
C PRO A 729 -21.50 24.82 -35.42
N GLY A 730 -22.65 25.41 -35.70
CA GLY A 730 -23.69 24.76 -36.47
C GLY A 730 -24.62 23.92 -35.62
N ARG A 731 -24.40 23.88 -34.31
CA ARG A 731 -25.24 23.07 -33.45
C ARG A 731 -25.91 23.94 -32.39
N MET A 732 -27.13 24.39 -32.65
CA MET A 732 -27.83 25.33 -31.77
C MET A 732 -27.04 26.58 -31.36
N ASN A 733 -26.56 27.37 -32.31
CA ASN A 733 -25.82 28.57 -31.94
C ASN A 733 -26.80 29.72 -31.85
N LEU A 734 -27.14 30.12 -30.64
CA LEU A 734 -28.16 31.17 -30.48
C LEU A 734 -27.48 32.50 -30.11
N PHE A 735 -27.62 33.46 -31.02
CA PHE A 735 -26.98 34.77 -30.96
C PHE A 735 -27.90 35.89 -30.48
N ASN A 736 -27.36 36.77 -29.64
CA ASN A 736 -28.02 37.95 -29.08
C ASN A 736 -27.62 39.23 -29.86
N LEU A 737 -28.57 39.83 -30.59
CA LEU A 737 -28.27 41.01 -31.42
C LEU A 737 -29.17 42.20 -31.10
N GLY A 738 -28.89 42.89 -30.01
CA GLY A 738 -29.76 43.97 -29.57
C GLY A 738 -31.12 43.38 -29.22
N GLN A 739 -32.21 44.00 -29.68
CA GLN A 739 -33.53 43.48 -29.36
C GLN A 739 -33.93 42.46 -30.41
N HIS A 740 -33.18 41.35 -30.47
CA HIS A 740 -33.34 40.31 -31.50
C HIS A 740 -32.49 39.08 -31.24
N HIS A 741 -32.98 37.90 -31.62
CA HIS A 741 -32.14 36.70 -31.52
C HIS A 741 -32.04 35.95 -32.86
N ALA A 742 -30.93 35.28 -33.09
CA ALA A 742 -30.80 34.47 -34.32
C ALA A 742 -30.22 33.10 -34.00
N LEU A 743 -30.74 32.07 -34.65
CA LEU A 743 -30.28 30.71 -34.37
C LEU A 743 -29.70 30.00 -35.57
N VAL A 744 -28.47 29.54 -35.45
CA VAL A 744 -27.87 28.78 -36.55
C VAL A 744 -27.74 27.33 -36.19
N ASP A 745 -28.24 26.48 -37.07
CA ASP A 745 -28.16 25.07 -36.85
C ASP A 745 -27.87 24.40 -38.18
N TYR A 746 -27.77 23.09 -38.20
CA TYR A 746 -27.45 22.41 -39.43
C TYR A 746 -28.17 21.08 -39.42
N ALA A 747 -29.50 21.16 -39.43
CA ALA A 747 -30.29 19.96 -39.36
C ALA A 747 -29.97 19.14 -40.59
N HIS A 748 -29.83 17.85 -40.39
CA HIS A 748 -29.49 16.94 -41.47
C HIS A 748 -30.65 16.08 -41.88
N ASN A 749 -31.06 15.14 -41.04
CA ASN A 749 -32.21 14.32 -41.35
C ASN A 749 -33.41 15.02 -40.73
N PRO A 750 -34.67 14.68 -41.09
CA PRO A 750 -35.90 15.26 -40.58
C PRO A 750 -36.02 15.34 -39.07
N ALA A 751 -35.40 14.43 -38.30
CA ALA A 751 -35.58 14.54 -36.86
C ALA A 751 -34.98 15.81 -36.33
N GLY A 752 -33.93 16.33 -37.00
CA GLY A 752 -33.29 17.53 -36.51
C GLY A 752 -34.07 18.79 -36.87
N TYR A 753 -35.01 18.66 -37.81
CA TYR A 753 -35.80 19.81 -38.20
C TYR A 753 -36.92 19.89 -37.19
N ARG A 754 -37.39 18.72 -36.77
CA ARG A 754 -38.42 18.66 -35.75
C ARG A 754 -37.83 19.10 -34.39
N ALA A 755 -36.60 18.68 -34.08
CA ALA A 755 -35.97 19.06 -32.82
C ALA A 755 -35.82 20.58 -32.70
N VAL A 756 -35.43 21.23 -33.80
CA VAL A 756 -35.32 22.68 -33.78
C VAL A 756 -36.72 23.27 -33.69
N GLY A 757 -37.69 22.72 -34.43
CA GLY A 757 -39.04 23.24 -34.38
C GLY A 757 -39.60 23.24 -32.96
N ASP A 758 -39.28 22.23 -32.13
CA ASP A 758 -39.79 22.25 -30.75
C ASP A 758 -39.13 23.37 -29.96
N PHE A 759 -37.84 23.62 -30.19
CA PHE A 759 -37.20 24.75 -29.54
C PHE A 759 -37.96 26.04 -29.87
N VAL A 760 -38.29 26.20 -31.15
CA VAL A 760 -39.03 27.37 -31.61
C VAL A 760 -40.40 27.49 -30.92
N LYS A 761 -41.13 26.38 -30.82
CA LYS A 761 -42.45 26.38 -30.17
C LYS A 761 -42.40 26.83 -28.71
N ASN A 762 -41.30 26.54 -28.01
CA ASN A 762 -41.15 26.89 -26.60
C ASN A 762 -40.68 28.33 -26.33
N TRP A 763 -40.34 29.08 -27.37
CA TRP A 763 -39.80 30.43 -27.22
C TRP A 763 -40.87 31.43 -26.79
N GLN A 764 -40.53 32.27 -25.82
CA GLN A 764 -41.48 33.23 -25.24
C GLN A 764 -41.43 34.66 -25.79
N GLY A 765 -40.69 34.86 -26.85
CA GLY A 765 -40.52 36.17 -27.48
C GLY A 765 -41.50 36.41 -28.64
N GLN A 766 -41.05 37.23 -29.59
CA GLN A 766 -41.88 37.66 -30.72
C GLN A 766 -41.79 36.74 -31.92
N ARG A 767 -42.48 37.07 -33.01
CA ARG A 767 -42.63 36.16 -34.14
C ARG A 767 -41.33 35.66 -34.74
N PHE A 768 -41.43 34.44 -35.26
CA PHE A 768 -40.33 33.73 -35.88
C PHE A 768 -40.36 33.60 -37.37
N GLY A 769 -39.18 33.60 -37.94
CA GLY A 769 -39.09 33.29 -39.33
C GLY A 769 -37.88 32.46 -39.63
N VAL A 770 -37.95 31.79 -40.76
CA VAL A 770 -36.87 30.93 -41.21
C VAL A 770 -36.34 31.35 -42.57
N VAL A 771 -35.02 31.36 -42.67
CA VAL A 771 -34.28 31.77 -43.87
C VAL A 771 -33.41 30.67 -44.45
N GLY A 772 -33.89 29.43 -44.47
CA GLY A 772 -33.11 28.32 -45.00
C GLY A 772 -33.94 27.05 -45.19
N GLY A 773 -33.25 25.93 -45.43
CA GLY A 773 -33.89 24.65 -45.73
C GLY A 773 -32.97 23.73 -46.58
N PRO A 774 -33.42 22.49 -46.87
CA PRO A 774 -32.69 21.41 -47.56
C PRO A 774 -32.32 21.57 -49.05
N GLY A 775 -31.16 21.01 -49.38
CA GLY A 775 -30.61 21.04 -50.73
C GLY A 775 -30.92 19.85 -51.63
N ASP A 776 -30.13 19.77 -52.68
CA ASP A 776 -30.18 18.86 -53.83
C ASP A 776 -30.02 17.39 -53.56
N ARG A 777 -29.34 17.05 -52.50
CA ARG A 777 -29.09 15.67 -52.15
C ARG A 777 -30.28 15.01 -51.43
N ARG A 778 -31.34 15.77 -51.15
CA ARG A 778 -32.47 15.21 -50.45
C ARG A 778 -33.36 14.41 -51.40
N ASP A 779 -33.74 13.18 -51.03
CA ASP A 779 -34.53 12.34 -51.95
C ASP A 779 -36.03 12.62 -51.87
N SER A 780 -36.41 13.81 -52.34
CA SER A 780 -37.80 14.30 -52.38
C SER A 780 -38.52 14.36 -51.02
N ASP A 781 -37.75 14.40 -49.94
CA ASP A 781 -38.28 14.48 -48.56
C ASP A 781 -38.45 15.95 -48.23
N LEU A 782 -38.21 16.75 -49.22
CA LEU A 782 -38.28 18.16 -49.27
C LEU A 782 -39.69 18.64 -49.02
N ILE A 783 -40.68 17.88 -49.49
CA ILE A 783 -42.02 18.33 -49.20
C ILE A 783 -42.28 18.18 -47.71
N GLU A 784 -41.92 17.02 -47.13
CA GLU A 784 -42.12 16.84 -45.70
C GLU A 784 -41.35 17.87 -44.90
N LEU A 785 -40.14 18.22 -45.33
CA LEU A 785 -39.38 19.21 -44.58
C LEU A 785 -40.05 20.60 -44.67
N GLY A 786 -40.60 20.97 -45.83
CA GLY A 786 -41.31 22.25 -45.98
C GLY A 786 -42.52 22.30 -45.02
N GLN A 787 -43.12 21.14 -44.81
CA GLN A 787 -44.26 20.95 -43.93
C GLN A 787 -43.88 21.07 -42.44
N ILE A 788 -42.58 21.05 -42.10
CA ILE A 788 -42.15 21.20 -40.72
C ILE A 788 -42.08 22.68 -40.44
N ALA A 789 -41.52 23.45 -41.38
CA ALA A 789 -41.46 24.90 -41.17
C ALA A 789 -42.89 25.44 -41.02
N ALA A 790 -43.81 24.84 -41.78
CA ALA A 790 -45.19 25.24 -41.72
C ALA A 790 -45.71 25.00 -40.32
N GLN A 791 -46.45 25.97 -39.79
CA GLN A 791 -47.05 25.91 -38.45
C GLN A 791 -46.02 25.95 -37.30
N VAL A 792 -44.77 26.22 -37.63
CA VAL A 792 -43.71 26.44 -36.67
C VAL A 792 -43.29 27.90 -36.77
N PHE A 793 -43.11 28.35 -38.00
CA PHE A 793 -42.70 29.70 -38.32
C PHE A 793 -43.85 30.56 -38.83
N ASP A 794 -43.79 31.87 -38.57
CA ASP A 794 -44.78 32.85 -39.00
C ASP A 794 -44.42 33.36 -40.39
N ARG A 795 -43.12 33.44 -40.65
CA ARG A 795 -42.51 33.87 -41.91
C ARG A 795 -41.65 32.75 -42.45
N ILE A 796 -41.96 32.25 -43.64
CA ILE A 796 -41.17 31.13 -44.14
C ILE A 796 -40.64 31.45 -45.52
N ILE A 797 -39.32 31.52 -45.65
CA ILE A 797 -38.77 31.92 -46.94
C ILE A 797 -37.91 30.84 -47.53
N VAL A 798 -38.06 30.57 -48.82
CA VAL A 798 -37.21 29.59 -49.46
C VAL A 798 -35.94 30.27 -50.02
N LYS A 799 -34.81 29.67 -49.68
CA LYS A 799 -33.44 30.09 -50.04
C LYS A 799 -32.77 29.01 -50.84
N GLU A 800 -33.49 27.95 -51.13
CA GLU A 800 -32.85 26.75 -51.65
C GLU A 800 -32.60 26.71 -53.14
N ASP A 801 -31.65 27.55 -53.52
CA ASP A 801 -31.13 27.73 -54.86
C ASP A 801 -29.67 28.07 -54.63
N ASP A 802 -28.95 27.12 -54.02
CA ASP A 802 -27.59 27.31 -53.54
C ASP A 802 -26.56 27.14 -54.64
N ASP A 803 -25.28 27.18 -54.30
CA ASP A 803 -24.24 27.06 -55.31
C ASP A 803 -23.92 25.63 -55.67
N LYS A 804 -24.13 24.70 -54.73
CA LYS A 804 -23.74 23.32 -54.97
C LYS A 804 -24.46 22.78 -56.20
N ARG A 805 -25.80 22.96 -56.25
CA ARG A 805 -26.57 22.56 -57.43
C ARG A 805 -26.19 21.19 -57.97
N GLY A 806 -26.19 20.16 -57.12
CA GLY A 806 -25.77 18.82 -57.55
C GLY A 806 -26.60 18.33 -58.72
N ARG A 807 -27.87 18.71 -58.75
CA ARG A 807 -28.75 18.36 -59.84
C ARG A 807 -29.56 19.60 -60.17
N SER A 808 -29.66 19.91 -61.47
CA SER A 808 -30.44 21.04 -61.96
C SER A 808 -30.12 22.37 -61.29
N GLU A 809 -31.17 23.08 -60.90
CA GLU A 809 -31.07 24.39 -60.26
C GLU A 809 -31.83 24.36 -58.93
N GLY A 810 -32.52 25.46 -58.57
CA GLY A 810 -33.23 25.59 -57.29
C GLY A 810 -34.57 24.87 -57.22
N GLU A 811 -34.51 23.58 -57.51
CA GLU A 811 -35.68 22.74 -57.52
C GLU A 811 -36.12 22.45 -56.11
N THR A 812 -35.19 22.48 -55.15
CA THR A 812 -35.66 22.14 -53.85
C THR A 812 -36.45 23.33 -53.31
N ALA A 813 -36.07 24.57 -53.64
CA ALA A 813 -36.90 25.69 -53.16
C ALA A 813 -38.33 25.55 -53.64
N ASP A 814 -38.51 25.06 -54.88
CA ASP A 814 -39.87 24.86 -55.38
C ASP A 814 -40.61 23.71 -54.63
N LEU A 815 -39.93 22.59 -54.38
CA LEU A 815 -40.57 21.48 -53.65
C LEU A 815 -40.86 21.81 -52.19
N ILE A 816 -39.98 22.58 -51.58
CA ILE A 816 -40.09 22.97 -50.20
C ILE A 816 -41.28 23.89 -50.07
N VAL A 817 -41.43 24.89 -50.95
CA VAL A 817 -42.58 25.78 -50.83
C VAL A 817 -43.87 25.03 -51.07
N LYS A 818 -43.89 24.00 -51.92
CA LYS A 818 -45.13 23.27 -52.04
C LYS A 818 -45.50 22.71 -50.65
N GLY A 819 -44.53 22.14 -49.92
CA GLY A 819 -44.81 21.62 -48.57
C GLY A 819 -45.24 22.72 -47.59
N ILE A 820 -44.62 23.89 -47.70
CA ILE A 820 -44.93 24.99 -46.80
C ILE A 820 -46.35 25.44 -46.98
N LEU A 821 -46.73 25.61 -48.24
CA LEU A 821 -48.03 26.08 -48.64
C LEU A 821 -49.11 25.08 -48.27
N GLN A 822 -48.86 23.78 -48.45
CA GLN A 822 -49.88 22.81 -48.11
C GLN A 822 -50.28 22.86 -46.63
N GLU A 823 -49.31 23.03 -45.73
CA GLU A 823 -49.62 23.07 -44.30
C GLU A 823 -49.86 24.45 -43.67
N ASN A 824 -49.22 25.52 -44.17
CA ASN A 824 -49.40 26.84 -43.59
C ASN A 824 -49.44 27.93 -44.64
N PRO A 825 -50.41 27.89 -45.57
CA PRO A 825 -50.51 28.80 -46.67
C PRO A 825 -50.76 30.13 -46.04
N GLY A 826 -50.21 31.19 -46.59
CA GLY A 826 -50.45 32.50 -46.00
C GLY A 826 -49.27 32.92 -45.14
N ALA A 827 -48.32 32.00 -44.92
CA ALA A 827 -47.12 32.33 -44.17
C ALA A 827 -46.48 33.50 -44.88
N SER A 828 -45.87 34.40 -44.13
CA SER A 828 -45.28 35.55 -44.78
C SER A 828 -44.15 35.14 -45.73
N TYR A 829 -44.08 35.84 -46.88
CA TYR A 829 -43.04 35.63 -47.89
C TYR A 829 -42.84 34.21 -48.44
N GLU A 830 -43.89 33.50 -48.89
CA GLU A 830 -43.70 32.14 -49.45
C GLU A 830 -43.22 32.23 -50.92
N VAL A 831 -42.05 32.83 -51.05
CA VAL A 831 -41.34 33.14 -52.27
C VAL A 831 -39.87 32.80 -52.16
N ILE A 832 -39.16 32.79 -53.27
CA ILE A 832 -37.71 32.67 -53.21
C ILE A 832 -37.17 34.08 -53.21
N LEU A 833 -36.39 34.43 -52.19
CA LEU A 833 -35.88 35.83 -52.18
C LEU A 833 -34.45 36.00 -52.65
N ASP A 834 -33.61 35.02 -52.40
CA ASP A 834 -32.21 35.10 -52.79
C ASP A 834 -31.55 33.75 -52.79
N GLU A 835 -30.30 33.74 -53.20
CA GLU A 835 -29.43 32.60 -53.10
C GLU A 835 -28.70 32.65 -51.73
N THR A 836 -28.17 33.84 -51.36
CA THR A 836 -27.39 33.99 -50.12
C THR A 836 -27.76 35.19 -49.21
N ILE A 837 -26.97 36.25 -49.38
CA ILE A 837 -26.89 37.44 -48.55
C ILE A 837 -28.12 38.33 -48.44
N ALA A 838 -28.98 38.38 -49.46
CA ALA A 838 -30.13 39.26 -49.35
C ALA A 838 -31.22 38.62 -48.52
N LEU A 839 -31.05 37.33 -48.17
CA LEU A 839 -32.04 36.68 -47.35
C LEU A 839 -31.52 36.42 -45.95
N ASN A 840 -30.28 35.95 -45.80
CA ASN A 840 -29.79 35.76 -44.42
C ASN A 840 -29.21 37.06 -43.90
N LYS A 841 -30.08 38.06 -43.89
CA LYS A 841 -29.87 39.39 -43.38
C LYS A 841 -31.22 39.76 -42.82
N ALA A 842 -32.21 38.88 -43.07
CA ALA A 842 -33.61 39.16 -42.80
C ALA A 842 -33.95 39.01 -41.34
N LEU A 843 -33.27 39.86 -40.58
CA LEU A 843 -33.37 40.07 -39.17
C LEU A 843 -34.16 41.34 -39.22
N ASP A 844 -34.02 42.00 -40.39
CA ASP A 844 -34.67 43.29 -40.65
C ASP A 844 -36.14 43.11 -41.06
N GLN A 845 -36.59 41.86 -41.08
CA GLN A 845 -37.97 41.46 -41.34
C GLN A 845 -38.65 41.00 -40.05
N VAL A 846 -37.98 41.15 -38.90
CA VAL A 846 -38.47 40.68 -37.62
C VAL A 846 -38.58 41.81 -36.59
N GLU A 847 -39.68 41.84 -35.83
CA GLU A 847 -39.88 42.87 -34.82
C GLU A 847 -39.01 42.64 -33.58
N GLU A 848 -39.11 43.57 -32.62
CA GLU A 848 -38.25 43.51 -31.45
C GLU A 848 -38.46 42.24 -30.66
N LYS A 849 -37.32 41.64 -30.35
CA LYS A 849 -37.15 40.39 -29.62
C LYS A 849 -37.78 39.17 -30.30
N GLY A 850 -37.84 39.18 -31.64
CA GLY A 850 -38.32 38.03 -32.39
C GLY A 850 -37.11 37.19 -32.74
N LEU A 851 -37.27 36.17 -33.60
CA LEU A 851 -36.11 35.33 -33.87
C LEU A 851 -35.98 34.83 -35.33
N VAL A 852 -34.75 34.86 -35.85
CA VAL A 852 -34.43 34.31 -37.18
C VAL A 852 -33.72 32.97 -37.11
N VAL A 853 -34.33 31.94 -37.68
CA VAL A 853 -33.75 30.59 -37.67
C VAL A 853 -33.11 30.31 -39.02
N VAL A 854 -31.87 29.87 -38.98
CA VAL A 854 -31.14 29.64 -40.20
C VAL A 854 -30.81 28.14 -40.36
N PHE A 855 -31.15 27.61 -41.53
CA PHE A 855 -30.84 26.22 -41.92
C PHE A 855 -30.07 26.33 -43.24
N PRO A 856 -28.79 26.70 -43.18
CA PRO A 856 -27.94 27.10 -44.28
C PRO A 856 -27.42 25.92 -45.05
N GLU A 857 -26.91 26.19 -46.24
CA GLU A 857 -26.15 25.21 -46.99
C GLU A 857 -24.76 25.00 -46.38
N SER A 858 -24.31 26.01 -45.63
CA SER A 858 -23.01 26.07 -44.99
C SER A 858 -23.05 26.91 -43.71
N VAL A 859 -22.54 26.34 -42.62
CA VAL A 859 -22.54 27.01 -41.33
C VAL A 859 -21.66 28.24 -41.30
N THR A 860 -20.47 28.17 -41.91
CA THR A 860 -19.59 29.33 -41.86
C THR A 860 -20.30 30.56 -42.42
N ARG A 861 -20.99 30.41 -43.55
CA ARG A 861 -21.69 31.56 -44.08
C ARG A 861 -22.80 31.99 -43.13
N ALA A 862 -23.51 31.03 -42.56
CA ALA A 862 -24.63 31.34 -41.70
C ALA A 862 -24.26 32.18 -40.50
N ILE A 863 -23.10 31.89 -39.90
CA ILE A 863 -22.64 32.62 -38.74
C ILE A 863 -21.92 33.91 -39.12
N ASP A 864 -21.14 33.91 -40.21
CA ASP A 864 -20.43 35.12 -40.57
C ASP A 864 -21.39 36.23 -41.01
N LEU A 865 -22.57 35.85 -41.52
CA LEU A 865 -23.57 36.84 -41.91
C LEU A 865 -24.36 37.35 -40.70
N ILE A 866 -24.07 36.81 -39.51
CA ILE A 866 -24.63 37.30 -38.27
C ILE A 866 -23.59 38.24 -37.67
N LYS A 867 -22.32 37.84 -37.72
CA LYS A 867 -21.22 38.66 -37.16
C LYS A 867 -21.19 40.06 -37.81
N VAL A 868 -21.51 40.11 -39.09
CA VAL A 868 -21.54 41.34 -39.88
C VAL A 868 -22.68 42.28 -39.41
N ARG A 869 -23.63 41.75 -38.64
CA ARG A 869 -24.78 42.49 -38.14
C ARG A 869 -24.47 43.07 -36.76
N ASN A 870 -23.24 42.90 -36.28
CA ASN A 870 -22.78 43.39 -34.98
C ASN A 870 -23.53 42.82 -33.78
N PRO A 871 -23.44 41.51 -33.50
CA PRO A 871 -24.08 40.81 -32.41
C PRO A 871 -23.39 41.22 -31.13
N ILE A 872 -24.09 41.06 -30.01
CA ILE A 872 -23.55 41.37 -28.70
C ILE A 872 -22.82 40.16 -28.15
N GLY A 873 -23.43 39.00 -28.27
CA GLY A 873 -22.84 37.79 -27.70
C GLY A 873 -23.81 36.63 -27.68
N GLU A 874 -23.51 35.65 -26.83
CA GLU A 874 -24.35 34.45 -26.69
C GLU A 874 -25.67 34.87 -26.07
N ASN A 875 -26.76 34.25 -26.52
CA ASN A 875 -28.13 34.46 -26.03
C ASN A 875 -28.22 35.01 -24.60
N MET B 1 68.30 4.51 -1.05
CA MET B 1 66.98 4.34 -0.46
C MET B 1 66.22 3.25 -1.21
N LYS B 2 66.07 2.11 -0.56
CA LYS B 2 65.41 0.96 -1.17
C LYS B 2 63.97 0.81 -0.72
N ILE B 3 63.06 0.57 -1.66
CA ILE B 3 61.68 0.34 -1.27
C ILE B 3 61.49 -1.14 -1.04
N LEU B 4 61.03 -1.50 0.15
CA LEU B 4 60.88 -2.89 0.53
C LEU B 4 59.47 -3.41 0.30
N LYS B 5 58.48 -2.56 0.57
CA LYS B 5 57.08 -2.97 0.47
C LYS B 5 56.12 -1.83 0.17
N THR B 6 55.12 -2.06 -0.67
CA THR B 6 54.12 -1.02 -0.91
C THR B 6 52.69 -1.54 -0.71
N LEU B 7 51.89 -0.80 0.07
CA LEU B 7 50.48 -1.12 0.26
C LEU B 7 49.58 -0.02 -0.25
N THR B 8 48.46 -0.39 -0.86
CA THR B 8 47.49 0.59 -1.30
C THR B 8 46.23 0.42 -0.46
N LEU B 9 45.81 1.48 0.21
CA LEU B 9 44.65 1.40 1.06
C LEU B 9 43.46 2.07 0.39
N ARG B 10 42.32 1.42 0.47
CA ARG B 10 41.08 1.93 -0.11
C ARG B 10 39.90 1.85 0.83
N GLY B 11 39.82 2.75 1.79
CA GLY B 11 38.76 2.71 2.78
C GLY B 11 39.32 3.13 4.12
N PRO B 12 38.49 3.31 5.17
CA PRO B 12 38.86 3.73 6.51
C PRO B 12 39.93 2.80 7.00
N ASN B 13 40.91 3.37 7.65
CA ASN B 13 42.05 2.61 8.05
C ASN B 13 42.73 3.13 9.30
N TYR B 14 43.82 2.48 9.63
CA TYR B 14 44.68 2.76 10.76
C TYR B 14 45.25 4.19 10.76
N TRP B 15 45.64 4.71 9.60
CA TRP B 15 46.27 6.02 9.52
C TRP B 15 45.24 7.14 9.56
N SER B 16 44.09 6.89 8.95
CA SER B 16 43.00 7.85 8.91
C SER B 16 41.65 7.24 8.59
N ILE B 17 40.60 7.76 9.20
CA ILE B 17 39.23 7.32 8.87
C ILE B 17 38.73 8.01 7.61
N ARG B 18 38.96 9.32 7.51
CA ARG B 18 38.52 10.10 6.35
C ARG B 18 39.46 9.99 5.13
N ARG B 19 40.76 9.82 5.35
CA ARG B 19 41.66 9.76 4.21
C ARG B 19 41.72 8.31 3.78
N LYS B 20 40.75 7.98 2.94
CA LYS B 20 40.50 6.64 2.44
C LYS B 20 41.53 6.16 1.42
N LYS B 21 42.06 7.08 0.61
CA LYS B 21 43.01 6.75 -0.45
C LYS B 21 44.46 7.04 -0.12
N LEU B 22 45.16 6.04 0.40
CA LEU B 22 46.53 6.23 0.85
C LEU B 22 47.49 5.17 0.34
N ILE B 23 48.73 5.56 0.13
CA ILE B 23 49.80 4.64 -0.20
C ILE B 23 50.79 4.61 0.93
N VAL B 24 51.07 3.41 1.39
CA VAL B 24 52.01 3.24 2.47
C VAL B 24 53.23 2.54 1.94
N MET B 25 54.35 3.24 1.98
CA MET B 25 55.58 2.73 1.45
C MET B 25 56.57 2.44 2.57
N ARG B 26 57.14 1.24 2.55
CA ARG B 26 58.13 0.85 3.54
C ARG B 26 59.51 1.08 2.91
N LEU B 27 60.18 2.12 3.37
CA LEU B 27 61.43 2.58 2.76
C LEU B 27 62.63 2.36 3.69
N ASP B 28 63.65 1.69 3.15
CA ASP B 28 64.87 1.35 3.86
C ASP B 28 66.01 2.34 3.59
N LEU B 29 66.29 3.21 4.56
CA LEU B 29 67.29 4.23 4.35
C LEU B 29 68.67 3.69 4.69
N GLU B 30 69.23 2.93 3.75
CA GLU B 30 70.51 2.25 3.92
C GLU B 30 71.60 3.29 4.19
N ASP B 31 71.50 4.39 3.46
CA ASP B 31 72.31 5.59 3.58
C ASP B 31 71.37 6.63 4.14
N LEU B 32 71.83 7.83 4.38
CA LEU B 32 70.99 8.97 4.75
C LEU B 32 70.38 8.93 6.16
N ALA B 33 70.10 7.74 6.69
CA ALA B 33 69.56 7.54 8.04
C ALA B 33 70.54 8.07 9.08
N GLU B 34 71.80 8.14 8.70
CA GLU B 34 72.88 8.64 9.54
C GLU B 34 73.34 10.05 9.11
N ARG B 35 72.67 10.66 8.14
CA ARG B 35 73.07 11.95 7.58
C ARG B 35 71.92 12.97 7.46
N PRO B 36 71.56 13.70 8.52
CA PRO B 36 70.41 14.59 8.58
C PRO B 36 70.60 15.91 7.84
N SER B 37 70.77 15.82 6.51
CA SER B 37 70.92 16.94 5.56
C SER B 37 72.17 17.80 5.68
N ASN B 38 72.54 18.19 6.89
CA ASN B 38 73.70 19.02 7.13
C ASN B 38 74.99 18.26 6.87
N SER B 39 74.83 16.97 6.66
CA SER B 39 75.85 16.00 6.34
C SER B 39 75.83 15.64 4.84
N ILE B 40 74.98 16.34 4.09
CA ILE B 40 74.80 16.16 2.66
C ILE B 40 74.92 17.54 1.99
N PRO B 41 76.14 18.03 1.72
CA PRO B 41 76.37 19.37 1.22
C PRO B 41 75.62 19.63 -0.06
N GLY B 42 75.00 20.80 -0.14
CA GLY B 42 74.25 21.23 -1.32
C GLY B 42 72.79 20.78 -1.33
N PHE B 43 72.38 19.93 -0.37
CA PHE B 43 71.02 19.43 -0.38
C PHE B 43 69.99 20.31 0.30
N TYR B 44 69.86 21.49 -0.25
CA TYR B 44 68.88 22.48 0.13
C TYR B 44 68.61 23.25 -1.11
N GLU B 45 69.68 23.84 -1.65
CA GLU B 45 69.61 24.61 -2.87
C GLU B 45 69.26 23.69 -4.04
N GLY B 46 69.85 22.48 -4.07
CA GLY B 46 69.55 21.54 -5.13
C GLY B 46 68.08 21.14 -5.09
N LEU B 47 67.56 20.82 -3.91
CA LEU B 47 66.19 20.37 -3.84
C LEU B 47 65.21 21.47 -4.22
N ILE B 48 65.46 22.69 -3.78
CA ILE B 48 64.53 23.75 -4.13
C ILE B 48 64.67 24.17 -5.59
N LYS B 49 65.87 24.22 -6.17
CA LYS B 49 65.90 24.65 -7.56
C LYS B 49 65.24 23.63 -8.49
N VAL B 50 65.25 22.33 -8.12
CA VAL B 50 64.61 21.29 -8.92
C VAL B 50 63.10 21.39 -8.78
N LEU B 51 62.63 21.56 -7.53
CA LEU B 51 61.21 21.65 -7.23
C LEU B 51 60.90 22.95 -6.45
N PRO B 52 60.92 24.13 -7.10
CA PRO B 52 60.81 25.46 -6.51
C PRO B 52 59.50 25.74 -5.82
N SER B 53 58.51 24.92 -6.10
CA SER B 53 57.18 25.03 -5.52
C SER B 53 57.10 24.53 -4.07
N LEU B 54 58.15 23.85 -3.57
CA LEU B 54 58.10 23.27 -2.22
C LEU B 54 58.27 24.27 -1.09
N VAL B 55 57.40 25.28 -1.07
CA VAL B 55 57.33 26.33 -0.05
C VAL B 55 55.93 26.28 0.50
N GLU B 56 55.08 25.58 -0.23
CA GLU B 56 53.68 25.50 0.16
C GLU B 56 53.44 24.36 1.13
N HIS B 57 54.53 23.71 1.49
CA HIS B 57 54.54 22.60 2.41
C HIS B 57 54.87 23.08 3.81
N PHE B 58 53.99 22.67 4.71
CA PHE B 58 53.98 22.98 6.14
C PHE B 58 54.36 21.70 6.85
N CYS B 59 54.97 21.79 8.01
CA CYS B 59 55.28 20.58 8.75
C CYS B 59 54.86 20.80 10.17
N SER B 60 55.74 20.50 11.13
CA SER B 60 55.39 20.83 12.49
C SER B 60 55.18 22.34 12.60
N PRO B 61 56.04 23.22 12.00
CA PRO B 61 55.80 24.63 11.96
C PRO B 61 54.61 24.86 11.04
N GLY B 62 53.58 25.52 11.55
CA GLY B 62 52.37 25.80 10.78
C GLY B 62 52.50 27.06 9.93
N TYR B 63 53.53 27.08 9.10
CA TYR B 63 53.85 28.27 8.32
C TYR B 63 54.15 27.95 6.87
N GLN B 64 53.92 28.92 5.99
CA GLN B 64 54.31 28.79 4.60
C GLN B 64 55.82 28.74 4.65
N GLY B 65 56.42 27.77 3.98
CA GLY B 65 57.85 27.62 4.02
C GLY B 65 58.28 26.83 5.25
N GLY B 66 57.33 26.31 6.05
CA GLY B 66 57.64 25.56 7.27
C GLY B 66 58.50 24.35 6.95
N PHE B 67 58.26 23.73 5.79
CA PHE B 67 59.09 22.63 5.35
C PHE B 67 60.51 23.14 5.14
N LEU B 68 60.64 24.24 4.40
CA LEU B 68 61.93 24.81 4.04
C LEU B 68 62.64 25.51 5.19
N GLU B 69 61.95 25.71 6.32
CA GLU B 69 62.59 26.24 7.52
C GLU B 69 63.55 25.16 8.02
N ARG B 70 63.29 23.92 7.63
CA ARG B 70 64.10 22.78 7.96
C ARG B 70 64.76 22.35 6.66
N VAL B 71 64.75 21.07 6.32
CA VAL B 71 65.45 20.49 5.16
C VAL B 71 66.97 20.59 5.36
N LYS B 72 67.52 21.81 5.55
CA LYS B 72 68.95 22.06 5.80
C LYS B 72 69.38 21.50 7.16
N GLU B 73 68.38 21.39 8.02
CA GLU B 73 68.45 20.80 9.34
C GLU B 73 67.55 19.61 9.08
N GLY B 74 68.14 18.47 8.78
CA GLY B 74 67.33 17.43 8.21
C GLY B 74 66.47 16.63 9.11
N THR B 75 65.68 15.84 8.42
CA THR B 75 64.68 14.95 8.91
C THR B 75 64.99 13.50 8.51
N TYR B 76 66.24 13.26 8.08
CA TYR B 76 66.67 11.93 7.64
C TYR B 76 65.81 11.38 6.54
N MET B 77 65.44 12.23 5.60
CA MET B 77 64.62 11.94 4.43
C MET B 77 63.15 11.62 4.74
N GLY B 78 62.73 11.76 6.00
CA GLY B 78 61.31 11.66 6.30
C GLY B 78 60.92 13.01 5.83
N HIS B 79 59.66 13.32 5.61
CA HIS B 79 59.29 14.64 5.10
C HIS B 79 59.76 14.89 3.65
N ILE B 80 61.01 14.72 3.33
CA ILE B 80 61.47 14.99 2.01
C ILE B 80 60.93 14.00 0.99
N VAL B 81 61.00 12.69 1.23
CA VAL B 81 60.44 11.80 0.22
C VAL B 81 58.92 11.98 0.16
N GLU B 82 58.31 12.12 1.33
CA GLU B 82 56.88 12.35 1.50
C GLU B 82 56.38 13.59 0.78
N HIS B 83 57.06 14.72 0.94
CA HIS B 83 56.64 15.98 0.33
C HIS B 83 56.92 15.99 -1.15
N VAL B 84 58.00 15.34 -1.58
CA VAL B 84 58.24 15.28 -3.00
C VAL B 84 57.18 14.44 -3.68
N ALA B 85 56.79 13.27 -3.12
CA ALA B 85 55.75 12.48 -3.79
C ALA B 85 54.46 13.29 -3.87
N LEU B 86 54.13 14.06 -2.84
CA LEU B 86 52.91 14.86 -2.89
C LEU B 86 53.04 15.98 -3.91
N GLU B 87 54.20 16.63 -4.00
CA GLU B 87 54.35 17.73 -4.95
C GLU B 87 54.36 17.22 -6.39
N LEU B 88 54.97 16.08 -6.66
CA LEU B 88 55.00 15.61 -8.03
C LEU B 88 53.58 15.35 -8.51
N GLN B 89 52.70 14.84 -7.63
CA GLN B 89 51.32 14.65 -8.03
C GLN B 89 50.60 16.00 -8.22
N GLU B 90 50.88 16.98 -7.35
CA GLU B 90 50.22 18.27 -7.40
C GLU B 90 50.57 19.01 -8.72
N LEU B 91 51.80 18.84 -9.19
CA LEU B 91 52.29 19.48 -10.43
C LEU B 91 51.54 19.08 -11.68
N VAL B 92 50.83 17.96 -11.66
CA VAL B 92 50.08 17.53 -12.82
C VAL B 92 48.57 17.57 -12.58
N GLY B 93 48.16 18.19 -11.47
CA GLY B 93 46.74 18.30 -11.13
C GLY B 93 46.16 17.19 -10.25
N MET B 94 46.96 16.26 -9.76
CA MET B 94 46.43 15.19 -8.92
C MET B 94 46.56 15.95 -7.63
N THR B 95 45.43 16.38 -7.08
CA THR B 95 45.43 17.26 -5.92
C THR B 95 45.44 16.44 -4.63
N ALA B 96 46.60 16.39 -3.97
CA ALA B 96 46.71 15.64 -2.68
C ALA B 96 47.70 16.18 -1.64
N GLY B 97 47.26 16.45 -0.41
CA GLY B 97 48.21 16.84 0.62
C GLY B 97 48.44 16.15 1.96
N PHE B 98 47.66 15.12 2.28
CA PHE B 98 47.91 14.39 3.51
C PHE B 98 49.13 13.50 3.44
N GLY B 99 49.90 13.49 4.52
CA GLY B 99 50.98 12.54 4.63
C GLY B 99 51.61 12.52 6.02
N ARG B 100 52.29 11.40 6.29
CA ARG B 100 52.95 11.12 7.56
C ARG B 100 54.21 10.25 7.42
N THR B 101 55.15 10.41 8.34
CA THR B 101 56.30 9.50 8.41
C THR B 101 56.49 8.95 9.84
N ARG B 102 56.70 7.63 9.94
CA ARG B 102 56.97 6.96 11.22
C ARG B 102 58.09 5.93 11.14
N GLU B 103 58.98 5.90 12.12
CA GLU B 103 60.05 4.90 12.08
C GLU B 103 59.54 3.57 12.61
N THR B 104 59.90 2.49 11.95
CA THR B 104 59.56 1.13 12.31
C THR B 104 60.74 0.20 12.32
N SER B 105 60.48 -1.08 12.63
CA SER B 105 61.50 -2.12 12.60
C SER B 105 62.79 -1.72 13.27
N THR B 106 63.89 -2.02 12.59
CA THR B 106 65.20 -1.63 13.03
C THR B 106 65.41 -0.18 12.59
N PRO B 107 66.36 0.56 13.17
CA PRO B 107 66.61 1.93 12.81
C PRO B 107 66.88 2.05 11.32
N GLY B 108 66.32 3.09 10.73
CA GLY B 108 66.48 3.36 9.30
C GLY B 108 65.30 2.92 8.44
N VAL B 109 64.40 2.09 8.96
CA VAL B 109 63.26 1.70 8.13
C VAL B 109 62.04 2.52 8.48
N TYR B 110 61.50 3.22 7.50
CA TYR B 110 60.37 4.10 7.74
C TYR B 110 59.13 3.81 6.95
N ASN B 111 58.00 4.10 7.55
CA ASN B 111 56.73 4.06 6.86
C ASN B 111 56.36 5.42 6.37
N VAL B 112 56.33 5.56 5.06
CA VAL B 112 56.03 6.81 4.39
C VAL B 112 54.60 6.72 3.88
N VAL B 113 53.73 7.58 4.38
CA VAL B 113 52.34 7.51 4.02
C VAL B 113 51.91 8.75 3.29
N TYR B 114 51.34 8.59 2.11
CA TYR B 114 50.85 9.76 1.39
C TYR B 114 49.55 9.50 0.65
N GLU B 115 48.80 10.57 0.45
CA GLU B 115 47.54 10.60 -0.27
C GLU B 115 47.66 10.51 -1.78
N TYR B 116 46.71 9.80 -2.41
CA TYR B 116 46.67 9.70 -3.87
C TYR B 116 45.28 10.00 -4.42
N VAL B 117 45.25 10.35 -5.70
CA VAL B 117 43.98 10.55 -6.42
C VAL B 117 43.73 9.35 -7.33
N ASP B 118 44.71 9.06 -8.17
CA ASP B 118 44.74 7.90 -9.04
C ASP B 118 45.72 6.91 -8.48
N GLU B 119 45.33 5.67 -8.41
CA GLU B 119 46.14 4.61 -7.85
C GLU B 119 47.49 4.38 -8.50
N GLN B 120 47.59 4.47 -9.84
CA GLN B 120 48.86 4.18 -10.47
C GLN B 120 49.71 5.41 -10.49
N ALA B 121 49.07 6.57 -10.64
CA ALA B 121 49.82 7.81 -10.61
C ALA B 121 50.46 7.99 -9.23
N GLY B 122 49.73 7.57 -8.18
CA GLY B 122 50.18 7.65 -6.81
C GLY B 122 51.42 6.81 -6.61
N ARG B 123 51.37 5.54 -7.01
CA ARG B 123 52.53 4.70 -6.82
C ARG B 123 53.72 5.19 -7.64
N TYR B 124 53.45 5.70 -8.85
CA TYR B 124 54.50 6.21 -9.73
C TYR B 124 55.23 7.37 -9.06
N ALA B 125 54.47 8.33 -8.50
CA ALA B 125 55.04 9.50 -7.84
C ALA B 125 55.91 9.12 -6.67
N GLY B 126 55.55 8.05 -5.96
CA GLY B 126 56.34 7.58 -4.84
C GLY B 126 57.72 7.14 -5.31
N ARG B 127 57.73 6.30 -6.35
CA ARG B 127 59.00 5.81 -6.86
C ARG B 127 59.84 6.95 -7.44
N ALA B 128 59.18 7.90 -8.12
CA ALA B 128 59.86 9.04 -8.68
C ALA B 128 60.45 9.93 -7.60
N ALA B 129 59.74 10.10 -6.47
CA ALA B 129 60.26 10.92 -5.38
C ALA B 129 61.53 10.33 -4.83
N VAL B 130 61.60 9.01 -4.76
CA VAL B 130 62.79 8.39 -4.25
C VAL B 130 63.96 8.61 -5.21
N ARG B 131 63.75 8.47 -6.54
CA ARG B 131 64.84 8.69 -7.49
C ARG B 131 65.35 10.13 -7.48
N LEU B 132 64.43 11.09 -7.39
CA LEU B 132 64.81 12.49 -7.39
C LEU B 132 65.60 12.80 -6.14
N CYS B 133 65.08 12.36 -5.01
CA CYS B 133 65.69 12.62 -3.72
C CYS B 133 67.04 11.91 -3.60
N ARG B 134 67.19 10.73 -4.20
CA ARG B 134 68.45 10.04 -4.11
C ARG B 134 69.51 10.73 -4.98
N SER B 135 69.17 11.19 -6.17
CA SER B 135 70.17 11.85 -7.00
C SER B 135 70.70 13.10 -6.33
N LEU B 136 69.85 13.83 -5.64
CA LEU B 136 70.27 15.06 -4.99
C LEU B 136 71.08 14.90 -3.72
N VAL B 137 71.31 13.67 -3.27
CA VAL B 137 72.12 13.46 -2.07
C VAL B 137 73.41 12.74 -2.49
N ASP B 138 73.58 12.65 -3.83
CA ASP B 138 74.74 12.06 -4.49
C ASP B 138 75.45 13.23 -5.20
N THR B 139 74.68 13.97 -6.00
CA THR B 139 75.11 15.16 -6.72
C THR B 139 74.30 16.35 -6.23
N GLY B 140 74.52 17.51 -6.81
CA GLY B 140 73.82 18.72 -6.34
C GLY B 140 72.62 19.18 -7.17
N ASP B 141 72.21 18.40 -8.16
CA ASP B 141 71.13 18.82 -9.05
C ASP B 141 70.38 17.62 -9.65
N TYR B 142 69.38 17.90 -10.47
CA TYR B 142 68.59 16.85 -11.11
C TYR B 142 68.24 17.35 -12.53
N PRO B 143 68.55 16.61 -13.61
CA PRO B 143 68.34 17.05 -14.98
C PRO B 143 66.91 17.44 -15.25
N ARG B 144 66.71 18.51 -16.01
CA ARG B 144 65.34 18.93 -16.30
C ARG B 144 64.58 17.87 -17.08
N LEU B 145 65.24 17.18 -17.98
CA LEU B 145 64.55 16.20 -18.80
C LEU B 145 64.13 14.98 -18.00
N GLU B 146 64.73 14.78 -16.82
CA GLU B 146 64.42 13.64 -15.98
C GLU B 146 63.30 14.01 -15.03
N LEU B 147 62.83 15.26 -15.13
CA LEU B 147 61.71 15.71 -14.36
C LEU B 147 60.54 15.82 -15.32
N GLU B 148 60.79 16.36 -16.52
CA GLU B 148 59.71 16.54 -17.48
C GLU B 148 59.13 15.22 -17.95
N LYS B 149 59.96 14.19 -18.18
CA LYS B 149 59.38 12.94 -18.64
C LYS B 149 58.53 12.26 -17.56
N ASP B 150 58.86 12.49 -16.29
CA ASP B 150 58.12 11.83 -15.23
C ASP B 150 56.79 12.52 -15.06
N LEU B 151 56.78 13.84 -15.25
CA LEU B 151 55.53 14.56 -15.16
C LEU B 151 54.63 14.12 -16.33
N GLU B 152 55.21 13.86 -17.51
CA GLU B 152 54.41 13.38 -18.63
C GLU B 152 53.79 12.02 -18.32
N ASP B 153 54.54 11.12 -17.68
CA ASP B 153 53.96 9.82 -17.33
C ASP B 153 52.85 9.95 -16.31
N LEU B 154 52.99 10.87 -15.35
CA LEU B 154 51.92 11.04 -14.40
C LEU B 154 50.66 11.59 -15.08
N ARG B 155 50.82 12.51 -16.05
CA ARG B 155 49.65 13.02 -16.74
C ARG B 155 48.93 11.94 -17.51
N ASP B 156 49.66 11.02 -18.14
CA ASP B 156 48.96 9.97 -18.86
C ASP B 156 48.30 8.98 -17.92
N LEU B 157 48.93 8.63 -16.80
CA LEU B 157 48.34 7.68 -15.87
C LEU B 157 47.05 8.22 -15.30
N GLY B 158 47.00 9.52 -15.05
CA GLY B 158 45.82 10.15 -14.48
C GLY B 158 44.70 10.39 -15.50
N ALA B 159 44.99 10.15 -16.79
CA ALA B 159 44.01 10.36 -17.84
C ALA B 159 43.38 9.05 -18.23
N ASN B 160 44.19 7.99 -18.24
CA ASN B 160 43.75 6.69 -18.70
C ASN B 160 42.65 6.08 -17.83
N SER B 161 42.64 6.44 -16.55
CA SER B 161 41.69 5.93 -15.59
C SER B 161 40.48 6.84 -15.38
N ALA B 162 40.40 7.95 -16.10
CA ALA B 162 39.31 8.88 -15.88
C ALA B 162 37.96 8.34 -16.36
N LEU B 163 36.89 8.74 -15.65
CA LEU B 163 35.53 8.41 -16.04
C LEU B 163 35.10 9.41 -17.10
N GLY B 164 34.21 9.03 -18.01
CA GLY B 164 33.75 10.05 -18.95
C GLY B 164 32.87 11.03 -18.17
N PRO B 165 32.64 12.24 -18.71
CA PRO B 165 31.90 13.34 -18.10
C PRO B 165 30.43 13.08 -17.79
N SER B 166 29.80 12.14 -18.49
CA SER B 166 28.42 11.87 -18.17
C SER B 166 28.32 10.96 -16.96
N THR B 167 29.40 10.20 -16.68
CA THR B 167 29.41 9.30 -15.56
C THR B 167 29.81 10.13 -14.36
N GLU B 168 30.74 11.07 -14.56
CA GLU B 168 31.17 11.93 -13.46
C GLU B 168 30.02 12.77 -12.94
N THR B 169 29.16 13.22 -13.85
CA THR B 169 28.01 14.01 -13.48
C THR B 169 27.06 13.24 -12.55
N ILE B 170 26.78 11.98 -12.88
CA ILE B 170 25.88 11.15 -12.05
C ILE B 170 26.56 10.75 -10.74
N VAL B 171 27.82 10.36 -10.81
CA VAL B 171 28.54 9.93 -9.62
C VAL B 171 28.69 11.06 -8.61
N THR B 172 28.96 12.28 -9.05
CA THR B 172 29.10 13.40 -8.13
C THR B 172 27.81 13.65 -7.36
N GLU B 173 26.66 13.61 -8.05
CA GLU B 173 25.39 13.80 -7.37
C GLU B 173 25.12 12.64 -6.40
N ALA B 174 25.49 11.41 -6.79
CA ALA B 174 25.28 10.26 -5.93
C ALA B 174 26.04 10.42 -4.62
N GLU B 175 27.26 10.96 -4.67
CA GLU B 175 28.03 11.18 -3.45
C GLU B 175 27.39 12.23 -2.55
N ALA B 176 26.84 13.29 -3.15
CA ALA B 176 26.17 14.34 -2.39
C ALA B 176 24.99 13.79 -1.57
N ARG B 177 24.32 12.78 -2.12
CA ARG B 177 23.16 12.09 -1.55
C ARG B 177 23.52 10.88 -0.69
N LYS B 178 24.80 10.63 -0.49
CA LYS B 178 25.35 9.51 0.27
C LYS B 178 24.99 8.14 -0.29
N ILE B 179 25.01 7.98 -1.60
CA ILE B 179 24.77 6.69 -2.24
C ILE B 179 26.13 6.09 -2.57
N PRO B 180 26.48 4.89 -2.08
CA PRO B 180 27.78 4.28 -2.31
C PRO B 180 27.92 3.89 -3.76
N TRP B 181 29.13 3.92 -4.30
CA TRP B 181 29.31 3.48 -5.67
C TRP B 181 30.60 2.69 -5.86
N MET B 182 30.59 1.81 -6.85
CA MET B 182 31.68 0.93 -7.20
C MET B 182 31.89 0.75 -8.68
N LEU B 183 33.11 0.53 -9.12
CA LEU B 183 33.29 0.17 -10.52
C LEU B 183 33.18 -1.33 -10.65
N LEU B 184 32.64 -1.80 -11.75
CA LEU B 184 32.55 -3.22 -12.01
C LEU B 184 33.63 -3.65 -12.96
N SER B 185 33.93 -4.93 -12.94
CA SER B 185 34.95 -5.59 -13.74
C SER B 185 34.67 -5.72 -15.25
N ALA B 186 33.46 -5.42 -15.72
CA ALA B 186 33.19 -5.54 -17.15
C ALA B 186 32.38 -4.38 -17.70
N ARG B 187 32.68 -4.09 -18.97
CA ARG B 187 31.99 -3.14 -19.86
C ARG B 187 31.83 -1.74 -19.33
N ALA B 188 32.78 -1.25 -18.55
CA ALA B 188 32.74 0.10 -17.99
C ALA B 188 31.46 0.41 -17.21
N MET B 189 30.90 -0.55 -16.50
CA MET B 189 29.71 -0.31 -15.71
C MET B 189 30.02 0.14 -14.29
N VAL B 190 29.12 0.92 -13.72
CA VAL B 190 29.19 1.41 -12.34
C VAL B 190 27.98 0.96 -11.52
N GLN B 191 28.24 0.41 -10.36
CA GLN B 191 27.18 -0.01 -9.45
C GLN B 191 26.88 1.05 -8.41
N LEU B 192 25.60 1.32 -8.19
CA LEU B 192 25.13 2.28 -7.19
C LEU B 192 24.28 1.58 -6.15
N GLY B 193 24.62 1.69 -4.87
CA GLY B 193 23.87 1.04 -3.78
C GLY B 193 24.37 -0.39 -3.47
N TYR B 194 23.84 -0.99 -2.39
CA TYR B 194 24.23 -2.35 -1.95
C TYR B 194 23.12 -3.41 -1.96
N GLY B 195 23.52 -4.67 -2.17
CA GLY B 195 22.63 -5.82 -2.06
C GLY B 195 21.43 -5.74 -2.97
N VAL B 196 20.27 -5.98 -2.38
CA VAL B 196 19.00 -5.92 -3.10
C VAL B 196 18.60 -4.52 -3.60
N TYR B 197 19.30 -3.47 -3.22
CA TYR B 197 18.93 -2.14 -3.68
C TYR B 197 19.86 -1.59 -4.75
N GLN B 198 20.75 -2.42 -5.26
CA GLN B 198 21.68 -1.95 -6.25
C GLN B 198 21.06 -1.64 -7.61
N GLN B 199 21.66 -0.65 -8.28
CA GLN B 199 21.36 -0.23 -9.64
C GLN B 199 22.65 -0.17 -10.44
N ARG B 200 22.56 -0.30 -11.75
CA ARG B 200 23.75 -0.15 -12.58
C ARG B 200 23.55 0.91 -13.63
N ILE B 201 24.63 1.62 -13.92
CA ILE B 201 24.66 2.60 -14.99
C ILE B 201 25.86 2.41 -15.90
N GLN B 202 25.75 2.93 -17.09
CA GLN B 202 26.84 3.00 -18.03
C GLN B 202 26.66 4.27 -18.82
N ALA B 203 27.45 5.29 -18.51
CA ALA B 203 27.25 6.59 -19.14
C ALA B 203 25.80 7.03 -18.94
N THR B 204 25.05 7.18 -20.02
CA THR B 204 23.68 7.64 -20.04
C THR B 204 22.61 6.54 -20.19
N LEU B 205 23.03 5.27 -20.10
CA LEU B 205 22.12 4.11 -20.08
C LEU B 205 22.05 3.60 -18.66
N SER B 206 20.93 3.03 -18.29
CA SER B 206 20.80 2.46 -16.95
C SER B 206 20.04 1.18 -16.95
N SER B 207 19.92 0.62 -15.77
CA SER B 207 19.19 -0.60 -15.49
C SER B 207 17.68 -0.48 -15.80
N HIS B 208 17.18 0.75 -15.99
CA HIS B 208 15.79 1.02 -16.34
C HIS B 208 15.56 1.25 -17.84
N SER B 209 16.62 1.20 -18.65
CA SER B 209 16.49 1.45 -20.07
C SER B 209 16.27 0.14 -20.80
N GLY B 210 15.13 0.03 -21.46
CA GLY B 210 14.74 -1.17 -22.16
C GLY B 210 15.38 -1.28 -23.52
N ILE B 211 15.58 -2.49 -23.95
CA ILE B 211 16.17 -2.74 -25.25
C ILE B 211 15.26 -2.45 -26.43
N LEU B 212 13.96 -2.68 -26.31
CA LEU B 212 13.11 -2.45 -27.46
C LEU B 212 13.07 -0.97 -27.80
N GLY B 213 13.04 -0.12 -26.77
CA GLY B 213 13.01 1.32 -26.91
C GLY B 213 14.29 1.84 -27.52
N VAL B 214 15.44 1.37 -27.02
CA VAL B 214 16.71 1.83 -27.51
C VAL B 214 16.91 1.41 -28.95
N GLU B 215 16.58 0.17 -29.33
CA GLU B 215 16.72 -0.22 -30.72
C GLU B 215 15.79 0.54 -31.65
N LEU B 216 14.55 0.82 -31.24
CA LEU B 216 13.64 1.56 -32.09
C LEU B 216 14.17 2.95 -32.36
N ALA B 217 14.73 3.59 -31.34
CA ALA B 217 15.28 4.93 -31.45
C ALA B 217 16.46 5.02 -32.40
N CYS B 218 17.09 3.89 -32.75
CA CYS B 218 18.25 3.91 -33.61
C CYS B 218 17.88 3.64 -35.07
N ASP B 219 16.60 3.34 -35.28
CA ASP B 219 16.02 3.00 -36.57
C ASP B 219 15.24 4.21 -37.07
N LYS B 220 15.82 4.98 -37.98
CA LYS B 220 15.16 6.23 -38.38
C LYS B 220 13.84 6.03 -39.11
N GLU B 221 13.74 5.00 -39.93
CA GLU B 221 12.52 4.72 -40.66
C GLU B 221 11.45 4.23 -39.69
N GLY B 222 11.88 3.40 -38.73
CA GLY B 222 11.01 2.85 -37.72
C GLY B 222 10.45 3.93 -36.83
N THR B 223 11.31 4.83 -36.36
CA THR B 223 10.89 5.90 -35.48
C THR B 223 9.90 6.80 -36.16
N LYS B 224 10.17 7.19 -37.40
CA LYS B 224 9.26 8.06 -38.12
C LYS B 224 7.90 7.41 -38.30
N THR B 225 7.87 6.13 -38.64
CA THR B 225 6.62 5.42 -38.83
C THR B 225 5.78 5.38 -37.56
N ILE B 226 6.42 5.05 -36.44
CA ILE B 226 5.72 4.98 -35.17
C ILE B 226 5.19 6.33 -34.74
N LEU B 227 5.96 7.40 -34.91
CA LEU B 227 5.47 8.70 -34.49
C LEU B 227 4.39 9.26 -35.39
N GLN B 228 4.47 9.09 -36.70
CA GLN B 228 3.41 9.70 -37.50
C GLN B 228 2.08 8.95 -37.30
N ASP B 229 2.13 7.69 -36.90
CA ASP B 229 0.93 6.91 -36.61
C ASP B 229 0.25 7.35 -35.31
N ALA B 230 0.95 8.15 -34.50
CA ALA B 230 0.47 8.66 -33.23
C ALA B 230 0.01 10.10 -33.35
N GLY B 231 0.04 10.66 -34.56
CA GLY B 231 -0.35 12.05 -34.75
C GLY B 231 0.75 13.07 -34.38
N ILE B 232 2.02 12.68 -34.42
CA ILE B 232 3.13 13.56 -34.07
C ILE B 232 3.80 14.12 -35.34
N PRO B 233 4.01 15.46 -35.49
CA PRO B 233 4.62 16.08 -36.67
C PRO B 233 6.08 15.73 -36.91
N VAL B 234 6.36 15.22 -38.09
CA VAL B 234 7.67 14.80 -38.54
C VAL B 234 7.89 15.34 -39.95
N PRO B 235 9.11 15.43 -40.49
CA PRO B 235 9.38 15.86 -41.85
C PRO B 235 8.79 14.97 -42.93
N ARG B 236 8.37 15.58 -44.03
CA ARG B 236 7.89 14.88 -45.23
C ARG B 236 9.05 14.48 -46.13
N GLY B 237 9.08 13.22 -46.62
CA GLY B 237 10.19 12.78 -47.49
C GLY B 237 9.94 11.39 -48.09
N THR B 238 10.93 10.85 -48.84
CA THR B 238 10.77 9.57 -49.53
C THR B 238 11.99 8.65 -49.59
N THR B 239 11.89 7.60 -50.42
CA THR B 239 12.97 6.63 -50.61
C THR B 239 13.37 6.48 -52.10
N ILE B 240 14.57 6.92 -52.43
CA ILE B 240 15.11 6.84 -53.78
C ILE B 240 16.40 6.05 -53.73
N GLN B 241 16.44 4.80 -54.19
CA GLN B 241 17.68 4.00 -54.01
C GLN B 241 18.74 4.25 -55.06
N TYR B 242 19.23 5.48 -55.03
CA TYR B 242 20.23 6.01 -55.93
C TYR B 242 19.81 5.87 -57.38
N PHE B 243 18.50 6.06 -57.62
CA PHE B 243 18.00 6.09 -59.01
C PHE B 243 18.08 7.57 -59.33
N ASP B 244 18.28 7.93 -60.59
CA ASP B 244 18.43 9.34 -60.90
C ASP B 244 17.01 9.88 -61.13
N ASP B 245 16.23 9.89 -60.03
CA ASP B 245 14.84 10.31 -59.94
C ASP B 245 14.64 11.43 -58.94
N LEU B 246 15.72 12.05 -58.48
CA LEU B 246 15.56 13.09 -57.47
C LEU B 246 14.78 14.26 -58.05
N GLU B 247 14.96 14.48 -59.34
CA GLU B 247 14.31 15.55 -60.05
C GLU B 247 12.78 15.39 -60.09
N GLU B 248 12.30 14.18 -59.83
CA GLU B 248 10.87 13.94 -59.78
C GLU B 248 10.43 13.84 -58.33
N ALA B 249 11.30 13.28 -57.47
CA ALA B 249 10.99 13.06 -56.05
C ALA B 249 10.60 14.34 -55.35
N ILE B 250 11.25 15.43 -55.77
CA ILE B 250 10.97 16.73 -55.19
C ILE B 250 9.51 17.16 -55.41
N ASN B 251 8.82 16.58 -56.38
CA ASN B 251 7.44 16.94 -56.63
C ASN B 251 6.49 16.37 -55.59
N ASP B 252 6.87 15.27 -54.94
CA ASP B 252 5.99 14.67 -53.94
C ASP B 252 6.26 15.36 -52.62
N VAL B 253 7.51 15.78 -52.47
CA VAL B 253 8.01 16.46 -51.30
C VAL B 253 7.47 17.90 -51.25
N GLY B 254 7.40 18.58 -52.42
CA GLY B 254 6.86 19.94 -52.49
C GLY B 254 7.72 21.02 -53.19
N GLY B 255 8.87 20.66 -53.76
CA GLY B 255 9.68 21.66 -54.44
C GLY B 255 11.17 21.49 -54.20
N TYR B 256 11.98 22.46 -54.64
CA TYR B 256 13.42 22.35 -54.46
C TYR B 256 14.03 22.44 -53.07
N PRO B 257 13.53 23.22 -52.08
CA PRO B 257 14.20 23.37 -50.82
C PRO B 257 14.09 22.08 -50.04
N VAL B 258 15.02 21.17 -50.35
CA VAL B 258 15.02 19.83 -49.78
C VAL B 258 16.35 19.43 -49.16
N VAL B 259 16.29 18.36 -48.39
CA VAL B 259 17.45 17.80 -47.72
C VAL B 259 17.82 16.44 -48.35
N ILE B 260 19.08 16.31 -48.77
CA ILE B 260 19.57 15.05 -49.35
C ILE B 260 20.57 14.42 -48.41
N LYS B 261 20.30 13.18 -48.05
CA LYS B 261 21.10 12.43 -47.11
C LYS B 261 21.50 11.09 -47.71
N PRO B 262 22.58 10.45 -47.22
CA PRO B 262 22.99 9.13 -47.60
C PRO B 262 21.87 8.31 -47.16
N LEU B 263 21.57 7.25 -47.84
CA LEU B 263 20.46 6.50 -47.34
C LEU B 263 20.76 5.87 -45.98
N ASP B 264 22.00 5.42 -45.75
CA ASP B 264 22.32 4.80 -44.46
C ASP B 264 22.78 5.81 -43.42
N GLY B 265 23.06 5.29 -42.22
CA GLY B 265 23.53 6.12 -41.11
C GLY B 265 25.02 5.96 -40.85
N ASN B 266 25.82 6.91 -41.34
CA ASN B 266 27.26 6.85 -41.15
C ASN B 266 27.80 8.20 -40.70
N HIS B 267 27.22 8.71 -39.64
CA HIS B 267 27.52 10.01 -39.04
C HIS B 267 27.16 11.15 -39.99
N GLY B 268 27.72 12.34 -39.74
CA GLY B 268 27.35 13.54 -40.51
C GLY B 268 28.07 13.61 -41.85
N ARG B 269 27.82 12.65 -42.71
CA ARG B 269 28.57 12.56 -43.95
C ARG B 269 27.71 12.44 -45.19
N GLY B 270 28.04 13.25 -46.20
CA GLY B 270 27.33 13.22 -47.49
C GLY B 270 25.97 13.90 -47.42
N ILE B 271 25.84 14.87 -46.51
CA ILE B 271 24.56 15.54 -46.31
C ILE B 271 24.49 16.99 -46.74
N THR B 272 23.49 17.29 -47.56
CA THR B 272 23.22 18.65 -47.97
C THR B 272 21.90 19.07 -47.37
N ILE B 273 21.94 20.12 -46.56
CA ILE B 273 20.75 20.58 -45.87
C ILE B 273 19.81 21.41 -46.73
N ASN B 274 20.31 22.32 -47.54
CA ASN B 274 19.34 23.08 -48.32
C ASN B 274 19.70 23.08 -49.79
N VAL B 275 19.06 22.18 -50.53
CA VAL B 275 19.27 22.08 -51.95
C VAL B 275 18.36 23.08 -52.60
N ARG B 276 18.92 23.95 -53.40
CA ARG B 276 18.17 24.98 -54.05
C ARG B 276 18.06 24.72 -55.56
N HIS B 277 19.03 23.98 -56.11
CA HIS B 277 19.08 23.75 -57.55
C HIS B 277 19.31 22.28 -57.96
N TRP B 278 18.94 21.97 -59.20
CA TRP B 278 19.05 20.62 -59.74
C TRP B 278 20.45 20.03 -59.64
N GLN B 279 21.45 20.83 -60.00
CA GLN B 279 22.83 20.38 -59.98
C GLN B 279 23.37 20.17 -58.56
N GLU B 280 22.71 20.78 -57.57
CA GLU B 280 23.15 20.65 -56.21
C GLU B 280 22.66 19.30 -55.74
N ALA B 281 21.45 18.94 -56.19
CA ALA B 281 20.88 17.66 -55.85
C ALA B 281 21.76 16.56 -56.40
N ILE B 282 22.33 16.77 -57.58
CA ILE B 282 23.20 15.76 -58.16
C ILE B 282 24.49 15.68 -57.37
N ALA B 283 25.09 16.80 -57.01
CA ALA B 283 26.32 16.65 -56.24
C ALA B 283 26.01 15.89 -54.93
N ALA B 284 24.87 16.20 -54.30
CA ALA B 284 24.51 15.53 -53.07
C ALA B 284 24.26 14.04 -53.30
N TYR B 285 23.64 13.71 -54.44
CA TYR B 285 23.33 12.36 -54.90
C TYR B 285 24.60 11.54 -55.00
N ASP B 286 25.61 12.10 -55.65
CA ASP B 286 26.87 11.41 -55.82
C ASP B 286 27.52 11.10 -54.47
N LEU B 287 27.36 11.98 -53.49
CA LEU B 287 27.92 11.70 -52.17
C LEU B 287 27.03 10.74 -51.39
N ALA B 288 25.71 10.88 -51.55
CA ALA B 288 24.77 10.04 -50.82
C ALA B 288 25.03 8.58 -51.21
N ALA B 289 25.35 8.38 -52.48
CA ALA B 289 25.60 7.12 -53.16
C ALA B 289 26.73 6.31 -52.56
N GLU B 290 27.58 6.94 -51.75
CA GLU B 290 28.68 6.26 -51.12
C GLU B 290 28.20 5.23 -50.05
N GLU B 291 27.05 5.48 -49.44
CA GLU B 291 26.56 4.43 -48.50
C GLU B 291 25.60 3.52 -49.27
N SER B 292 25.16 2.42 -48.67
CA SER B 292 24.32 1.45 -49.43
C SER B 292 22.97 2.07 -49.78
N ILE B 297 15.39 7.85 -46.19
CA ILE B 297 15.56 9.19 -45.62
C ILE B 297 16.05 10.22 -46.65
N ILE B 298 15.56 10.19 -47.88
CA ILE B 298 16.12 11.10 -48.88
C ILE B 298 15.02 12.05 -49.36
N VAL B 299 15.44 13.23 -49.78
CA VAL B 299 14.58 14.29 -50.28
C VAL B 299 13.53 14.80 -49.33
N GLU B 300 13.94 15.07 -48.12
CA GLU B 300 13.00 15.65 -47.19
C GLU B 300 12.73 17.10 -47.43
N ARG B 301 11.56 17.56 -47.07
CA ARG B 301 11.30 18.99 -47.16
C ARG B 301 12.24 19.69 -46.17
N TYR B 302 12.80 20.83 -46.56
CA TYR B 302 13.66 21.60 -45.63
C TYR B 302 12.80 22.61 -44.88
N TYR B 303 12.64 22.40 -43.57
CA TYR B 303 11.80 23.32 -42.76
C TYR B 303 12.72 24.41 -42.22
N GLU B 304 12.23 25.65 -42.15
CA GLU B 304 13.08 26.79 -41.73
C GLU B 304 12.94 27.14 -40.24
N GLY B 305 13.93 26.79 -39.42
CA GLY B 305 13.96 27.22 -38.02
C GLY B 305 15.23 26.78 -37.32
N SER B 306 15.37 27.14 -36.05
CA SER B 306 16.53 26.80 -35.25
C SER B 306 16.53 25.38 -34.72
N ASP B 307 17.70 24.89 -34.36
CA ASP B 307 17.89 23.55 -33.83
C ASP B 307 17.85 23.48 -32.29
N HIS B 308 16.78 22.91 -31.74
CA HIS B 308 16.59 22.84 -30.29
C HIS B 308 16.68 21.43 -29.75
N ARG B 309 17.35 21.28 -28.63
CA ARG B 309 17.44 20.01 -27.93
C ARG B 309 16.63 19.98 -26.66
N VAL B 310 15.75 19.01 -26.56
CA VAL B 310 14.91 18.85 -25.40
C VAL B 310 15.26 17.57 -24.64
N LEU B 311 15.53 17.70 -23.35
CA LEU B 311 15.86 16.56 -22.50
C LEU B 311 14.70 16.14 -21.60
N VAL B 312 14.28 14.89 -21.74
CA VAL B 312 13.18 14.28 -20.98
C VAL B 312 13.75 13.09 -20.18
N VAL B 313 13.51 13.02 -18.86
CA VAL B 313 14.10 11.93 -18.04
C VAL B 313 13.17 10.82 -17.57
N ASN B 314 12.02 11.12 -17.04
CA ASN B 314 11.18 10.01 -16.59
C ASN B 314 9.77 10.26 -17.04
N GLY B 315 9.63 10.58 -18.32
CA GLY B 315 8.33 10.95 -18.87
C GLY B 315 8.02 12.39 -18.48
N LYS B 316 9.05 13.12 -18.08
CA LYS B 316 8.96 14.49 -17.62
C LYS B 316 10.14 15.35 -18.13
N LEU B 317 9.81 16.54 -18.63
CA LEU B 317 10.81 17.49 -19.14
C LEU B 317 11.77 18.05 -18.10
N VAL B 318 13.07 17.98 -18.41
CA VAL B 318 14.14 18.51 -17.56
C VAL B 318 14.80 19.77 -18.10
N ALA B 319 15.19 19.80 -19.37
CA ALA B 319 15.90 20.98 -19.89
C ALA B 319 15.73 21.20 -21.38
N VAL B 320 15.81 22.47 -21.82
CA VAL B 320 15.77 22.82 -23.24
C VAL B 320 16.93 23.74 -23.63
N ALA B 321 17.63 23.45 -24.73
CA ALA B 321 18.70 24.35 -25.17
C ALA B 321 18.73 24.53 -26.68
N GLU B 322 19.02 25.74 -27.09
CA GLU B 322 19.14 26.11 -28.50
C GLU B 322 20.57 26.04 -28.96
N ARG B 323 20.80 25.31 -30.04
CA ARG B 323 22.15 25.13 -30.54
C ARG B 323 22.43 25.84 -31.85
N ILE B 324 23.54 26.56 -31.85
CA ILE B 324 23.97 27.36 -33.00
C ILE B 324 25.41 26.98 -33.43
N PRO B 325 25.69 26.74 -34.74
CA PRO B 325 26.99 26.40 -35.29
C PRO B 325 27.98 27.54 -35.22
N ALA B 326 29.27 27.20 -35.23
CA ALA B 326 30.36 28.17 -35.19
C ALA B 326 30.19 29.23 -36.25
N HIS B 327 30.36 30.48 -35.86
CA HIS B 327 30.16 31.59 -36.77
C HIS B 327 30.88 32.85 -36.36
N VAL B 328 30.96 33.78 -37.31
CA VAL B 328 31.46 35.13 -37.08
C VAL B 328 30.46 36.13 -37.62
N THR B 329 30.53 37.35 -37.13
CA THR B 329 29.62 38.37 -37.63
C THR B 329 30.33 39.63 -38.07
N GLY B 330 29.59 40.47 -38.80
CA GLY B 330 30.06 41.76 -39.31
C GLY B 330 30.25 42.80 -38.21
N ASP B 331 31.23 42.51 -37.36
CA ASP B 331 31.64 43.29 -36.22
C ASP B 331 32.63 44.32 -36.72
N GLY B 332 32.10 45.24 -37.50
CA GLY B 332 32.89 46.28 -38.16
C GLY B 332 33.37 45.80 -39.52
N SER B 333 34.06 46.68 -40.26
CA SER B 333 34.50 46.36 -41.62
C SER B 333 35.79 45.55 -41.64
N SER B 334 35.70 44.32 -41.16
CA SER B 334 36.80 43.38 -41.04
C SER B 334 36.54 42.18 -41.91
N THR B 335 37.60 41.47 -42.28
CA THR B 335 37.44 40.28 -43.09
C THR B 335 37.10 39.09 -42.25
N ILE B 336 36.68 38.00 -42.87
CA ILE B 336 36.40 36.81 -42.10
C ILE B 336 37.65 36.29 -41.41
N SER B 337 38.80 36.22 -42.08
CA SER B 337 39.95 35.71 -41.33
C SER B 337 40.30 36.61 -40.14
N GLU B 338 40.06 37.93 -40.26
CA GLU B 338 40.30 38.85 -39.16
C GLU B 338 39.30 38.66 -38.03
N LEU B 339 38.03 38.44 -38.39
CA LEU B 339 36.97 38.23 -37.41
C LEU B 339 37.20 36.96 -36.65
N ILE B 340 37.69 35.91 -37.32
CA ILE B 340 37.95 34.68 -36.62
C ILE B 340 39.05 34.91 -35.62
N GLU B 341 40.12 35.59 -36.01
CA GLU B 341 41.17 35.79 -35.02
C GLU B 341 40.70 36.67 -33.87
N LYS B 342 39.85 37.66 -34.14
CA LYS B 342 39.32 38.53 -33.10
C LYS B 342 38.47 37.79 -32.06
N THR B 343 37.57 36.89 -32.51
CA THR B 343 36.68 36.22 -31.57
C THR B 343 37.25 34.92 -31.02
N ASN B 344 38.27 34.35 -31.67
CA ASN B 344 38.81 33.08 -31.23
C ASN B 344 39.77 33.26 -30.06
N GLN B 345 39.96 34.52 -29.64
CA GLN B 345 40.77 34.89 -28.49
C GLN B 345 39.93 35.01 -27.22
N ASP B 346 38.62 34.80 -27.33
CA ASP B 346 37.71 34.90 -26.21
C ASP B 346 38.16 33.92 -25.11
N PRO B 347 38.36 34.36 -23.85
CA PRO B 347 38.89 33.60 -22.73
C PRO B 347 38.01 32.41 -22.32
N ASN B 348 36.78 32.33 -22.85
CA ASN B 348 35.92 31.23 -22.49
C ASN B 348 36.07 30.07 -23.47
N ARG B 349 37.00 30.25 -24.43
CA ARG B 349 37.30 29.23 -25.44
C ARG B 349 38.62 28.52 -25.21
N GLY B 350 38.59 27.21 -25.36
CA GLY B 350 39.80 26.41 -25.25
C GLY B 350 39.57 24.94 -25.59
N ASP B 351 40.59 24.14 -25.40
CA ASP B 351 40.57 22.73 -25.78
C ASP B 351 39.67 21.85 -24.91
N GLY B 352 39.14 20.77 -25.51
CA GLY B 352 38.45 19.73 -24.76
C GLY B 352 37.23 20.20 -23.98
N HIS B 353 37.29 19.91 -22.68
CA HIS B 353 36.27 20.24 -21.69
C HIS B 353 36.85 21.13 -20.60
N ASP B 354 37.92 21.87 -20.90
CA ASP B 354 38.56 22.72 -19.88
C ASP B 354 38.03 24.15 -19.90
N ASN B 355 37.07 24.38 -20.77
CA ASN B 355 36.46 25.66 -21.06
C ASN B 355 35.00 25.45 -21.39
N ILE B 356 34.27 26.51 -21.69
CA ILE B 356 32.86 26.33 -22.01
C ILE B 356 32.71 26.10 -23.49
N LEU B 357 33.40 26.92 -24.24
CA LEU B 357 33.43 26.96 -25.68
C LEU B 357 34.75 26.43 -26.18
N THR B 358 34.83 26.09 -27.45
CA THR B 358 36.14 25.73 -27.96
C THR B 358 36.51 26.63 -29.11
N LYS B 359 37.66 26.37 -29.67
CA LYS B 359 38.21 27.19 -30.73
C LYS B 359 37.63 26.91 -32.12
N ILE B 360 37.62 27.96 -32.92
CA ILE B 360 37.19 27.90 -34.30
C ILE B 360 38.36 27.54 -35.19
N VAL B 361 38.17 26.49 -35.97
CA VAL B 361 39.20 26.01 -36.85
C VAL B 361 38.77 26.09 -38.31
N VAL B 362 39.59 26.74 -39.11
CA VAL B 362 39.34 26.84 -40.53
C VAL B 362 40.05 25.70 -41.21
N ASN B 363 39.29 25.01 -42.03
CA ASN B 363 39.71 23.84 -42.76
C ASN B 363 38.94 23.84 -44.07
N LYS B 364 39.17 22.84 -44.91
CA LYS B 364 38.52 22.76 -46.21
C LYS B 364 36.99 22.71 -46.10
N THR B 365 36.48 22.24 -44.97
CA THR B 365 35.06 22.14 -44.76
C THR B 365 34.47 23.47 -44.36
N ALA B 366 35.28 24.36 -43.77
CA ALA B 366 34.79 25.67 -43.39
C ALA B 366 34.68 26.47 -44.64
N ILE B 367 35.62 26.21 -45.54
CA ILE B 367 35.65 26.91 -46.80
C ILE B 367 34.47 26.47 -47.63
N ASP B 368 34.21 25.17 -47.70
CA ASP B 368 33.06 24.70 -48.46
C ASP B 368 31.76 25.36 -47.92
N VAL B 369 31.61 25.48 -46.59
CA VAL B 369 30.43 26.11 -46.02
C VAL B 369 30.39 27.61 -46.37
N MET B 370 31.52 28.32 -46.27
CA MET B 370 31.58 29.74 -46.62
C MET B 370 31.28 30.01 -48.10
N GLU B 371 31.77 29.15 -49.00
CA GLU B 371 31.55 29.35 -50.42
C GLU B 371 30.07 29.36 -50.77
N ARG B 372 29.28 28.49 -50.12
CA ARG B 372 27.85 28.41 -50.38
C ARG B 372 27.07 29.66 -49.96
N GLN B 373 27.68 30.48 -49.11
CA GLN B 373 27.09 31.70 -48.59
C GLN B 373 27.55 32.90 -49.39
N GLY B 374 28.47 32.69 -50.36
CA GLY B 374 29.03 33.77 -51.15
C GLY B 374 30.23 34.49 -50.51
N TYR B 375 30.92 33.84 -49.55
CA TYR B 375 32.04 34.46 -48.86
C TYR B 375 33.31 33.62 -48.83
N ASN B 376 34.44 34.27 -48.59
CA ASN B 376 35.71 33.59 -48.41
C ASN B 376 36.50 34.31 -47.31
N LEU B 377 37.70 33.84 -46.98
CA LEU B 377 38.46 34.40 -45.88
C LEU B 377 38.84 35.88 -46.03
N ASP B 378 38.98 36.37 -47.25
CA ASP B 378 39.37 37.75 -47.44
C ASP B 378 38.15 38.67 -47.61
N SER B 379 36.95 38.11 -47.52
CA SER B 379 35.74 38.88 -47.70
C SER B 379 35.47 39.75 -46.49
N VAL B 380 34.97 40.95 -46.72
CA VAL B 380 34.56 41.85 -45.64
C VAL B 380 33.08 41.72 -45.44
N LEU B 381 32.65 41.53 -44.20
CA LEU B 381 31.22 41.36 -44.02
C LEU B 381 30.52 42.71 -43.80
N PRO B 382 29.30 42.91 -44.32
CA PRO B 382 28.43 44.03 -44.06
C PRO B 382 28.09 44.06 -42.58
N LYS B 383 27.86 45.24 -42.04
CA LYS B 383 27.53 45.33 -40.63
C LYS B 383 26.38 44.42 -40.26
N ASP B 384 26.60 43.66 -39.19
CA ASP B 384 25.67 42.70 -38.56
C ASP B 384 25.34 41.44 -39.39
N GLU B 385 26.08 41.21 -40.48
CA GLU B 385 25.95 40.00 -41.29
C GLU B 385 26.51 38.80 -40.54
N VAL B 386 25.86 37.64 -40.63
CA VAL B 386 26.44 36.45 -39.99
C VAL B 386 26.82 35.39 -41.00
N VAL B 387 28.03 34.88 -40.84
CA VAL B 387 28.58 33.83 -41.67
C VAL B 387 28.91 32.61 -40.86
N TYR B 388 28.42 31.47 -41.30
CA TYR B 388 28.63 30.22 -40.59
C TYR B 388 29.84 29.50 -41.12
N LEU B 389 30.59 28.89 -40.21
CA LEU B 389 31.78 28.15 -40.56
C LEU B 389 31.59 26.63 -40.51
N ARG B 390 30.38 26.21 -40.13
CA ARG B 390 29.99 24.81 -39.99
C ARG B 390 28.55 24.59 -40.44
N ALA B 391 28.28 23.41 -40.99
CA ALA B 391 26.92 23.06 -41.40
C ALA B 391 25.97 22.73 -40.23
N THR B 392 26.50 22.16 -39.15
CA THR B 392 25.65 21.77 -38.03
C THR B 392 26.20 22.30 -36.71
N ALA B 393 25.34 22.40 -35.70
CA ALA B 393 25.77 22.89 -34.39
C ALA B 393 26.40 21.83 -33.53
N ASN B 394 27.42 22.22 -32.78
CA ASN B 394 28.08 21.37 -31.81
C ASN B 394 29.04 22.21 -30.96
N LEU B 395 28.97 22.09 -29.64
CA LEU B 395 29.89 22.84 -28.78
C LEU B 395 31.33 22.45 -29.03
N SER B 396 31.58 21.19 -29.36
CA SER B 396 32.93 20.68 -29.57
C SER B 396 33.58 21.19 -30.86
N THR B 397 32.80 21.85 -31.73
CA THR B 397 33.34 22.36 -32.96
C THR B 397 33.39 23.89 -32.92
N GLY B 398 33.08 24.49 -31.77
CA GLY B 398 33.12 25.93 -31.66
C GLY B 398 31.77 26.65 -31.68
N GLY B 399 30.65 25.92 -31.59
CA GLY B 399 29.34 26.56 -31.59
C GLY B 399 28.95 26.97 -30.17
N ILE B 400 27.69 27.35 -30.01
CA ILE B 400 27.19 27.81 -28.73
C ILE B 400 25.89 27.08 -28.33
N ALA B 401 25.54 27.15 -27.04
CA ALA B 401 24.30 26.58 -26.54
C ALA B 401 23.65 27.52 -25.57
N ILE B 402 22.39 27.83 -25.83
CA ILE B 402 21.64 28.79 -25.04
C ILE B 402 20.50 28.13 -24.28
N ASP B 403 20.45 28.30 -22.96
CA ASP B 403 19.35 27.72 -22.18
C ASP B 403 18.04 28.44 -22.48
N ARG B 404 17.02 27.66 -22.86
CA ARG B 404 15.69 28.17 -23.18
C ARG B 404 14.66 27.40 -22.38
N THR B 405 15.04 26.88 -21.23
CA THR B 405 14.17 25.97 -20.49
C THR B 405 12.89 26.61 -20.01
N ASP B 406 12.94 27.87 -19.64
CA ASP B 406 11.76 28.52 -19.10
C ASP B 406 10.90 29.21 -20.16
N ASP B 407 11.29 29.10 -21.45
CA ASP B 407 10.56 29.76 -22.52
C ASP B 407 9.68 28.82 -23.34
N ILE B 408 9.57 27.58 -22.94
CA ILE B 408 8.83 26.59 -23.72
C ILE B 408 7.34 26.55 -23.35
N HIS B 409 6.51 26.64 -24.39
CA HIS B 409 5.06 26.64 -24.29
C HIS B 409 4.50 25.33 -23.70
N PRO B 410 3.49 25.35 -22.79
CA PRO B 410 2.83 24.19 -22.18
C PRO B 410 2.35 23.10 -23.14
N GLU B 411 1.96 23.46 -24.35
CA GLU B 411 1.52 22.46 -25.28
C GLU B 411 2.71 21.72 -25.83
N ASN B 412 3.83 22.43 -26.00
CA ASN B 412 5.02 21.82 -26.54
C ASN B 412 5.60 20.92 -25.47
N ILE B 413 5.41 21.26 -24.21
CA ILE B 413 5.91 20.42 -23.13
C ILE B 413 5.16 19.09 -23.18
N TRP B 414 3.84 19.16 -23.33
CA TRP B 414 3.00 17.99 -23.42
C TRP B 414 3.40 17.09 -24.58
N LEU B 415 3.63 17.68 -25.76
CA LEU B 415 4.00 16.87 -26.89
C LEU B 415 5.33 16.16 -26.70
N MET B 416 6.34 16.83 -26.14
CA MET B 416 7.65 16.19 -25.96
C MET B 416 7.60 15.00 -25.03
N GLU B 417 6.82 15.09 -23.98
CA GLU B 417 6.69 13.99 -23.06
C GLU B 417 5.98 12.81 -23.72
N ARG B 418 4.97 13.10 -24.55
CA ARG B 418 4.26 12.04 -25.27
C ARG B 418 5.19 11.32 -26.24
N VAL B 419 6.11 12.04 -26.89
CA VAL B 419 7.06 11.42 -27.84
C VAL B 419 7.94 10.40 -27.14
N ALA B 420 8.50 10.75 -25.98
CA ALA B 420 9.36 9.83 -25.25
C ALA B 420 8.63 8.55 -24.85
N LYS B 421 7.36 8.68 -24.45
CA LYS B 421 6.52 7.55 -24.04
C LYS B 421 6.13 6.64 -25.20
N VAL B 422 5.86 7.22 -26.37
CA VAL B 422 5.53 6.47 -27.58
C VAL B 422 6.70 5.60 -28.05
N ILE B 423 7.92 6.15 -28.02
CA ILE B 423 9.10 5.38 -28.39
C ILE B 423 9.70 4.54 -27.27
N GLY B 424 9.13 4.59 -26.07
CA GLY B 424 9.65 3.77 -25.00
C GLY B 424 11.00 3.93 -24.35
N LEU B 425 11.46 5.17 -24.24
CA LEU B 425 12.80 5.46 -23.67
C LEU B 425 12.69 6.30 -22.41
N ASP B 426 13.39 5.93 -21.35
CA ASP B 426 13.41 6.80 -20.17
C ASP B 426 14.22 8.07 -20.30
N ILE B 427 15.49 7.96 -20.61
CA ILE B 427 16.27 9.18 -20.80
C ILE B 427 16.43 9.40 -22.29
N ALA B 428 15.87 10.52 -22.75
CA ALA B 428 15.85 10.81 -24.17
C ALA B 428 16.15 12.24 -24.54
N GLY B 429 16.84 12.38 -25.67
CA GLY B 429 17.09 13.68 -26.26
C GLY B 429 16.23 13.83 -27.50
N ILE B 430 15.47 14.90 -27.59
CA ILE B 430 14.63 15.08 -28.76
C ILE B 430 15.09 16.31 -29.54
N ASP B 431 15.34 16.11 -30.84
CA ASP B 431 15.78 17.19 -31.74
C ASP B 431 14.61 17.79 -32.48
N VAL B 432 14.37 19.07 -32.21
CA VAL B 432 13.24 19.83 -32.73
C VAL B 432 13.66 21.03 -33.59
N VAL B 433 13.02 21.19 -34.74
CA VAL B 433 13.30 22.36 -35.57
C VAL B 433 12.11 23.29 -35.57
N THR B 434 12.36 24.50 -35.10
CA THR B 434 11.33 25.51 -34.98
C THR B 434 11.89 26.90 -34.94
N SER B 435 11.12 27.86 -35.42
CA SER B 435 11.51 29.25 -35.34
C SER B 435 11.22 29.88 -33.99
N ASP B 436 10.29 29.32 -33.22
CA ASP B 436 9.91 29.90 -31.94
C ASP B 436 9.40 28.84 -30.95
N ILE B 437 10.23 28.49 -29.97
CA ILE B 437 9.91 27.45 -28.99
C ILE B 437 8.78 27.87 -28.02
N SER B 438 8.45 29.17 -28.02
CA SER B 438 7.43 29.73 -27.14
C SER B 438 6.03 29.70 -27.74
N LYS B 439 5.91 29.21 -28.97
CA LYS B 439 4.63 29.08 -29.65
C LYS B 439 4.44 27.60 -29.94
N PRO B 440 3.22 27.08 -30.10
CA PRO B 440 2.94 25.71 -30.47
C PRO B 440 3.59 25.32 -31.79
N LEU B 441 4.09 24.09 -31.89
CA LEU B 441 4.72 23.68 -33.15
C LEU B 441 3.76 23.71 -34.32
N ARG B 442 2.46 23.51 -34.09
CA ARG B 442 1.52 23.53 -35.20
C ARG B 442 1.32 24.93 -35.79
N GLU B 443 1.67 25.99 -35.06
CA GLU B 443 1.47 27.35 -35.52
C GLU B 443 2.70 27.89 -36.22
N THR B 444 3.86 27.38 -35.84
CA THR B 444 5.13 27.81 -36.40
C THR B 444 5.62 26.88 -37.51
N ASN B 445 4.84 25.85 -37.79
CA ASN B 445 5.16 24.78 -38.74
C ASN B 445 6.46 24.06 -38.39
N GLY B 446 6.65 23.75 -37.11
CA GLY B 446 7.86 23.05 -36.67
C GLY B 446 7.72 21.54 -36.77
N VAL B 447 8.86 20.86 -36.75
CA VAL B 447 8.90 19.39 -36.80
C VAL B 447 9.83 18.74 -35.81
N ILE B 448 9.59 17.46 -35.54
CA ILE B 448 10.50 16.67 -34.73
C ILE B 448 11.34 15.86 -35.67
N VAL B 449 12.63 16.08 -35.60
CA VAL B 449 13.56 15.48 -36.53
C VAL B 449 14.16 14.18 -36.05
N GLU B 450 14.54 14.11 -34.78
CA GLU B 450 15.20 12.90 -34.28
C GLU B 450 14.95 12.60 -32.81
N VAL B 451 14.93 11.33 -32.45
CA VAL B 451 14.86 10.93 -31.05
C VAL B 451 16.13 10.14 -30.73
N ASN B 452 16.90 10.60 -29.74
CA ASN B 452 18.16 9.99 -29.36
C ASN B 452 18.18 9.31 -28.00
N ALA B 453 18.41 8.01 -28.00
CA ALA B 453 18.50 7.32 -26.74
C ALA B 453 19.82 7.65 -26.11
N ALA B 454 19.86 7.77 -24.79
CA ALA B 454 21.12 7.99 -24.07
C ALA B 454 21.95 9.21 -24.53
N PRO B 455 21.40 10.44 -24.49
CA PRO B 455 21.98 11.71 -24.91
C PRO B 455 23.07 12.19 -23.97
N GLY B 456 23.97 13.08 -24.41
CA GLY B 456 24.96 13.64 -23.49
C GLY B 456 24.43 14.84 -22.72
N PHE B 457 25.22 15.34 -21.75
CA PHE B 457 24.77 16.46 -20.92
C PHE B 457 25.52 17.82 -20.92
N ARG B 458 26.72 17.91 -21.50
CA ARG B 458 27.54 19.15 -21.42
C ARG B 458 26.74 20.41 -21.74
N MET B 459 25.84 20.38 -22.72
CA MET B 459 25.10 21.53 -23.17
C MET B 459 24.06 22.01 -22.18
N HIS B 460 23.71 21.17 -21.21
CA HIS B 460 22.71 21.52 -20.22
C HIS B 460 23.35 21.85 -18.87
N VAL B 461 24.51 21.27 -18.60
CA VAL B 461 25.17 21.52 -17.32
C VAL B 461 26.24 22.60 -17.45
N ALA B 462 26.66 22.92 -18.67
CA ALA B 462 27.63 23.96 -18.93
C ALA B 462 27.31 24.72 -20.22
N PRO B 463 26.16 25.43 -20.29
CA PRO B 463 25.69 26.21 -21.42
C PRO B 463 26.56 27.43 -21.57
N SER B 464 26.61 28.02 -22.76
CA SER B 464 27.37 29.24 -22.91
C SER B 464 26.57 30.48 -22.55
N GLN B 465 25.26 30.37 -22.64
CA GLN B 465 24.38 31.46 -22.22
C GLN B 465 23.28 30.87 -21.38
N GLY B 466 22.85 31.59 -20.37
CA GLY B 466 21.77 31.14 -19.51
C GLY B 466 22.32 30.43 -18.29
N LEU B 467 21.44 29.84 -17.50
CA LEU B 467 21.84 29.25 -16.24
C LEU B 467 22.04 27.72 -16.38
N PRO B 468 23.08 27.11 -15.78
CA PRO B 468 23.33 25.66 -15.70
C PRO B 468 22.23 24.89 -14.98
N ARG B 469 21.93 23.67 -15.42
CA ARG B 469 20.88 22.88 -14.77
C ARG B 469 21.40 21.60 -14.13
N ASN B 470 20.84 21.23 -12.99
CA ASN B 470 21.27 19.99 -12.37
C ASN B 470 20.48 18.84 -12.94
N VAL B 471 21.04 18.28 -13.98
CA VAL B 471 20.50 17.20 -14.77
C VAL B 471 20.51 15.86 -14.03
N ALA B 472 21.58 15.59 -13.28
CA ALA B 472 21.72 14.35 -12.54
C ALA B 472 20.65 14.14 -11.47
N ALA B 473 20.22 15.20 -10.81
CA ALA B 473 19.28 15.02 -9.73
C ALA B 473 18.00 14.24 -10.16
N PRO B 474 17.31 14.56 -11.28
CA PRO B 474 16.19 13.80 -11.83
C PRO B 474 16.51 12.37 -12.22
N VAL B 475 17.77 12.02 -12.42
CA VAL B 475 18.12 10.67 -12.80
C VAL B 475 18.18 9.84 -11.53
N LEU B 476 18.85 10.34 -10.52
CA LEU B 476 18.94 9.59 -9.28
C LEU B 476 17.60 9.48 -8.60
N ASP B 477 16.71 10.44 -8.80
CA ASP B 477 15.38 10.35 -8.25
C ASP B 477 14.56 9.21 -8.87
N MET B 478 14.85 8.76 -10.12
CA MET B 478 14.05 7.67 -10.63
C MET B 478 14.68 6.36 -10.18
N LEU B 479 16.02 6.34 -10.05
CA LEU B 479 16.71 5.12 -9.66
C LEU B 479 16.51 4.80 -8.19
N PHE B 480 16.49 5.84 -7.35
CA PHE B 480 16.30 5.73 -5.92
C PHE B 480 15.22 6.70 -5.44
N PRO B 481 13.96 6.30 -5.72
CA PRO B 481 12.78 7.10 -5.45
C PRO B 481 12.64 7.69 -4.05
N PRO B 482 12.01 8.86 -3.85
CA PRO B 482 11.97 9.50 -2.50
C PRO B 482 11.60 8.56 -1.33
N GLY B 483 12.33 8.69 -0.23
CA GLY B 483 12.13 7.81 0.94
C GLY B 483 12.34 6.33 0.83
N THR B 484 13.22 5.89 -0.04
CA THR B 484 13.53 4.48 -0.36
C THR B 484 15.03 4.37 -0.11
N PRO B 485 15.59 3.23 0.30
CA PRO B 485 16.94 3.09 0.78
C PRO B 485 17.86 2.66 -0.35
N SER B 486 19.13 2.96 -0.24
CA SER B 486 20.15 2.51 -1.20
C SER B 486 21.11 1.50 -0.58
N ARG B 487 20.95 1.25 0.71
CA ARG B 487 21.81 0.37 1.49
C ARG B 487 21.06 -0.69 2.24
N ILE B 488 21.76 -1.77 2.56
CA ILE B 488 21.23 -2.84 3.38
C ILE B 488 21.96 -2.73 4.70
N PRO B 489 21.42 -3.22 5.83
CA PRO B 489 22.09 -3.22 7.11
C PRO B 489 23.40 -3.98 7.12
N ILE B 490 24.40 -3.39 7.77
CA ILE B 490 25.70 -4.02 7.93
C ILE B 490 26.06 -4.10 9.40
N LEU B 491 26.39 -5.32 9.82
CA LEU B 491 26.80 -5.59 11.18
C LEU B 491 28.22 -6.10 11.15
N ALA B 492 29.14 -5.30 11.66
CA ALA B 492 30.57 -5.61 11.62
C ALA B 492 31.09 -6.06 12.97
N VAL B 493 31.72 -7.23 13.03
CA VAL B 493 32.19 -7.79 14.29
C VAL B 493 33.70 -7.91 14.37
N THR B 494 34.32 -7.30 15.38
CA THR B 494 35.77 -7.45 15.51
C THR B 494 36.19 -7.72 16.97
N GLY B 495 37.48 -7.89 17.19
CA GLY B 495 38.05 -8.18 18.51
C GLY B 495 39.06 -9.30 18.41
N THR B 496 39.92 -9.46 19.41
CA THR B 496 40.94 -10.51 19.33
C THR B 496 40.38 -11.94 19.35
N ASN B 497 39.44 -12.25 20.26
CA ASN B 497 38.88 -13.60 20.35
C ASN B 497 37.35 -13.61 20.29
N GLY B 498 36.77 -14.65 19.67
CA GLY B 498 35.32 -14.85 19.65
C GLY B 498 34.54 -14.37 18.41
N LYS B 499 35.22 -13.74 17.46
CA LYS B 499 34.56 -13.23 16.25
C LYS B 499 33.77 -14.24 15.44
N THR B 500 34.34 -15.40 15.12
CA THR B 500 33.63 -16.37 14.29
C THR B 500 32.38 -16.90 14.97
N THR B 501 32.45 -17.18 16.25
CA THR B 501 31.31 -17.70 17.00
C THR B 501 30.19 -16.67 17.07
N THR B 502 30.54 -15.42 17.34
CA THR B 502 29.58 -14.33 17.47
C THR B 502 28.90 -14.08 16.12
N THR B 503 29.68 -14.13 15.04
CA THR B 503 29.23 -13.91 13.67
C THR B 503 28.22 -14.96 13.24
N ARG B 504 28.48 -16.24 13.52
CA ARG B 504 27.54 -17.29 13.16
C ARG B 504 26.24 -17.22 13.95
N LEU B 505 26.31 -16.88 15.23
CA LEU B 505 25.11 -16.76 16.03
C LEU B 505 24.25 -15.58 15.59
N LEU B 506 24.88 -14.45 15.32
CA LEU B 506 24.15 -13.28 14.93
C LEU B 506 23.47 -13.50 13.59
N ALA B 507 24.15 -14.14 12.64
CA ALA B 507 23.55 -14.44 11.34
C ALA B 507 22.34 -15.38 11.50
N HIS B 508 22.44 -16.37 12.40
CA HIS B 508 21.39 -17.33 12.73
C HIS B 508 20.14 -16.63 13.28
N ILE B 509 20.33 -15.63 14.14
CA ILE B 509 19.21 -14.89 14.73
C ILE B 509 18.48 -14.09 13.63
N TYR B 510 19.20 -13.39 12.76
CA TYR B 510 18.54 -12.61 11.71
C TYR B 510 17.78 -13.46 10.75
N ARG B 511 18.30 -14.63 10.51
CA ARG B 511 17.73 -15.60 9.61
C ARG B 511 16.34 -16.08 10.06
N GLN B 512 15.99 -15.90 11.35
CA GLN B 512 14.72 -16.39 11.87
C GLN B 512 13.60 -15.45 11.47
N THR B 513 13.94 -14.33 10.83
CA THR B 513 12.95 -13.38 10.36
C THR B 513 12.57 -13.68 8.91
N GLY B 514 13.23 -14.66 8.27
CA GLY B 514 12.93 -15.04 6.89
C GLY B 514 13.66 -14.27 5.79
N LYS B 515 14.61 -13.43 6.16
CA LYS B 515 15.39 -12.63 5.21
C LYS B 515 16.59 -13.35 4.68
N THR B 516 17.12 -12.89 3.54
CA THR B 516 18.35 -13.46 3.03
C THR B 516 19.52 -12.82 3.73
N VAL B 517 20.29 -13.66 4.38
CA VAL B 517 21.41 -13.20 5.17
C VAL B 517 22.69 -13.74 4.61
N GLY B 518 23.61 -12.84 4.33
CA GLY B 518 24.89 -13.23 3.84
C GLY B 518 25.94 -12.95 4.89
N TYR B 519 26.96 -13.78 4.96
CA TYR B 519 28.01 -13.52 5.92
C TYR B 519 29.35 -14.08 5.54
N THR B 520 30.39 -13.50 6.12
CA THR B 520 31.72 -13.99 5.85
C THR B 520 32.44 -14.32 7.14
N SER B 521 33.23 -15.37 7.09
CA SER B 521 34.02 -15.83 8.21
C SER B 521 35.35 -16.38 7.76
N THR B 522 36.13 -16.83 8.72
CA THR B 522 37.40 -17.48 8.43
C THR B 522 37.25 -18.90 7.87
N ASP B 523 36.04 -19.44 7.85
CA ASP B 523 35.87 -20.78 7.29
C ASP B 523 35.34 -20.75 5.85
N ALA B 524 34.39 -19.82 5.56
CA ALA B 524 33.69 -19.74 4.27
C ALA B 524 32.83 -18.47 4.11
N ILE B 525 32.31 -18.27 2.89
CA ILE B 525 31.30 -17.25 2.58
C ILE B 525 29.98 -17.96 2.35
N TYR B 526 28.95 -17.55 3.09
CA TYR B 526 27.62 -18.15 2.99
C TYR B 526 26.48 -17.22 2.69
N ILE B 527 25.48 -17.73 1.97
CA ILE B 527 24.21 -17.04 1.80
C ILE B 527 23.08 -18.00 2.15
N ASN B 528 22.31 -17.72 3.22
CA ASN B 528 21.19 -18.61 3.62
C ASN B 528 21.55 -20.06 3.71
N GLU B 529 22.67 -20.37 4.33
CA GLU B 529 23.20 -21.73 4.51
C GLU B 529 23.75 -22.43 3.26
N TYR B 530 23.91 -21.71 2.14
CA TYR B 530 24.58 -22.29 1.00
C TYR B 530 25.99 -21.76 1.00
N CYS B 531 26.95 -22.59 0.72
CA CYS B 531 28.31 -22.11 0.71
C CYS B 531 28.71 -21.60 -0.66
N VAL B 532 29.16 -20.36 -0.72
CA VAL B 532 29.56 -19.72 -1.96
C VAL B 532 31.04 -19.99 -2.22
N GLU B 533 31.87 -19.76 -1.19
CA GLU B 533 33.32 -19.99 -1.28
C GLU B 533 33.85 -20.57 0.02
N LYS B 534 34.92 -21.37 -0.03
CA LYS B 534 35.55 -21.88 1.20
C LYS B 534 36.95 -21.32 1.43
N GLY B 535 37.40 -21.33 2.69
CA GLY B 535 38.73 -20.84 3.05
C GLY B 535 38.64 -19.58 3.88
N ASP B 536 39.77 -18.95 4.17
CA ASP B 536 39.72 -17.76 5.00
C ASP B 536 39.19 -16.66 4.17
N ASN B 537 37.98 -16.26 4.46
CA ASN B 537 37.29 -15.29 3.69
C ASN B 537 37.09 -14.00 4.41
N THR B 538 37.93 -13.70 5.37
CA THR B 538 37.82 -12.40 5.99
C THR B 538 38.56 -11.42 5.09
N GLY B 539 38.35 -10.14 5.31
CA GLY B 539 39.01 -9.11 4.51
C GLY B 539 38.04 -8.49 3.50
N PRO B 540 38.41 -7.33 2.94
CA PRO B 540 37.63 -6.51 2.03
C PRO B 540 37.28 -7.13 0.69
N GLN B 541 38.02 -8.14 0.27
CA GLN B 541 37.70 -8.76 -0.99
C GLN B 541 36.48 -9.66 -0.87
N SER B 542 36.23 -10.19 0.33
CA SER B 542 35.09 -11.06 0.54
C SER B 542 33.88 -10.24 0.88
N ALA B 543 34.10 -9.15 1.59
CA ALA B 543 33.00 -8.29 1.97
C ALA B 543 32.31 -7.78 0.72
N GLY B 544 33.11 -7.54 -0.33
CA GLY B 544 32.62 -7.08 -1.61
C GLY B 544 31.78 -8.12 -2.37
N VAL B 545 31.92 -9.40 -2.05
CA VAL B 545 31.15 -10.44 -2.73
C VAL B 545 29.75 -10.36 -2.20
N ILE B 546 29.62 -10.22 -0.87
CA ILE B 546 28.31 -10.10 -0.27
C ILE B 546 27.63 -8.78 -0.63
N LEU B 547 28.34 -7.66 -0.59
CA LEU B 547 27.72 -6.37 -0.88
C LEU B 547 27.28 -6.22 -2.34
N ARG B 548 27.96 -6.87 -3.27
CA ARG B 548 27.55 -6.80 -4.66
C ARG B 548 26.45 -7.81 -5.03
N ASP B 549 26.09 -8.70 -4.12
CA ASP B 549 25.13 -9.77 -4.41
C ASP B 549 23.68 -9.26 -4.41
N PRO B 550 22.94 -9.36 -5.54
CA PRO B 550 21.62 -8.83 -5.77
C PRO B 550 20.52 -9.44 -4.90
N THR B 551 20.81 -10.51 -4.18
CA THR B 551 19.79 -11.14 -3.35
C THR B 551 19.92 -10.83 -1.85
N VAL B 552 21.05 -10.27 -1.41
CA VAL B 552 21.27 -10.12 0.04
C VAL B 552 20.57 -8.94 0.69
N GLU B 553 19.86 -9.22 1.78
CA GLU B 553 19.13 -8.22 2.54
C GLU B 553 19.84 -7.78 3.81
N VAL B 554 20.61 -8.68 4.44
CA VAL B 554 21.38 -8.38 5.66
C VAL B 554 22.82 -8.88 5.52
N ALA B 555 23.82 -8.05 5.86
CA ALA B 555 25.20 -8.51 5.81
C ALA B 555 25.87 -8.56 7.19
N VAL B 556 26.41 -9.71 7.56
CA VAL B 556 27.11 -9.85 8.85
C VAL B 556 28.58 -10.23 8.54
N LEU B 557 29.52 -9.38 8.91
CA LEU B 557 30.91 -9.59 8.47
C LEU B 557 31.96 -9.70 9.59
N GLU B 558 32.69 -10.84 9.74
CA GLU B 558 33.71 -10.79 10.81
C GLU B 558 34.89 -10.01 10.21
N THR B 559 35.48 -9.11 10.99
CA THR B 559 36.59 -8.28 10.52
C THR B 559 37.88 -8.48 11.30
N ALA B 560 38.92 -8.83 10.55
CA ALA B 560 40.23 -9.08 11.08
C ALA B 560 41.19 -7.92 10.85
N ARG B 561 42.21 -7.85 11.71
CA ARG B 561 43.25 -6.83 11.61
C ARG B 561 44.09 -6.95 10.36
N GLY B 562 44.26 -8.15 9.82
CA GLY B 562 45.08 -8.27 8.63
C GLY B 562 44.46 -7.50 7.49
N GLY B 563 43.15 -7.58 7.36
CA GLY B 563 42.43 -6.91 6.31
C GLY B 563 42.53 -5.41 6.48
N ILE B 564 42.36 -4.92 7.71
CA ILE B 564 42.39 -3.48 7.91
C ILE B 564 43.77 -2.91 7.62
N LEU B 565 44.79 -3.55 8.14
CA LEU B 565 46.15 -3.05 7.97
C LEU B 565 46.66 -3.17 6.54
N ARG B 566 46.23 -4.18 5.81
CA ARG B 566 46.67 -4.35 4.45
C ARG B 566 45.91 -3.52 3.42
N ALA B 567 44.58 -3.35 3.56
CA ALA B 567 43.86 -2.61 2.52
C ALA B 567 42.70 -1.70 2.98
N GLY B 568 42.44 -1.50 4.29
CA GLY B 568 41.31 -0.68 4.74
C GLY B 568 39.98 -1.47 4.77
N LEU B 569 38.90 -0.85 5.24
CA LEU B 569 37.59 -1.51 5.26
C LEU B 569 36.86 -1.40 3.91
N ALA B 570 36.08 -2.42 3.56
CA ALA B 570 35.33 -2.41 2.29
C ALA B 570 34.04 -1.61 2.24
N PHE B 571 33.47 -1.25 3.38
CA PHE B 571 32.16 -0.62 3.37
C PHE B 571 31.98 0.84 3.77
N ASP B 572 33.03 1.55 4.19
CA ASP B 572 32.95 2.95 4.66
C ASP B 572 32.16 3.23 5.94
N SER B 573 30.92 2.77 6.04
CA SER B 573 30.13 2.95 7.25
C SER B 573 29.21 1.77 7.50
N CYS B 574 28.79 1.62 8.75
CA CYS B 574 27.89 0.53 9.13
C CYS B 574 26.90 0.90 10.21
N ASP B 575 25.93 0.00 10.47
CA ASP B 575 24.87 0.26 11.43
C ASP B 575 25.21 -0.19 12.83
N VAL B 576 25.86 -1.34 12.92
CA VAL B 576 26.26 -1.84 14.20
C VAL B 576 27.73 -2.21 14.15
N GLY B 577 28.49 -1.75 15.11
CA GLY B 577 29.89 -2.11 15.21
C GLY B 577 30.13 -2.77 16.55
N VAL B 578 30.57 -4.01 16.54
CA VAL B 578 30.77 -4.77 17.77
C VAL B 578 32.25 -5.01 18.04
N VAL B 579 32.73 -4.58 19.21
CA VAL B 579 34.13 -4.83 19.58
C VAL B 579 34.11 -5.74 20.81
N LEU B 580 34.63 -6.93 20.67
CA LEU B 580 34.51 -7.90 21.75
C LEU B 580 35.60 -7.88 22.82
N ASN B 581 36.84 -7.59 22.45
CA ASN B 581 37.98 -7.62 23.38
C ASN B 581 39.30 -7.22 22.72
N VAL B 582 40.22 -6.67 23.50
CA VAL B 582 41.57 -6.42 22.98
C VAL B 582 42.57 -7.23 23.79
N ALA B 583 43.40 -8.03 23.13
CA ALA B 583 44.36 -8.87 23.85
C ALA B 583 45.66 -8.93 23.08
N ALA B 584 46.73 -9.32 23.76
CA ALA B 584 48.07 -9.31 23.18
C ALA B 584 48.37 -10.47 22.25
N ASP B 585 47.68 -10.47 21.13
CA ASP B 585 47.87 -11.43 20.06
C ASP B 585 48.46 -10.67 18.89
N HIS B 586 49.15 -11.36 18.01
CA HIS B 586 49.71 -10.77 16.80
C HIS B 586 50.58 -9.54 17.05
N LEU B 587 51.31 -9.52 18.15
CA LEU B 587 52.13 -8.35 18.36
C LEU B 587 53.43 -8.57 17.66
N GLY B 588 53.93 -7.50 17.09
CA GLY B 588 55.16 -7.45 16.33
C GLY B 588 54.88 -7.56 14.84
N LEU B 589 53.65 -7.90 14.46
CA LEU B 589 53.32 -8.03 13.06
C LEU B 589 52.64 -6.79 12.55
N GLY B 590 52.91 -6.42 11.30
CA GLY B 590 52.19 -5.29 10.71
C GLY B 590 52.60 -3.97 11.33
N ASP B 591 53.81 -3.91 11.87
CA ASP B 591 54.34 -2.76 12.56
C ASP B 591 53.61 -2.41 13.88
N ILE B 592 52.82 -3.34 14.42
CA ILE B 592 52.19 -3.11 15.71
C ILE B 592 52.78 -3.94 16.81
N ASP B 593 53.51 -3.27 17.69
CA ASP B 593 54.25 -3.88 18.77
C ASP B 593 53.56 -3.84 20.12
N THR B 594 52.70 -2.84 20.35
CA THR B 594 52.11 -2.70 21.68
C THR B 594 50.61 -2.94 21.70
N ILE B 595 50.08 -3.08 22.91
CA ILE B 595 48.66 -3.29 23.09
C ILE B 595 47.88 -2.00 22.81
N GLU B 596 48.47 -0.86 23.13
CA GLU B 596 47.85 0.43 22.88
C GLU B 596 47.68 0.66 21.38
N GLN B 597 48.65 0.18 20.58
CA GLN B 597 48.53 0.27 19.14
C GLN B 597 47.46 -0.71 18.62
N MET B 598 47.39 -1.91 19.21
CA MET B 598 46.41 -2.88 18.75
C MET B 598 45.00 -2.36 18.98
N ALA B 599 44.82 -1.62 20.05
CA ALA B 599 43.55 -1.02 20.37
C ALA B 599 43.12 0.01 19.30
N LYS B 600 44.10 0.67 18.63
CA LYS B 600 43.81 1.69 17.62
C LYS B 600 43.36 1.04 16.33
N VAL B 601 43.76 -0.21 16.13
CA VAL B 601 43.31 -0.94 14.96
C VAL B 601 41.86 -1.37 15.21
N LYS B 602 41.58 -1.90 16.39
CA LYS B 602 40.23 -2.40 16.65
C LYS B 602 39.21 -1.28 16.70
N SER B 603 39.62 -0.10 17.15
CA SER B 603 38.73 1.05 17.26
C SER B 603 38.27 1.57 15.90
N VAL B 604 38.87 1.11 14.80
CA VAL B 604 38.45 1.55 13.48
C VAL B 604 36.98 1.19 13.27
N ILE B 605 36.54 0.02 13.74
CA ILE B 605 35.14 -0.34 13.57
C ILE B 605 34.21 0.58 14.34
N ALA B 606 34.53 0.87 15.58
CA ALA B 606 33.69 1.73 16.39
C ALA B 606 33.55 3.13 15.78
N GLU B 607 34.62 3.62 15.16
CA GLU B 607 34.64 4.96 14.58
C GLU B 607 33.99 5.09 13.20
N VAL B 608 33.51 3.99 12.61
CA VAL B 608 32.86 4.10 11.31
C VAL B 608 31.38 3.80 11.44
N VAL B 609 30.88 3.71 12.66
CA VAL B 609 29.47 3.47 12.80
C VAL B 609 28.74 4.79 12.56
N ASP B 610 27.72 4.75 11.73
CA ASP B 610 26.89 5.90 11.39
C ASP B 610 26.31 6.51 12.66
N PRO B 611 26.20 7.84 12.84
CA PRO B 611 25.65 8.49 14.01
C PRO B 611 24.26 7.98 14.43
N SER B 612 23.47 7.44 13.49
CA SER B 612 22.14 6.94 13.82
C SER B 612 22.18 5.50 14.36
N GLY B 613 23.35 4.87 14.30
CA GLY B 613 23.58 3.49 14.71
C GLY B 613 24.21 3.37 16.08
N TYR B 614 24.72 2.16 16.36
CA TYR B 614 25.31 1.81 17.65
C TYR B 614 26.64 1.12 17.63
N ALA B 615 27.42 1.41 18.65
CA ALA B 615 28.64 0.69 18.93
C ALA B 615 28.36 -0.20 20.13
N VAL B 616 28.77 -1.45 20.07
CA VAL B 616 28.58 -2.39 21.16
C VAL B 616 29.91 -2.70 21.79
N LEU B 617 30.09 -2.25 23.02
CA LEU B 617 31.36 -2.38 23.71
C LEU B 617 31.30 -3.28 24.92
N ASN B 618 32.43 -3.90 25.23
CA ASN B 618 32.60 -4.76 26.38
C ASN B 618 32.99 -3.93 27.60
N ALA B 619 32.11 -3.80 28.59
CA ALA B 619 32.35 -2.92 29.75
C ALA B 619 33.32 -3.53 30.74
N ASP B 620 33.65 -4.80 30.54
CA ASP B 620 34.56 -5.50 31.43
C ASP B 620 36.00 -5.43 30.88
N ASP B 621 36.19 -4.74 29.77
CA ASP B 621 37.48 -4.60 29.10
C ASP B 621 37.91 -3.12 29.06
N PRO B 622 38.94 -2.71 29.83
CA PRO B 622 39.36 -1.32 29.99
C PRO B 622 39.88 -0.64 28.71
N LEU B 623 40.31 -1.41 27.69
CA LEU B 623 40.77 -0.74 26.48
C LEU B 623 39.59 -0.53 25.58
N VAL B 624 38.63 -1.46 25.64
CA VAL B 624 37.45 -1.37 24.81
C VAL B 624 36.45 -0.35 25.33
N ALA B 625 36.19 -0.33 26.63
CA ALA B 625 35.23 0.62 27.19
C ALA B 625 35.64 2.06 26.88
N ALA B 626 36.94 2.30 26.86
CA ALA B 626 37.56 3.60 26.61
C ALA B 626 37.32 4.13 25.19
N MET B 627 36.90 3.25 24.27
CA MET B 627 36.67 3.63 22.89
C MET B 627 35.39 4.45 22.81
N ALA B 628 34.59 4.41 23.87
CA ALA B 628 33.31 5.09 23.91
C ALA B 628 33.47 6.58 23.75
N ASP B 629 34.66 7.11 24.05
CA ASP B 629 34.89 8.54 23.98
C ASP B 629 35.35 9.01 22.59
N LYS B 630 35.49 8.07 21.66
CA LYS B 630 35.87 8.37 20.29
C LYS B 630 34.66 8.22 19.36
N VAL B 631 33.72 7.38 19.78
CA VAL B 631 32.53 7.05 19.03
C VAL B 631 31.53 8.20 18.89
N LYS B 632 31.10 8.43 17.63
CA LYS B 632 30.10 9.44 17.25
C LYS B 632 28.67 8.90 17.26
N ALA B 633 28.59 7.59 17.35
CA ALA B 633 27.40 6.76 17.35
C ALA B 633 26.92 6.57 18.78
N LYS B 634 25.78 5.93 18.96
CA LYS B 634 25.29 5.65 20.29
C LYS B 634 26.08 4.49 20.85
N VAL B 635 26.19 4.38 22.16
CA VAL B 635 26.92 3.28 22.75
C VAL B 635 26.07 2.39 23.63
N ALA B 636 26.17 1.09 23.41
CA ALA B 636 25.51 0.07 24.22
C ALA B 636 26.62 -0.76 24.85
N TYR B 637 26.38 -1.30 26.04
CA TYR B 637 27.41 -2.12 26.70
C TYR B 637 26.98 -3.49 27.13
N PHE B 638 27.91 -4.40 27.18
CA PHE B 638 27.59 -5.70 27.76
C PHE B 638 28.61 -6.07 28.83
N SER B 639 28.18 -6.90 29.79
CA SER B 639 29.07 -7.37 30.84
C SER B 639 28.64 -8.69 31.50
N MET B 640 29.58 -9.32 32.20
CA MET B 640 29.32 -10.56 32.94
C MET B 640 29.09 -10.34 34.41
N ASN B 641 28.99 -9.08 34.80
CA ASN B 641 28.81 -8.67 36.16
C ASN B 641 27.94 -7.42 36.24
N PRO B 642 26.67 -7.51 36.65
CA PRO B 642 25.74 -6.40 36.76
C PRO B 642 26.30 -5.26 37.61
N ASP B 643 27.16 -5.60 38.59
CA ASP B 643 27.74 -4.59 39.44
C ASP B 643 29.04 -4.07 38.85
N ASN B 644 28.86 -3.35 37.77
CA ASN B 644 29.91 -2.73 36.99
C ASN B 644 29.52 -1.27 36.92
N PRO B 645 30.26 -0.34 37.54
CA PRO B 645 29.97 1.06 37.60
C PRO B 645 29.66 1.70 36.25
N ILE B 646 30.24 1.17 35.16
CA ILE B 646 29.98 1.72 33.84
C ILE B 646 28.53 1.46 33.46
N ILE B 647 28.09 0.23 33.73
CA ILE B 647 26.77 -0.21 33.38
C ILE B 647 25.76 0.55 34.18
N GLN B 648 26.06 0.72 35.47
CA GLN B 648 25.12 1.41 36.32
C GLN B 648 24.99 2.87 35.95
N ALA B 649 26.10 3.54 35.66
CA ALA B 649 26.03 4.94 35.29
C ALA B 649 25.26 5.12 33.99
N HIS B 650 25.43 4.17 33.08
CA HIS B 650 24.82 4.16 31.76
C HIS B 650 23.31 3.92 31.80
N VAL B 651 22.84 2.92 32.54
CA VAL B 651 21.40 2.67 32.54
C VAL B 651 20.65 3.78 33.30
N ARG B 652 21.32 4.46 34.24
CA ARG B 652 20.73 5.57 34.98
C ARG B 652 20.47 6.80 34.09
N ARG B 653 21.04 6.82 32.89
CA ARG B 653 20.86 7.87 31.91
C ARG B 653 20.02 7.33 30.74
N ASN B 654 19.33 6.22 31.02
CA ASN B 654 18.50 5.46 30.09
C ASN B 654 19.20 4.84 28.89
N GLY B 655 20.41 4.34 29.09
CA GLY B 655 21.09 3.63 28.04
C GLY B 655 20.64 2.18 28.06
N ILE B 656 21.26 1.38 27.19
CA ILE B 656 20.95 -0.02 27.01
C ILE B 656 22.15 -0.88 27.33
N ALA B 657 21.94 -1.95 28.06
CA ALA B 657 23.02 -2.85 28.38
C ALA B 657 22.56 -4.28 28.45
N ALA B 658 23.48 -5.20 28.21
CA ALA B 658 23.15 -6.61 28.36
C ALA B 658 24.02 -7.22 29.42
N VAL B 659 23.40 -7.86 30.38
CA VAL B 659 24.16 -8.44 31.46
C VAL B 659 23.78 -9.87 31.75
N TYR B 660 24.69 -10.56 32.38
CA TYR B 660 24.38 -11.89 32.88
C TYR B 660 24.03 -11.80 34.36
N GLU B 661 22.80 -12.18 34.72
CA GLU B 661 22.35 -12.08 36.11
C GLU B 661 21.38 -13.20 36.48
N SER B 662 21.50 -13.71 37.70
CA SER B 662 20.58 -14.73 38.23
C SER B 662 20.37 -15.93 37.32
N GLY B 663 21.40 -16.32 36.56
CA GLY B 663 21.30 -17.45 35.64
C GLY B 663 20.72 -17.08 34.28
N TYR B 664 20.33 -15.83 34.09
CA TYR B 664 19.71 -15.34 32.87
C TYR B 664 20.51 -14.35 32.08
N LEU B 665 20.29 -14.40 30.79
CA LEU B 665 20.84 -13.41 29.91
C LEU B 665 19.72 -12.42 29.72
N SER B 666 19.97 -11.17 30.12
CA SER B 666 18.92 -10.16 30.08
C SER B 666 19.37 -8.80 29.59
N ILE B 667 18.40 -8.04 29.12
CA ILE B 667 18.63 -6.70 28.61
C ILE B 667 18.06 -5.64 29.52
N LEU B 668 18.89 -4.70 29.87
CA LEU B 668 18.53 -3.60 30.72
C LEU B 668 18.25 -2.40 29.87
N GLU B 669 17.02 -1.95 29.87
CA GLU B 669 16.65 -0.82 29.05
C GLU B 669 16.10 0.24 29.97
N GLY B 670 16.96 1.16 30.37
CA GLY B 670 16.58 2.09 31.40
C GLY B 670 16.25 1.31 32.68
N SER B 671 15.08 1.57 33.25
CA SER B 671 14.64 0.92 34.49
C SER B 671 14.03 -0.48 34.32
N TRP B 672 13.76 -0.90 33.09
CA TRP B 672 13.10 -2.17 32.87
C TRP B 672 14.06 -3.29 32.51
N THR B 673 13.77 -4.49 32.99
CA THR B 673 14.60 -5.65 32.67
C THR B 673 13.87 -6.63 31.79
N LEU B 674 14.50 -7.03 30.70
CA LEU B 674 13.95 -8.00 29.78
C LEU B 674 14.74 -9.29 29.82
N ARG B 675 14.15 -10.37 30.28
CA ARG B 675 14.92 -11.61 30.32
C ARG B 675 14.77 -12.33 29.01
N VAL B 676 15.87 -12.78 28.42
CA VAL B 676 15.78 -13.47 27.16
C VAL B 676 15.70 -14.95 27.41
N GLU B 677 16.72 -15.51 28.06
CA GLU B 677 16.70 -16.95 28.35
C GLU B 677 17.68 -17.31 29.48
N GLN B 678 17.70 -18.58 29.89
CA GLN B 678 18.62 -19.08 30.89
C GLN B 678 19.89 -19.57 30.24
N ALA B 679 21.04 -19.34 30.84
CA ALA B 679 22.28 -19.77 30.21
C ALA B 679 22.33 -21.28 30.00
N LYS B 680 21.77 -22.05 30.92
CA LYS B 680 21.85 -23.49 30.83
C LYS B 680 20.98 -24.07 29.72
N LEU B 681 20.07 -23.28 29.19
CA LEU B 681 19.19 -23.77 28.15
C LEU B 681 19.61 -23.30 26.77
N ILE B 682 20.79 -22.67 26.66
CA ILE B 682 21.27 -22.21 25.37
C ILE B 682 22.44 -23.13 24.98
N PRO B 683 22.29 -24.06 24.01
CA PRO B 683 23.23 -25.11 23.65
C PRO B 683 24.67 -24.73 23.34
N MET B 684 24.96 -23.50 22.92
CA MET B 684 26.34 -23.14 22.62
C MET B 684 27.16 -23.06 23.90
N THR B 685 26.49 -22.86 25.03
CA THR B 685 27.18 -22.75 26.29
C THR B 685 27.09 -24.11 26.92
N MET B 686 28.20 -24.64 27.36
CA MET B 686 28.21 -25.99 27.90
C MET B 686 27.51 -26.11 29.26
N GLY B 687 26.19 -25.97 29.28
CA GLY B 687 25.39 -26.08 30.49
C GLY B 687 25.60 -24.91 31.44
N GLY B 688 26.01 -23.77 30.89
CA GLY B 688 26.31 -22.61 31.70
C GLY B 688 27.77 -22.62 32.24
N MET B 689 28.58 -23.61 31.85
CA MET B 689 29.97 -23.75 32.33
C MET B 689 31.08 -23.08 31.51
N ALA B 690 30.72 -22.33 30.48
CA ALA B 690 31.70 -21.69 29.62
C ALA B 690 31.47 -20.18 29.52
N PRO B 691 31.97 -19.37 30.47
CA PRO B 691 31.77 -17.93 30.60
C PRO B 691 32.06 -17.14 29.34
N PHE B 692 33.02 -17.60 28.56
CA PHE B 692 33.39 -16.96 27.32
C PHE B 692 32.33 -17.17 26.24
N MET B 693 31.54 -18.24 26.34
CA MET B 693 30.49 -18.48 25.37
C MET B 693 29.28 -17.63 25.76
N ILE B 694 29.14 -17.40 27.07
CA ILE B 694 28.04 -16.59 27.55
C ILE B 694 28.27 -15.16 27.09
N ALA B 695 29.50 -14.67 27.23
CA ALA B 695 29.83 -13.34 26.78
C ALA B 695 29.62 -13.15 25.27
N ASN B 696 29.93 -14.18 24.47
CA ASN B 696 29.74 -14.06 23.02
C ASN B 696 28.23 -14.00 22.72
N ALA B 697 27.42 -14.78 23.46
CA ALA B 697 25.97 -14.76 23.31
C ALA B 697 25.38 -13.41 23.72
N LEU B 698 25.91 -12.77 24.76
CA LEU B 698 25.38 -11.46 25.15
C LEU B 698 25.62 -10.43 24.08
N ALA B 699 26.81 -10.45 23.47
CA ALA B 699 27.12 -9.50 22.41
C ALA B 699 26.20 -9.65 21.20
N ALA B 700 25.90 -10.90 20.80
CA ALA B 700 25.02 -11.14 19.67
C ALA B 700 23.58 -10.73 19.97
N CYS B 701 23.12 -10.97 21.19
CA CYS B 701 21.76 -10.62 21.56
C CYS B 701 21.58 -9.12 21.62
N LEU B 702 22.57 -8.42 22.14
CA LEU B 702 22.48 -6.98 22.24
C LEU B 702 22.54 -6.34 20.87
N ALA B 703 23.39 -6.83 19.94
CA ALA B 703 23.44 -6.26 18.61
C ALA B 703 22.11 -6.44 17.87
N ALA B 704 21.48 -7.61 18.03
CA ALA B 704 20.20 -7.89 17.40
C ALA B 704 19.10 -6.98 17.94
N PHE B 705 19.14 -6.72 19.26
CA PHE B 705 18.18 -5.88 19.94
C PHE B 705 18.27 -4.41 19.55
N VAL B 706 19.48 -3.85 19.56
CA VAL B 706 19.62 -2.42 19.26
C VAL B 706 19.35 -2.13 17.79
N ASN B 707 19.44 -3.13 16.94
CA ASN B 707 19.13 -2.93 15.53
C ASN B 707 17.66 -3.24 15.22
N GLY B 708 16.81 -3.39 16.23
CA GLY B 708 15.39 -3.56 16.02
C GLY B 708 14.73 -4.95 16.05
N LEU B 709 15.42 -6.03 16.39
CA LEU B 709 14.67 -7.29 16.40
C LEU B 709 13.95 -7.45 17.73
N ASP B 710 12.82 -8.15 17.68
CA ASP B 710 12.05 -8.45 18.88
C ASP B 710 12.72 -9.52 19.72
N VAL B 711 12.38 -9.54 21.00
CA VAL B 711 12.94 -10.48 21.95
C VAL B 711 12.55 -11.89 21.64
N GLU B 712 11.33 -12.11 21.17
CA GLU B 712 10.91 -13.47 20.88
C GLU B 712 11.75 -14.07 19.75
N VAL B 713 12.12 -13.25 18.78
CA VAL B 713 12.95 -13.69 17.66
C VAL B 713 14.33 -14.06 18.19
N ILE B 714 14.85 -13.23 19.09
CA ILE B 714 16.15 -13.47 19.67
C ILE B 714 16.12 -14.78 20.45
N ARG B 715 15.07 -15.05 21.24
CA ARG B 715 14.96 -16.30 21.98
C ARG B 715 14.94 -17.52 21.09
N GLN B 716 14.20 -17.44 19.99
CA GLN B 716 14.13 -18.55 19.07
C GLN B 716 15.50 -18.84 18.50
N GLY B 717 16.23 -17.78 18.14
CA GLY B 717 17.55 -17.91 17.59
C GLY B 717 18.57 -18.51 18.55
N VAL B 718 18.59 -18.09 19.81
CA VAL B 718 19.61 -18.67 20.68
C VAL B 718 19.32 -20.13 21.02
N ARG B 719 18.03 -20.48 21.15
CA ARG B 719 17.62 -21.84 21.49
C ARG B 719 17.92 -22.90 20.44
N THR B 720 17.92 -22.54 19.16
CA THR B 720 18.14 -23.52 18.10
C THR B 720 19.52 -23.48 17.48
N PHE B 721 20.42 -22.67 18.01
CA PHE B 721 21.75 -22.55 17.43
C PHE B 721 22.67 -23.64 17.87
N THR B 722 23.41 -24.26 16.95
CA THR B 722 24.34 -25.29 17.35
C THR B 722 25.75 -25.04 16.84
N THR B 723 26.70 -25.59 17.60
CA THR B 723 28.12 -25.55 17.33
C THR B 723 28.66 -26.97 17.51
N SER B 724 28.19 -27.92 16.72
CA SER B 724 28.57 -29.32 16.91
C SER B 724 29.92 -29.62 16.29
N ALA B 725 30.44 -30.80 16.59
CA ALA B 725 31.63 -31.20 15.90
C ALA B 725 31.25 -31.24 14.44
N GLU B 726 32.22 -30.92 13.59
CA GLU B 726 32.09 -30.84 12.14
C GLU B 726 31.24 -29.64 11.65
N GLN B 727 30.80 -28.77 12.57
CA GLN B 727 30.18 -27.49 12.21
C GLN B 727 31.18 -26.44 12.60
N THR B 728 31.74 -26.61 13.79
CA THR B 728 32.76 -25.73 14.33
C THR B 728 33.92 -26.58 14.86
N PRO B 729 34.64 -27.31 14.01
CA PRO B 729 35.69 -28.21 14.45
C PRO B 729 36.79 -27.40 15.08
N GLY B 730 37.32 -27.88 16.18
CA GLY B 730 38.42 -27.24 16.87
C GLY B 730 37.97 -26.17 17.85
N ARG B 731 36.67 -25.94 17.97
CA ARG B 731 36.19 -24.91 18.87
C ARG B 731 35.26 -25.51 19.93
N MET B 732 35.80 -25.86 21.11
CA MET B 732 35.05 -26.55 22.14
C MET B 732 34.29 -27.80 21.70
N ASN B 733 34.97 -28.78 21.11
CA ASN B 733 34.25 -29.99 20.70
C ASN B 733 34.30 -30.98 21.84
N LEU B 734 33.20 -31.16 22.56
CA LEU B 734 33.20 -32.03 23.73
C LEU B 734 32.51 -33.35 23.40
N PHE B 735 33.29 -34.43 23.44
CA PHE B 735 32.90 -35.77 23.05
C PHE B 735 32.58 -36.68 24.24
N ASN B 736 31.51 -37.47 24.08
CA ASN B 736 31.03 -38.46 25.04
C ASN B 736 31.50 -39.88 24.67
N LEU B 737 32.39 -40.48 25.47
CA LEU B 737 32.95 -41.80 25.15
C LEU B 737 32.76 -42.81 26.28
N GLY B 738 31.56 -43.34 26.42
CA GLY B 738 31.26 -44.22 27.54
C GLY B 738 31.38 -43.43 28.83
N GLN B 739 32.05 -43.98 29.84
CA GLN B 739 32.18 -43.26 31.10
C GLN B 739 33.43 -42.38 31.03
N HIS B 740 33.40 -41.40 30.13
CA HIS B 740 34.55 -40.53 29.86
C HIS B 740 34.22 -39.38 28.90
N HIS B 741 34.86 -38.22 29.08
CA HIS B 741 34.66 -37.13 28.13
C HIS B 741 35.99 -36.62 27.56
N ALA B 742 35.99 -36.14 26.32
CA ALA B 742 37.21 -35.56 25.76
C ALA B 742 36.91 -34.24 25.06
N LEU B 743 37.80 -33.26 25.22
CA LEU B 743 37.58 -31.94 24.66
C LEU B 743 38.64 -31.51 23.67
N VAL B 744 38.23 -31.18 22.46
CA VAL B 744 39.20 -30.69 21.48
C VAL B 744 38.99 -29.22 21.20
N ASP B 745 40.07 -28.48 21.33
CA ASP B 745 40.01 -27.06 21.08
C ASP B 745 41.27 -26.66 20.34
N TYR B 746 41.42 -25.38 20.04
CA TYR B 746 42.59 -24.95 19.29
C TYR B 746 42.94 -23.57 19.77
N ALA B 747 43.31 -23.49 21.05
CA ALA B 747 43.62 -22.20 21.63
C ALA B 747 44.79 -21.64 20.87
N HIS B 748 44.72 -20.35 20.58
CA HIS B 748 45.75 -19.68 19.83
C HIS B 748 46.59 -18.76 20.69
N ASN B 749 46.02 -17.67 21.14
CA ASN B 749 46.74 -16.77 22.02
C ASN B 749 46.40 -17.21 23.45
N PRO B 750 47.14 -16.78 24.49
CA PRO B 750 46.94 -17.13 25.88
C PRO B 750 45.53 -16.95 26.42
N ALA B 751 44.74 -16.01 25.88
CA ALA B 751 43.40 -15.85 26.44
C ALA B 751 42.58 -17.10 26.21
N GLY B 752 42.84 -17.84 25.14
CA GLY B 752 42.06 -19.01 24.84
C GLY B 752 42.46 -20.20 25.69
N TYR B 753 43.64 -20.12 26.32
CA TYR B 753 44.10 -21.21 27.14
C TYR B 753 43.45 -21.00 28.48
N ARG B 754 43.32 -19.73 28.87
CA ARG B 754 42.65 -19.39 30.10
C ARG B 754 41.15 -19.67 29.97
N ALA B 755 40.55 -19.35 28.81
CA ALA B 755 39.12 -19.59 28.61
C ALA B 755 38.78 -21.08 28.73
N VAL B 756 39.64 -21.95 28.18
CA VAL B 756 39.41 -23.37 28.31
C VAL B 756 39.65 -23.78 29.76
N GLY B 757 40.69 -23.23 30.40
CA GLY B 757 40.97 -23.57 31.79
C GLY B 757 39.78 -23.27 32.69
N ASP B 758 39.03 -22.20 32.44
CA ASP B 758 37.86 -21.93 33.29
C ASP B 758 36.77 -22.98 33.05
N PHE B 759 36.60 -23.42 31.80
CA PHE B 759 35.65 -24.51 31.55
C PHE B 759 36.05 -25.72 32.39
N VAL B 760 37.34 -26.05 32.40
CA VAL B 760 37.84 -27.18 33.17
C VAL B 760 37.55 -27.03 34.67
N LYS B 761 37.79 -25.83 35.22
CA LYS B 761 37.56 -25.56 36.64
C LYS B 761 36.09 -25.79 37.05
N ASN B 762 35.15 -25.52 36.14
CA ASN B 762 33.74 -25.65 36.43
C ASN B 762 33.16 -27.07 36.27
N TRP B 763 33.97 -28.01 35.81
CA TRP B 763 33.50 -29.38 35.54
C TRP B 763 33.28 -30.16 36.83
N GLN B 764 32.16 -30.88 36.90
CA GLN B 764 31.76 -31.61 38.12
C GLN B 764 32.11 -33.09 38.15
N GLY B 765 32.88 -33.56 37.19
CA GLY B 765 33.27 -34.95 37.08
C GLY B 765 34.62 -35.27 37.73
N GLN B 766 35.30 -36.27 37.19
CA GLN B 766 36.55 -36.77 37.76
C GLN B 766 37.78 -36.08 37.21
N ARG B 767 38.98 -36.50 37.63
CA ARG B 767 40.20 -35.77 37.33
C ARG B 767 40.46 -35.53 35.85
N PHE B 768 41.13 -34.40 35.62
CA PHE B 768 41.50 -33.93 34.29
C PHE B 768 42.94 -34.05 33.91
N GLY B 769 43.14 -34.28 32.64
CA GLY B 769 44.48 -34.21 32.13
C GLY B 769 44.52 -33.59 30.77
N VAL B 770 45.70 -33.11 30.43
CA VAL B 770 45.93 -32.47 29.15
C VAL B 770 47.03 -33.16 28.35
N VAL B 771 46.74 -33.34 27.08
CA VAL B 771 47.62 -34.02 26.12
C VAL B 771 48.06 -33.13 24.96
N GLY B 772 48.36 -31.87 25.22
CA GLY B 772 48.78 -30.96 24.16
C GLY B 772 49.35 -29.65 24.70
N GLY B 773 49.52 -28.68 23.80
CA GLY B 773 50.14 -27.38 24.11
C GLY B 773 50.79 -26.73 22.87
N PRO B 774 51.35 -25.52 23.03
CA PRO B 774 51.93 -24.65 21.98
C PRO B 774 53.22 -25.10 21.26
N GLY B 775 53.27 -24.74 19.98
CA GLY B 775 54.39 -25.04 19.11
C GLY B 775 55.49 -23.98 18.98
N ASP B 776 56.27 -24.18 17.92
CA ASP B 776 57.48 -23.47 17.53
C ASP B 776 57.36 -22.00 17.22
N ARG B 777 56.20 -21.58 16.78
CA ARG B 777 55.97 -20.19 16.43
C ARG B 777 55.70 -19.30 17.64
N ARG B 778 55.64 -19.87 18.85
CA ARG B 778 55.35 -19.07 20.02
C ARG B 778 56.61 -18.33 20.48
N ASP B 779 56.52 -17.02 20.75
CA ASP B 779 57.71 -16.25 21.12
C ASP B 779 58.04 -16.33 22.61
N SER B 780 58.45 -17.52 23.04
CA SER B 780 58.83 -17.85 24.43
C SER B 780 57.73 -17.61 25.49
N ASP B 781 56.47 -17.55 25.04
CA ASP B 781 55.31 -17.35 25.92
C ASP B 781 54.85 -18.72 26.41
N LEU B 782 55.64 -19.69 26.04
CA LEU B 782 55.53 -21.08 26.33
C LEU B 782 55.64 -21.33 27.80
N ILE B 783 56.45 -20.54 28.50
CA ILE B 783 56.51 -20.79 29.92
C ILE B 783 55.18 -20.36 30.54
N GLU B 784 54.67 -19.18 30.17
CA GLU B 784 53.38 -18.74 30.71
C GLU B 784 52.28 -19.71 30.35
N LEU B 785 52.30 -20.27 29.14
CA LEU B 785 51.26 -21.21 28.78
C LEU B 785 51.36 -22.51 29.61
N GLY B 786 52.58 -22.99 29.89
CA GLY B 786 52.76 -24.20 30.73
C GLY B 786 52.19 -23.94 32.13
N GLN B 787 52.31 -22.69 32.57
CA GLN B 787 51.82 -22.24 33.87
C GLN B 787 50.28 -22.15 33.92
N ILE B 788 49.59 -22.24 32.76
CA ILE B 788 48.13 -22.22 32.75
C ILE B 788 47.66 -23.63 32.98
N ALA B 789 48.31 -24.60 32.32
CA ALA B 789 47.92 -25.99 32.57
C ALA B 789 48.12 -26.33 34.05
N ALA B 790 49.17 -25.76 34.63
CA ALA B 790 49.46 -25.97 36.03
C ALA B 790 48.30 -25.45 36.85
N GLN B 791 47.88 -26.22 37.84
CA GLN B 791 46.79 -25.88 38.76
C GLN B 791 45.41 -25.84 38.09
N VAL B 792 45.33 -26.33 36.86
CA VAL B 792 44.10 -26.52 36.12
C VAL B 792 43.88 -28.01 35.94
N PHE B 793 44.95 -28.67 35.52
CA PHE B 793 44.97 -30.10 35.26
C PHE B 793 45.68 -30.88 36.36
N ASP B 794 45.25 -32.12 36.57
CA ASP B 794 45.83 -33.03 37.56
C ASP B 794 47.00 -33.81 36.94
N ARG B 795 46.87 -34.07 35.64
CA ARG B 795 47.83 -34.78 34.80
C ARG B 795 48.25 -33.87 33.65
N ILE B 796 49.53 -33.53 33.56
CA ILE B 796 49.91 -32.61 32.50
C ILE B 796 51.03 -33.21 31.68
N ILE B 797 50.78 -33.46 30.41
CA ILE B 797 51.79 -34.12 29.61
C ILE B 797 52.25 -33.26 28.44
N VAL B 798 53.55 -33.19 28.22
CA VAL B 798 54.02 -32.43 27.08
C VAL B 798 54.12 -33.35 25.84
N LYS B 799 53.55 -32.84 24.75
CA LYS B 799 53.46 -33.46 23.43
C LYS B 799 54.16 -32.61 22.39
N GLU B 800 54.76 -31.53 22.83
CA GLU B 800 55.22 -30.53 21.90
C GLU B 800 56.57 -30.75 21.27
N ASP B 801 56.56 -31.75 20.40
CA ASP B 801 57.67 -32.20 19.58
C ASP B 801 56.99 -32.67 18.30
N ASP B 802 56.32 -31.73 17.63
CA ASP B 802 55.45 -32.00 16.48
C ASP B 802 56.23 -32.13 15.20
N ASP B 803 55.54 -32.28 14.08
CA ASP B 803 56.22 -32.45 12.80
C ASP B 803 56.65 -31.14 12.18
N LYS B 804 55.92 -30.06 12.46
CA LYS B 804 56.21 -28.79 11.81
C LYS B 804 57.64 -28.37 12.10
N ARG B 805 58.05 -28.39 13.38
CA ARG B 805 59.44 -28.10 13.75
C ARG B 805 60.01 -26.89 13.01
N GLY B 806 59.33 -25.74 13.07
CA GLY B 806 59.79 -24.55 12.35
C GLY B 806 61.19 -24.16 12.75
N ARG B 807 61.53 -24.38 14.00
CA ARG B 807 62.85 -24.11 14.51
C ARG B 807 63.26 -25.28 15.39
N SER B 808 64.48 -25.77 15.18
CA SER B 808 65.03 -26.86 15.98
C SER B 808 64.14 -28.10 16.06
N GLU B 809 64.00 -28.62 17.28
CA GLU B 809 63.19 -29.81 17.56
C GLU B 809 62.15 -29.47 18.64
N GLY B 810 61.86 -30.40 19.56
CA GLY B 810 60.82 -30.25 20.59
C GLY B 810 61.23 -29.36 21.77
N GLU B 811 61.64 -28.16 21.43
CA GLU B 811 62.09 -27.20 22.42
C GLU B 811 60.91 -26.64 23.16
N THR B 812 59.73 -26.63 22.53
CA THR B 812 58.66 -26.03 23.26
C THR B 812 58.24 -27.00 24.34
N ALA B 813 58.29 -28.33 24.10
CA ALA B 813 57.92 -29.24 25.19
C ALA B 813 58.81 -29.00 26.41
N ASP B 814 60.10 -28.70 26.16
CA ASP B 814 60.98 -28.42 27.30
C ASP B 814 60.62 -27.10 28.01
N LEU B 815 60.33 -26.04 27.26
CA LEU B 815 59.95 -24.76 27.88
C LEU B 815 58.60 -24.81 28.59
N ILE B 816 57.69 -25.57 28.03
CA ILE B 816 56.36 -25.72 28.57
C ILE B 816 56.45 -26.47 29.89
N VAL B 817 57.22 -27.56 29.95
CA VAL B 817 57.31 -28.27 31.22
C VAL B 817 58.00 -27.43 32.26
N LYS B 818 58.94 -26.56 31.89
CA LYS B 818 59.49 -25.70 32.92
C LYS B 818 58.35 -24.88 33.56
N GLY B 819 57.44 -24.32 32.73
CA GLY B 819 56.31 -23.57 33.28
C GLY B 819 55.35 -24.43 34.12
N ILE B 820 55.14 -25.67 33.68
CA ILE B 820 54.24 -26.57 34.39
C ILE B 820 54.77 -26.86 35.77
N LEU B 821 56.05 -27.19 35.82
CA LEU B 821 56.75 -27.56 37.04
C LEU B 821 56.81 -26.39 37.99
N GLN B 822 57.07 -25.18 37.51
CA GLN B 822 57.16 -24.05 38.41
C GLN B 822 55.86 -23.82 39.19
N GLU B 823 54.70 -23.95 38.52
CA GLU B 823 53.43 -23.72 39.21
C GLU B 823 52.73 -24.95 39.82
N ASN B 824 52.89 -26.15 39.25
CA ASN B 824 52.23 -27.34 39.79
C ASN B 824 53.13 -28.57 39.73
N PRO B 825 54.28 -28.55 40.40
CA PRO B 825 55.25 -29.61 40.34
C PRO B 825 54.56 -30.79 40.97
N GLY B 826 54.79 -31.98 40.46
CA GLY B 826 54.15 -33.13 41.05
C GLY B 826 52.94 -33.55 40.22
N ALA B 827 52.58 -32.73 39.23
CA ALA B 827 51.48 -33.07 38.35
C ALA B 827 51.83 -34.42 37.73
N SER B 828 50.83 -35.25 37.49
CA SER B 828 51.15 -36.55 36.94
C SER B 828 51.78 -36.44 35.55
N TYR B 829 52.77 -37.31 35.30
CA TYR B 829 53.47 -37.39 34.01
C TYR B 829 54.10 -36.11 33.44
N GLU B 830 54.91 -35.37 34.21
CA GLU B 830 55.55 -34.15 33.66
C GLU B 830 56.80 -34.53 32.83
N VAL B 831 56.53 -35.27 31.78
CA VAL B 831 57.45 -35.86 30.84
C VAL B 831 56.96 -35.69 29.42
N ILE B 832 57.82 -35.95 28.45
CA ILE B 832 57.38 -36.00 27.07
C ILE B 832 57.04 -37.44 26.77
N LEU B 833 55.81 -37.71 26.36
CA LEU B 833 55.49 -39.14 26.10
C LEU B 833 55.50 -39.56 24.64
N ASP B 834 55.15 -38.65 23.75
CA ASP B 834 55.11 -38.97 22.32
C ASP B 834 55.09 -37.72 21.48
N GLU B 835 55.12 -37.93 20.19
CA GLU B 835 54.91 -36.90 19.20
C GLU B 835 53.41 -36.81 18.88
N THR B 836 52.76 -37.99 18.66
CA THR B 836 51.34 -38.03 18.27
C THR B 836 50.44 -39.01 19.05
N ILE B 837 50.25 -40.18 18.42
CA ILE B 837 49.28 -41.22 18.76
C ILE B 837 49.42 -41.93 20.11
N ALA B 838 50.63 -42.03 20.66
CA ALA B 838 50.76 -42.73 21.92
C ALA B 838 50.35 -41.84 23.07
N LEU B 839 50.11 -40.55 22.80
CA LEU B 839 49.70 -39.66 23.85
C LEU B 839 48.26 -39.23 23.68
N ASN B 840 47.81 -38.91 22.46
CA ASN B 840 46.39 -38.55 22.33
C ASN B 840 45.57 -39.82 22.12
N LYS B 841 45.68 -40.70 23.12
CA LYS B 841 44.98 -41.95 23.27
C LYS B 841 44.78 -42.06 24.76
N ALA B 842 45.40 -41.11 25.49
CA ALA B 842 45.52 -41.17 26.94
C ALA B 842 44.24 -40.75 27.63
N LEU B 843 43.23 -41.55 27.32
CA LEU B 843 41.89 -41.51 27.82
C LEU B 843 42.01 -42.67 28.76
N ASP B 844 42.99 -43.52 28.43
CA ASP B 844 43.27 -44.75 29.17
C ASP B 844 44.11 -44.47 30.44
N GLN B 845 44.40 -43.18 30.66
CA GLN B 845 45.09 -42.68 31.84
C GLN B 845 44.11 -41.93 32.76
N VAL B 846 42.81 -41.98 32.45
CA VAL B 846 41.77 -41.25 33.17
C VAL B 846 40.70 -42.17 33.73
N GLU B 847 40.29 -41.95 34.98
CA GLU B 847 39.25 -42.77 35.60
C GLU B 847 37.86 -42.46 35.07
N GLU B 848 36.86 -43.20 35.56
CA GLU B 848 35.51 -43.06 35.05
C GLU B 848 34.98 -41.66 35.24
N LYS B 849 34.42 -41.16 34.15
CA LYS B 849 33.84 -39.84 33.98
C LYS B 849 34.82 -38.69 34.20
N GLY B 850 36.10 -38.90 33.91
CA GLY B 850 37.09 -37.83 33.98
C GLY B 850 37.19 -37.20 32.60
N LEU B 851 38.16 -36.33 32.37
CA LEU B 851 38.19 -35.69 31.05
C LEU B 851 39.60 -35.44 30.47
N VAL B 852 39.75 -35.70 29.17
CA VAL B 852 41.00 -35.42 28.44
C VAL B 852 40.87 -34.18 27.56
N VAL B 853 41.73 -33.18 27.82
CA VAL B 853 41.71 -31.95 27.07
C VAL B 853 42.84 -31.95 26.06
N VAL B 854 42.52 -31.66 24.81
CA VAL B 854 43.49 -31.72 23.76
C VAL B 854 43.73 -30.33 23.15
N PHE B 855 45.01 -29.94 23.09
CA PHE B 855 45.46 -28.69 22.48
C PHE B 855 46.49 -29.09 21.42
N PRO B 856 46.01 -29.60 20.27
CA PRO B 856 46.77 -30.27 19.24
C PRO B 856 47.49 -29.30 18.34
N GLU B 857 48.45 -29.82 17.59
CA GLU B 857 49.08 -29.07 16.51
C GLU B 857 48.13 -28.94 15.31
N SER B 858 47.16 -29.86 15.25
CA SER B 858 46.17 -29.97 14.19
C SER B 858 44.87 -30.58 14.70
N VAL B 859 43.76 -29.91 14.41
CA VAL B 859 42.45 -30.36 14.85
C VAL B 859 42.02 -31.66 14.22
N THR B 860 42.26 -31.84 12.92
CA THR B 860 41.84 -33.07 12.28
C THR B 860 42.42 -34.27 13.00
N ARG B 861 43.71 -34.24 13.35
CA ARG B 861 44.27 -35.37 14.05
C ARG B 861 43.64 -35.50 15.43
N ALA B 862 43.41 -34.37 16.10
CA ALA B 862 42.86 -34.42 17.45
C ALA B 862 41.52 -35.09 17.54
N ILE B 863 40.66 -34.85 16.54
CA ILE B 863 39.32 -35.44 16.54
C ILE B 863 39.33 -36.85 15.94
N ASP B 864 40.16 -37.11 14.93
CA ASP B 864 40.14 -38.44 14.34
C ASP B 864 40.69 -39.48 15.32
N LEU B 865 41.57 -39.05 16.25
CA LEU B 865 42.10 -39.95 17.25
C LEU B 865 41.10 -40.18 18.40
N ILE B 866 39.96 -39.50 18.35
CA ILE B 866 38.88 -39.70 19.30
C ILE B 866 37.90 -40.65 18.62
N LYS B 867 37.63 -40.43 17.33
CA LYS B 867 36.70 -41.26 16.56
C LYS B 867 37.13 -42.74 16.59
N VAL B 868 38.44 -42.96 16.55
CA VAL B 868 39.04 -44.29 16.58
C VAL B 868 38.82 -45.00 17.94
N ARG B 869 38.41 -44.24 18.96
CA ARG B 869 38.17 -44.74 20.31
C ARG B 869 36.70 -45.14 20.47
N ASN B 870 35.92 -45.04 19.38
CA ASN B 870 34.50 -45.37 19.37
C ASN B 870 33.62 -44.52 20.32
N PRO B 871 33.51 -43.20 20.09
CA PRO B 871 32.73 -42.28 20.87
C PRO B 871 31.26 -42.54 20.62
N ILE B 872 30.42 -42.13 21.56
CA ILE B 872 28.98 -42.29 21.43
C ILE B 872 28.39 -41.10 20.69
N GLY B 873 28.83 -39.91 21.06
CA GLY B 873 28.27 -38.71 20.45
C GLY B 873 28.66 -37.45 21.21
N GLU B 874 27.88 -36.39 20.98
CA GLU B 874 28.13 -35.10 21.62
C GLU B 874 27.87 -35.25 23.11
N ASN B 875 28.68 -34.57 23.94
CA ASN B 875 28.57 -34.54 25.40
C ASN B 875 27.18 -34.84 25.95
N MET C 1 -57.16 -35.29 13.28
CA MET C 1 -55.88 -35.00 12.65
C MET C 1 -54.83 -34.73 13.73
N LYS C 2 -53.92 -35.67 13.90
CA LYS C 2 -52.88 -35.55 14.92
C LYS C 2 -51.56 -35.09 14.35
N ILE C 3 -50.91 -34.15 15.01
CA ILE C 3 -49.60 -33.72 14.55
C ILE C 3 -48.56 -34.58 15.25
N LEU C 4 -47.71 -35.24 14.47
CA LEU C 4 -46.73 -36.15 15.02
C LEU C 4 -45.38 -35.51 15.19
N LYS C 5 -45.00 -34.66 14.25
CA LYS C 5 -43.68 -34.04 14.26
C LYS C 5 -43.63 -32.69 13.57
N THR C 6 -42.89 -31.73 14.12
CA THR C 6 -42.73 -30.44 13.43
C THR C 6 -41.26 -30.04 13.28
N LEU C 7 -40.86 -29.68 12.07
CA LEU C 7 -39.51 -29.18 11.80
C LEU C 7 -39.53 -27.75 11.30
N THR C 8 -38.57 -26.95 11.74
CA THR C 8 -38.45 -25.59 11.24
C THR C 8 -37.16 -25.50 10.45
N LEU C 9 -37.27 -25.09 9.19
CA LEU C 9 -36.09 -25.01 8.33
C LEU C 9 -35.69 -23.57 8.16
N ARG C 10 -34.39 -23.32 8.26
CA ARG C 10 -33.83 -21.99 8.10
C ARG C 10 -32.62 -21.94 7.17
N GLY C 11 -32.85 -22.01 5.88
CA GLY C 11 -31.77 -22.03 4.91
C GLY C 11 -32.14 -22.95 3.78
N PRO C 12 -31.34 -23.03 2.69
CA PRO C 12 -31.58 -23.84 1.50
C PRO C 12 -31.80 -25.26 1.94
N ASN C 13 -32.75 -25.89 1.33
CA ASN C 13 -33.14 -27.21 1.74
C ASN C 13 -33.70 -28.06 0.62
N TYR C 14 -34.13 -29.24 1.03
CA TYR C 14 -34.71 -30.27 0.20
C TYR C 14 -35.95 -29.80 -0.56
N TRP C 15 -36.83 -29.03 0.09
CA TRP C 15 -38.09 -28.61 -0.53
C TRP C 15 -37.88 -27.44 -1.48
N SER C 16 -36.97 -26.55 -1.12
CA SER C 16 -36.66 -25.38 -1.93
C SER C 16 -35.29 -24.76 -1.61
N ILE C 17 -34.61 -24.26 -2.63
CA ILE C 17 -33.35 -23.54 -2.42
C ILE C 17 -33.63 -22.09 -2.01
N ARG C 18 -34.57 -21.44 -2.68
CA ARG C 18 -34.92 -20.05 -2.39
C ARG C 18 -35.88 -19.89 -1.20
N ARG C 19 -36.76 -20.85 -0.97
CA ARG C 19 -37.71 -20.68 0.13
C ARG C 19 -37.04 -21.24 1.37
N LYS C 20 -36.27 -20.36 1.99
CA LYS C 20 -35.44 -20.65 3.13
C LYS C 20 -36.22 -20.87 4.42
N LYS C 21 -37.33 -20.15 4.59
CA LYS C 21 -38.14 -20.22 5.81
C LYS C 21 -39.38 -21.08 5.69
N LEU C 22 -39.26 -22.34 6.09
CA LEU C 22 -40.36 -23.29 5.94
C LEU C 22 -40.64 -24.08 7.19
N ILE C 23 -41.90 -24.43 7.38
CA ILE C 23 -42.31 -25.34 8.43
C ILE C 23 -42.82 -26.61 7.83
N VAL C 24 -42.28 -27.72 8.28
CA VAL C 24 -42.67 -29.01 7.78
C VAL C 24 -43.39 -29.74 8.89
N MET C 25 -44.65 -30.02 8.67
CA MET C 25 -45.47 -30.67 9.66
C MET C 25 -45.84 -32.08 9.22
N ARG C 26 -45.63 -33.04 10.10
CA ARG C 26 -45.98 -34.42 9.82
C ARG C 26 -47.33 -34.68 10.46
N LEU C 27 -48.36 -34.77 9.62
CA LEU C 27 -49.74 -34.85 10.07
C LEU C 27 -50.37 -36.22 9.79
N ASP C 28 -50.92 -36.83 10.83
CA ASP C 28 -51.54 -38.14 10.77
C ASP C 28 -53.07 -38.08 10.62
N LEU C 29 -53.57 -38.34 9.41
CA LEU C 29 -54.98 -38.22 9.15
C LEU C 29 -55.69 -39.50 9.55
N GLU C 30 -55.93 -39.65 10.85
CA GLU C 30 -56.53 -40.85 11.42
C GLU C 30 -57.91 -41.06 10.82
N ASP C 31 -58.62 -39.95 10.67
CA ASP C 31 -59.91 -39.82 10.02
C ASP C 31 -59.62 -39.07 8.75
N LEU C 32 -60.60 -38.81 7.93
CA LEU C 32 -60.50 -37.94 6.74
C LEU C 32 -59.67 -38.49 5.58
N ALA C 33 -58.66 -39.31 5.85
CA ALA C 33 -57.83 -39.96 4.84
C ALA C 33 -58.65 -40.85 3.94
N GLU C 34 -59.79 -41.30 4.47
CA GLU C 34 -60.74 -42.14 3.78
C GLU C 34 -61.99 -41.37 3.32
N ARG C 35 -62.02 -40.05 3.53
CA ARG C 35 -63.19 -39.22 3.24
C ARG C 35 -62.87 -37.94 2.45
N PRO C 36 -62.75 -37.99 1.11
CA PRO C 36 -62.32 -36.89 0.26
C PRO C 36 -63.38 -35.82 0.05
N SER C 37 -63.77 -35.15 1.14
CA SER C 37 -64.73 -34.02 1.19
C SER C 37 -66.19 -34.33 0.86
N ASN C 38 -66.41 -35.07 -0.22
CA ASN C 38 -67.76 -35.41 -0.66
C ASN C 38 -68.43 -36.39 0.31
N SER C 39 -67.62 -36.88 1.23
CA SER C 39 -67.95 -37.80 2.29
C SER C 39 -68.07 -37.06 3.63
N ILE C 40 -67.95 -35.73 3.58
CA ILE C 40 -68.04 -34.84 4.73
C ILE C 40 -69.06 -33.74 4.41
N PRO C 41 -70.37 -33.99 4.58
CA PRO C 41 -71.42 -33.07 4.18
C PRO C 41 -71.26 -31.71 4.82
N GLY C 42 -71.44 -30.67 4.01
CA GLY C 42 -71.35 -29.28 4.47
C GLY C 42 -69.93 -28.70 4.43
N PHE C 43 -68.92 -29.54 4.14
CA PHE C 43 -67.55 -29.04 4.16
C PHE C 43 -67.08 -28.41 2.87
N TYR C 44 -67.75 -27.33 2.53
CA TYR C 44 -67.44 -26.49 1.41
C TYR C 44 -67.94 -25.14 1.80
N GLU C 45 -69.24 -25.07 2.09
CA GLU C 45 -69.90 -23.87 2.52
C GLU C 45 -69.37 -23.46 3.89
N GLY C 46 -69.16 -24.43 4.78
CA GLY C 46 -68.64 -24.13 6.10
C GLY C 46 -67.23 -23.54 5.98
N LEU C 47 -66.37 -24.16 5.19
CA LEU C 47 -65.02 -23.67 5.10
C LEU C 47 -64.94 -22.28 4.49
N ILE C 48 -65.73 -22.02 3.46
CA ILE C 48 -65.65 -20.70 2.87
C ILE C 48 -66.34 -19.65 3.73
N LYS C 49 -67.44 -19.94 4.40
CA LYS C 49 -68.01 -18.85 5.19
C LYS C 49 -67.12 -18.47 6.38
N VAL C 50 -66.33 -19.42 6.90
CA VAL C 50 -65.42 -19.13 8.01
C VAL C 50 -64.24 -18.32 7.49
N LEU C 51 -63.67 -18.73 6.36
CA LEU C 51 -62.53 -18.07 5.75
C LEU C 51 -62.84 -17.67 4.30
N PRO C 52 -63.67 -16.62 4.06
CA PRO C 52 -64.19 -16.20 2.76
C PRO C 52 -63.14 -15.73 1.77
N SER C 53 -61.96 -15.45 2.28
CA SER C 53 -60.83 -15.01 1.48
C SER C 53 -60.17 -16.13 0.68
N LEU C 54 -60.51 -17.41 0.95
CA LEU C 54 -59.84 -18.54 0.29
C LEU C 54 -60.28 -18.77 -1.15
N VAL C 55 -60.14 -17.74 -1.99
CA VAL C 55 -60.45 -17.75 -3.42
C VAL C 55 -59.19 -17.34 -4.11
N GLU C 56 -58.28 -16.79 -3.32
CA GLU C 56 -57.03 -16.27 -3.87
C GLU C 56 -55.97 -17.38 -3.96
N HIS C 57 -56.40 -18.56 -3.59
CA HIS C 57 -55.58 -19.75 -3.58
C HIS C 57 -55.80 -20.54 -4.87
N PHE C 58 -54.67 -20.82 -5.49
CA PHE C 58 -54.51 -21.54 -6.75
C PHE C 58 -53.92 -22.88 -6.41
N CYS C 59 -54.21 -23.90 -7.21
CA CYS C 59 -53.60 -25.20 -6.94
C CYS C 59 -53.08 -25.72 -8.26
N SER C 60 -53.39 -26.97 -8.59
CA SER C 60 -52.98 -27.44 -9.89
C SER C 60 -53.65 -26.55 -10.96
N PRO C 61 -54.96 -26.18 -10.85
CA PRO C 61 -55.58 -25.25 -11.76
C PRO C 61 -54.96 -23.89 -11.47
N GLY C 62 -54.40 -23.25 -12.49
CA GLY C 62 -53.76 -21.94 -12.35
C GLY C 62 -54.77 -20.81 -12.46
N TYR C 63 -55.79 -20.85 -11.63
CA TYR C 63 -56.89 -19.90 -11.69
C TYR C 63 -57.27 -19.35 -10.33
N GLN C 64 -57.82 -18.14 -10.34
CA GLN C 64 -58.38 -17.57 -9.12
C GLN C 64 -59.53 -18.49 -8.79
N GLY C 65 -59.63 -18.93 -7.54
CA GLY C 65 -60.67 -19.85 -7.17
C GLY C 65 -60.29 -21.30 -7.51
N GLY C 66 -59.07 -21.53 -8.00
CA GLY C 66 -58.61 -22.88 -8.38
C GLY C 66 -58.69 -23.82 -7.20
N PHE C 67 -58.41 -23.31 -6.01
CA PHE C 67 -58.55 -24.12 -4.80
C PHE C 67 -60.02 -24.50 -4.64
N LEU C 68 -60.91 -23.52 -4.75
CA LEU C 68 -62.35 -23.71 -4.53
C LEU C 68 -63.03 -24.43 -5.67
N GLU C 69 -62.34 -24.62 -6.80
CA GLU C 69 -62.88 -25.43 -7.89
C GLU C 69 -62.94 -26.88 -7.39
N ARG C 70 -62.11 -27.18 -6.38
CA ARG C 70 -62.04 -28.46 -5.73
C ARG C 70 -62.63 -28.26 -4.36
N VAL C 71 -61.97 -28.76 -3.31
CA VAL C 71 -62.47 -28.75 -1.92
C VAL C 71 -63.68 -29.67 -1.79
N LYS C 72 -64.77 -29.43 -2.56
CA LYS C 72 -66.00 -30.25 -2.59
C LYS C 72 -65.70 -31.64 -3.17
N GLU C 73 -64.66 -31.67 -3.98
CA GLU C 73 -64.07 -32.85 -4.59
C GLU C 73 -62.76 -32.83 -3.87
N GLY C 74 -62.65 -33.61 -2.79
CA GLY C 74 -61.56 -33.37 -1.90
C GLY C 74 -60.21 -33.88 -2.28
N THR C 75 -59.30 -33.44 -1.44
CA THR C 75 -57.88 -33.67 -1.48
C THR C 75 -57.42 -34.40 -0.22
N TYR C 76 -58.37 -34.97 0.53
CA TYR C 76 -58.07 -35.68 1.77
C TYR C 76 -57.32 -34.81 2.76
N MET C 77 -57.72 -33.56 2.86
CA MET C 77 -57.17 -32.53 3.74
C MET C 77 -55.74 -32.07 3.37
N GLY C 78 -55.20 -32.54 2.24
CA GLY C 78 -53.96 -31.98 1.77
C GLY C 78 -54.50 -30.73 1.19
N HIS C 79 -53.71 -29.71 0.89
CA HIS C 79 -54.28 -28.45 0.38
C HIS C 79 -55.12 -27.69 1.41
N ILE C 80 -56.10 -28.30 2.04
CA ILE C 80 -56.91 -27.59 2.97
C ILE C 80 -56.15 -27.19 4.23
N VAL C 81 -55.43 -28.10 4.88
CA VAL C 81 -54.71 -27.65 6.07
C VAL C 81 -53.62 -26.66 5.66
N GLU C 82 -52.94 -26.97 4.56
CA GLU C 82 -51.89 -26.15 3.96
C GLU C 82 -52.35 -24.72 3.63
N HIS C 83 -53.50 -24.59 2.95
CA HIS C 83 -54.00 -23.29 2.55
C HIS C 83 -54.56 -22.53 3.72
N VAL C 84 -55.15 -23.23 4.69
CA VAL C 84 -55.65 -22.51 5.84
C VAL C 84 -54.47 -21.96 6.65
N ALA C 85 -53.39 -22.73 6.86
CA ALA C 85 -52.27 -22.17 7.62
C ALA C 85 -51.70 -20.94 6.89
N LEU C 86 -51.64 -20.98 5.56
CA LEU C 86 -51.14 -19.82 4.85
C LEU C 86 -52.09 -18.64 4.93
N GLU C 87 -53.41 -18.88 4.87
CA GLU C 87 -54.35 -17.78 4.94
C GLU C 87 -54.40 -17.17 6.33
N LEU C 88 -54.31 -17.98 7.38
CA LEU C 88 -54.37 -17.41 8.72
C LEU C 88 -53.20 -16.45 8.91
N GLN C 89 -52.02 -16.77 8.38
CA GLN C 89 -50.91 -15.85 8.48
C GLN C 89 -51.14 -14.59 7.62
N GLU C 90 -51.70 -14.76 6.44
CA GLU C 90 -51.92 -13.64 5.52
C GLU C 90 -52.91 -12.62 6.14
N LEU C 91 -53.91 -13.12 6.87
CA LEU C 91 -54.94 -12.28 7.51
C LEU C 91 -54.40 -11.30 8.54
N VAL C 92 -53.19 -11.53 9.06
CA VAL C 92 -52.62 -10.62 10.04
C VAL C 92 -51.38 -9.90 9.48
N GLY C 93 -51.14 -10.01 8.18
CA GLY C 93 -50.01 -9.36 7.54
C GLY C 93 -48.71 -10.19 7.43
N MET C 94 -48.72 -11.46 7.82
CA MET C 94 -47.53 -12.26 7.73
C MET C 94 -47.76 -12.72 6.31
N THR C 95 -46.97 -12.19 5.38
CA THR C 95 -47.20 -12.42 3.96
C THR C 95 -46.47 -13.67 3.51
N ALA C 96 -47.21 -14.77 3.29
CA ALA C 96 -46.59 -16.02 2.81
C ALA C 96 -47.44 -16.92 1.91
N GLY C 97 -46.96 -17.29 0.71
CA GLY C 97 -47.70 -18.26 -0.09
C GLY C 97 -47.20 -19.59 -0.62
N PHE C 98 -45.94 -19.91 -0.39
CA PHE C 98 -45.44 -21.21 -0.82
C PHE C 98 -45.94 -22.35 0.06
N GLY C 99 -46.29 -23.45 -0.57
CA GLY C 99 -46.60 -24.65 0.17
C GLY C 99 -46.78 -25.87 -0.72
N ARG C 100 -46.63 -27.04 -0.09
CA ARG C 100 -46.71 -28.36 -0.72
C ARG C 100 -47.25 -29.45 0.21
N THR C 101 -47.88 -30.46 -0.37
CA THR C 101 -48.27 -31.65 0.39
C THR C 101 -47.79 -32.94 -0.31
N ARG C 102 -47.20 -33.85 0.48
CA ARG C 102 -46.75 -35.16 -0.01
C ARG C 102 -47.08 -36.29 0.94
N GLU C 103 -47.55 -37.43 0.42
CA GLU C 103 -47.84 -38.55 1.31
C GLU C 103 -46.57 -39.33 1.62
N THR C 104 -46.42 -39.72 2.87
CA THR C 104 -45.28 -40.50 3.35
C THR C 104 -45.70 -41.68 4.19
N SER C 105 -44.71 -42.42 4.68
CA SER C 105 -44.95 -43.55 5.58
C SER C 105 -46.05 -44.47 5.12
N THR C 106 -46.91 -44.83 6.06
CA THR C 106 -48.07 -45.62 5.78
C THR C 106 -49.14 -44.67 5.26
N PRO C 107 -50.19 -45.15 4.58
CA PRO C 107 -51.23 -44.32 4.05
C PRO C 107 -51.84 -43.50 5.16
N GLY C 108 -52.13 -42.24 4.85
CA GLY C 108 -52.73 -41.30 5.79
C GLY C 108 -51.74 -40.35 6.45
N VAL C 109 -50.43 -40.62 6.36
CA VAL C 109 -49.50 -39.67 6.98
C VAL C 109 -48.91 -38.75 5.93
N TYR C 110 -49.10 -37.46 6.12
CA TYR C 110 -48.63 -36.49 5.15
C TYR C 110 -47.66 -35.46 5.65
N ASN C 111 -46.79 -35.03 4.76
CA ASN C 111 -45.91 -33.93 5.02
C ASN C 111 -46.49 -32.66 4.46
N VAL C 112 -46.84 -31.77 5.37
CA VAL C 112 -47.45 -30.50 5.03
C VAL C 112 -46.38 -29.43 5.14
N VAL C 113 -46.07 -28.77 4.04
CA VAL C 113 -45.00 -27.81 4.05
C VAL C 113 -45.51 -26.42 3.73
N TYR C 114 -45.23 -25.46 4.60
CA TYR C 114 -45.67 -24.10 4.30
C TYR C 114 -44.65 -23.05 4.74
N GLU C 115 -44.70 -21.92 4.06
CA GLU C 115 -43.87 -20.75 4.29
C GLU C 115 -44.26 -19.94 5.52
N TYR C 116 -43.25 -19.40 6.22
CA TYR C 116 -43.48 -18.53 7.36
C TYR C 116 -42.68 -17.26 7.29
N VAL C 117 -43.12 -16.24 8.04
CA VAL C 117 -42.40 -14.98 8.17
C VAL C 117 -41.71 -14.94 9.54
N ASP C 118 -42.53 -15.12 10.56
CA ASP C 118 -42.10 -15.24 11.95
C ASP C 118 -42.21 -16.69 12.36
N GLU C 119 -41.17 -17.19 12.99
CA GLU C 119 -41.10 -18.57 13.40
C GLU C 119 -42.20 -19.05 14.33
N GLN C 120 -42.63 -18.24 15.31
CA GLN C 120 -43.62 -18.72 16.24
C GLN C 120 -45.00 -18.51 15.69
N ALA C 121 -45.17 -17.43 14.93
CA ALA C 121 -46.46 -17.18 14.33
C ALA C 121 -46.75 -18.29 13.32
N GLY C 122 -45.70 -18.76 12.62
CA GLY C 122 -45.80 -19.82 11.64
C GLY C 122 -46.26 -21.11 12.28
N ARG C 123 -45.59 -21.53 13.35
CA ARG C 123 -46.01 -22.76 13.98
C ARG C 123 -47.42 -22.65 14.58
N TYR C 124 -47.77 -21.47 15.11
CA TYR C 124 -49.08 -21.24 15.68
C TYR C 124 -50.16 -21.43 14.63
N ALA C 125 -49.98 -20.82 13.45
CA ALA C 125 -50.93 -20.89 12.35
C ALA C 125 -51.14 -22.33 11.90
N GLY C 126 -50.10 -23.14 11.95
CA GLY C 126 -50.21 -24.54 11.56
C GLY C 126 -51.16 -25.27 12.50
N ARG C 127 -50.94 -25.10 13.80
CA ARG C 127 -51.79 -25.77 14.78
C ARG C 127 -53.23 -25.24 14.70
N ALA C 128 -53.39 -23.95 14.47
CA ALA C 128 -54.69 -23.34 14.35
C ALA C 128 -55.42 -23.86 13.12
N ALA C 129 -54.71 -24.06 12.00
CA ALA C 129 -55.33 -24.57 10.78
C ALA C 129 -55.89 -25.95 11.02
N VAL C 130 -55.19 -26.76 11.80
CA VAL C 130 -55.67 -28.09 12.07
C VAL C 130 -56.94 -28.03 12.91
N ARG C 131 -56.99 -27.18 13.96
CA ARG C 131 -58.21 -27.08 14.77
C ARG C 131 -59.41 -26.58 13.99
N LEU C 132 -59.20 -25.58 13.13
CA LEU C 132 -60.29 -25.03 12.34
C LEU C 132 -60.81 -26.08 11.39
N CYS C 133 -59.89 -26.73 10.69
CA CYS C 133 -60.23 -27.72 9.71
C CYS C 133 -60.88 -28.93 10.34
N ARG C 134 -60.47 -29.31 11.55
CA ARG C 134 -61.08 -30.45 12.20
C ARG C 134 -62.50 -30.13 12.67
N SER C 135 -62.75 -28.94 13.20
CA SER C 135 -64.11 -28.63 13.65
C SER C 135 -65.09 -28.67 12.49
N LEU C 136 -64.65 -28.22 11.32
CA LEU C 136 -65.54 -28.17 10.16
C LEU C 136 -65.81 -29.51 9.48
N VAL C 137 -65.20 -30.59 9.95
CA VAL C 137 -65.46 -31.89 9.37
C VAL C 137 -66.18 -32.76 10.42
N ASP C 138 -66.55 -32.09 11.52
CA ASP C 138 -67.30 -32.64 12.63
C ASP C 138 -68.69 -31.96 12.61
N THR C 139 -68.66 -30.63 12.59
CA THR C 139 -69.84 -29.78 12.49
C THR C 139 -69.75 -28.97 11.21
N GLY C 140 -70.70 -28.09 10.97
CA GLY C 140 -70.72 -27.32 9.71
C GLY C 140 -70.21 -25.88 9.78
N ASP C 141 -69.67 -25.47 10.91
CA ASP C 141 -69.25 -24.08 11.09
C ASP C 141 -68.11 -23.95 12.12
N TYR C 142 -67.66 -22.73 12.34
CA TYR C 142 -66.58 -22.46 13.29
C TYR C 142 -66.91 -21.11 13.97
N PRO C 143 -66.98 -21.02 15.31
CA PRO C 143 -67.38 -19.82 16.03
C PRO C 143 -66.52 -18.64 15.68
N ARG C 144 -67.12 -17.47 15.54
CA ARG C 144 -66.34 -16.29 15.19
C ARG C 144 -65.31 -15.96 16.26
N LEU C 145 -65.65 -16.16 17.51
CA LEU C 145 -64.74 -15.80 18.58
C LEU C 145 -63.53 -16.73 18.65
N GLU C 146 -63.64 -17.90 18.02
CA GLU C 146 -62.57 -18.87 18.01
C GLU C 146 -61.67 -18.62 16.82
N LEU C 147 -62.02 -17.62 16.02
CA LEU C 147 -61.20 -17.21 14.91
C LEU C 147 -60.54 -15.91 15.31
N GLU C 148 -61.32 -15.01 15.92
CA GLU C 148 -60.78 -13.70 16.30
C GLU C 148 -59.68 -13.81 17.34
N LYS C 149 -59.82 -14.70 18.34
CA LYS C 149 -58.76 -14.77 19.33
C LYS C 149 -57.45 -15.35 18.75
N ASP C 150 -57.55 -16.20 17.71
CA ASP C 150 -56.36 -16.79 17.16
C ASP C 150 -55.65 -15.76 16.32
N LEU C 151 -56.43 -14.91 15.64
CA LEU C 151 -55.81 -13.88 14.85
C LEU C 151 -55.12 -12.88 15.79
N GLU C 152 -55.70 -12.64 16.97
CA GLU C 152 -55.05 -11.75 17.94
C GLU C 152 -53.71 -12.34 18.42
N ASP C 153 -53.66 -13.66 18.65
CA ASP C 153 -52.39 -14.25 19.08
C ASP C 153 -51.35 -14.18 17.97
N LEU C 154 -51.76 -14.36 16.71
CA LEU C 154 -50.79 -14.24 15.64
C LEU C 154 -50.25 -12.82 15.54
N ARG C 155 -51.11 -11.81 15.73
CA ARG C 155 -50.63 -10.44 15.68
C ARG C 155 -49.61 -10.14 16.77
N ASP C 156 -49.83 -10.67 17.97
CA ASP C 156 -48.84 -10.42 19.01
C ASP C 156 -47.54 -11.17 18.76
N LEU C 157 -47.61 -12.40 18.28
CA LEU C 157 -46.39 -13.17 18.04
C LEU C 157 -45.54 -12.50 16.98
N GLY C 158 -46.17 -11.92 15.97
CA GLY C 158 -45.44 -11.26 14.91
C GLY C 158 -44.94 -9.87 15.27
N ALA C 159 -45.31 -9.37 16.45
CA ALA C 159 -44.90 -8.05 16.90
C ALA C 159 -43.74 -8.17 17.86
N ASN C 160 -43.78 -9.19 18.70
CA ASN C 160 -42.81 -9.39 19.76
C ASN C 160 -41.41 -9.64 19.24
N SER C 161 -41.31 -10.22 18.05
CA SER C 161 -40.04 -10.56 17.42
C SER C 161 -39.55 -9.52 16.42
N ALA C 162 -40.27 -8.42 16.26
CA ALA C 162 -39.88 -7.42 15.28
C ALA C 162 -38.61 -6.67 15.67
N LEU C 163 -37.82 -6.30 14.67
CA LEU C 163 -36.63 -5.46 14.86
C LEU C 163 -37.10 -4.02 14.93
N GLY C 164 -36.38 -3.16 15.65
CA GLY C 164 -36.78 -1.77 15.63
C GLY C 164 -36.47 -1.21 14.25
N PRO C 165 -37.09 -0.08 13.85
CA PRO C 165 -36.98 0.56 12.55
C PRO C 165 -35.59 1.06 12.16
N SER C 166 -34.72 1.33 13.12
CA SER C 166 -33.39 1.76 12.73
C SER C 166 -32.55 0.56 12.36
N THR C 167 -32.91 -0.63 12.87
CA THR C 167 -32.16 -1.82 12.58
C THR C 167 -32.67 -2.33 11.25
N GLU C 168 -33.99 -2.22 11.02
CA GLU C 168 -34.56 -2.66 9.77
C GLU C 168 -34.00 -1.88 8.60
N THR C 169 -33.77 -0.60 8.81
CA THR C 169 -33.22 0.27 7.78
C THR C 169 -31.82 -0.21 7.35
N ILE C 170 -30.95 -0.53 8.32
CA ILE C 170 -29.60 -0.99 7.99
C ILE C 170 -29.62 -2.40 7.41
N VAL C 171 -30.41 -3.29 7.99
CA VAL C 171 -30.48 -4.66 7.52
C VAL C 171 -31.00 -4.75 6.08
N THR C 172 -32.01 -3.96 5.73
CA THR C 172 -32.54 -3.99 4.38
C THR C 172 -31.47 -3.59 3.35
N GLU C 173 -30.69 -2.55 3.65
CA GLU C 173 -29.64 -2.15 2.73
C GLU C 173 -28.55 -3.24 2.65
N ALA C 174 -28.24 -3.88 3.78
CA ALA C 174 -27.23 -4.93 3.80
C ALA C 174 -27.64 -6.07 2.88
N GLU C 175 -28.93 -6.43 2.86
CA GLU C 175 -29.38 -7.50 1.97
C GLU C 175 -29.26 -7.11 0.50
N ALA C 176 -29.55 -5.86 0.18
CA ALA C 176 -29.44 -5.37 -1.20
C ALA C 176 -28.01 -5.51 -1.73
N ARG C 177 -27.04 -5.35 -0.84
CA ARG C 177 -25.60 -5.43 -1.10
C ARG C 177 -25.00 -6.82 -0.91
N LYS C 178 -25.84 -7.81 -0.63
CA LYS C 178 -25.47 -9.20 -0.38
C LYS C 178 -24.54 -9.41 0.80
N ILE C 179 -24.77 -8.70 1.90
CA ILE C 179 -23.99 -8.87 3.12
C ILE C 179 -24.82 -9.77 4.04
N PRO C 180 -24.31 -10.92 4.49
CA PRO C 180 -25.05 -11.85 5.33
C PRO C 180 -25.27 -11.25 6.70
N TRP C 181 -26.38 -11.59 7.36
CA TRP C 181 -26.57 -11.07 8.70
C TRP C 181 -27.21 -12.12 9.62
N MET C 182 -26.93 -11.98 10.91
CA MET C 182 -27.38 -12.88 11.96
C MET C 182 -27.78 -12.16 13.23
N LEU C 183 -28.72 -12.71 13.98
CA LEU C 183 -28.98 -12.14 15.29
C LEU C 183 -28.08 -12.82 16.30
N LEU C 184 -27.64 -12.09 17.29
CA LEU C 184 -26.82 -12.66 18.34
C LEU C 184 -27.66 -12.92 19.58
N SER C 185 -27.16 -13.80 20.42
CA SER C 185 -27.79 -14.24 21.65
C SER C 185 -27.84 -13.23 22.81
N ALA C 186 -27.15 -12.10 22.70
CA ALA C 186 -27.19 -11.13 23.80
C ALA C 186 -27.32 -9.70 23.31
N ARG C 187 -28.00 -8.91 24.15
CA ARG C 187 -28.20 -7.46 24.08
C ARG C 187 -28.72 -6.92 22.78
N ALA C 188 -29.59 -7.66 22.10
CA ALA C 188 -30.19 -7.25 20.85
C ALA C 188 -29.17 -6.84 19.78
N MET C 189 -28.01 -7.50 19.71
CA MET C 189 -27.03 -7.19 18.70
C MET C 189 -27.21 -7.99 17.42
N VAL C 190 -26.80 -7.40 16.31
CA VAL C 190 -26.82 -8.02 14.99
C VAL C 190 -25.43 -8.09 14.37
N GLN C 191 -25.06 -9.27 13.88
CA GLN C 191 -23.77 -9.46 13.23
C GLN C 191 -23.90 -9.35 11.72
N LEU C 192 -22.98 -8.61 11.11
CA LEU C 192 -22.92 -8.44 9.66
C LEU C 192 -21.60 -9.00 9.12
N GLY C 193 -21.66 -9.91 8.17
CA GLY C 193 -20.45 -10.52 7.58
C GLY C 193 -19.98 -11.78 8.34
N TYR C 194 -18.97 -12.48 7.78
CA TYR C 194 -18.42 -13.72 8.37
C TYR C 194 -16.95 -13.67 8.78
N GLY C 195 -16.61 -14.46 9.81
CA GLY C 195 -15.22 -14.66 10.25
C GLY C 195 -14.51 -13.39 10.61
N VAL C 196 -13.32 -13.22 10.06
CA VAL C 196 -12.51 -12.02 10.28
C VAL C 196 -13.09 -10.73 9.72
N TYR C 197 -14.16 -10.78 8.91
CA TYR C 197 -14.71 -9.55 8.36
C TYR C 197 -16.00 -9.12 9.03
N GLN C 198 -16.35 -9.76 10.13
CA GLN C 198 -17.58 -9.41 10.80
C GLN C 198 -17.58 -8.05 11.48
N GLN C 199 -18.75 -7.43 11.51
CA GLN C 199 -19.06 -6.19 12.21
C GLN C 199 -20.30 -6.39 13.06
N ARG C 200 -20.45 -5.60 14.10
CA ARG C 200 -21.67 -5.67 14.92
C ARG C 200 -22.35 -4.33 15.00
N ILE C 201 -23.67 -4.38 15.03
CA ILE C 201 -24.48 -3.18 15.23
C ILE C 201 -25.54 -3.40 16.30
N GLN C 202 -26.01 -2.31 16.85
CA GLN C 202 -27.13 -2.32 17.76
C GLN C 202 -27.87 -1.03 17.53
N ALA C 203 -29.01 -1.10 16.85
CA ALA C 203 -29.72 0.12 16.46
C ALA C 203 -28.77 1.05 15.72
N THR C 204 -28.49 2.22 16.28
CA THR C 204 -27.66 3.25 15.70
C THR C 204 -26.23 3.34 16.24
N LEU C 205 -25.83 2.37 17.06
CA LEU C 205 -24.46 2.22 17.55
C LEU C 205 -23.79 1.09 16.79
N SER C 206 -22.50 1.19 16.61
CA SER C 206 -21.78 0.12 15.93
C SER C 206 -20.45 -0.15 16.56
N SER C 207 -19.77 -1.13 15.99
CA SER C 207 -18.44 -1.55 16.37
C SER C 207 -17.38 -0.45 16.19
N HIS C 208 -17.71 0.62 15.46
CA HIS C 208 -16.84 1.77 15.24
C HIS C 208 -17.13 2.95 16.18
N SER C 209 -18.12 2.81 17.06
CA SER C 209 -18.48 3.92 17.95
C SER C 209 -17.73 3.77 19.26
N GLY C 210 -16.91 4.77 19.57
CA GLY C 210 -16.08 4.75 20.76
C GLY C 210 -16.84 5.17 21.98
N ILE C 211 -16.42 4.66 23.11
CA ILE C 211 -17.04 4.99 24.37
C ILE C 211 -16.74 6.40 24.88
N LEU C 212 -15.55 6.91 24.64
CA LEU C 212 -15.26 8.24 25.18
C LEU C 212 -16.13 9.29 24.50
N GLY C 213 -16.36 9.14 23.20
CA GLY C 213 -17.18 10.03 22.40
C GLY C 213 -18.63 9.97 22.83
N VAL C 214 -19.16 8.75 23.00
CA VAL C 214 -20.55 8.59 23.37
C VAL C 214 -20.80 9.14 24.76
N GLU C 215 -19.91 8.88 25.73
CA GLU C 215 -20.12 9.45 27.05
C GLU C 215 -20.02 10.96 27.08
N LEU C 216 -19.10 11.56 26.32
CA LEU C 216 -18.98 13.01 26.30
C LEU C 216 -20.24 13.64 25.76
N ALA C 217 -20.82 13.04 24.72
CA ALA C 217 -22.03 13.54 24.09
C ALA C 217 -23.24 13.51 25.02
N CYS C 218 -23.18 12.76 26.12
CA CYS C 218 -24.31 12.64 27.02
C CYS C 218 -24.18 13.59 28.20
N ASP C 219 -23.05 14.29 28.26
CA ASP C 219 -22.70 15.23 29.32
C ASP C 219 -22.87 16.63 28.77
N LYS C 220 -23.97 17.31 29.10
CA LYS C 220 -24.22 18.60 28.48
C LYS C 220 -23.23 19.68 28.87
N GLU C 221 -22.77 19.69 30.11
CA GLU C 221 -21.79 20.67 30.56
C GLU C 221 -20.45 20.39 29.88
N GLY C 222 -20.10 19.11 29.77
CA GLY C 222 -18.88 18.66 29.15
C GLY C 222 -18.84 19.03 27.69
N THR C 223 -19.92 18.74 26.97
CA THR C 223 -20.00 19.03 25.55
C THR C 223 -19.87 20.51 25.28
N LYS C 224 -20.58 21.34 26.05
CA LYS C 224 -20.50 22.76 25.85
C LYS C 224 -19.10 23.29 26.07
N THR C 225 -18.42 22.81 27.12
CA THR C 225 -17.08 23.24 27.43
C THR C 225 -16.10 22.90 26.30
N ILE C 226 -16.16 21.67 25.81
CA ILE C 226 -15.29 21.24 24.73
C ILE C 226 -15.53 22.01 23.46
N LEU C 227 -16.78 22.27 23.09
CA LEU C 227 -17.03 23.00 21.87
C LEU C 227 -16.68 24.48 21.95
N GLN C 228 -16.94 25.15 23.07
CA GLN C 228 -16.61 26.57 23.06
C GLN C 228 -15.10 26.80 23.08
N ASP C 229 -14.34 25.82 23.56
CA ASP C 229 -12.88 25.89 23.56
C ASP C 229 -12.30 25.71 22.15
N ALA C 230 -13.12 25.26 21.20
CA ALA C 230 -12.74 25.00 19.83
C ALA C 230 -13.20 26.14 18.92
N GLY C 231 -13.82 27.18 19.49
CA GLY C 231 -14.34 28.28 18.70
C GLY C 231 -15.70 28.00 18.04
N ILE C 232 -16.50 27.09 18.58
CA ILE C 232 -17.80 26.73 18.02
C ILE C 232 -18.94 27.45 18.79
N PRO C 233 -19.89 28.15 18.11
CA PRO C 233 -20.99 28.90 18.75
C PRO C 233 -22.00 28.02 19.48
N VAL C 234 -22.20 28.32 20.75
CA VAL C 234 -23.12 27.61 21.64
C VAL C 234 -23.91 28.67 22.41
N PRO C 235 -25.06 28.36 23.05
CA PRO C 235 -25.81 29.28 23.86
C PRO C 235 -25.10 29.80 25.10
N ARG C 236 -25.35 31.05 25.45
CA ARG C 236 -24.84 31.68 26.68
C ARG C 236 -25.75 31.35 27.87
N GLY C 237 -25.18 30.95 29.01
CA GLY C 237 -26.01 30.63 30.20
C GLY C 237 -25.16 30.37 31.46
N THR C 238 -25.81 29.99 32.56
CA THR C 238 -25.12 29.81 33.85
C THR C 238 -25.59 28.64 34.73
N THR C 239 -25.11 28.63 35.98
CA THR C 239 -25.47 27.61 36.97
C THR C 239 -26.03 28.22 38.27
N ILE C 240 -27.32 27.99 38.51
CA ILE C 240 -28.00 28.49 39.71
C ILE C 240 -28.58 27.29 40.44
N GLN C 241 -28.01 26.86 41.57
CA GLN C 241 -28.50 25.61 42.20
C GLN C 241 -29.72 25.81 43.08
N TYR C 242 -30.80 26.18 42.41
CA TYR C 242 -32.10 26.47 42.98
C TYR C 242 -32.01 27.53 44.06
N PHE C 243 -31.14 28.51 43.83
CA PHE C 243 -31.06 29.67 44.75
C PHE C 243 -32.03 30.63 44.09
N ASP C 244 -32.67 31.51 44.86
CA ASP C 244 -33.66 32.38 44.26
C ASP C 244 -32.88 33.61 43.78
N ASP C 245 -32.02 33.38 42.77
CA ASP C 245 -31.12 34.34 42.14
C ASP C 245 -31.38 34.45 40.64
N LEU C 246 -32.48 33.90 40.15
CA LEU C 246 -32.70 33.93 38.71
C LEU C 246 -32.86 35.38 38.26
N GLU C 247 -33.43 36.19 39.13
CA GLU C 247 -33.68 37.59 38.86
C GLU C 247 -32.38 38.38 38.65
N GLU C 248 -31.25 37.83 39.09
CA GLU C 248 -29.96 38.47 38.88
C GLU C 248 -29.23 37.76 37.75
N ALA C 249 -29.41 36.44 37.64
CA ALA C 249 -28.72 35.61 36.65
C ALA C 249 -28.99 36.11 35.25
N ILE C 250 -30.20 36.61 35.03
CA ILE C 250 -30.58 37.12 33.72
C ILE C 250 -29.71 38.31 33.29
N ASN C 251 -29.05 38.98 34.23
CA ASN C 251 -28.21 40.11 33.89
C ASN C 251 -26.90 39.68 33.24
N ASP C 252 -26.44 38.46 33.52
CA ASP C 252 -25.18 38.01 32.94
C ASP C 252 -25.48 37.42 31.58
N VAL C 253 -26.68 36.85 31.48
CA VAL C 253 -27.20 36.22 30.29
C VAL C 253 -27.56 37.29 29.25
N GLY C 254 -28.14 38.43 29.69
CA GLY C 254 -28.50 39.52 28.79
C GLY C 254 -29.95 40.06 28.84
N GLY C 255 -30.79 39.56 29.74
CA GLY C 255 -32.17 40.09 29.82
C GLY C 255 -33.19 39.00 30.08
N TYR C 256 -34.48 39.35 29.99
CA TYR C 256 -35.52 38.36 30.24
C TYR C 256 -35.75 37.21 29.28
N PRO C 257 -35.56 37.32 27.95
CA PRO C 257 -35.89 36.24 27.04
C PRO C 257 -34.91 35.12 27.23
N VAL C 258 -35.20 34.28 28.22
CA VAL C 258 -34.33 33.19 28.63
C VAL C 258 -35.02 31.84 28.71
N VAL C 259 -34.20 30.81 28.77
CA VAL C 259 -34.66 29.44 28.88
C VAL C 259 -34.33 28.88 30.28
N ILE C 260 -35.35 28.36 30.95
CA ILE C 260 -35.17 27.75 32.28
C ILE C 260 -35.40 26.25 32.19
N LYS C 261 -34.40 25.50 32.61
CA LYS C 261 -34.41 24.06 32.56
C LYS C 261 -34.11 23.47 33.92
N PRO C 262 -34.49 22.21 34.20
CA PRO C 262 -34.18 21.48 35.38
C PRO C 262 -32.72 21.39 35.31
N LEU C 263 -32.04 21.39 36.41
CA LEU C 263 -30.62 21.31 36.25
C LEU C 263 -30.20 19.95 35.69
N ASP C 264 -30.88 18.86 36.07
CA ASP C 264 -30.50 17.55 35.55
C ASP C 264 -31.19 17.19 34.24
N GLY C 265 -30.86 16.02 33.72
CA GLY C 265 -31.44 15.52 32.48
C GLY C 265 -32.49 14.44 32.71
N ASN C 266 -33.76 14.80 32.68
CA ASN C 266 -34.84 13.84 32.89
C ASN C 266 -35.93 14.01 31.84
N HIS C 267 -35.51 13.96 30.59
CA HIS C 267 -36.34 14.13 29.41
C HIS C 267 -36.91 15.55 29.33
N GLY C 268 -37.96 15.74 28.54
CA GLY C 268 -38.52 17.07 28.30
C GLY C 268 -39.44 17.54 29.41
N ARG C 269 -38.89 17.68 30.61
CA ARG C 269 -39.72 17.98 31.76
C ARG C 269 -39.25 19.16 32.58
N GLY C 270 -40.19 20.05 32.93
CA GLY C 270 -39.90 21.22 33.75
C GLY C 270 -39.19 22.31 32.97
N ILE C 271 -39.41 22.37 31.66
CA ILE C 271 -38.74 23.33 30.80
C ILE C 271 -39.58 24.43 30.21
N THR C 272 -39.14 25.66 30.43
CA THR C 272 -39.79 26.82 29.84
C THR C 272 -38.83 27.41 28.82
N ILE C 273 -39.27 27.47 27.58
CA ILE C 273 -38.43 27.97 26.50
C ILE C 273 -38.34 29.48 26.43
N ASN C 274 -39.43 30.21 26.58
CA ASN C 274 -39.26 31.64 26.49
C ASN C 274 -39.88 32.35 27.68
N VAL C 275 -39.04 32.68 28.65
CA VAL C 275 -39.46 33.38 29.83
C VAL C 275 -39.44 34.84 29.49
N ARG C 276 -40.56 35.50 29.68
CA ARG C 276 -40.69 36.90 29.37
C ARG C 276 -40.78 37.74 30.64
N HIS C 277 -41.27 37.13 31.73
CA HIS C 277 -41.50 37.86 32.97
C HIS C 277 -40.95 37.19 34.23
N TRP C 278 -40.77 37.99 35.29
CA TRP C 278 -40.22 37.52 36.55
C TRP C 278 -40.99 36.35 37.15
N GLN C 279 -42.31 36.44 37.14
CA GLN C 279 -43.14 35.40 37.72
C GLN C 279 -43.14 34.12 36.90
N GLU C 280 -42.74 34.20 35.63
CA GLU C 280 -42.70 33.04 34.79
C GLU C 280 -41.45 32.29 35.16
N ALA C 281 -40.39 33.05 35.45
CA ALA C 281 -39.14 32.47 35.86
C ALA C 281 -39.35 31.69 37.14
N ILE C 282 -40.18 32.22 38.04
CA ILE C 282 -40.44 31.53 39.28
C ILE C 282 -41.25 30.27 39.03
N ALA C 283 -42.28 30.33 38.20
CA ALA C 283 -42.99 29.08 37.99
C ALA C 283 -42.03 28.02 37.41
N ALA C 284 -41.16 28.45 36.48
CA ALA C 284 -40.20 27.52 35.88
C ALA C 284 -39.23 26.99 36.92
N TYR C 285 -38.80 27.86 37.85
CA TYR C 285 -37.90 27.57 38.96
C TYR C 285 -38.47 26.48 39.82
N ASP C 286 -39.74 26.62 40.20
CA ASP C 286 -40.40 25.63 41.03
C ASP C 286 -40.44 24.27 40.36
N LEU C 287 -40.58 24.23 39.03
CA LEU C 287 -40.57 22.95 38.33
C LEU C 287 -39.14 22.45 38.15
N ALA C 288 -38.20 23.35 37.89
CA ALA C 288 -36.83 22.98 37.65
C ALA C 288 -36.29 22.27 38.90
N ALA C 289 -36.74 22.76 40.05
CA ALA C 289 -36.36 22.35 41.40
C ALA C 289 -36.68 20.90 41.70
N GLU C 290 -37.54 20.27 40.89
CA GLU C 290 -37.88 18.88 41.09
C GLU C 290 -36.69 17.94 40.81
N GLU C 291 -35.76 18.33 39.93
CA GLU C 291 -34.58 17.45 39.77
C GLU C 291 -33.48 17.97 40.69
N SER C 292 -32.36 17.25 40.82
CA SER C 292 -31.33 17.65 41.81
C SER C 292 -30.68 18.96 41.39
N ILE C 297 -27.08 24.19 33.42
CA ILE C 297 -27.84 24.48 32.20
C ILE C 297 -29.04 25.40 32.44
N ILE C 298 -28.92 26.42 33.28
CA ILE C 298 -30.09 27.22 33.59
C ILE C 298 -29.86 28.65 33.13
N VAL C 299 -30.95 29.33 32.80
CA VAL C 299 -30.98 30.70 32.34
C VAL C 299 -30.22 30.99 31.08
N GLU C 300 -30.43 30.16 30.09
CA GLU C 300 -29.78 30.42 28.82
C GLU C 300 -30.44 31.53 28.03
N ARG C 301 -29.69 32.22 27.22
CA ARG C 301 -30.30 33.20 26.35
C ARG C 301 -31.22 32.45 25.38
N TYR C 302 -32.39 33.02 25.09
CA TYR C 302 -33.31 32.36 24.11
C TYR C 302 -33.02 32.95 22.73
N TYR C 303 -32.48 32.12 21.83
CA TYR C 303 -32.14 32.59 20.46
C TYR C 303 -33.36 32.33 19.59
N GLU C 304 -33.65 33.25 18.66
CA GLU C 304 -34.88 33.14 17.83
C GLU C 304 -34.63 32.50 16.46
N GLY C 305 -35.03 31.23 16.28
CA GLY C 305 -34.97 30.59 14.96
C GLY C 305 -35.59 29.20 15.00
N SER C 306 -35.62 28.53 13.84
CA SER C 306 -36.16 27.20 13.70
C SER C 306 -35.24 26.09 14.18
N ASP C 307 -35.83 24.94 14.48
CA ASP C 307 -35.11 23.77 14.96
C ASP C 307 -34.68 22.81 13.83
N HIS C 308 -33.38 22.75 13.53
CA HIS C 308 -32.88 21.93 12.44
C HIS C 308 -32.03 20.77 12.92
N ARG C 309 -32.22 19.62 12.31
CA ARG C 309 -31.43 18.44 12.60
C ARG C 309 -30.49 18.09 11.48
N VAL C 310 -29.21 17.99 11.81
CA VAL C 310 -28.19 17.66 10.85
C VAL C 310 -27.57 16.29 11.14
N LEU C 311 -27.58 15.41 10.16
CA LEU C 311 -27.01 14.07 10.30
C LEU C 311 -25.66 13.94 9.62
N VAL C 312 -24.64 13.57 10.40
CA VAL C 312 -23.25 13.39 9.95
C VAL C 312 -22.87 11.92 10.22
N VAL C 313 -22.33 11.21 9.22
CA VAL C 313 -22.00 9.78 9.40
C VAL C 313 -20.53 9.38 9.52
N ASN C 314 -19.66 9.88 8.69
CA ASN C 314 -18.27 9.45 8.84
C ASN C 314 -17.39 10.67 8.71
N GLY C 315 -17.74 11.71 9.45
CA GLY C 315 -17.06 12.98 9.34
C GLY C 315 -17.52 13.71 8.09
N LYS C 316 -18.66 13.28 7.57
CA LYS C 316 -19.26 13.81 6.36
C LYS C 316 -20.78 13.94 6.47
N LEU C 317 -21.31 15.07 6.04
CA LEU C 317 -22.75 15.34 6.06
C LEU C 317 -23.60 14.47 5.14
N VAL C 318 -24.67 13.90 5.71
CA VAL C 318 -25.61 13.07 4.99
C VAL C 318 -26.98 13.71 4.75
N ALA C 319 -27.59 14.30 5.77
CA ALA C 319 -28.94 14.87 5.61
C ALA C 319 -29.26 16.01 6.55
N VAL C 320 -30.14 16.92 6.11
CA VAL C 320 -30.62 18.03 6.96
C VAL C 320 -32.15 18.12 6.94
N ALA C 321 -32.79 18.24 8.10
CA ALA C 321 -34.25 18.40 8.12
C ALA C 321 -34.71 19.42 9.15
N GLU C 322 -35.72 20.18 8.77
CA GLU C 322 -36.33 21.18 9.63
C GLU C 322 -37.54 20.62 10.36
N ARG C 323 -37.56 20.77 11.67
CA ARG C 323 -38.65 20.21 12.45
C ARG C 323 -39.56 21.25 13.06
N ILE C 324 -40.85 21.02 12.87
CA ILE C 324 -41.90 21.93 13.33
C ILE C 324 -42.93 21.19 14.22
N PRO C 325 -43.30 21.71 15.40
CA PRO C 325 -44.28 21.13 16.32
C PRO C 325 -45.69 21.15 15.79
N ALA C 326 -46.54 20.24 16.30
CA ALA C 326 -47.94 20.13 15.90
C ALA C 326 -48.62 21.47 16.01
N HIS C 327 -49.38 21.82 14.98
CA HIS C 327 -50.05 23.10 14.93
C HIS C 327 -51.24 23.14 14.00
N VAL C 328 -52.03 24.19 14.17
CA VAL C 328 -53.15 24.51 13.27
C VAL C 328 -53.03 25.96 12.84
N THR C 329 -53.67 26.29 11.73
CA THR C 329 -53.63 27.67 11.27
C THR C 329 -54.99 28.23 10.98
N GLY C 330 -55.05 29.55 10.84
CA GLY C 330 -56.25 30.32 10.53
C GLY C 330 -56.74 30.10 9.11
N ASP C 331 -57.16 28.86 8.86
CA ASP C 331 -57.67 28.36 7.61
C ASP C 331 -59.15 28.68 7.57
N GLY C 332 -59.43 29.97 7.48
CA GLY C 332 -60.79 30.50 7.50
C GLY C 332 -61.20 30.81 8.93
N SER C 333 -62.41 31.36 9.10
CA SER C 333 -62.89 31.77 10.42
C SER C 333 -63.48 30.62 11.23
N SER C 334 -62.60 29.70 11.59
CA SER C 334 -62.92 28.49 12.34
C SER C 334 -62.23 28.51 13.68
N THR C 335 -62.77 27.74 14.63
CA THR C 335 -62.15 27.69 15.95
C THR C 335 -61.02 26.70 15.96
N ILE C 336 -60.21 26.73 17.02
CA ILE C 336 -59.15 25.75 17.11
C ILE C 336 -59.70 24.33 17.20
N SER C 337 -60.73 24.06 18.00
CA SER C 337 -61.18 22.68 18.00
C SER C 337 -61.69 22.24 16.63
N GLU C 338 -62.28 23.17 15.85
CA GLU C 338 -62.75 22.86 14.51
C GLU C 338 -61.58 22.63 13.54
N LEU C 339 -60.54 23.44 13.67
CA LEU C 339 -59.35 23.32 12.83
C LEU C 339 -58.63 22.01 13.10
N ILE C 340 -58.61 21.58 14.35
CA ILE C 340 -57.95 20.32 14.64
C ILE C 340 -58.73 19.22 13.99
N GLU C 341 -60.06 19.22 14.11
CA GLU C 341 -60.78 18.14 13.48
C GLU C 341 -60.64 18.17 11.96
N LYS C 342 -60.57 19.37 11.37
CA LYS C 342 -60.42 19.50 9.92
C LYS C 342 -59.09 18.92 9.41
N THR C 343 -57.97 19.21 10.10
CA THR C 343 -56.67 18.76 9.60
C THR C 343 -56.26 17.39 10.13
N ASN C 344 -56.90 16.90 11.19
CA ASN C 344 -56.52 15.63 11.77
C ASN C 344 -57.12 14.47 10.98
N GLN C 345 -57.88 14.80 9.94
CA GLN C 345 -58.49 13.82 9.02
C GLN C 345 -57.61 13.59 7.80
N ASP C 346 -56.47 14.28 7.73
CA ASP C 346 -55.54 14.15 6.62
C ASP C 346 -55.11 12.68 6.49
N PRO C 347 -55.23 12.04 5.31
CA PRO C 347 -54.96 10.62 5.06
C PRO C 347 -53.51 10.21 5.30
N ASN C 348 -52.60 11.19 5.47
CA ASN C 348 -51.21 10.85 5.68
C ASN C 348 -50.90 10.73 7.17
N ARG C 349 -51.96 10.89 8.00
CA ARG C 349 -51.86 10.80 9.45
C ARG C 349 -52.45 9.52 10.01
N GLY C 350 -51.74 8.91 10.93
CA GLY C 350 -52.21 7.71 11.61
C GLY C 350 -51.29 7.25 12.73
N ASP C 351 -51.61 6.11 13.31
CA ASP C 351 -50.88 5.60 14.45
C ASP C 351 -49.47 5.07 14.14
N GLY C 352 -48.59 5.15 15.14
CA GLY C 352 -47.29 4.50 15.07
C GLY C 352 -46.41 4.96 13.92
N HIS C 353 -45.99 3.97 13.13
CA HIS C 353 -45.14 4.11 11.96
C HIS C 353 -45.85 3.60 10.72
N ASP C 354 -47.19 3.58 10.72
CA ASP C 354 -47.95 3.07 9.57
C ASP C 354 -48.34 4.17 8.59
N ASN C 355 -47.89 5.37 8.88
CA ASN C 355 -48.20 6.59 8.17
C ASN C 355 -46.98 7.50 8.23
N ILE C 356 -47.06 8.69 7.63
CA ILE C 356 -45.91 9.58 7.67
C ILE C 356 -46.00 10.46 8.90
N LEU C 357 -47.19 10.98 9.10
CA LEU C 357 -47.56 11.87 10.17
C LEU C 357 -48.43 11.15 11.17
N THR C 358 -48.58 11.70 12.36
CA THR C 358 -49.53 11.08 13.26
C THR C 358 -50.59 12.08 13.65
N LYS C 359 -51.49 11.63 14.49
CA LYS C 359 -52.62 12.43 14.91
C LYS C 359 -52.31 13.45 15.99
N ILE C 360 -53.08 14.54 15.95
CA ILE C 360 -53.02 15.60 16.93
C ILE C 360 -53.95 15.29 18.08
N VAL C 361 -53.38 15.30 19.27
CA VAL C 361 -54.13 15.00 20.46
C VAL C 361 -54.16 16.18 21.42
N VAL C 362 -55.37 16.57 21.80
CA VAL C 362 -55.53 17.65 22.75
C VAL C 362 -55.61 17.05 24.14
N ASN C 363 -54.81 17.59 25.00
CA ASN C 363 -54.64 17.18 26.37
C ASN C 363 -54.34 18.42 27.19
N LYS C 364 -54.15 18.26 28.48
CA LYS C 364 -53.87 19.38 29.38
C LYS C 364 -52.61 20.14 28.99
N THR C 365 -51.68 19.47 28.30
CA THR C 365 -50.45 20.09 27.90
C THR C 365 -50.63 20.91 26.63
N ALA C 366 -51.64 20.58 25.82
CA ALA C 366 -51.90 21.33 24.61
C ALA C 366 -52.55 22.61 25.04
N ILE C 367 -53.35 22.50 26.09
CA ILE C 367 -54.05 23.64 26.61
C ILE C 367 -53.05 24.57 27.24
N ASP C 368 -52.13 24.05 28.05
CA ASP C 368 -51.13 24.90 28.64
C ASP C 368 -50.34 25.66 27.54
N VAL C 369 -49.98 24.99 26.44
CA VAL C 369 -49.28 25.65 25.35
C VAL C 369 -50.16 26.72 24.67
N MET C 370 -51.44 26.40 24.42
CA MET C 370 -52.36 27.38 23.82
C MET C 370 -52.62 28.60 24.70
N GLU C 371 -52.71 28.41 26.02
CA GLU C 371 -52.98 29.53 26.92
C GLU C 371 -51.87 30.58 26.84
N ARG C 372 -50.62 30.14 26.71
CA ARG C 372 -49.49 31.07 26.64
C ARG C 372 -49.48 31.93 25.37
N GLN C 373 -50.24 31.51 24.36
CA GLN C 373 -50.33 32.19 23.09
C GLN C 373 -51.56 33.09 23.04
N GLY C 374 -52.37 33.05 24.11
CA GLY C 374 -53.62 33.82 24.17
C GLY C 374 -54.83 33.14 23.51
N TYR C 375 -54.80 31.81 23.34
CA TYR C 375 -55.89 31.09 22.68
C TYR C 375 -56.41 29.90 23.47
N ASN C 376 -57.62 29.48 23.14
CA ASN C 376 -58.22 28.27 23.70
C ASN C 376 -59.00 27.53 22.60
N LEU C 377 -59.60 26.41 22.92
CA LEU C 377 -60.30 25.60 21.91
C LEU C 377 -61.45 26.30 21.19
N ASP C 378 -62.12 27.23 21.84
CA ASP C 378 -63.24 27.90 21.21
C ASP C 378 -62.84 29.19 20.51
N SER C 379 -61.55 29.52 20.52
CA SER C 379 -61.05 30.74 19.90
C SER C 379 -61.06 30.61 18.40
N VAL C 380 -61.38 31.70 17.72
CA VAL C 380 -61.31 31.75 16.25
C VAL C 380 -60.02 32.39 15.85
N LEU C 381 -59.29 31.75 14.94
CA LEU C 381 -58.01 32.36 14.59
C LEU C 381 -58.17 33.34 13.43
N PRO C 382 -57.42 34.47 13.44
CA PRO C 382 -57.30 35.41 12.34
C PRO C 382 -56.73 34.71 11.14
N LYS C 383 -57.08 35.15 9.95
CA LYS C 383 -56.54 34.52 8.76
C LYS C 383 -55.02 34.44 8.78
N ASP C 384 -54.54 33.23 8.49
CA ASP C 384 -53.12 32.84 8.41
C ASP C 384 -52.34 32.85 9.74
N GLU C 385 -53.04 32.97 10.86
CA GLU C 385 -52.44 32.89 12.19
C GLU C 385 -52.05 31.45 12.50
N VAL C 386 -50.89 31.23 13.14
CA VAL C 386 -50.55 29.86 13.52
C VAL C 386 -50.48 29.68 15.03
N VAL C 387 -51.12 28.62 15.49
CA VAL C 387 -51.15 28.25 16.89
C VAL C 387 -50.55 26.88 17.10
N TYR C 388 -49.61 26.82 18.03
CA TYR C 388 -48.93 25.58 18.32
C TYR C 388 -49.60 24.82 19.43
N LEU C 389 -49.66 23.51 19.29
CA LEU C 389 -50.27 22.64 20.28
C LEU C 389 -49.24 21.89 21.14
N ARG C 390 -47.96 22.10 20.84
CA ARG C 390 -46.83 21.46 21.52
C ARG C 390 -45.66 22.42 21.67
N ALA C 391 -44.91 22.28 22.75
CA ALA C 391 -43.73 23.10 22.97
C ALA C 391 -42.52 22.73 22.09
N THR C 392 -42.37 21.45 21.73
CA THR C 392 -41.22 21.02 20.94
C THR C 392 -41.67 20.19 19.76
N ALA C 393 -40.82 20.11 18.73
CA ALA C 393 -41.13 19.32 17.54
C ALA C 393 -40.84 17.85 17.69
N ASN C 394 -41.70 17.04 17.11
CA ASN C 394 -41.53 15.60 17.05
C ASN C 394 -42.59 14.99 16.11
N LEU C 395 -42.16 14.15 15.18
CA LEU C 395 -43.12 13.51 14.27
C LEU C 395 -44.11 12.64 15.01
N SER C 396 -43.67 12.01 16.10
CA SER C 396 -44.49 11.10 16.88
C SER C 396 -45.59 11.82 17.67
N THR C 397 -45.55 13.15 17.75
CA THR C 397 -46.55 13.89 18.48
C THR C 397 -47.43 14.68 17.53
N GLY C 398 -47.26 14.47 16.22
CA GLY C 398 -48.07 15.17 15.24
C GLY C 398 -47.41 16.34 14.51
N GLY C 399 -46.09 16.52 14.65
CA GLY C 399 -45.40 17.60 13.96
C GLY C 399 -45.01 17.18 12.56
N ILE C 400 -44.18 17.99 11.92
CA ILE C 400 -43.75 17.73 10.55
C ILE C 400 -42.22 17.81 10.41
N ALA C 401 -41.69 17.26 9.32
CA ALA C 401 -40.26 17.32 9.03
C ALA C 401 -40.06 17.61 7.55
N ILE C 402 -39.29 18.66 7.28
CA ILE C 402 -39.05 19.11 5.93
C ILE C 402 -37.60 18.92 5.51
N ASP C 403 -37.37 18.23 4.40
CA ASP C 403 -36.00 18.05 3.93
C ASP C 403 -35.41 19.36 3.41
N ARG C 404 -34.25 19.75 3.96
CA ARG C 404 -33.55 20.97 3.59
C ARG C 404 -32.11 20.63 3.23
N THR C 405 -31.87 19.42 2.77
CA THR C 405 -30.50 18.95 2.57
C THR C 405 -29.73 19.73 1.54
N ASP C 406 -30.38 20.17 0.49
CA ASP C 406 -29.70 20.85 -0.58
C ASP C 406 -29.65 22.37 -0.39
N ASP C 407 -30.17 22.89 0.72
CA ASP C 407 -30.21 24.32 0.96
C ASP C 407 -29.16 24.81 1.96
N ILE C 408 -28.28 23.93 2.41
CA ILE C 408 -27.31 24.31 3.43
C ILE C 408 -26.04 24.89 2.85
N HIS C 409 -25.65 26.03 3.40
CA HIS C 409 -24.48 26.79 2.99
C HIS C 409 -23.15 26.02 3.24
N PRO C 410 -22.16 26.04 2.31
CA PRO C 410 -20.85 25.40 2.42
C PRO C 410 -20.07 25.66 3.71
N GLU C 411 -20.24 26.83 4.31
CA GLU C 411 -19.53 27.09 5.53
C GLU C 411 -20.20 26.37 6.68
N ASN C 412 -21.52 26.22 6.61
CA ASN C 412 -22.24 25.55 7.66
C ASN C 412 -21.97 24.08 7.55
N ILE C 413 -21.72 23.59 6.34
CA ILE C 413 -21.40 22.18 6.16
C ILE C 413 -20.07 21.90 6.85
N TRP C 414 -19.09 22.77 6.62
CA TRP C 414 -17.78 22.65 7.23
C TRP C 414 -17.85 22.66 8.75
N LEU C 415 -18.62 23.58 9.32
CA LEU C 415 -18.73 23.64 10.77
C LEU C 415 -19.35 22.37 11.36
N MET C 416 -20.40 21.82 10.75
CA MET C 416 -21.04 20.63 11.30
C MET C 416 -20.12 19.42 11.32
N GLU C 417 -19.32 19.27 10.30
CA GLU C 417 -18.39 18.17 10.25
C GLU C 417 -17.32 18.33 11.32
N ARG C 418 -16.86 19.57 11.56
CA ARG C 418 -15.86 19.83 12.58
C ARG C 418 -16.42 19.50 13.96
N VAL C 419 -17.70 19.79 14.22
CA VAL C 419 -18.32 19.50 15.53
C VAL C 419 -18.30 18.01 15.83
N ALA C 420 -18.67 17.18 14.85
CA ALA C 420 -18.67 15.74 15.08
C ALA C 420 -17.28 15.19 15.41
N LYS C 421 -16.25 15.73 14.74
CA LYS C 421 -14.86 15.33 14.95
C LYS C 421 -14.30 15.76 16.29
N VAL C 422 -14.68 16.95 16.77
CA VAL C 422 -14.26 17.48 18.06
C VAL C 422 -14.81 16.63 19.20
N ILE C 423 -16.08 16.23 19.12
CA ILE C 423 -16.68 15.37 20.14
C ILE C 423 -16.43 13.88 19.94
N GLY C 424 -15.74 13.49 18.88
CA GLY C 424 -15.45 12.09 18.69
C GLY C 424 -16.47 11.00 18.41
N LEU C 425 -17.50 11.36 17.66
CA LEU C 425 -18.61 10.42 17.35
C LEU C 425 -18.71 10.16 15.86
N ASP C 426 -18.82 8.90 15.45
CA ASP C 426 -19.05 8.64 14.04
C ASP C 426 -20.44 8.98 13.52
N ILE C 427 -21.47 8.39 14.11
CA ILE C 427 -22.80 8.74 13.67
C ILE C 427 -23.39 9.69 14.69
N ALA C 428 -23.68 10.90 14.23
CA ALA C 428 -24.15 11.95 15.10
C ALA C 428 -25.28 12.79 14.57
N GLY C 429 -26.17 13.17 15.48
CA GLY C 429 -27.22 14.13 15.18
C GLY C 429 -26.89 15.46 15.83
N ILE C 430 -26.92 16.52 15.07
CA ILE C 430 -26.61 17.83 15.64
C ILE C 430 -27.84 18.72 15.58
N ASP C 431 -28.23 19.27 16.72
CA ASP C 431 -29.39 20.17 16.85
C ASP C 431 -28.96 21.63 16.76
N VAL C 432 -29.42 22.29 15.72
CA VAL C 432 -29.07 23.66 15.39
C VAL C 432 -30.27 24.61 15.38
N VAL C 433 -30.12 25.77 16.02
CA VAL C 433 -31.18 26.77 15.98
C VAL C 433 -30.75 27.96 15.14
N THR C 434 -31.52 28.19 14.09
CA THR C 434 -31.23 29.26 13.14
C THR C 434 -32.46 29.69 12.38
N SER C 435 -32.49 30.93 11.97
CA SER C 435 -33.56 31.43 11.15
C SER C 435 -33.38 31.11 9.66
N ASP C 436 -32.15 30.84 9.24
CA ASP C 436 -31.88 30.58 7.83
C ASP C 436 -30.67 29.68 7.61
N ILE C 437 -30.91 28.41 7.28
CA ILE C 437 -29.85 27.41 7.11
C ILE C 437 -28.97 27.68 5.87
N SER C 438 -29.43 28.59 5.00
CA SER C 438 -28.75 28.92 3.76
C SER C 438 -27.75 30.06 3.92
N LYS C 439 -27.65 30.62 5.12
CA LYS C 439 -26.71 31.68 5.42
C LYS C 439 -25.79 31.16 6.52
N PRO C 440 -24.56 31.66 6.69
CA PRO C 440 -23.66 31.28 7.75
C PRO C 440 -24.26 31.53 9.13
N LEU C 441 -23.98 30.64 10.08
CA LEU C 441 -24.54 30.83 11.43
C LEU C 441 -24.06 32.11 12.07
N ARG C 442 -22.85 32.60 11.73
CA ARG C 442 -22.36 33.83 12.35
C ARG C 442 -23.13 35.07 11.88
N GLU C 443 -23.84 34.98 10.76
CA GLU C 443 -24.55 36.15 10.21
C GLU C 443 -25.99 36.18 10.69
N THR C 444 -26.54 35.01 10.97
CA THR C 444 -27.92 34.88 11.41
C THR C 444 -28.03 34.77 12.93
N ASN C 445 -26.89 34.82 13.60
CA ASN C 445 -26.76 34.64 15.05
C ASN C 445 -27.33 33.30 15.53
N GLY C 446 -27.01 32.24 14.80
CA GLY C 446 -27.47 30.91 15.17
C GLY C 446 -26.55 30.21 16.14
N VAL C 447 -27.06 29.18 16.81
CA VAL C 447 -26.28 28.39 17.76
C VAL C 447 -26.43 26.88 17.62
N ILE C 448 -25.47 26.15 18.15
CA ILE C 448 -25.57 24.71 18.23
C ILE C 448 -25.98 24.38 19.63
N VAL C 449 -27.12 23.71 19.74
CA VAL C 449 -27.74 23.44 21.01
C VAL C 449 -27.37 22.09 21.60
N GLU C 450 -27.34 21.06 20.77
CA GLU C 450 -27.08 19.72 21.29
C GLU C 450 -26.39 18.78 20.30
N VAL C 451 -25.57 17.88 20.82
CA VAL C 451 -24.99 16.82 19.99
C VAL C 451 -25.47 15.47 20.52
N ASN C 452 -26.13 14.68 19.67
CA ASN C 452 -26.70 13.41 20.04
C ASN C 452 -26.02 12.18 19.44
N ALA C 453 -25.49 11.33 20.29
CA ALA C 453 -24.87 10.13 19.79
C ALA C 453 -25.97 9.18 19.40
N ALA C 454 -25.77 8.40 18.34
CA ALA C 454 -26.73 7.37 17.95
C ALA C 454 -28.19 7.86 17.72
N PRO C 455 -28.44 8.82 16.81
CA PRO C 455 -29.71 9.45 16.47
C PRO C 455 -30.63 8.52 15.72
N GLY C 456 -31.94 8.78 15.69
CA GLY C 456 -32.84 7.96 14.88
C GLY C 456 -32.91 8.44 13.43
N PHE C 457 -33.61 7.68 12.56
CA PHE C 457 -33.69 8.04 11.14
C PHE C 457 -35.05 8.35 10.48
N ARG C 458 -36.19 8.09 11.13
CA ARG C 458 -37.53 8.26 10.49
C ARG C 458 -37.66 9.60 9.76
N MET C 459 -37.15 10.69 10.32
CA MET C 459 -37.31 12.02 9.79
C MET C 459 -36.52 12.27 8.50
N HIS C 460 -35.56 11.39 8.21
CA HIS C 460 -34.73 11.55 7.02
C HIS C 460 -35.11 10.53 5.96
N VAL C 461 -35.66 9.38 6.37
CA VAL C 461 -36.04 8.37 5.40
C VAL C 461 -37.52 8.42 5.07
N ALA C 462 -38.31 9.12 5.88
CA ALA C 462 -39.73 9.31 5.65
C ALA C 462 -40.19 10.71 6.08
N PRO C 463 -39.70 11.79 5.43
CA PRO C 463 -40.00 13.17 5.71
C PRO C 463 -41.42 13.46 5.26
N SER C 464 -42.05 14.49 5.80
CA SER C 464 -43.40 14.82 5.32
C SER C 464 -43.36 15.73 4.11
N GLN C 465 -42.27 16.47 3.95
CA GLN C 465 -42.10 17.29 2.77
C GLN C 465 -40.69 17.08 2.24
N GLY C 466 -40.53 17.09 0.94
CA GLY C 466 -39.22 16.91 0.35
C GLY C 466 -39.00 15.46 -0.02
N LEU C 467 -37.78 15.15 -0.44
CA LEU C 467 -37.49 13.82 -0.95
C LEU C 467 -36.82 12.95 0.15
N PRO C 468 -37.16 11.65 0.31
CA PRO C 468 -36.53 10.67 1.20
C PRO C 468 -35.06 10.42 0.90
N ARG C 469 -34.24 10.20 1.92
CA ARG C 469 -32.81 9.94 1.69
C ARG C 469 -32.36 8.55 2.10
N ASN C 470 -31.45 7.97 1.34
CA ASN C 470 -30.96 6.66 1.74
C ASN C 470 -29.81 6.82 2.71
N VAL C 471 -30.18 6.85 3.96
CA VAL C 471 -29.31 7.04 5.10
C VAL C 471 -28.41 5.84 5.38
N ALA C 472 -28.94 4.63 5.21
CA ALA C 472 -28.18 3.40 5.46
C ALA C 472 -26.98 3.23 4.54
N ALA C 473 -27.09 3.65 3.30
CA ALA C 473 -25.99 3.40 2.38
C ALA C 473 -24.63 3.98 2.90
N PRO C 474 -24.51 5.23 3.40
CA PRO C 474 -23.32 5.78 4.03
C PRO C 474 -22.85 5.05 5.29
N VAL C 475 -23.71 4.27 5.93
CA VAL C 475 -23.31 3.57 7.13
C VAL C 475 -22.61 2.31 6.70
N LEU C 476 -23.19 1.58 5.77
CA LEU C 476 -22.57 0.35 5.32
C LEU C 476 -21.29 0.61 4.59
N ASP C 477 -21.16 1.77 3.94
CA ASP C 477 -19.92 2.13 3.28
C ASP C 477 -18.78 2.35 4.28
N MET C 478 -19.04 2.71 5.55
CA MET C 478 -17.90 2.87 6.44
C MET C 478 -17.56 1.52 7.06
N LEU C 479 -18.58 0.68 7.27
CA LEU C 479 -18.37 -0.63 7.88
C LEU C 479 -17.70 -1.59 6.93
N PHE C 480 -18.08 -1.52 5.65
CA PHE C 480 -17.54 -2.37 4.60
C PHE C 480 -17.11 -1.52 3.40
N PRO C 481 -15.95 -0.86 3.57
CA PRO C 481 -15.40 0.08 2.61
C PRO C 481 -15.31 -0.39 1.15
N PRO C 482 -15.41 0.49 0.14
CA PRO C 482 -15.43 0.03 -1.27
C PRO C 482 -14.36 -1.00 -1.67
N GLY C 483 -14.75 -2.03 -2.41
CA GLY C 483 -13.84 -3.12 -2.79
C GLY C 483 -13.19 -3.98 -1.75
N THR C 484 -13.85 -4.18 -0.62
CA THR C 484 -13.39 -4.93 0.57
C THR C 484 -14.46 -5.99 0.77
N PRO C 485 -14.16 -7.18 1.30
CA PRO C 485 -15.06 -8.32 1.32
C PRO C 485 -15.80 -8.38 2.65
N SER C 486 -16.97 -9.00 2.67
CA SER C 486 -17.73 -9.22 3.88
C SER C 486 -17.79 -10.70 4.26
N ARG C 487 -17.23 -11.55 3.42
CA ARG C 487 -17.25 -12.98 3.55
C ARG C 487 -15.88 -13.62 3.48
N ILE C 488 -15.76 -14.80 4.07
CA ILE C 488 -14.56 -15.59 3.99
C ILE C 488 -14.90 -16.76 3.09
N PRO C 489 -13.95 -17.42 2.42
CA PRO C 489 -14.19 -18.60 1.61
C PRO C 489 -14.80 -19.75 2.36
N ILE C 490 -15.78 -20.39 1.73
CA ILE C 490 -16.43 -21.57 2.28
C ILE C 490 -16.34 -22.72 1.32
N LEU C 491 -15.82 -23.84 1.82
CA LEU C 491 -15.68 -25.05 1.05
C LEU C 491 -16.53 -26.12 1.71
N ALA C 492 -17.60 -26.51 1.03
CA ALA C 492 -18.57 -27.46 1.58
C ALA C 492 -18.43 -28.84 0.95
N VAL C 493 -18.27 -29.86 1.77
CA VAL C 493 -18.04 -31.22 1.27
C VAL C 493 -19.17 -32.19 1.63
N THR C 494 -19.77 -32.83 0.62
CA THR C 494 -20.81 -33.80 0.94
C THR C 494 -20.66 -35.08 0.10
N GLY C 495 -21.54 -36.05 0.33
CA GLY C 495 -21.54 -37.34 -0.36
C GLY C 495 -21.74 -38.46 0.65
N THR C 496 -22.11 -39.65 0.18
CA THR C 496 -22.35 -40.75 1.11
C THR C 496 -21.09 -41.23 1.86
N ASN C 497 -19.97 -41.44 1.15
CA ASN C 497 -18.74 -41.91 1.80
C ASN C 497 -17.53 -41.02 1.51
N GLY C 498 -16.64 -40.89 2.48
CA GLY C 498 -15.37 -40.17 2.31
C GLY C 498 -15.29 -38.71 2.77
N LYS C 499 -16.40 -38.15 3.24
CA LYS C 499 -16.43 -36.76 3.70
C LYS C 499 -15.42 -36.36 4.75
N THR C 500 -15.29 -37.11 5.84
CA THR C 500 -14.37 -36.75 6.90
C THR C 500 -12.93 -36.75 6.45
N THR C 501 -12.53 -37.75 5.67
CA THR C 501 -11.17 -37.85 5.17
C THR C 501 -10.84 -36.70 4.23
N THR C 502 -11.76 -36.37 3.33
CA THR C 502 -11.58 -35.31 2.35
C THR C 502 -11.47 -33.96 3.07
N THR C 503 -12.32 -33.75 4.07
CA THR C 503 -12.39 -32.53 4.87
C THR C 503 -11.09 -32.28 5.62
N ARG C 504 -10.51 -33.30 6.26
CA ARG C 504 -9.26 -33.13 6.98
C ARG C 504 -8.09 -32.85 6.05
N LEU C 505 -8.05 -33.49 4.88
CA LEU C 505 -6.98 -33.23 3.93
C LEU C 505 -7.06 -31.84 3.35
N LEU C 506 -8.26 -31.40 3.00
CA LEU C 506 -8.41 -30.11 2.39
C LEU C 506 -8.05 -29.01 3.39
N ALA C 507 -8.45 -29.17 4.66
CA ALA C 507 -8.09 -28.19 5.68
C ALA C 507 -6.57 -28.12 5.88
N HIS C 508 -5.90 -29.29 5.83
CA HIS C 508 -4.44 -29.42 5.95
C HIS C 508 -3.71 -28.68 4.82
N ILE C 509 -4.23 -28.77 3.59
CA ILE C 509 -3.63 -28.08 2.45
C ILE C 509 -3.74 -26.56 2.60
N TYR C 510 -4.90 -26.05 3.00
CA TYR C 510 -5.05 -24.59 3.16
C TYR C 510 -4.18 -24.05 4.24
N ARG C 511 -3.99 -24.83 5.27
CA ARG C 511 -3.20 -24.49 6.41
C ARG C 511 -1.72 -24.25 6.05
N GLN C 512 -1.26 -24.75 4.90
CA GLN C 512 0.15 -24.62 4.52
C GLN C 512 0.43 -23.22 4.00
N THR C 513 -0.62 -22.42 3.86
CA THR C 513 -0.47 -21.05 3.41
C THR C 513 -0.33 -20.08 4.60
N GLY C 514 -0.45 -20.61 5.84
CA GLY C 514 -0.30 -19.80 7.04
C GLY C 514 -1.57 -19.11 7.56
N LYS C 515 -2.71 -19.41 6.98
CA LYS C 515 -3.99 -18.82 7.36
C LYS C 515 -4.67 -19.56 8.48
N THR C 516 -5.60 -18.90 9.16
CA THR C 516 -6.38 -19.60 10.18
C THR C 516 -7.52 -20.33 9.53
N VAL C 517 -7.51 -21.63 9.72
CA VAL C 517 -8.47 -22.49 9.09
C VAL C 517 -9.33 -23.17 10.13
N GLY C 518 -10.62 -23.02 9.99
CA GLY C 518 -11.54 -23.65 10.89
C GLY C 518 -12.29 -24.74 10.16
N TYR C 519 -12.62 -25.81 10.85
CA TYR C 519 -13.39 -26.85 10.20
C TYR C 519 -14.23 -27.67 11.13
N THR C 520 -15.25 -28.29 10.57
CA THR C 520 -16.10 -29.15 11.37
C THR C 520 -16.18 -30.53 10.76
N SER C 521 -16.23 -31.52 11.63
CA SER C 521 -16.35 -32.91 11.24
C SER C 521 -17.20 -33.69 12.22
N THR C 522 -17.35 -34.96 11.94
CA THR C 522 -18.07 -35.85 12.86
C THR C 522 -17.28 -36.20 14.11
N ASP C 523 -16.01 -35.81 14.19
CA ASP C 523 -15.26 -36.10 15.40
C ASP C 523 -15.18 -34.90 16.36
N ALA C 524 -15.01 -33.68 15.79
CA ALA C 524 -14.79 -32.45 16.55
C ALA C 524 -14.85 -31.16 15.69
N ILE C 525 -14.82 -30.00 16.38
CA ILE C 525 -14.66 -28.68 15.76
C ILE C 525 -13.27 -28.19 16.07
N TYR C 526 -12.50 -27.85 15.03
CA TYR C 526 -11.13 -27.36 15.18
C TYR C 526 -10.83 -26.02 14.57
N ILE C 527 -9.90 -25.31 15.21
CA ILE C 527 -9.31 -24.10 14.63
C ILE C 527 -7.79 -24.21 14.71
N ASN C 528 -7.10 -24.28 13.56
CA ASN C 528 -5.62 -24.38 13.55
C ASN C 528 -5.07 -25.45 14.47
N GLU C 529 -5.64 -26.63 14.44
CA GLU C 529 -5.26 -27.77 15.27
C GLU C 529 -5.59 -27.69 16.76
N TYR C 530 -6.37 -26.71 17.19
CA TYR C 530 -6.84 -26.70 18.57
C TYR C 530 -8.26 -27.19 18.54
N CYS C 531 -8.62 -28.02 19.50
CA CYS C 531 -9.98 -28.52 19.50
C CYS C 531 -10.88 -27.61 20.31
N VAL C 532 -11.95 -27.15 19.69
CA VAL C 532 -12.91 -26.26 20.32
C VAL C 532 -13.99 -27.08 21.00
N GLU C 533 -14.55 -28.05 20.28
CA GLU C 533 -15.60 -28.94 20.81
C GLU C 533 -15.39 -30.36 20.30
N LYS C 534 -15.82 -31.36 21.07
CA LYS C 534 -15.75 -32.76 20.60
C LYS C 534 -17.13 -33.39 20.40
N GLY C 535 -17.20 -34.42 19.56
CA GLY C 535 -18.45 -35.12 19.28
C GLY C 535 -18.90 -34.89 17.85
N ASP C 536 -20.09 -35.36 17.50
CA ASP C 536 -20.53 -35.20 16.13
C ASP C 536 -20.93 -33.77 15.95
N ASN C 537 -20.11 -33.06 15.22
CA ASN C 537 -20.29 -31.66 15.04
C ASN C 537 -20.69 -31.28 13.66
N THR C 538 -21.30 -32.19 12.93
CA THR C 538 -21.81 -31.80 11.64
C THR C 538 -23.15 -31.11 11.87
N GLY C 539 -23.65 -30.42 10.86
CA GLY C 539 -24.93 -29.74 10.98
C GLY C 539 -24.74 -28.23 11.15
N PRO C 540 -25.82 -27.45 10.93
CA PRO C 540 -25.86 -26.01 10.93
C PRO C 540 -25.53 -25.32 12.25
N GLN C 541 -25.66 -26.03 13.36
CA GLN C 541 -25.33 -25.41 14.63
C GLN C 541 -23.82 -25.30 14.80
N SER C 542 -23.05 -26.19 14.17
CA SER C 542 -21.61 -26.15 14.30
C SER C 542 -21.03 -25.23 13.28
N ALA C 543 -21.66 -25.19 12.11
CA ALA C 543 -21.18 -24.34 11.05
C ALA C 543 -21.20 -22.89 11.53
N GLY C 544 -22.21 -22.57 12.35
CA GLY C 544 -22.37 -21.25 12.92
C GLY C 544 -21.29 -20.89 13.95
N VAL C 545 -20.60 -21.86 14.53
CA VAL C 545 -19.57 -21.58 15.50
C VAL C 545 -18.37 -21.07 14.74
N ILE C 546 -18.06 -21.74 13.63
CA ILE C 546 -16.94 -21.31 12.80
C ILE C 546 -17.22 -19.98 12.11
N LEU C 547 -18.40 -19.79 11.54
CA LEU C 547 -18.70 -18.56 10.83
C LEU C 547 -18.77 -17.32 11.73
N ARG C 548 -19.15 -17.48 12.99
CA ARG C 548 -19.17 -16.35 13.91
C ARG C 548 -17.82 -16.07 14.57
N ASP C 549 -16.82 -16.91 14.36
CA ASP C 549 -15.53 -16.78 15.01
C ASP C 549 -14.66 -15.70 14.38
N PRO C 550 -14.27 -14.64 15.12
CA PRO C 550 -13.56 -13.46 14.68
C PRO C 550 -12.15 -13.70 14.16
N THR C 551 -11.61 -14.90 14.34
CA THR C 551 -10.27 -15.19 13.88
C THR C 551 -10.21 -16.02 12.59
N VAL C 552 -11.31 -16.62 12.15
CA VAL C 552 -11.25 -17.56 11.03
C VAL C 552 -11.22 -16.91 9.64
N GLU C 553 -10.24 -17.34 8.83
CA GLU C 553 -10.05 -16.85 7.48
C GLU C 553 -10.58 -17.80 6.41
N VAL C 554 -10.55 -19.10 6.66
CA VAL C 554 -11.05 -20.14 5.74
C VAL C 554 -11.95 -21.13 6.47
N ALA C 555 -13.12 -21.45 5.93
CA ALA C 555 -14.00 -22.46 6.55
C ALA C 555 -14.18 -23.70 5.69
N VAL C 556 -13.88 -24.87 6.24
CA VAL C 556 -14.07 -26.14 5.52
C VAL C 556 -15.10 -26.98 6.31
N LEU C 557 -16.25 -27.26 5.72
CA LEU C 557 -17.32 -27.90 6.49
C LEU C 557 -17.85 -29.24 5.95
N GLU C 558 -17.76 -30.36 6.70
CA GLU C 558 -18.36 -31.58 6.10
C GLU C 558 -19.86 -31.44 6.32
N THR C 559 -20.67 -31.75 5.31
CA THR C 559 -22.12 -31.63 5.40
C THR C 559 -22.86 -32.95 5.23
N ALA C 560 -23.65 -33.26 6.24
CA ALA C 560 -24.44 -34.48 6.29
C ALA C 560 -25.91 -34.23 5.95
N ARG C 561 -26.57 -35.29 5.48
CA ARG C 561 -28.00 -35.27 5.17
C ARG C 561 -28.87 -35.03 6.37
N GLY C 562 -28.46 -35.44 7.56
CA GLY C 562 -29.32 -35.24 8.72
C GLY C 562 -29.51 -33.76 8.96
N GLY C 563 -28.44 -32.99 8.81
CA GLY C 563 -28.49 -31.57 9.02
C GLY C 563 -29.37 -30.90 8.00
N ILE C 564 -29.24 -31.30 6.73
CA ILE C 564 -30.02 -30.64 5.69
C ILE C 564 -31.50 -30.93 5.87
N LEU C 565 -31.85 -32.18 6.10
CA LEU C 565 -33.24 -32.56 6.23
C LEU C 565 -33.91 -32.03 7.48
N ARG C 566 -33.16 -31.90 8.57
CA ARG C 566 -33.72 -31.40 9.80
C ARG C 566 -33.81 -29.88 9.89
N ALA C 567 -32.81 -29.12 9.39
CA ALA C 567 -32.89 -27.67 9.54
C ALA C 567 -32.38 -26.79 8.37
N GLY C 568 -32.00 -27.34 7.21
CA GLY C 568 -31.45 -26.54 6.10
C GLY C 568 -29.94 -26.24 6.28
N LEU C 569 -29.33 -25.59 5.30
CA LEU C 569 -27.90 -25.22 5.40
C LEU C 569 -27.69 -23.93 6.18
N ALA C 570 -26.58 -23.82 6.92
CA ALA C 570 -26.26 -22.61 7.70
C ALA C 570 -25.70 -21.42 6.95
N PHE C 571 -25.20 -21.61 5.74
CA PHE C 571 -24.51 -20.52 5.06
C PHE C 571 -25.10 -19.86 3.82
N ASP C 572 -26.23 -20.33 3.30
CA ASP C 572 -26.86 -19.79 2.06
C ASP C 572 -26.09 -19.99 0.75
N SER C 573 -24.83 -19.60 0.68
CA SER C 573 -24.02 -19.82 -0.52
C SER C 573 -22.57 -20.09 -0.18
N CYS C 574 -21.87 -20.72 -1.13
CA CYS C 574 -20.45 -21.05 -0.94
C CYS C 574 -19.63 -20.95 -2.21
N ASP C 575 -18.30 -21.06 -2.06
CA ASP C 575 -17.38 -20.91 -3.18
C ASP C 575 -17.08 -22.22 -3.88
N VAL C 576 -16.93 -23.27 -3.09
CA VAL C 576 -16.68 -24.56 -3.67
C VAL C 576 -17.65 -25.56 -3.06
N GLY C 577 -18.30 -26.32 -3.91
CA GLY C 577 -19.20 -27.38 -3.44
C GLY C 577 -18.71 -28.69 -3.99
N VAL C 578 -18.36 -29.62 -3.11
CA VAL C 578 -17.83 -30.91 -3.54
C VAL C 578 -18.81 -32.05 -3.26
N VAL C 579 -19.17 -32.80 -4.30
CA VAL C 579 -20.06 -33.96 -4.10
C VAL C 579 -19.26 -35.20 -4.47
N LEU C 580 -19.03 -36.07 -3.51
CA LEU C 580 -18.15 -37.19 -3.75
C LEU C 580 -18.79 -38.45 -4.33
N ASN C 581 -20.02 -38.77 -3.95
CA ASN C 581 -20.70 -40.00 -4.37
C ASN C 581 -22.12 -40.11 -3.84
N VAL C 582 -22.99 -40.80 -4.56
CA VAL C 582 -24.32 -41.11 -4.03
C VAL C 582 -24.47 -42.63 -3.91
N ALA C 583 -24.84 -43.11 -2.73
CA ALA C 583 -24.97 -44.56 -2.53
C ALA C 583 -26.14 -44.86 -1.63
N ALA C 584 -26.63 -46.09 -1.67
CA ALA C 584 -27.82 -46.48 -0.94
C ALA C 584 -27.63 -46.71 0.55
N ASP C 585 -27.33 -45.63 1.24
CA ASP C 585 -27.19 -45.61 2.68
C ASP C 585 -28.35 -44.79 3.22
N HIS C 586 -28.70 -45.02 4.47
CA HIS C 586 -29.75 -44.26 5.14
C HIS C 586 -31.08 -44.23 4.39
N LEU C 587 -31.42 -45.32 3.70
CA LEU C 587 -32.68 -45.25 3.01
C LEU C 587 -33.76 -45.68 3.96
N GLY C 588 -34.88 -45.01 3.84
CA GLY C 588 -36.06 -45.22 4.65
C GLY C 588 -36.11 -44.19 5.78
N LEU C 589 -35.03 -43.46 6.00
CA LEU C 589 -35.00 -42.48 7.06
C LEU C 589 -35.29 -41.10 6.54
N GLY C 590 -35.99 -40.27 7.30
CA GLY C 590 -36.18 -38.88 6.89
C GLY C 590 -37.10 -38.77 5.69
N ASP C 591 -37.98 -39.76 5.54
CA ASP C 591 -38.90 -39.85 4.40
C ASP C 591 -38.21 -40.05 3.05
N ILE C 592 -36.94 -40.46 3.03
CA ILE C 592 -36.27 -40.78 1.77
C ILE C 592 -36.03 -42.25 1.60
N ASP C 593 -36.79 -42.82 0.68
CA ASP C 593 -36.79 -44.25 0.41
C ASP C 593 -35.95 -44.67 -0.80
N THR C 594 -35.78 -43.78 -1.77
CA THR C 594 -35.10 -44.19 -2.99
C THR C 594 -33.77 -43.49 -3.20
N ILE C 595 -33.00 -44.02 -4.14
CA ILE C 595 -31.70 -43.45 -4.46
C ILE C 595 -31.86 -42.13 -5.22
N GLU C 596 -32.91 -42.02 -6.04
CA GLU C 596 -33.19 -40.82 -6.79
C GLU C 596 -33.52 -39.67 -5.83
N GLN C 597 -34.19 -39.98 -4.72
CA GLN C 597 -34.48 -38.98 -3.72
C GLN C 597 -33.20 -38.59 -2.97
N MET C 598 -32.34 -39.57 -2.67
CA MET C 598 -31.12 -39.27 -1.95
C MET C 598 -30.24 -38.34 -2.75
N ALA C 599 -30.27 -38.49 -4.07
CA ALA C 599 -29.51 -37.64 -4.96
C ALA C 599 -30.00 -36.19 -4.89
N LYS C 600 -31.29 -35.95 -4.57
CA LYS C 600 -31.86 -34.60 -4.50
C LYS C 600 -31.42 -33.91 -3.23
N VAL C 601 -31.10 -34.69 -2.21
CA VAL C 601 -30.59 -34.13 -0.99
C VAL C 601 -29.14 -33.70 -1.24
N LYS C 602 -28.35 -34.57 -1.86
CA LYS C 602 -26.94 -34.24 -2.05
C LYS C 602 -26.74 -33.08 -3.00
N SER C 603 -27.63 -32.93 -3.98
CA SER C 603 -27.55 -31.88 -4.97
C SER C 603 -27.77 -30.49 -4.37
N VAL C 604 -28.24 -30.39 -3.12
CA VAL C 604 -28.46 -29.11 -2.48
C VAL C 604 -27.14 -28.36 -2.44
N ILE C 605 -26.01 -29.04 -2.17
CA ILE C 605 -24.75 -28.33 -2.13
C ILE C 605 -24.34 -27.79 -3.48
N ALA C 606 -24.48 -28.57 -4.53
CA ALA C 606 -24.11 -28.13 -5.86
C ALA C 606 -24.92 -26.91 -6.30
N GLU C 607 -26.19 -26.85 -5.89
CA GLU C 607 -27.09 -25.76 -6.28
C GLU C 607 -26.95 -24.48 -5.47
N VAL C 608 -26.09 -24.45 -4.45
CA VAL C 608 -25.93 -23.23 -3.67
C VAL C 608 -24.55 -22.63 -3.93
N VAL C 609 -23.83 -23.15 -4.91
CA VAL C 609 -22.53 -22.57 -5.17
C VAL C 609 -22.74 -21.30 -5.97
N ASP C 610 -22.11 -20.23 -5.54
CA ASP C 610 -22.17 -18.93 -6.18
C ASP C 610 -21.76 -19.05 -7.66
N PRO C 611 -22.39 -18.37 -8.63
CA PRO C 611 -22.04 -18.42 -10.05
C PRO C 611 -20.56 -18.18 -10.35
N SER C 612 -19.85 -17.45 -9.49
CA SER C 612 -18.43 -17.19 -9.72
C SER C 612 -17.53 -18.33 -9.23
N GLY C 613 -18.12 -19.30 -8.53
CA GLY C 613 -17.43 -20.43 -7.93
C GLY C 613 -17.56 -21.71 -8.75
N TYR C 614 -17.22 -22.83 -8.11
CA TYR C 614 -17.21 -24.15 -8.72
C TYR C 614 -17.89 -25.26 -7.98
N ALA C 615 -18.42 -26.18 -8.76
CA ALA C 615 -18.94 -27.43 -8.26
C ALA C 615 -17.94 -28.50 -8.67
N VAL C 616 -17.57 -29.38 -7.77
CA VAL C 616 -16.65 -30.46 -8.06
C VAL C 616 -17.41 -31.78 -8.03
N LEU C 617 -17.51 -32.39 -9.20
CA LEU C 617 -18.30 -33.60 -9.35
C LEU C 617 -17.47 -34.82 -9.72
N ASN C 618 -17.96 -35.97 -9.31
CA ASN C 618 -17.36 -37.26 -9.61
C ASN C 618 -17.86 -37.78 -10.97
N ALA C 619 -17.01 -37.80 -11.98
CA ALA C 619 -17.42 -38.18 -13.34
C ALA C 619 -17.62 -39.68 -13.49
N ASP C 620 -17.23 -40.44 -12.50
CA ASP C 620 -17.37 -41.88 -12.53
C ASP C 620 -18.66 -42.32 -11.84
N ASP C 621 -19.46 -41.35 -11.38
CA ASP C 621 -20.70 -41.59 -10.68
C ASP C 621 -21.89 -41.01 -11.47
N PRO C 622 -22.77 -41.82 -12.08
CA PRO C 622 -23.86 -41.39 -12.95
C PRO C 622 -24.93 -40.53 -12.29
N LEU C 623 -25.07 -40.56 -10.96
CA LEU C 623 -26.09 -39.71 -10.35
C LEU C 623 -25.47 -38.36 -10.07
N VAL C 624 -24.17 -38.37 -9.76
CA VAL C 624 -23.46 -37.14 -9.44
C VAL C 624 -23.12 -36.35 -10.69
N ALA C 625 -22.64 -37.00 -11.75
CA ALA C 625 -22.27 -36.27 -12.96
C ALA C 625 -23.48 -35.53 -13.54
N ALA C 626 -24.66 -36.11 -13.38
CA ALA C 626 -25.94 -35.59 -13.85
C ALA C 626 -26.35 -34.29 -13.16
N MET C 627 -25.74 -33.97 -12.03
CA MET C 627 -26.08 -32.78 -11.27
C MET C 627 -25.55 -31.56 -12.00
N ALA C 628 -24.65 -31.78 -12.95
CA ALA C 628 -24.00 -30.72 -13.68
C ALA C 628 -25.00 -29.89 -14.45
N ASP C 629 -26.18 -30.44 -14.74
CA ASP C 629 -27.19 -29.75 -15.52
C ASP C 629 -28.13 -28.90 -14.66
N LYS C 630 -27.92 -28.91 -13.35
CA LYS C 630 -28.69 -28.12 -12.41
C LYS C 630 -27.86 -26.95 -11.89
N VAL C 631 -26.55 -27.14 -11.91
CA VAL C 631 -25.58 -26.18 -11.39
C VAL C 631 -25.46 -24.90 -12.22
N LYS C 632 -25.53 -23.76 -11.52
CA LYS C 632 -25.40 -22.40 -12.08
C LYS C 632 -23.95 -21.90 -12.07
N ALA C 633 -23.13 -22.63 -11.34
CA ALA C 633 -21.71 -22.42 -11.09
C ALA C 633 -20.90 -23.14 -12.17
N LYS C 634 -19.59 -22.97 -12.15
CA LYS C 634 -18.75 -23.66 -13.10
C LYS C 634 -18.59 -25.09 -12.63
N VAL C 635 -18.33 -26.01 -13.53
CA VAL C 635 -18.16 -27.40 -13.12
C VAL C 635 -16.79 -27.95 -13.42
N ALA C 636 -16.18 -28.59 -12.43
CA ALA C 636 -14.91 -29.28 -12.55
C ALA C 636 -15.17 -30.75 -12.27
N TYR C 637 -14.41 -31.64 -12.89
CA TYR C 637 -14.62 -33.08 -12.65
C TYR C 637 -13.41 -33.85 -12.22
N PHE C 638 -13.63 -34.92 -11.48
CA PHE C 638 -12.53 -35.81 -11.19
C PHE C 638 -12.88 -37.24 -11.54
N SER C 639 -11.86 -38.05 -11.84
CA SER C 639 -12.07 -39.46 -12.14
C SER C 639 -10.84 -40.35 -11.93
N MET C 640 -11.06 -41.65 -11.86
CA MET C 640 -10.00 -42.65 -11.70
C MET C 640 -9.61 -43.30 -13.00
N ASN C 641 -10.15 -42.79 -14.08
CA ASN C 641 -9.94 -43.31 -15.41
C ASN C 641 -9.91 -42.19 -16.43
N PRO C 642 -8.76 -41.77 -16.97
CA PRO C 642 -8.62 -40.71 -17.95
C PRO C 642 -9.52 -40.93 -19.17
N ASP C 643 -9.79 -42.20 -19.51
CA ASP C 643 -10.63 -42.50 -20.65
C ASP C 643 -12.09 -42.58 -20.23
N ASN C 644 -12.60 -41.41 -19.90
CA ASN C 644 -13.95 -41.18 -19.46
C ASN C 644 -14.48 -40.10 -20.40
N PRO C 645 -15.45 -40.41 -21.28
CA PRO C 645 -16.00 -39.50 -22.26
C PRO C 645 -16.40 -38.15 -21.70
N ILE C 646 -16.82 -38.09 -20.43
CA ILE C 646 -17.22 -36.83 -19.83
C ILE C 646 -16.01 -35.93 -19.70
N ILE C 647 -14.90 -36.52 -19.26
CA ILE C 647 -13.68 -35.79 -19.00
C ILE C 647 -13.12 -35.31 -20.30
N GLN C 648 -13.17 -36.17 -21.30
CA GLN C 648 -12.61 -35.80 -22.58
C GLN C 648 -13.42 -34.68 -23.24
N ALA C 649 -14.74 -34.77 -23.19
CA ALA C 649 -15.55 -33.73 -23.78
C ALA C 649 -15.34 -32.40 -23.10
N HIS C 650 -15.15 -32.45 -21.78
CA HIS C 650 -14.95 -31.30 -20.92
C HIS C 650 -13.61 -30.61 -21.14
N VAL C 651 -12.50 -31.36 -21.17
CA VAL C 651 -11.21 -30.67 -21.35
C VAL C 651 -11.08 -30.12 -22.78
N ARG C 652 -11.78 -30.70 -23.76
CA ARG C 652 -11.76 -30.21 -25.13
C ARG C 652 -12.44 -28.85 -25.28
N ARG C 653 -13.18 -28.41 -24.26
CA ARG C 653 -13.84 -27.12 -24.21
C ARG C 653 -13.14 -26.24 -23.20
N ASN C 654 -11.90 -26.62 -22.86
CA ASN C 654 -11.02 -26.00 -21.88
C ASN C 654 -11.50 -25.98 -20.43
N GLY C 655 -12.14 -27.06 -20.00
CA GLY C 655 -12.53 -27.18 -18.62
C GLY C 655 -11.34 -27.75 -17.84
N ILE C 656 -11.58 -28.00 -16.55
CA ILE C 656 -10.58 -28.49 -15.61
C ILE C 656 -10.99 -29.83 -15.06
N ALA C 657 -10.07 -30.76 -15.00
CA ALA C 657 -10.35 -32.05 -14.44
C ALA C 657 -9.16 -32.62 -13.71
N ALA C 658 -9.42 -33.50 -12.76
CA ALA C 658 -8.34 -34.18 -12.06
C ALA C 658 -8.45 -35.65 -12.30
N VAL C 659 -7.38 -36.25 -12.77
CA VAL C 659 -7.42 -37.67 -13.05
C VAL C 659 -6.25 -38.42 -12.46
N TYR C 660 -6.43 -39.70 -12.30
CA TYR C 660 -5.34 -40.56 -11.93
C TYR C 660 -4.77 -41.23 -13.18
N GLU C 661 -3.50 -40.97 -13.49
CA GLU C 661 -2.88 -41.52 -14.70
C GLU C 661 -1.40 -41.82 -14.51
N SER C 662 -0.93 -42.91 -15.09
CA SER C 662 0.49 -43.29 -15.06
C SER C 662 1.13 -43.27 -13.67
N GLY C 663 0.36 -43.59 -12.64
CA GLY C 663 0.86 -43.59 -11.26
C GLY C 663 0.82 -42.22 -10.59
N TYR C 664 0.38 -41.19 -11.32
CA TYR C 664 0.32 -39.83 -10.83
C TYR C 664 -1.06 -39.24 -10.67
N LEU C 665 -1.14 -38.35 -9.73
CA LEU C 665 -2.34 -37.57 -9.54
C LEU C 665 -2.04 -36.29 -10.26
N SER C 666 -2.84 -35.98 -11.29
CA SER C 666 -2.58 -34.82 -12.12
C SER C 666 -3.82 -34.01 -12.49
N ILE C 667 -3.59 -32.76 -12.81
CA ILE C 667 -4.63 -31.84 -13.21
C ILE C 667 -4.57 -31.49 -14.68
N LEU C 668 -5.68 -31.66 -15.33
CA LEU C 668 -5.82 -31.38 -16.74
C LEU C 668 -6.46 -30.04 -16.90
N GLU C 669 -5.73 -29.10 -17.46
CA GLU C 669 -6.26 -27.77 -17.62
C GLU C 669 -6.22 -27.45 -19.09
N GLY C 670 -7.33 -27.67 -19.77
CA GLY C 670 -7.30 -27.57 -21.21
C GLY C 670 -6.32 -28.61 -21.76
N SER C 671 -5.40 -28.17 -22.61
CA SER C 671 -4.41 -29.04 -23.24
C SER C 671 -3.18 -29.35 -22.39
N TRP C 672 -3.01 -28.68 -21.26
CA TRP C 672 -1.81 -28.87 -20.46
C TRP C 672 -2.03 -29.81 -19.29
N THR C 673 -1.01 -30.59 -18.96
CA THR C 673 -1.10 -31.50 -17.82
C THR C 673 -0.16 -31.09 -16.71
N LEU C 674 -0.69 -30.99 -15.50
CA LEU C 674 0.10 -30.65 -14.33
C LEU C 674 0.19 -31.82 -13.40
N ARG C 675 1.37 -32.37 -13.21
CA ARG C 675 1.46 -33.51 -12.29
C ARG C 675 1.70 -33.01 -10.89
N VAL C 676 0.94 -33.51 -9.92
CA VAL C 676 1.11 -33.05 -8.56
C VAL C 676 2.06 -33.98 -7.86
N GLU C 677 1.71 -35.27 -7.78
CA GLU C 677 2.60 -36.23 -7.10
C GLU C 677 2.28 -37.68 -7.51
N GLN C 678 3.07 -38.63 -7.04
CA GLN C 678 2.83 -40.05 -7.27
C GLN C 678 1.96 -40.63 -6.19
N ALA C 679 1.05 -41.52 -6.54
CA ALA C 679 0.17 -42.06 -5.51
C ALA C 679 0.92 -42.78 -4.42
N LYS C 680 2.00 -43.47 -4.75
CA LYS C 680 2.74 -44.25 -3.78
C LYS C 680 3.50 -43.40 -2.78
N LEU C 681 3.66 -42.11 -3.07
CA LEU C 681 4.41 -41.25 -2.18
C LEU C 681 3.49 -40.38 -1.34
N ILE C 682 2.18 -40.62 -1.38
CA ILE C 682 1.25 -39.85 -0.58
C ILE C 682 0.74 -40.77 0.53
N PRO C 683 1.16 -40.60 1.80
CA PRO C 683 0.93 -41.47 2.95
C PRO C 683 -0.51 -41.90 3.27
N MET C 684 -1.52 -41.12 2.88
CA MET C 684 -2.88 -41.52 3.20
C MET C 684 -3.31 -42.72 2.37
N THR C 685 -2.63 -42.93 1.25
CA THR C 685 -2.96 -44.03 0.37
C THR C 685 -1.97 -45.11 0.72
N MET C 686 -2.45 -46.31 0.96
CA MET C 686 -1.58 -47.39 1.39
C MET C 686 -0.66 -47.90 0.29
N GLY C 687 0.32 -47.10 -0.11
CA GLY C 687 1.29 -47.46 -1.13
C GLY C 687 0.68 -47.51 -2.51
N GLY C 688 -0.40 -46.79 -2.72
CA GLY C 688 -1.12 -46.82 -3.99
C GLY C 688 -2.16 -47.96 -4.05
N MET C 689 -2.33 -48.74 -2.97
CA MET C 689 -3.24 -49.89 -2.94
C MET C 689 -4.68 -49.64 -2.49
N ALA C 690 -5.06 -48.39 -2.26
CA ALA C 690 -6.40 -48.06 -1.77
C ALA C 690 -7.09 -47.03 -2.68
N PRO C 691 -7.72 -47.45 -3.80
CA PRO C 691 -8.33 -46.63 -4.83
C PRO C 691 -9.30 -45.57 -4.31
N PHE C 692 -9.97 -45.89 -3.21
CA PHE C 692 -10.91 -44.98 -2.60
C PHE C 692 -10.19 -43.83 -1.88
N MET C 693 -8.93 -44.03 -1.48
CA MET C 693 -8.19 -42.98 -0.84
C MET C 693 -7.62 -42.09 -1.92
N ILE C 694 -7.34 -42.68 -3.08
CA ILE C 694 -6.81 -41.91 -4.21
C ILE C 694 -7.90 -40.98 -4.68
N ALA C 695 -9.12 -41.48 -4.81
CA ALA C 695 -10.24 -40.65 -5.23
C ALA C 695 -10.51 -39.51 -4.25
N ASN C 696 -10.36 -39.74 -2.94
CA ASN C 696 -10.60 -38.68 -1.97
C ASN C 696 -9.51 -37.61 -2.11
N ALA C 697 -8.26 -38.04 -2.38
CA ALA C 697 -7.15 -37.12 -2.60
C ALA C 697 -7.33 -36.30 -3.86
N LEU C 698 -7.89 -36.90 -4.94
CA LEU C 698 -8.11 -36.12 -6.16
C LEU C 698 -9.13 -35.03 -5.93
N ALA C 699 -10.19 -35.32 -5.18
CA ALA C 699 -11.22 -34.32 -4.92
C ALA C 699 -10.67 -33.14 -4.11
N ALA C 700 -9.83 -33.41 -3.11
CA ALA C 700 -9.24 -32.35 -2.30
C ALA C 700 -8.27 -31.50 -3.10
N CYS C 701 -7.48 -32.12 -3.97
CA CYS C 701 -6.51 -31.40 -4.78
C CYS C 701 -7.20 -30.50 -5.78
N LEU C 702 -8.27 -31.00 -6.40
CA LEU C 702 -8.98 -30.23 -7.38
C LEU C 702 -9.69 -29.05 -6.73
N ALA C 703 -10.30 -29.24 -5.54
CA ALA C 703 -10.97 -28.13 -4.86
C ALA C 703 -9.97 -27.02 -4.51
N ALA C 704 -8.78 -27.41 -4.04
CA ALA C 704 -7.74 -26.45 -3.68
C ALA C 704 -7.26 -25.67 -4.90
N PHE C 705 -7.13 -26.36 -6.04
CA PHE C 705 -6.68 -25.78 -7.29
C PHE C 705 -7.67 -24.78 -7.87
N VAL C 706 -8.95 -25.16 -7.96
CA VAL C 706 -9.93 -24.27 -8.59
C VAL C 706 -10.20 -23.05 -7.74
N ASN C 707 -9.91 -23.13 -6.44
CA ASN C 707 -10.09 -21.97 -5.58
C ASN C 707 -8.82 -21.12 -5.47
N GLY C 708 -7.83 -21.35 -6.34
CA GLY C 708 -6.64 -20.51 -6.40
C GLY C 708 -5.35 -20.92 -5.70
N LEU C 709 -5.21 -22.11 -5.13
CA LEU C 709 -3.91 -22.40 -4.53
C LEU C 709 -2.94 -22.89 -5.59
N ASP C 710 -1.66 -22.62 -5.37
CA ASP C 710 -0.60 -23.08 -6.26
C ASP C 710 -0.35 -24.57 -6.09
N VAL C 711 0.21 -25.18 -7.12
CA VAL C 711 0.51 -26.59 -7.13
C VAL C 711 1.55 -26.96 -6.10
N GLU C 712 2.54 -26.11 -5.88
CA GLU C 712 3.58 -26.44 -4.93
C GLU C 712 2.99 -26.54 -3.52
N VAL C 713 2.01 -25.70 -3.21
CA VAL C 713 1.35 -25.72 -1.90
C VAL C 713 0.58 -27.02 -1.76
N ILE C 714 -0.10 -27.42 -2.84
CA ILE C 714 -0.87 -28.64 -2.84
C ILE C 714 0.06 -29.83 -2.62
N ARG C 715 1.23 -29.87 -3.29
CA ARG C 715 2.19 -30.95 -3.10
C ARG C 715 2.69 -31.06 -1.68
N GLN C 716 2.99 -29.93 -1.06
CA GLN C 716 3.46 -29.93 0.31
C GLN C 716 2.40 -30.50 1.23
N GLY C 717 1.14 -30.11 1.01
CA GLY C 717 0.04 -30.58 1.79
C GLY C 717 -0.21 -32.08 1.67
N VAL C 718 -0.18 -32.64 0.46
CA VAL C 718 -0.48 -34.08 0.39
C VAL C 718 0.66 -34.91 0.97
N ARG C 719 1.90 -34.48 0.81
CA ARG C 719 3.07 -35.19 1.30
C ARG C 719 3.19 -35.30 2.81
N THR C 720 2.69 -34.31 3.54
CA THR C 720 2.83 -34.32 5.00
C THR C 720 1.57 -34.70 5.75
N PHE C 721 0.52 -35.08 5.05
CA PHE C 721 -0.74 -35.39 5.71
C PHE C 721 -0.75 -36.79 6.26
N THR C 722 -1.20 -36.97 7.50
CA THR C 722 -1.27 -38.31 8.05
C THR C 722 -2.65 -38.65 8.59
N THR C 723 -2.92 -39.95 8.56
CA THR C 723 -4.14 -40.57 9.07
C THR C 723 -3.74 -41.76 9.93
N SER C 724 -3.01 -41.53 11.01
CA SER C 724 -2.49 -42.63 11.82
C SER C 724 -3.53 -43.18 12.76
N ALA C 725 -3.21 -44.30 13.40
CA ALA C 725 -4.08 -44.77 14.42
C ALA C 725 -4.09 -43.67 15.46
N GLU C 726 -5.23 -43.51 16.12
CA GLU C 726 -5.51 -42.49 17.13
C GLU C 726 -5.61 -41.06 16.56
N GLN C 727 -5.54 -40.90 15.24
CA GLN C 727 -5.85 -39.63 14.58
C GLN C 727 -7.15 -39.85 13.86
N THR C 728 -7.23 -41.01 13.19
CA THR C 728 -8.40 -41.42 12.47
C THR C 728 -8.74 -42.86 12.85
N PRO C 729 -9.09 -43.15 14.11
CA PRO C 729 -9.32 -44.50 14.57
C PRO C 729 -10.52 -45.06 13.83
N GLY C 730 -10.42 -46.31 13.43
CA GLY C 730 -11.50 -47.01 12.75
C GLY C 730 -11.52 -46.78 11.25
N ARG C 731 -10.59 -46.00 10.74
CA ARG C 731 -10.59 -45.70 9.31
C ARG C 731 -9.27 -46.17 8.68
N MET C 732 -9.24 -47.39 8.13
CA MET C 732 -8.02 -47.99 7.60
C MET C 732 -6.81 -47.97 8.54
N ASN C 733 -6.92 -48.54 9.75
CA ASN C 733 -5.78 -48.54 10.64
C ASN C 733 -5.00 -49.82 10.41
N LEU C 734 -3.87 -49.73 9.73
CA LEU C 734 -3.12 -50.94 9.39
C LEU C 734 -1.89 -51.07 10.30
N PHE C 735 -1.90 -52.13 11.11
CA PHE C 735 -0.92 -52.40 12.15
C PHE C 735 0.12 -53.45 11.74
N ASN C 736 1.37 -53.20 12.11
CA ASN C 736 2.54 -54.07 11.89
C ASN C 736 2.87 -54.88 13.16
N LEU C 737 2.67 -56.21 13.12
CA LEU C 737 2.90 -57.04 14.30
C LEU C 737 3.87 -58.19 14.03
N GLY C 738 5.15 -57.90 13.99
CA GLY C 738 6.15 -58.91 13.62
C GLY C 738 5.89 -59.33 12.19
N GLN C 739 5.90 -60.64 11.92
CA GLN C 739 5.66 -61.09 10.55
C GLN C 739 4.17 -61.26 10.34
N HIS C 740 3.43 -60.16 10.40
CA HIS C 740 1.97 -60.16 10.33
C HIS C 740 1.38 -58.75 10.25
N HIS C 741 0.25 -58.58 9.55
CA HIS C 741 -0.42 -57.28 9.56
C HIS C 741 -1.90 -57.40 9.97
N ALA C 742 -2.44 -56.37 10.59
CA ALA C 742 -3.87 -56.39 10.93
C ALA C 742 -4.52 -55.07 10.56
N LEU C 743 -5.73 -55.12 10.05
CA LEU C 743 -6.43 -53.92 9.61
C LEU C 743 -7.74 -53.68 10.32
N VAL C 744 -7.87 -52.51 10.94
CA VAL C 744 -9.14 -52.18 11.60
C VAL C 744 -9.86 -51.10 10.85
N ASP C 745 -11.11 -51.37 10.53
CA ASP C 745 -11.92 -50.40 9.83
C ASP C 745 -13.32 -50.43 10.42
N TYR C 746 -14.21 -49.64 9.89
CA TYR C 746 -15.56 -49.59 10.45
C TYR C 746 -16.51 -49.33 9.31
N ALA C 747 -16.56 -50.28 8.38
CA ALA C 747 -17.40 -50.10 7.22
C ALA C 747 -18.82 -49.98 7.70
N HIS C 748 -19.55 -49.06 7.11
CA HIS C 748 -20.92 -48.81 7.49
C HIS C 748 -21.89 -49.31 6.46
N ASN C 749 -21.96 -48.66 5.31
CA ASN C 749 -22.84 -49.12 4.25
C ASN C 749 -22.00 -50.05 3.38
N PRO C 750 -22.59 -50.88 2.50
CA PRO C 750 -21.92 -51.82 1.61
C PRO C 750 -20.79 -51.25 0.78
N ALA C 751 -20.81 -49.95 0.43
CA ALA C 751 -19.71 -49.47 -0.39
C ALA C 751 -18.40 -49.54 0.36
N GLY C 752 -18.44 -49.43 1.70
CA GLY C 752 -17.22 -49.46 2.48
C GLY C 752 -16.69 -50.86 2.65
N TYR C 753 -17.53 -51.87 2.40
CA TYR C 753 -17.10 -53.23 2.55
C TYR C 753 -16.39 -53.58 1.27
N ARG C 754 -16.92 -53.04 0.16
CA ARG C 754 -16.30 -53.24 -1.12
C ARG C 754 -14.97 -52.47 -1.19
N ALA C 755 -14.93 -51.24 -0.65
CA ALA C 755 -13.71 -50.45 -0.66
C ALA C 755 -12.57 -51.16 0.09
N VAL C 756 -12.89 -51.77 1.23
CA VAL C 756 -11.88 -52.51 1.96
C VAL C 756 -11.51 -53.76 1.17
N GLY C 757 -12.51 -54.44 0.59
CA GLY C 757 -12.23 -55.64 -0.18
C GLY C 757 -11.24 -55.37 -1.32
N ASP C 758 -11.31 -54.20 -1.96
CA ASP C 758 -10.33 -53.92 -3.02
C ASP C 758 -8.94 -53.73 -2.44
N PHE C 759 -8.83 -53.11 -1.26
CA PHE C 759 -7.53 -53.01 -0.61
C PHE C 759 -6.96 -54.42 -0.41
N VAL C 760 -7.81 -55.33 0.07
CA VAL C 760 -7.39 -56.71 0.31
C VAL C 760 -6.92 -57.40 -0.98
N LYS C 761 -7.66 -57.22 -2.08
CA LYS C 761 -7.30 -57.81 -3.37
C LYS C 761 -5.92 -57.37 -3.87
N ASN C 762 -5.52 -56.13 -3.56
CA ASN C 762 -4.25 -55.58 -4.01
C ASN C 762 -3.03 -55.94 -3.14
N TRP C 763 -3.25 -56.63 -2.02
CA TRP C 763 -2.18 -56.95 -1.08
C TRP C 763 -1.27 -58.05 -1.63
N GLN C 764 0.04 -57.86 -1.49
CA GLN C 764 1.04 -58.78 -2.04
C GLN C 764 1.62 -59.82 -1.06
N GLY C 765 1.04 -59.91 0.11
CA GLY C 765 1.49 -60.83 1.15
C GLY C 765 0.74 -62.16 1.16
N GLN C 766 0.64 -62.77 2.33
CA GLN C 766 0.05 -64.10 2.50
C GLN C 766 -1.45 -64.06 2.76
N ARG C 767 -2.06 -65.23 2.96
CA ARG C 767 -3.52 -65.33 3.01
C ARG C 767 -4.19 -64.43 4.04
N PHE C 768 -5.41 -64.05 3.66
CA PHE C 768 -6.26 -63.18 4.46
C PHE C 768 -7.43 -63.82 5.13
N GLY C 769 -7.74 -63.27 6.29
CA GLY C 769 -8.97 -63.68 6.92
C GLY C 769 -9.65 -62.52 7.57
N VAL C 770 -10.94 -62.70 7.79
CA VAL C 770 -11.78 -61.69 8.41
C VAL C 770 -12.44 -62.20 9.69
N VAL C 771 -12.40 -61.34 10.70
CA VAL C 771 -12.92 -61.62 12.03
C VAL C 771 -14.04 -60.66 12.46
N GLY C 772 -14.93 -60.30 11.55
CA GLY C 772 -16.01 -59.39 11.87
C GLY C 772 -17.08 -59.32 10.79
N GLY C 773 -17.96 -58.32 10.90
CA GLY C 773 -19.11 -58.16 10.00
C GLY C 773 -20.28 -57.40 10.69
N PRO C 774 -21.38 -57.13 9.94
CA PRO C 774 -22.55 -56.34 10.32
C PRO C 774 -23.49 -56.87 11.42
N GLY C 775 -24.02 -55.91 12.18
CA GLY C 775 -24.94 -56.17 13.28
C GLY C 775 -26.44 -56.12 12.96
N ASP C 776 -27.20 -56.02 14.05
CA ASP C 776 -28.64 -56.06 14.18
C ASP C 776 -29.45 -55.00 13.48
N ARG C 777 -28.85 -53.84 13.29
CA ARG C 777 -29.52 -52.73 12.64
C ARG C 777 -29.54 -52.84 11.12
N ARG C 778 -28.90 -53.86 10.54
CA ARG C 778 -28.86 -53.99 9.11
C ARG C 778 -30.17 -54.57 8.58
N ASP C 779 -30.78 -53.96 7.55
CA ASP C 779 -32.07 -54.45 7.06
C ASP C 779 -31.95 -55.60 6.05
N SER C 780 -31.51 -56.75 6.57
CA SER C 780 -31.31 -57.99 5.80
C SER C 780 -30.34 -57.90 4.61
N ASP C 781 -29.47 -56.88 4.64
CA ASP C 781 -28.45 -56.67 3.59
C ASP C 781 -27.23 -57.46 3.96
N LEU C 782 -27.38 -58.21 5.02
CA LEU C 782 -26.44 -59.09 5.63
C LEU C 782 -26.06 -60.20 4.70
N ILE C 783 -27.00 -60.66 3.87
CA ILE C 783 -26.58 -61.71 2.97
C ILE C 783 -25.62 -61.10 1.94
N GLU C 784 -25.96 -59.94 1.37
CA GLU C 784 -25.06 -59.30 0.41
C GLU C 784 -23.72 -59.00 1.03
N LEU C 785 -23.69 -58.56 2.29
CA LEU C 785 -22.42 -58.27 2.92
C LEU C 785 -21.59 -59.56 3.12
N GLY C 786 -22.22 -60.68 3.49
CA GLY C 786 -21.50 -61.96 3.63
C GLY C 786 -20.88 -62.37 2.29
N GLN C 787 -21.57 -62.02 1.21
CA GLN C 787 -21.14 -62.29 -0.16
C GLN C 787 -19.96 -61.41 -0.59
N ILE C 788 -19.61 -60.36 0.18
CA ILE C 788 -18.47 -59.52 -0.15
C ILE C 788 -17.25 -60.18 0.45
N ALA C 789 -17.37 -60.67 1.68
CA ALA C 789 -16.23 -61.36 2.28
C ALA C 789 -15.86 -62.57 1.41
N ALA C 790 -16.89 -63.21 0.87
CA ALA C 790 -16.69 -64.35 0.00
C ALA C 790 -15.86 -63.91 -1.20
N GLN C 791 -14.88 -64.72 -1.57
CA GLN C 791 -14.00 -64.49 -2.71
C GLN C 791 -13.06 -63.28 -2.53
N VAL C 792 -13.01 -62.74 -1.32
CA VAL C 792 -12.09 -61.70 -0.93
C VAL C 792 -11.12 -62.28 0.08
N PHE C 793 -11.69 -62.99 1.05
CA PHE C 793 -10.96 -63.62 2.13
C PHE C 793 -10.85 -65.13 1.94
N ASP C 794 -9.75 -65.71 2.46
CA ASP C 794 -9.48 -67.14 2.41
C ASP C 794 -10.12 -67.84 3.61
N ARG C 795 -10.15 -67.10 4.73
CA ARG C 795 -10.71 -67.51 6.01
C ARG C 795 -11.81 -66.55 6.41
N ILE C 796 -13.04 -67.03 6.55
CA ILE C 796 -14.11 -66.09 6.86
C ILE C 796 -14.84 -66.52 8.10
N ILE C 797 -14.79 -65.73 9.17
CA ILE C 797 -15.41 -66.18 10.40
C ILE C 797 -16.51 -65.24 10.84
N VAL C 798 -17.65 -65.79 11.26
CA VAL C 798 -18.71 -64.95 11.76
C VAL C 798 -18.54 -64.73 13.28
N LYS C 799 -18.62 -63.46 13.66
CA LYS C 799 -18.49 -62.94 15.02
C LYS C 799 -19.76 -62.23 15.42
N GLU C 800 -20.75 -62.24 14.56
CA GLU C 800 -21.89 -61.36 14.74
C GLU C 800 -22.99 -61.87 15.67
N ASP C 801 -22.61 -61.87 16.94
CA ASP C 801 -23.43 -62.24 18.07
C ASP C 801 -22.91 -61.32 19.18
N ASP C 802 -23.06 -60.01 18.95
CA ASP C 802 -22.47 -58.97 19.79
C ASP C 802 -23.31 -58.69 21.01
N ASP C 803 -22.94 -57.67 21.79
CA ASP C 803 -23.67 -57.37 23.02
C ASP C 803 -24.87 -56.50 22.76
N LYS C 804 -24.84 -55.68 21.72
CA LYS C 804 -25.93 -54.75 21.49
C LYS C 804 -27.24 -55.49 21.33
N ARG C 805 -27.27 -56.52 20.48
CA ARG C 805 -28.45 -57.37 20.34
C ARG C 805 -29.76 -56.57 20.26
N GLY C 806 -29.85 -55.59 19.35
CA GLY C 806 -31.03 -54.75 19.27
C GLY C 806 -32.29 -55.57 19.03
N ARG C 807 -32.15 -56.67 18.30
CA ARG C 807 -33.24 -57.57 18.05
C ARG C 807 -32.71 -58.98 18.20
N SER C 808 -33.45 -59.81 18.93
CA SER C 808 -33.09 -61.22 19.13
C SER C 808 -31.68 -61.45 19.63
N GLU C 809 -30.99 -62.40 19.01
CA GLU C 809 -29.62 -62.77 19.34
C GLU C 809 -28.74 -62.67 18.10
N GLY C 810 -27.77 -63.59 17.92
CA GLY C 810 -26.80 -63.56 16.81
C GLY C 810 -27.36 -64.03 15.47
N GLU C 811 -28.45 -63.39 15.06
CA GLU C 811 -29.11 -63.72 13.84
C GLU C 811 -28.32 -63.21 12.67
N THR C 812 -27.53 -62.15 12.86
CA THR C 812 -26.85 -61.67 11.71
C THR C 812 -25.72 -62.64 11.40
N ALA C 813 -25.08 -63.25 12.41
CA ALA C 813 -24.03 -64.21 12.09
C ALA C 813 -24.60 -65.34 11.22
N ASP C 814 -25.85 -65.75 11.49
CA ASP C 814 -26.44 -66.79 10.67
C ASP C 814 -26.74 -66.29 9.23
N LEU C 815 -27.28 -65.09 9.07
CA LEU C 815 -27.56 -64.56 7.72
C LEU C 815 -26.29 -64.26 6.92
N ILE C 816 -25.26 -63.81 7.61
CA ILE C 816 -24.00 -63.49 6.99
C ILE C 816 -23.36 -64.77 6.49
N VAL C 817 -23.33 -65.83 7.29
CA VAL C 817 -22.73 -67.06 6.80
C VAL C 817 -23.52 -67.63 5.63
N LYS C 818 -24.84 -67.46 5.59
CA LYS C 818 -25.52 -67.93 4.40
C LYS C 818 -24.93 -67.23 3.17
N GLY C 819 -24.70 -65.90 3.24
CA GLY C 819 -24.11 -65.19 2.11
C GLY C 819 -22.67 -65.65 1.80
N ILE C 820 -21.90 -65.94 2.85
CA ILE C 820 -20.52 -66.36 2.67
C ILE C 820 -20.47 -67.67 1.93
N LEU C 821 -21.29 -68.61 2.39
CA LEU C 821 -21.38 -69.94 1.85
C LEU C 821 -21.86 -69.93 0.42
N GLN C 822 -22.85 -69.12 0.09
CA GLN C 822 -23.36 -69.11 -1.27
C GLN C 822 -22.28 -68.72 -2.29
N GLU C 823 -21.43 -67.74 -1.96
CA GLU C 823 -20.40 -67.32 -2.90
C GLU C 823 -19.01 -67.98 -2.76
N ASN C 824 -18.60 -68.38 -1.55
CA ASN C 824 -17.27 -68.98 -1.37
C ASN C 824 -17.30 -70.13 -0.37
N PRO C 825 -18.09 -71.18 -0.62
CA PRO C 825 -18.27 -72.27 0.29
C PRO C 825 -16.92 -72.92 0.40
N GLY C 826 -16.55 -73.40 1.57
CA GLY C 826 -15.25 -74.04 1.69
C GLY C 826 -14.25 -73.07 2.31
N ALA C 827 -14.65 -71.81 2.46
CA ALA C 827 -13.78 -70.82 3.10
C ALA C 827 -13.44 -71.38 4.47
N SER C 828 -12.23 -71.13 4.95
CA SER C 828 -11.88 -71.68 6.24
C SER C 828 -12.76 -71.12 7.35
N TYR C 829 -13.11 -71.99 8.30
CA TYR C 829 -13.91 -71.63 9.48
C TYR C 829 -15.26 -70.94 9.26
N GLU C 830 -16.15 -71.46 8.39
CA GLU C 830 -17.48 -70.81 8.20
C GLU C 830 -18.44 -71.21 9.33
N VAL C 831 -18.05 -70.82 10.53
CA VAL C 831 -18.66 -71.08 11.81
C VAL C 831 -18.68 -69.83 12.67
N ILE C 832 -19.44 -69.86 13.75
CA ILE C 832 -19.38 -68.78 14.72
C ILE C 832 -18.37 -69.20 15.76
N LEU C 833 -17.32 -68.41 15.97
CA LEU C 833 -16.32 -68.85 16.96
C LEU C 833 -16.42 -68.19 18.33
N ASP C 834 -16.86 -66.94 18.37
CA ASP C 834 -16.97 -66.21 19.63
C ASP C 834 -17.85 -64.99 19.48
N GLU C 835 -18.05 -64.32 20.59
CA GLU C 835 -18.68 -63.04 20.66
C GLU C 835 -17.61 -61.94 20.51
N THR C 836 -16.47 -62.08 21.25
CA THR C 836 -15.41 -61.07 21.26
C THR C 836 -13.96 -61.58 21.08
N ILE C 837 -13.30 -61.72 22.22
CA ILE C 837 -11.86 -61.97 22.39
C ILE C 837 -11.28 -63.26 21.86
N ALA C 838 -12.06 -64.34 21.78
CA ALA C 838 -11.48 -65.57 21.29
C ALA C 838 -11.40 -65.58 19.78
N LEU C 839 -12.00 -64.57 19.12
CA LEU C 839 -11.93 -64.49 17.69
C LEU C 839 -11.05 -63.34 17.24
N ASN C 840 -11.16 -62.16 17.85
CA ASN C 840 -10.26 -61.08 17.41
C ASN C 840 -8.93 -61.19 18.17
N LYS C 841 -8.31 -62.34 17.99
CA LYS C 841 -7.02 -62.73 18.50
C LYS C 841 -6.47 -63.60 17.40
N ALA C 842 -7.33 -63.88 16.40
CA ALA C 842 -7.05 -64.88 15.36
C ALA C 842 -6.12 -64.35 14.31
N LEU C 843 -4.94 -64.03 14.81
CA LEU C 843 -3.78 -63.57 14.11
C LEU C 843 -3.01 -64.84 14.14
N ASP C 844 -3.40 -65.66 15.14
CA ASP C 844 -2.75 -66.96 15.40
C ASP C 844 -3.29 -68.05 14.46
N GLN C 845 -4.19 -67.65 13.56
CA GLN C 845 -4.77 -68.48 12.51
C GLN C 845 -4.20 -68.10 11.14
N VAL C 846 -3.21 -67.19 11.12
CA VAL C 846 -2.63 -66.66 9.88
C VAL C 846 -1.12 -66.91 9.80
N GLU C 847 -0.64 -67.32 8.62
CA GLU C 847 0.78 -67.59 8.43
C GLU C 847 1.60 -66.30 8.33
N GLU C 848 2.92 -66.45 8.21
CA GLU C 848 3.79 -65.29 8.19
C GLU C 848 3.48 -64.33 7.07
N LYS C 849 3.40 -63.08 7.45
CA LYS C 849 3.08 -61.93 6.64
C LYS C 849 1.70 -61.97 5.97
N GLY C 850 0.74 -62.64 6.61
CA GLY C 850 -0.64 -62.65 6.12
C GLY C 850 -1.37 -61.50 6.79
N LEU C 851 -2.70 -61.44 6.64
CA LEU C 851 -3.39 -60.28 7.24
C LEU C 851 -4.77 -60.58 7.84
N VAL C 852 -5.02 -60.00 9.03
CA VAL C 852 -6.34 -60.10 9.68
C VAL C 852 -7.15 -58.81 9.54
N VAL C 853 -8.32 -58.90 8.92
CA VAL C 853 -9.18 -57.73 8.72
C VAL C 853 -10.31 -57.76 9.74
N VAL C 854 -10.49 -56.64 10.43
CA VAL C 854 -11.47 -56.57 11.46
C VAL C 854 -12.58 -55.58 11.12
N PHE C 855 -13.83 -56.04 11.21
CA PHE C 855 -15.03 -55.22 11.01
C PHE C 855 -15.86 -55.37 12.29
N PRO C 856 -15.45 -54.67 13.35
CA PRO C 856 -15.91 -54.83 14.71
C PRO C 856 -17.23 -54.16 14.95
N GLU C 857 -17.88 -54.51 16.05
CA GLU C 857 -19.04 -53.78 16.53
C GLU C 857 -18.62 -52.43 17.15
N SER C 858 -17.35 -52.37 17.55
CA SER C 858 -16.74 -51.20 18.19
C SER C 858 -15.24 -51.13 17.90
N VAL C 859 -14.80 -49.95 17.45
CA VAL C 859 -13.40 -49.74 17.10
C VAL C 859 -12.48 -49.83 18.30
N THR C 860 -12.86 -49.26 19.43
CA THR C 860 -11.98 -49.30 20.58
C THR C 860 -11.60 -50.74 20.92
N ARG C 861 -12.57 -51.65 20.92
CA ARG C 861 -12.23 -53.02 21.21
C ARG C 861 -11.34 -53.59 20.12
N ALA C 862 -11.64 -53.26 18.86
CA ALA C 862 -10.88 -53.80 17.75
C ALA C 862 -9.40 -53.47 17.80
N ILE C 863 -9.08 -52.25 18.21
CA ILE C 863 -7.70 -51.82 18.28
C ILE C 863 -7.04 -52.23 19.59
N ASP C 864 -7.77 -52.20 20.71
CA ASP C 864 -7.15 -52.57 21.97
C ASP C 864 -6.78 -54.06 22.00
N LEU C 865 -7.51 -54.89 21.24
CA LEU C 865 -7.20 -56.31 21.15
C LEU C 865 -6.03 -56.57 20.20
N ILE C 866 -5.51 -55.52 19.56
CA ILE C 866 -4.32 -55.62 18.73
C ILE C 866 -3.16 -55.16 19.61
N LYS C 867 -3.37 -54.09 20.39
CA LYS C 867 -2.32 -53.55 21.28
C LYS C 867 -1.83 -54.62 22.27
N VAL C 868 -2.75 -55.46 22.73
CA VAL C 868 -2.49 -56.55 23.66
C VAL C 868 -1.60 -57.64 23.03
N ARG C 869 -1.47 -57.64 21.69
CA ARG C 869 -0.69 -58.60 20.94
C ARG C 869 0.73 -58.10 20.73
N ASN C 870 1.05 -56.93 21.31
CA ASN C 870 2.37 -56.31 21.21
C ASN C 870 2.80 -55.94 19.78
N PRO C 871 2.10 -55.00 19.10
CA PRO C 871 2.38 -54.54 17.77
C PRO C 871 3.65 -53.71 17.80
N ILE C 872 4.28 -53.58 16.65
CA ILE C 872 5.49 -52.78 16.52
C ILE C 872 5.14 -51.35 16.22
N GLY C 873 4.19 -51.16 15.30
CA GLY C 873 3.84 -49.81 14.88
C GLY C 873 2.98 -49.80 13.62
N GLU C 874 2.95 -48.65 12.96
CA GLU C 874 2.17 -48.48 11.74
C GLU C 874 2.80 -49.33 10.65
N ASN C 875 1.97 -49.93 9.80
CA ASN C 875 2.36 -50.76 8.64
C ASN C 875 3.76 -50.46 8.10
N MET D 1 7.85 43.57 52.24
CA MET D 1 8.04 43.03 50.91
C MET D 1 6.69 42.81 50.24
N LYS D 2 6.38 43.65 49.27
CA LYS D 2 5.10 43.58 48.57
C LYS D 2 5.20 42.87 47.23
N ILE D 3 4.28 41.98 46.94
CA ILE D 3 4.30 41.33 45.63
C ILE D 3 3.44 42.15 44.70
N LEU D 4 4.03 42.58 43.58
CA LEU D 4 3.33 43.44 42.64
C LEU D 4 2.71 42.68 41.50
N LYS D 5 3.40 41.65 41.03
CA LYS D 5 2.93 40.88 39.88
C LYS D 5 3.42 39.44 39.87
N THR D 6 2.56 38.50 39.46
CA THR D 6 3.01 37.11 39.33
C THR D 6 2.69 36.52 37.96
N LEU D 7 3.69 35.91 37.31
CA LEU D 7 3.50 35.22 36.04
C LEU D 7 3.81 33.74 36.15
N THR D 8 3.03 32.93 35.48
CA THR D 8 3.31 31.50 35.46
C THR D 8 3.69 31.11 34.03
N LEU D 9 4.86 30.53 33.87
CA LEU D 9 5.33 30.17 32.54
C LEU D 9 5.20 28.69 32.34
N ARG D 10 4.73 28.30 31.17
CA ARG D 10 4.56 26.90 30.81
C ARG D 10 5.08 26.57 29.43
N GLY D 11 6.38 26.45 29.29
CA GLY D 11 7.00 26.19 27.99
C GLY D 11 8.30 26.95 27.90
N PRO D 12 9.12 26.77 26.84
CA PRO D 12 10.41 27.40 26.63
C PRO D 12 10.22 28.87 26.73
N ASN D 13 11.16 29.53 27.37
CA ASN D 13 11.03 30.93 27.64
C ASN D 13 12.35 31.65 27.74
N TYR D 14 12.23 32.92 28.07
CA TYR D 14 13.31 33.86 28.25
C TYR D 14 14.33 33.44 29.30
N TRP D 15 13.87 32.88 30.43
CA TRP D 15 14.76 32.53 31.52
C TRP D 15 15.47 31.20 31.26
N SER D 16 14.76 30.28 30.64
CA SER D 16 15.31 28.98 30.30
C SER D 16 14.54 28.24 29.20
N ILE D 17 15.25 27.51 28.36
CA ILE D 17 14.61 26.69 27.34
C ILE D 17 14.11 25.37 27.94
N ARG D 18 14.95 24.74 28.76
CA ARG D 18 14.60 23.46 29.39
C ARG D 18 13.73 23.60 30.64
N ARG D 19 13.88 24.69 31.39
CA ARG D 19 13.07 24.82 32.59
C ARG D 19 11.77 25.49 32.21
N LYS D 20 10.87 24.63 31.78
CA LYS D 20 9.57 25.00 31.24
C LYS D 20 8.59 25.50 32.29
N LYS D 21 8.66 24.97 33.51
CA LYS D 21 7.74 25.32 34.59
C LYS D 21 8.31 26.29 35.60
N LEU D 22 8.04 27.58 35.39
CA LEU D 22 8.61 28.61 36.24
C LEU D 22 7.60 29.63 36.71
N ILE D 23 7.82 30.16 37.90
CA ILE D 23 7.05 31.27 38.42
C ILE D 23 7.92 32.47 38.56
N VAL D 24 7.47 33.56 37.97
CA VAL D 24 8.20 34.80 38.02
C VAL D 24 7.44 35.79 38.87
N MET D 25 8.05 36.16 39.97
CA MET D 25 7.40 37.06 40.91
C MET D 25 8.10 38.41 40.92
N ARG D 26 7.32 39.47 40.79
CA ARG D 26 7.85 40.82 40.83
C ARG D 26 7.66 41.34 42.25
N LEU D 27 8.76 41.42 42.99
CA LEU D 27 8.74 41.73 44.41
C LEU D 27 9.35 43.10 44.72
N ASP D 28 8.59 43.93 45.42
CA ASP D 28 8.98 45.29 45.78
C ASP D 28 9.55 45.39 47.21
N LEU D 29 10.86 45.51 47.31
CA LEU D 29 11.50 45.52 48.62
C LEU D 29 11.48 46.92 49.19
N GLU D 30 10.32 47.30 49.73
CA GLU D 30 10.09 48.64 50.27
C GLU D 30 11.09 48.92 51.40
N ASP D 31 11.30 47.89 52.20
CA ASP D 31 12.27 47.82 53.27
C ASP D 31 13.31 46.84 52.78
N LEU D 32 14.33 46.58 53.55
CA LEU D 32 15.32 45.52 53.28
C LEU D 32 16.26 45.77 52.09
N ALA D 33 15.81 46.50 51.07
CA ALA D 33 16.62 46.87 49.91
C ALA D 33 17.82 47.71 50.32
N GLU D 34 17.69 48.36 51.47
CA GLU D 34 18.72 49.20 52.05
C GLU D 34 19.42 48.52 53.24
N ARG D 35 19.07 47.26 53.54
CA ARG D 35 19.58 46.54 54.70
C ARG D 35 20.08 45.13 54.40
N PRO D 36 21.33 44.94 53.93
CA PRO D 36 21.88 43.68 53.47
C PRO D 36 22.26 42.72 54.59
N SER D 37 21.25 42.28 55.35
CA SER D 37 21.34 41.31 56.46
C SER D 37 22.11 41.73 57.71
N ASN D 38 23.28 42.30 57.53
CA ASN D 38 24.12 42.73 58.63
C ASN D 38 23.51 43.93 59.37
N SER D 39 22.46 44.46 58.76
CA SER D 39 21.66 45.57 59.22
C SER D 39 20.33 45.07 59.80
N ILE D 40 20.18 43.74 59.88
CA ILE D 40 19.01 43.07 60.41
C ILE D 40 19.47 42.07 61.48
N PRO D 41 19.70 42.49 62.72
CA PRO D 41 20.28 41.66 63.77
C PRO D 41 19.47 40.41 63.99
N GLY D 42 20.15 39.28 64.12
CA GLY D 42 19.53 37.98 64.38
C GLY D 42 19.09 37.24 63.11
N PHE D 43 19.18 37.88 61.94
CA PHE D 43 18.72 37.24 60.72
C PHE D 43 19.73 36.35 60.03
N TYR D 44 20.12 35.33 60.76
CA TYR D 44 20.99 34.28 60.30
C TYR D 44 20.59 33.08 61.10
N GLU D 45 20.69 33.23 62.42
CA GLU D 45 20.32 32.19 63.35
C GLU D 45 18.82 31.94 63.27
N GLY D 46 18.03 33.01 63.15
CA GLY D 46 16.58 32.86 63.05
C GLY D 46 16.22 32.10 61.78
N LEU D 47 16.82 32.48 60.65
CA LEU D 47 16.45 31.82 59.41
C LEU D 47 16.84 30.35 59.41
N ILE D 48 18.03 30.03 59.92
CA ILE D 48 18.41 28.63 59.90
C ILE D 48 17.65 27.81 60.95
N LYS D 49 17.36 28.34 62.13
CA LYS D 49 16.64 27.48 63.06
C LYS D 49 15.21 27.19 62.59
N VAL D 50 14.61 28.10 61.82
CA VAL D 50 13.26 27.88 61.29
C VAL D 50 13.31 26.87 60.16
N LEU D 51 14.29 27.02 59.26
CA LEU D 51 14.46 26.14 58.12
C LEU D 51 15.88 25.55 58.09
N PRO D 52 16.22 24.59 58.98
CA PRO D 52 17.55 24.03 59.21
C PRO D 52 18.14 23.29 58.02
N SER D 53 17.29 22.95 57.07
CA SER D 53 17.67 22.26 55.86
C SER D 53 18.38 23.15 54.84
N LEU D 54 18.36 24.48 55.02
CA LEU D 54 18.95 25.40 54.04
C LEU D 54 20.47 25.45 54.04
N VAL D 55 21.11 24.29 53.85
CA VAL D 55 22.55 24.11 53.78
C VAL D 55 22.79 23.44 52.45
N GLU D 56 21.73 22.92 51.89
CA GLU D 56 21.83 22.19 50.63
C GLU D 56 21.75 23.13 49.44
N HIS D 57 21.66 24.40 49.74
CA HIS D 57 21.56 25.46 48.78
C HIS D 57 22.94 26.05 48.52
N PHE D 58 23.26 26.09 47.23
CA PHE D 58 24.49 26.58 46.64
C PHE D 58 24.16 27.89 45.95
N CYS D 59 25.13 28.79 45.84
CA CYS D 59 24.86 30.03 45.13
C CYS D 59 26.02 30.27 44.22
N SER D 60 26.58 31.47 44.22
CA SER D 60 27.76 31.67 43.42
C SER D 60 28.85 30.71 43.91
N PRO D 61 29.08 30.53 45.24
CA PRO D 61 30.00 29.54 45.73
C PRO D 61 29.40 28.18 45.45
N GLY D 62 30.13 27.33 44.73
CA GLY D 62 29.66 25.99 44.38
C GLY D 62 29.91 24.97 45.49
N TYR D 63 29.40 25.29 46.68
CA TYR D 63 29.67 24.47 47.86
C TYR D 63 28.43 24.19 48.67
N GLN D 64 28.43 23.08 49.39
CA GLN D 64 27.36 22.79 50.32
C GLN D 64 27.49 23.86 51.37
N GLY D 65 26.39 24.51 51.71
CA GLY D 65 26.44 25.60 52.66
C GLY D 65 26.82 26.91 51.98
N GLY D 66 26.97 26.93 50.64
CA GLY D 66 27.37 28.12 49.89
C GLY D 66 26.39 29.24 50.13
N PHE D 67 25.10 28.90 50.26
CA PHE D 67 24.09 29.90 50.59
C PHE D 67 24.41 30.48 51.96
N LEU D 68 24.64 29.61 52.94
CA LEU D 68 24.87 30.00 54.33
C LEU D 68 26.24 30.61 54.57
N GLU D 69 27.13 30.53 53.59
CA GLU D 69 28.42 31.23 53.67
C GLU D 69 28.14 32.72 53.63
N ARG D 70 26.97 33.07 53.07
CA ARG D 70 26.49 34.42 52.96
C ARG D 70 25.32 34.52 53.92
N VAL D 71 24.20 35.10 53.48
CA VAL D 71 23.03 35.37 54.33
C VAL D 71 23.35 36.44 55.37
N LYS D 72 24.37 36.21 56.23
CA LYS D 72 24.85 37.15 57.27
C LYS D 72 25.47 38.39 56.61
N GLU D 73 25.95 38.17 55.40
CA GLU D 73 26.50 39.16 54.50
C GLU D 73 25.45 39.09 53.45
N GLY D 74 24.49 40.02 53.50
CA GLY D 74 23.30 39.80 52.73
C GLY D 74 23.34 40.08 51.28
N THR D 75 22.24 39.66 50.68
CA THR D 75 21.89 39.72 49.30
C THR D 75 20.65 40.57 49.07
N TYR D 76 20.27 41.36 50.09
CA TYR D 76 19.09 42.22 50.02
C TYR D 76 17.83 41.43 49.70
N MET D 77 17.71 40.28 50.30
CA MET D 77 16.59 39.34 50.17
C MET D 77 16.47 38.66 48.80
N GLY D 78 17.46 38.87 47.90
CA GLY D 78 17.49 38.10 46.69
C GLY D 78 18.04 36.85 47.26
N HIS D 79 17.98 35.71 46.60
CA HIS D 79 18.48 34.47 47.19
C HIS D 79 17.64 33.99 48.39
N ILE D 80 17.39 34.80 49.39
CA ILE D 80 16.65 34.35 50.53
C ILE D 80 15.19 34.07 50.19
N VAL D 81 14.48 34.98 49.52
CA VAL D 81 13.09 34.65 49.23
C VAL D 81 13.06 33.47 48.24
N GLU D 82 13.94 33.52 47.26
CA GLU D 82 14.11 32.49 46.23
C GLU D 82 14.39 31.09 46.81
N HIS D 83 15.34 31.00 47.76
CA HIS D 83 15.71 29.71 48.33
C HIS D 83 14.66 29.23 49.29
N VAL D 84 13.99 30.13 50.00
CA VAL D 84 12.94 29.67 50.88
C VAL D 84 11.79 29.12 50.06
N ALA D 85 11.37 29.78 48.97
CA ALA D 85 10.27 29.22 48.19
C ALA D 85 10.64 27.83 47.66
N LEU D 86 11.90 27.65 47.24
CA LEU D 86 12.30 26.34 46.76
C LEU D 86 12.34 25.31 47.88
N GLU D 87 12.81 25.70 49.08
CA GLU D 87 12.88 24.74 50.17
C GLU D 87 11.49 24.37 50.68
N LEU D 88 10.56 25.32 50.74
CA LEU D 88 9.24 24.98 51.24
C LEU D 88 8.61 23.94 50.33
N GLN D 89 8.82 24.02 49.02
CA GLN D 89 8.29 23.01 48.13
C GLN D 89 9.02 21.66 48.32
N GLU D 90 10.34 21.70 48.52
CA GLU D 90 11.13 20.49 48.68
C GLU D 90 10.71 19.71 49.93
N LEU D 91 10.34 20.42 51.00
CA LEU D 91 9.93 19.83 52.28
C LEU D 91 8.68 18.96 52.18
N VAL D 92 7.87 19.13 51.15
CA VAL D 92 6.68 18.33 51.01
C VAL D 92 6.76 17.39 49.80
N GLY D 93 7.95 17.26 49.22
CA GLY D 93 8.16 16.39 48.06
C GLY D 93 7.99 17.02 46.68
N MET D 94 7.77 18.33 46.59
CA MET D 94 7.62 18.96 45.29
C MET D 94 9.10 19.21 45.07
N THR D 95 9.68 18.45 44.16
CA THR D 95 11.13 18.48 43.96
C THR D 95 11.50 19.54 42.94
N ALA D 96 12.05 20.67 43.42
CA ALA D 96 12.48 21.76 42.50
C ALA D 96 13.69 22.60 42.94
N GLY D 97 14.74 22.70 42.10
CA GLY D 97 15.83 23.61 42.44
C GLY D 97 16.35 24.77 41.61
N PHE D 98 15.81 24.97 40.42
CA PHE D 98 16.23 26.11 39.63
C PHE D 98 15.67 27.43 40.15
N GLY D 99 16.51 28.45 40.15
CA GLY D 99 16.04 29.78 40.44
C GLY D 99 17.08 30.86 40.18
N ARG D 100 16.58 32.08 40.01
CA ARG D 100 17.36 33.28 39.72
C ARG D 100 16.76 34.57 40.30
N THR D 101 17.62 35.55 40.58
CA THR D 101 17.15 36.88 40.98
C THR D 101 17.82 37.97 40.12
N ARG D 102 17.02 38.91 39.62
CA ARG D 102 17.52 40.06 38.85
C ARG D 102 16.83 41.38 39.24
N GLU D 103 17.61 42.45 39.38
CA GLU D 103 16.98 43.73 39.71
C GLU D 103 16.42 44.39 38.45
N THR D 104 15.23 44.95 38.57
CA THR D 104 14.54 45.66 37.51
C THR D 104 14.00 47.00 37.92
N SER D 105 13.34 47.69 37.00
CA SER D 105 12.69 48.97 37.28
C SER D 105 13.56 49.92 38.06
N THR D 106 12.94 50.53 39.07
CA THR D 106 13.64 51.40 39.97
C THR D 106 14.32 50.51 41.00
N PRO D 107 15.33 51.01 41.73
CA PRO D 107 16.02 50.24 42.73
C PRO D 107 15.04 49.67 43.74
N GLY D 108 15.28 48.43 44.13
CA GLY D 108 14.43 47.73 45.09
C GLY D 108 13.41 46.78 44.47
N VAL D 109 13.15 46.87 43.17
CA VAL D 109 12.18 45.94 42.60
C VAL D 109 12.91 44.80 41.90
N TYR D 110 12.62 43.59 42.33
CA TYR D 110 13.30 42.43 41.80
C TYR D 110 12.42 41.38 41.17
N ASN D 111 12.97 40.72 40.16
CA ASN D 111 12.33 39.56 39.58
C ASN D 111 12.88 38.31 40.19
N VAL D 112 12.02 37.61 40.90
CA VAL D 112 12.36 36.39 41.59
C VAL D 112 11.82 35.23 40.78
N VAL D 113 12.70 34.38 40.30
CA VAL D 113 12.27 33.30 39.43
C VAL D 113 12.56 31.96 40.06
N TYR D 114 11.53 31.12 40.17
CA TYR D 114 11.78 29.79 40.73
C TYR D 114 10.95 28.71 40.04
N GLU D 115 11.47 27.51 40.09
CA GLU D 115 10.87 26.29 39.56
C GLU D 115 9.71 25.74 40.38
N TYR D 116 8.70 25.21 39.68
CA TYR D 116 7.57 24.57 40.35
C TYR D 116 7.26 23.20 39.77
N VAL D 117 6.55 22.38 40.55
CA VAL D 117 6.08 21.08 40.09
C VAL D 117 4.58 21.18 39.82
N ASP D 118 3.84 21.63 40.83
CA ASP D 118 2.42 21.91 40.76
C ASP D 118 2.24 23.40 40.74
N GLU D 119 1.40 23.87 39.85
CA GLU D 119 1.16 25.29 39.67
C GLU D 119 0.64 26.03 40.89
N GLN D 120 -0.26 25.44 41.68
CA GLN D 120 -0.82 26.19 42.79
C GLN D 120 0.08 26.05 43.98
N ALA D 121 0.71 24.89 44.13
CA ALA D 121 1.64 24.71 45.22
C ALA D 121 2.81 25.67 45.05
N GLY D 122 3.23 25.90 43.80
CA GLY D 122 4.32 26.79 43.47
C GLY D 122 4.00 28.20 43.88
N ARG D 123 2.83 28.70 43.45
CA ARG D 123 2.50 30.07 43.82
C ARG D 123 2.32 30.22 45.34
N TYR D 124 1.77 29.19 46.00
CA TYR D 124 1.57 29.21 47.43
C TYR D 124 2.90 29.36 48.15
N ALA D 125 3.90 28.55 47.75
CA ALA D 125 5.23 28.57 48.37
C ALA D 125 5.89 29.93 48.23
N GLY D 126 5.65 30.60 47.12
CA GLY D 126 6.21 31.93 46.89
C GLY D 126 5.68 32.90 47.93
N ARG D 127 4.36 32.92 48.09
CA ARG D 127 3.75 33.83 49.05
C ARG D 127 4.17 33.48 50.49
N ALA D 128 4.27 32.19 50.77
CA ALA D 128 4.69 31.74 52.09
C ALA D 128 6.13 32.14 52.37
N ALA D 129 7.02 32.07 51.37
CA ALA D 129 8.41 32.45 51.55
C ALA D 129 8.51 33.90 51.92
N VAL D 130 7.66 34.73 51.33
CA VAL D 130 7.70 36.14 51.66
C VAL D 130 7.26 36.37 53.10
N ARG D 131 6.18 35.71 53.55
CA ARG D 131 5.73 35.88 54.94
C ARG D 131 6.76 35.42 55.97
N LEU D 132 7.40 34.28 55.70
CA LEU D 132 8.39 33.75 56.61
C LEU D 132 9.57 34.68 56.69
N CYS D 133 10.05 35.10 55.53
CA CYS D 133 11.21 35.95 55.43
C CYS D 133 10.93 37.32 56.03
N ARG D 134 9.70 37.83 55.89
CA ARG D 134 9.39 39.13 56.46
C ARG D 134 9.32 39.06 57.98
N SER D 135 8.75 38.00 58.55
CA SER D 135 8.67 37.94 60.01
C SER D 135 10.05 37.90 60.62
N LEU D 136 10.98 37.23 59.99
CA LEU D 136 12.32 37.10 60.53
C LEU D 136 13.21 38.34 60.40
N VAL D 137 12.72 39.39 59.77
CA VAL D 137 13.51 40.61 59.65
C VAL D 137 12.81 41.71 60.48
N ASP D 138 11.80 41.28 61.23
CA ASP D 138 11.01 42.09 62.14
C ASP D 138 11.35 41.59 63.56
N THR D 139 11.21 40.27 63.75
CA THR D 139 11.53 39.56 64.97
C THR D 139 12.63 38.56 64.68
N GLY D 140 13.02 37.77 65.67
CA GLY D 140 14.13 36.83 65.48
C GLY D 140 13.74 35.37 65.24
N ASP D 141 12.46 35.07 65.09
CA ASP D 141 12.01 33.69 64.95
C ASP D 141 10.69 33.59 64.16
N TYR D 142 10.21 32.37 63.99
CA TYR D 142 8.97 32.13 63.26
C TYR D 142 8.25 30.96 63.96
N PRO D 143 6.98 31.10 64.40
CA PRO D 143 6.26 30.08 65.16
C PRO D 143 6.22 28.75 64.44
N ARG D 144 6.38 27.67 65.16
CA ARG D 144 6.35 26.36 64.51
C ARG D 144 4.99 26.08 63.87
N LEU D 145 3.93 26.52 64.49
CA LEU D 145 2.61 26.23 63.96
C LEU D 145 2.31 27.00 62.69
N GLU D 146 3.08 28.06 62.43
CA GLU D 146 2.90 28.89 61.25
C GLU D 146 3.74 28.35 60.12
N LEU D 147 4.49 27.27 60.40
CA LEU D 147 5.26 26.60 59.40
C LEU D 147 4.54 25.30 59.08
N GLU D 148 4.07 24.61 60.13
CA GLU D 148 3.39 23.33 59.93
C GLU D 148 2.11 23.47 59.14
N LYS D 149 1.32 24.52 59.39
CA LYS D 149 0.08 24.62 58.63
C LYS D 149 0.33 24.94 57.15
N ASP D 150 1.44 25.61 56.83
CA ASP D 150 1.70 25.97 55.46
C ASP D 150 2.18 24.74 54.73
N LEU D 151 2.94 23.89 55.42
CA LEU D 151 3.39 22.68 54.79
C LEU D 151 2.18 21.77 54.53
N GLU D 152 1.18 21.78 55.44
CA GLU D 152 -0.02 20.99 55.21
C GLU D 152 -0.77 21.49 53.98
N ASP D 153 -0.86 22.81 53.78
CA ASP D 153 -1.55 23.31 52.59
C ASP D 153 -0.80 22.94 51.32
N LEU D 154 0.53 22.96 51.35
CA LEU D 154 1.25 22.56 50.16
C LEU D 154 1.03 21.09 49.85
N ARG D 155 0.97 20.22 50.88
CA ARG D 155 0.72 18.82 50.63
C ARG D 155 -0.65 18.58 50.00
N ASP D 156 -1.67 19.32 50.42
CA ASP D 156 -2.97 19.12 49.81
C ASP D 156 -3.01 19.65 48.38
N LEU D 157 -2.38 20.80 48.13
CA LEU D 157 -2.40 21.36 46.78
C LEU D 157 -1.72 20.44 45.79
N GLY D 158 -0.65 19.78 46.23
CA GLY D 158 0.09 18.88 45.36
C GLY D 158 -0.58 17.51 45.19
N ALA D 159 -1.65 17.26 45.95
CA ALA D 159 -2.36 15.98 45.87
C ALA D 159 -3.59 16.12 45.01
N ASN D 160 -4.24 17.25 45.11
CA ASN D 160 -5.51 17.50 44.43
C ASN D 160 -5.38 17.50 42.92
N SER D 161 -4.21 17.87 42.42
CA SER D 161 -3.93 17.94 41.00
C SER D 161 -3.25 16.71 40.43
N ALA D 162 -3.02 15.68 41.25
CA ALA D 162 -2.32 14.51 40.78
C ALA D 162 -3.14 13.68 39.79
N LEU D 163 -2.45 13.05 38.84
CA LEU D 163 -3.07 12.12 37.90
C LEU D 163 -3.18 10.77 38.58
N GLY D 164 -4.17 9.97 38.24
CA GLY D 164 -4.21 8.65 38.83
C GLY D 164 -3.05 7.84 38.26
N PRO D 165 -2.63 6.75 38.93
CA PRO D 165 -1.50 5.90 38.57
C PRO D 165 -1.58 5.19 37.22
N SER D 166 -2.77 4.98 36.69
CA SER D 166 -2.84 4.32 35.40
C SER D 166 -2.58 5.34 34.30
N THR D 167 -2.81 6.62 34.59
CA THR D 167 -2.61 7.66 33.62
C THR D 167 -1.15 8.02 33.67
N GLU D 168 -0.56 8.02 34.88
CA GLU D 168 0.85 8.33 35.03
C GLU D 168 1.70 7.31 34.31
N THR D 169 1.29 6.05 34.34
CA THR D 169 2.00 4.97 33.69
C THR D 169 2.08 5.20 32.17
N ILE D 170 0.95 5.58 31.55
CA ILE D 170 0.92 5.81 30.10
C ILE D 170 1.65 7.10 29.74
N VAL D 171 1.43 8.16 30.51
CA VAL D 171 2.08 9.43 30.24
C VAL D 171 3.59 9.35 30.33
N THR D 172 4.13 8.65 31.32
CA THR D 172 5.57 8.52 31.47
C THR D 172 6.19 7.85 30.25
N GLU D 173 5.57 6.78 29.74
CA GLU D 173 6.08 6.11 28.56
C GLU D 173 5.98 7.04 27.34
N ALA D 174 4.89 7.81 27.24
CA ALA D 174 4.72 8.72 26.12
C ALA D 174 5.84 9.73 26.08
N GLU D 175 6.26 10.24 27.24
CA GLU D 175 7.37 11.20 27.27
C GLU D 175 8.69 10.57 26.83
N ALA D 176 8.93 9.32 27.22
CA ALA D 176 10.14 8.61 26.83
C ALA D 176 10.26 8.49 25.30
N ARG D 177 9.12 8.36 24.64
CA ARG D 177 8.97 8.23 23.19
C ARG D 177 8.79 9.55 22.45
N LYS D 178 8.88 10.66 23.17
CA LYS D 178 8.71 12.02 22.65
C LYS D 178 7.34 12.31 22.05
N ILE D 179 6.28 11.80 22.67
CA ILE D 179 4.92 12.08 22.23
C ILE D 179 4.38 13.20 23.11
N PRO D 180 3.95 14.35 22.56
CA PRO D 180 3.48 15.48 23.35
C PRO D 180 2.16 15.14 24.01
N TRP D 181 1.89 15.70 25.18
CA TRP D 181 0.61 15.44 25.81
C TRP D 181 0.05 16.68 26.49
N MET D 182 -1.28 16.72 26.58
CA MET D 182 -2.05 17.82 27.14
C MET D 182 -3.24 17.38 27.97
N LEU D 183 -3.61 18.13 28.98
CA LEU D 183 -4.85 17.82 29.66
C LEU D 183 -5.97 18.55 28.97
N LEU D 184 -7.14 17.93 28.92
CA LEU D 184 -8.30 18.56 28.33
C LEU D 184 -9.21 19.12 29.42
N SER D 185 -10.05 20.05 29.02
CA SER D 185 -10.98 20.75 29.87
C SER D 185 -12.20 19.95 30.38
N ALA D 186 -12.43 18.74 29.88
CA ALA D 186 -13.57 17.98 30.36
C ALA D 186 -13.25 16.51 30.59
N ARG D 187 -13.95 15.95 31.58
CA ARG D 187 -14.01 14.55 31.98
C ARG D 187 -12.68 13.87 32.22
N ALA D 188 -11.71 14.60 32.75
CA ALA D 188 -10.38 14.07 33.05
C ALA D 188 -9.70 13.37 31.87
N MET D 189 -9.89 13.86 30.65
CA MET D 189 -9.24 13.27 29.49
C MET D 189 -7.88 13.89 29.20
N VAL D 190 -7.01 13.08 28.60
CA VAL D 190 -5.68 13.49 28.18
C VAL D 190 -5.47 13.29 26.69
N GLN D 191 -4.97 14.32 26.01
CA GLN D 191 -4.69 14.25 24.59
C GLN D 191 -3.23 13.91 24.33
N LEU D 192 -3.00 12.98 23.42
CA LEU D 192 -1.66 12.58 23.00
C LEU D 192 -1.45 12.88 21.52
N GLY D 193 -0.42 13.63 21.18
CA GLY D 193 -0.14 13.98 19.77
C GLY D 193 -0.83 15.28 19.31
N TYR D 194 -0.50 15.75 18.10
CA TYR D 194 -1.08 17.00 17.54
C TYR D 194 -1.89 16.84 16.26
N GLY D 195 -2.88 17.73 16.07
CA GLY D 195 -3.65 17.83 14.84
C GLY D 195 -4.35 16.55 14.47
N VAL D 196 -4.19 16.17 13.21
CA VAL D 196 -4.77 14.93 12.69
C VAL D 196 -4.22 13.64 13.29
N TYR D 197 -3.16 13.69 14.10
CA TYR D 197 -2.62 12.47 14.68
C TYR D 197 -2.95 12.31 16.14
N GLN D 198 -3.81 13.15 16.67
CA GLN D 198 -4.14 13.07 18.07
C GLN D 198 -4.96 11.83 18.46
N GLN D 199 -4.73 11.38 19.69
CA GLN D 199 -5.45 10.30 20.36
C GLN D 199 -5.89 10.79 21.73
N ARG D 200 -6.93 10.21 22.28
CA ARG D 200 -7.35 10.55 23.63
C ARG D 200 -7.40 9.33 24.52
N ILE D 201 -7.04 9.53 25.78
CA ILE D 201 -7.14 8.50 26.79
C ILE D 201 -7.84 9.01 28.04
N GLN D 202 -8.37 8.09 28.81
CA GLN D 202 -8.91 8.37 30.12
C GLN D 202 -8.63 7.16 30.97
N ALA D 203 -7.65 7.26 31.85
CA ALA D 203 -7.23 6.09 32.63
C ALA D 203 -6.90 4.95 31.67
N THR D 204 -7.67 3.86 31.75
CA THR D 204 -7.47 2.65 30.97
C THR D 204 -8.40 2.48 29.77
N LEU D 205 -9.18 3.51 29.45
CA LEU D 205 -10.01 3.57 28.25
C LEU D 205 -9.35 4.48 27.24
N SER D 206 -9.56 4.20 25.97
CA SER D 206 -8.97 5.04 24.93
C SER D 206 -9.92 5.26 23.79
N SER D 207 -9.46 6.05 22.84
CA SER D 207 -10.14 6.36 21.61
C SER D 207 -10.41 5.12 20.72
N HIS D 208 -9.75 4.00 21.02
CA HIS D 208 -9.93 2.73 20.32
C HIS D 208 -10.88 1.76 21.02
N SER D 209 -11.41 2.14 22.18
CA SER D 209 -12.29 1.25 22.93
C SER D 209 -13.73 1.52 22.54
N GLY D 210 -14.38 0.49 22.00
CA GLY D 210 -15.75 0.60 21.52
C GLY D 210 -16.74 0.47 22.63
N ILE D 211 -17.88 1.10 22.45
CA ILE D 211 -18.94 1.05 23.42
C ILE D 211 -19.67 -0.28 23.50
N LEU D 212 -19.85 -0.97 22.39
CA LEU D 212 -20.60 -2.21 22.47
C LEU D 212 -19.84 -3.24 23.28
N GLY D 213 -18.52 -3.28 23.13
CA GLY D 213 -17.64 -4.18 23.84
C GLY D 213 -17.62 -3.88 25.33
N VAL D 214 -17.48 -2.60 25.68
CA VAL D 214 -17.42 -2.21 27.08
C VAL D 214 -18.74 -2.50 27.77
N GLU D 215 -19.88 -2.20 27.14
CA GLU D 215 -21.15 -2.52 27.78
C GLU D 215 -21.38 -4.01 27.93
N LEU D 216 -20.99 -4.82 26.95
CA LEU D 216 -21.19 -6.27 27.07
C LEU D 216 -20.39 -6.81 28.22
N ALA D 217 -19.17 -6.32 28.39
CA ALA D 217 -18.28 -6.77 29.47
C ALA D 217 -18.82 -6.44 30.86
N CYS D 218 -19.79 -5.54 30.97
CA CYS D 218 -20.31 -5.14 32.26
C CYS D 218 -21.59 -5.91 32.61
N ASP D 219 -22.06 -6.71 31.66
CA ASP D 219 -23.26 -7.50 31.74
C ASP D 219 -22.88 -8.96 31.99
N LYS D 220 -22.95 -9.42 33.22
CA LYS D 220 -22.45 -10.76 33.52
C LYS D 220 -23.23 -11.88 32.85
N GLU D 221 -24.54 -11.74 32.73
CA GLU D 221 -25.36 -12.74 32.07
C GLU D 221 -25.07 -12.75 30.58
N GLY D 222 -24.91 -11.55 30.02
CA GLY D 222 -24.61 -11.36 28.61
C GLY D 222 -23.27 -11.96 28.26
N THR D 223 -22.25 -11.67 29.05
CA THR D 223 -20.91 -12.16 28.79
C THR D 223 -20.87 -13.66 28.84
N LYS D 224 -21.50 -14.27 29.84
CA LYS D 224 -21.49 -15.71 29.95
C LYS D 224 -22.17 -16.36 28.75
N THR D 225 -23.30 -15.80 28.31
CA THR D 225 -24.04 -16.34 27.18
C THR D 225 -23.20 -16.30 25.91
N ILE D 226 -22.55 -15.17 25.64
CA ILE D 226 -21.73 -15.02 24.46
C ILE D 226 -20.54 -15.96 24.47
N LEU D 227 -19.87 -16.11 25.61
CA LEU D 227 -18.73 -16.99 25.63
C LEU D 227 -19.09 -18.47 25.56
N GLN D 228 -20.16 -18.92 26.20
CA GLN D 228 -20.40 -20.36 26.12
C GLN D 228 -20.88 -20.75 24.72
N ASP D 229 -21.44 -19.80 23.96
CA ASP D 229 -21.86 -20.05 22.58
C ASP D 229 -20.67 -20.17 21.63
N ALA D 230 -19.48 -19.78 22.09
CA ALA D 230 -18.25 -19.80 21.33
C ALA D 230 -17.38 -21.00 21.71
N GLY D 231 -17.88 -21.86 22.62
CA GLY D 231 -17.10 -22.99 23.08
C GLY D 231 -16.06 -22.66 24.15
N ILE D 232 -16.24 -21.58 24.91
CA ILE D 232 -15.30 -21.17 25.94
C ILE D 232 -15.79 -21.62 27.34
N PRO D 233 -14.96 -22.30 28.17
CA PRO D 233 -15.34 -22.79 29.51
C PRO D 233 -15.64 -21.70 30.53
N VAL D 234 -16.83 -21.76 31.11
CA VAL D 234 -17.33 -20.82 32.10
C VAL D 234 -17.97 -21.64 33.22
N PRO D 235 -18.21 -21.11 34.43
CA PRO D 235 -18.89 -21.78 35.52
C PRO D 235 -20.33 -22.17 35.24
N ARG D 236 -20.74 -23.30 35.78
CA ARG D 236 -22.12 -23.78 35.72
C ARG D 236 -22.96 -23.17 36.84
N GLY D 237 -24.17 -22.67 36.54
CA GLY D 237 -25.02 -22.06 37.58
C GLY D 237 -26.42 -21.71 37.08
N THR D 238 -27.25 -21.07 37.93
CA THR D 238 -28.65 -20.78 37.57
C THR D 238 -29.22 -19.43 38.07
N THR D 239 -30.54 -19.28 37.93
CA THR D 239 -31.25 -18.08 38.37
C THR D 239 -32.40 -18.40 39.35
N ILE D 240 -32.24 -17.98 40.60
CA ILE D 240 -33.24 -18.20 41.65
C ILE D 240 -33.63 -16.84 42.20
N GLN D 241 -34.82 -16.31 41.89
CA GLN D 241 -35.13 -14.93 42.32
C GLN D 241 -35.64 -14.83 43.74
N TYR D 242 -34.75 -15.18 44.66
CA TYR D 242 -34.95 -15.22 46.09
C TYR D 242 -36.13 -16.09 46.45
N PHE D 243 -36.28 -17.20 45.72
CA PHE D 243 -37.31 -18.19 46.08
C PHE D 243 -36.53 -19.13 46.98
N ASP D 244 -37.18 -19.78 47.93
CA ASP D 244 -36.43 -20.61 48.85
C ASP D 244 -36.36 -21.99 48.18
N ASP D 245 -35.60 -22.03 47.06
CA ASP D 245 -35.38 -23.18 46.19
C ASP D 245 -33.90 -23.50 46.05
N LEU D 246 -33.05 -22.90 46.88
CA LEU D 246 -31.61 -23.14 46.72
C LEU D 246 -31.31 -24.60 46.99
N GLU D 247 -32.07 -25.19 47.89
CA GLU D 247 -31.93 -26.58 48.26
C GLU D 247 -32.18 -27.54 47.11
N GLU D 248 -32.86 -27.07 46.07
CA GLU D 248 -33.11 -27.88 44.89
C GLU D 248 -32.15 -27.46 43.78
N ALA D 249 -31.83 -26.16 43.72
CA ALA D 249 -30.98 -25.59 42.66
C ALA D 249 -29.64 -26.26 42.63
N ILE D 250 -29.14 -26.65 43.80
CA ILE D 250 -27.85 -27.30 43.90
C ILE D 250 -27.83 -28.65 43.15
N ASN D 251 -28.99 -29.23 42.88
CA ASN D 251 -29.05 -30.50 42.17
C ASN D 251 -28.75 -30.34 40.69
N ASP D 252 -29.00 -29.15 40.11
CA ASP D 252 -28.74 -28.96 38.70
C ASP D 252 -27.30 -28.55 38.53
N VAL D 253 -26.80 -27.88 39.56
CA VAL D 253 -25.44 -27.39 39.63
C VAL D 253 -24.48 -28.56 39.88
N GLY D 254 -24.86 -29.52 40.73
CA GLY D 254 -24.04 -30.70 41.01
C GLY D 254 -23.74 -31.05 42.48
N GLY D 255 -24.30 -30.32 43.44
CA GLY D 255 -24.06 -30.64 44.85
C GLY D 255 -23.87 -29.42 45.72
N TYR D 256 -23.46 -29.62 46.98
CA TYR D 256 -23.29 -28.49 47.89
C TYR D 256 -22.17 -27.49 47.66
N PRO D 257 -20.97 -27.82 47.15
CA PRO D 257 -19.89 -26.88 47.06
C PRO D 257 -20.20 -25.87 45.99
N VAL D 258 -20.97 -24.85 46.39
CA VAL D 258 -21.48 -23.82 45.50
C VAL D 258 -21.19 -22.41 45.97
N VAL D 259 -21.35 -21.48 45.04
CA VAL D 259 -21.17 -20.07 45.27
C VAL D 259 -22.52 -19.34 45.24
N ILE D 260 -22.82 -18.59 46.31
CA ILE D 260 -24.05 -17.81 46.39
C ILE D 260 -23.72 -16.33 46.35
N LYS D 261 -24.32 -15.64 45.40
CA LYS D 261 -24.09 -14.24 45.15
C LYS D 261 -25.40 -13.48 45.14
N PRO D 262 -25.40 -12.16 45.37
CA PRO D 262 -26.53 -11.29 45.26
C PRO D 262 -26.87 -11.38 43.85
N LEU D 263 -28.11 -11.29 43.49
CA LEU D 263 -28.36 -11.40 42.09
C LEU D 263 -27.77 -10.21 41.32
N ASP D 264 -27.80 -9.01 41.89
CA ASP D 264 -27.26 -7.85 41.18
C ASP D 264 -25.78 -7.63 41.44
N GLY D 265 -25.24 -6.60 40.79
CA GLY D 265 -23.83 -6.23 40.95
C GLY D 265 -23.63 -5.01 41.83
N ASN D 266 -23.28 -5.23 43.09
CA ASN D 266 -23.06 -4.12 44.02
C ASN D 266 -21.77 -4.33 44.81
N HIS D 267 -20.69 -4.53 44.06
CA HIS D 267 -19.35 -4.78 44.58
C HIS D 267 -19.29 -6.12 45.33
N GLY D 268 -18.26 -6.30 46.15
CA GLY D 268 -18.03 -7.58 46.82
C GLY D 268 -18.89 -7.74 48.07
N ARG D 269 -20.19 -7.76 47.88
CA ARG D 269 -21.09 -7.77 49.02
C ARG D 269 -22.15 -8.85 48.98
N GLY D 270 -22.32 -9.55 50.11
CA GLY D 270 -23.31 -10.61 50.23
C GLY D 270 -22.91 -11.89 49.53
N ILE D 271 -21.60 -12.12 49.40
CA ILE D 271 -21.10 -13.29 48.68
C ILE D 271 -20.43 -14.35 49.51
N THR D 272 -20.91 -15.58 49.34
CA THR D 272 -20.30 -16.72 49.99
C THR D 272 -19.69 -17.59 48.92
N ILE D 273 -18.37 -17.79 49.01
CA ILE D 273 -17.66 -18.55 48.00
C ILE D 273 -17.80 -20.06 48.14
N ASN D 274 -17.72 -20.61 49.33
CA ASN D 274 -17.85 -22.06 49.38
C ASN D 274 -18.89 -22.48 50.39
N VAL D 275 -20.09 -22.75 49.90
CA VAL D 275 -21.18 -23.20 50.73
C VAL D 275 -21.04 -24.69 50.86
N ARG D 276 -20.98 -25.16 52.07
CA ARG D 276 -20.82 -26.57 52.33
C ARG D 276 -22.10 -27.18 52.90
N HIS D 277 -22.92 -26.35 53.54
CA HIS D 277 -24.12 -26.85 54.21
C HIS D 277 -25.41 -26.04 53.91
N TRP D 278 -26.55 -26.68 54.15
CA TRP D 278 -27.86 -26.09 53.88
C TRP D 278 -28.07 -24.75 54.59
N GLN D 279 -27.69 -24.69 55.85
CA GLN D 279 -27.88 -23.48 56.63
C GLN D 279 -26.95 -22.36 56.20
N GLU D 280 -25.87 -22.69 55.51
CA GLU D 280 -24.93 -21.69 55.06
C GLU D 280 -25.55 -21.05 53.84
N ALA D 281 -26.22 -21.88 53.03
CA ALA D 281 -26.90 -21.37 51.86
C ALA D 281 -27.97 -20.39 52.27
N ILE D 282 -28.64 -20.67 53.39
CA ILE D 282 -29.67 -19.76 53.86
C ILE D 282 -29.06 -18.47 54.37
N ALA D 283 -27.98 -18.54 55.13
CA ALA D 283 -27.43 -17.26 55.54
C ALA D 283 -27.02 -16.43 54.31
N ALA D 284 -26.44 -17.10 53.29
CA ALA D 284 -26.03 -16.41 52.09
C ALA D 284 -27.22 -15.84 51.35
N TYR D 285 -28.33 -16.59 51.34
CA TYR D 285 -29.61 -16.24 50.73
C TYR D 285 -30.14 -14.96 51.32
N ASP D 286 -30.15 -14.89 52.65
CA ASP D 286 -30.64 -13.71 53.33
C ASP D 286 -29.83 -12.48 52.98
N LEU D 287 -28.52 -12.64 52.75
CA LEU D 287 -27.70 -11.48 52.36
C LEU D 287 -27.87 -11.20 50.87
N ALA D 288 -28.00 -12.24 50.06
CA ALA D 288 -28.12 -12.07 48.63
C ALA D 288 -29.37 -11.25 48.33
N ALA D 289 -30.41 -11.50 49.13
CA ALA D 289 -31.74 -10.91 49.07
C ALA D 289 -31.76 -9.41 49.22
N GLU D 290 -30.67 -8.81 49.72
CA GLU D 290 -30.60 -7.38 49.88
C GLU D 290 -30.56 -6.65 48.52
N GLU D 291 -30.03 -7.28 47.47
CA GLU D 291 -30.10 -6.60 46.16
C GLU D 291 -31.37 -7.08 45.44
N SER D 292 -31.71 -6.48 44.30
CA SER D 292 -32.99 -6.85 43.63
C SER D 292 -32.95 -8.28 43.11
N ILE D 297 -27.01 -15.11 38.43
CA ILE D 297 -25.66 -15.49 38.87
C ILE D 297 -25.67 -16.21 40.23
N ILE D 298 -26.63 -17.09 40.50
CA ILE D 298 -26.68 -17.69 41.83
C ILE D 298 -26.48 -19.20 41.71
N VAL D 299 -25.94 -19.78 42.77
CA VAL D 299 -25.66 -21.20 42.89
C VAL D 299 -24.70 -21.77 41.88
N GLU D 300 -23.60 -21.10 41.68
CA GLU D 300 -22.62 -21.63 40.78
C GLU D 300 -21.82 -22.75 41.38
N ARG D 301 -21.34 -23.66 40.56
CA ARG D 301 -20.46 -24.68 41.07
C ARG D 301 -19.17 -23.99 41.56
N TYR D 302 -18.64 -24.45 42.69
CA TYR D 302 -17.37 -23.86 43.20
C TYR D 302 -16.20 -24.68 42.66
N TYR D 303 -15.40 -24.08 41.77
CA TYR D 303 -14.26 -24.80 41.16
C TYR D 303 -13.04 -24.55 42.05
N GLU D 304 -12.19 -25.56 42.24
CA GLU D 304 -11.04 -25.43 43.17
C GLU D 304 -9.73 -25.04 42.47
N GLY D 305 -9.29 -23.78 42.60
CA GLY D 305 -7.97 -23.38 42.10
C GLY D 305 -7.66 -21.93 42.46
N SER D 306 -6.49 -21.47 42.08
CA SER D 306 -6.03 -20.11 42.35
C SER D 306 -6.62 -19.06 41.43
N ASP D 307 -6.60 -17.82 41.88
CA ASP D 307 -7.11 -16.68 41.12
C ASP D 307 -6.04 -15.96 40.27
N HIS D 308 -6.12 -16.12 38.96
CA HIS D 308 -5.14 -15.55 38.05
C HIS D 308 -5.69 -14.43 37.19
N ARG D 309 -4.91 -13.39 37.02
CA ARG D 309 -5.28 -12.28 36.16
C ARG D 309 -4.43 -12.22 34.91
N VAL D 310 -5.10 -12.22 33.77
CA VAL D 310 -4.43 -12.19 32.49
C VAL D 310 -4.72 -10.87 31.76
N LEU D 311 -3.67 -10.15 31.36
CA LEU D 311 -3.81 -8.89 30.65
C LEU D 311 -3.53 -9.03 29.16
N VAL D 312 -4.53 -8.67 28.34
CA VAL D 312 -4.47 -8.73 26.87
C VAL D 312 -4.66 -7.29 26.34
N VAL D 313 -3.76 -6.82 25.46
CA VAL D 313 -3.86 -5.43 24.96
C VAL D 313 -4.34 -5.21 23.54
N ASN D 314 -3.87 -5.92 22.57
CA ASN D 314 -4.35 -5.65 21.21
C ASN D 314 -4.63 -6.97 20.54
N GLY D 315 -5.36 -7.83 21.23
CA GLY D 315 -5.60 -9.18 20.75
C GLY D 315 -4.37 -10.03 20.98
N LYS D 316 -3.49 -9.56 21.86
CA LYS D 316 -2.23 -10.19 22.20
C LYS D 316 -1.92 -10.12 23.69
N LEU D 317 -1.50 -11.25 24.27
CA LEU D 317 -1.14 -11.34 25.69
C LEU D 317 0.07 -10.52 26.11
N VAL D 318 -0.09 -9.74 27.19
CA VAL D 318 0.97 -8.92 27.77
C VAL D 318 1.50 -9.43 29.10
N ALA D 319 0.62 -9.77 30.05
CA ALA D 319 1.10 -10.19 31.37
C ALA D 319 0.16 -11.12 32.11
N VAL D 320 0.71 -11.98 32.98
CA VAL D 320 -0.09 -12.87 33.83
C VAL D 320 0.34 -12.78 35.30
N ALA D 321 -0.59 -12.63 36.24
CA ALA D 321 -0.20 -12.62 37.65
C ALA D 321 -1.18 -13.39 38.53
N GLU D 322 -0.62 -14.08 39.51
CA GLU D 322 -1.39 -14.84 40.48
C GLU D 322 -1.66 -14.04 41.73
N ARG D 323 -2.93 -13.96 42.12
CA ARG D 323 -3.30 -13.17 43.27
C ARG D 323 -3.73 -13.98 44.47
N ILE D 324 -3.16 -13.64 45.61
CA ILE D 324 -3.41 -14.32 46.88
C ILE D 324 -3.88 -13.32 47.96
N PRO D 325 -4.96 -13.59 48.72
CA PRO D 325 -5.50 -12.77 49.79
C PRO D 325 -4.59 -12.72 51.00
N ALA D 326 -4.72 -11.64 51.79
CA ALA D 326 -3.94 -11.43 53.01
C ALA D 326 -4.00 -12.64 53.91
N HIS D 327 -2.84 -13.05 54.40
CA HIS D 327 -2.77 -14.24 55.24
C HIS D 327 -1.55 -14.28 56.13
N VAL D 328 -1.61 -15.19 57.10
CA VAL D 328 -0.48 -15.51 57.96
C VAL D 328 -0.27 -17.01 57.98
N THR D 329 0.92 -17.43 58.33
CA THR D 329 1.18 -18.86 58.39
C THR D 329 1.78 -19.30 59.70
N GLY D 330 1.77 -20.61 59.94
CA GLY D 330 2.31 -21.27 61.12
C GLY D 330 3.83 -21.22 61.18
N ASP D 331 4.33 -19.99 61.31
CA ASP D 331 5.73 -19.64 61.39
C ASP D 331 6.15 -19.78 62.84
N GLY D 332 6.16 -21.03 63.29
CA GLY D 332 6.46 -21.38 64.66
C GLY D 332 5.18 -21.41 65.49
N SER D 333 5.30 -21.77 66.77
CA SER D 333 4.13 -21.91 67.64
C SER D 333 3.67 -20.58 68.23
N SER D 334 3.18 -19.73 67.34
CA SER D 334 2.71 -18.38 67.65
C SER D 334 1.23 -18.27 67.35
N THR D 335 0.57 -17.30 67.99
CA THR D 335 -0.85 -17.11 67.74
C THR D 335 -1.07 -16.29 66.51
N ILE D 336 -2.31 -16.23 66.03
CA ILE D 336 -2.58 -15.39 64.89
C ILE D 336 -2.33 -13.92 65.20
N SER D 337 -2.78 -13.40 66.35
CA SER D 337 -2.48 -11.99 66.57
C SER D 337 -0.97 -11.72 66.61
N GLU D 338 -0.19 -12.69 67.11
CA GLU D 338 1.27 -12.54 67.16
C GLU D 338 1.88 -12.61 65.77
N LEU D 339 1.36 -13.52 64.92
CA LEU D 339 1.84 -13.67 63.56
C LEU D 339 1.54 -12.43 62.74
N ILE D 340 0.40 -11.81 62.97
CA ILE D 340 0.08 -10.62 62.22
C ILE D 340 1.06 -9.54 62.63
N GLU D 341 1.32 -9.36 63.91
CA GLU D 341 2.25 -8.31 64.27
C GLU D 341 3.66 -8.61 63.73
N LYS D 342 4.06 -9.88 63.70
CA LYS D 342 5.38 -10.26 63.19
C LYS D 342 5.55 -9.94 61.70
N THR D 343 4.55 -10.25 60.87
CA THR D 343 4.70 -10.04 59.44
C THR D 343 4.25 -8.66 58.97
N ASN D 344 3.48 -7.94 59.77
CA ASN D 344 2.97 -6.64 59.36
C ASN D 344 4.03 -5.56 59.55
N GLN D 345 5.20 -5.96 60.04
CA GLN D 345 6.36 -5.08 60.22
C GLN D 345 7.31 -5.15 59.02
N ASP D 346 6.97 -5.97 58.03
CA ASP D 346 7.78 -6.13 56.83
C ASP D 346 7.95 -4.76 56.15
N PRO D 347 9.18 -4.30 55.85
CA PRO D 347 9.52 -3.00 55.30
C PRO D 347 8.94 -2.73 53.92
N ASN D 348 8.40 -3.76 53.26
CA ASN D 348 7.83 -3.57 51.94
C ASN D 348 6.35 -3.25 52.03
N ARG D 349 5.84 -3.15 53.27
CA ARG D 349 4.45 -2.84 53.54
C ARG D 349 4.24 -1.43 54.06
N GLY D 350 3.22 -0.77 53.52
CA GLY D 350 2.85 0.57 53.96
C GLY D 350 1.59 1.09 53.30
N ASP D 351 1.26 2.34 53.58
CA ASP D 351 0.02 2.95 53.10
C ASP D 351 -0.01 3.23 51.61
N GLY D 352 -1.22 3.22 51.04
CA GLY D 352 -1.44 3.69 49.67
C GLY D 352 -0.66 2.93 48.60
N HIS D 353 0.09 3.73 47.85
CA HIS D 353 0.95 3.31 46.75
C HIS D 353 2.41 3.70 47.01
N ASP D 354 2.77 3.87 48.29
CA ASP D 354 4.15 4.28 48.63
C ASP D 354 5.06 3.09 48.91
N ASN D 355 4.50 1.90 48.76
CA ASN D 355 5.12 0.63 49.05
C ASN D 355 4.61 -0.39 48.06
N ILE D 356 5.07 -1.64 48.17
CA ILE D 356 4.60 -2.64 47.22
C ILE D 356 3.34 -3.29 47.77
N LEU D 357 3.41 -3.63 49.04
CA LEU D 357 2.40 -4.29 49.81
C LEU D 357 1.79 -3.31 50.79
N THR D 358 0.64 -3.65 51.34
CA THR D 358 0.12 -2.79 52.38
C THR D 358 -0.07 -3.57 53.64
N LYS D 359 -0.56 -2.89 54.66
CA LYS D 359 -0.73 -3.48 55.97
C LYS D 359 -1.97 -4.34 56.13
N ILE D 360 -1.84 -5.32 57.01
CA ILE D 360 -2.93 -6.21 57.39
C ILE D 360 -3.72 -5.61 58.53
N VAL D 361 -5.01 -5.50 58.30
CA VAL D 361 -5.90 -4.92 59.29
C VAL D 361 -6.94 -5.93 59.74
N VAL D 362 -7.01 -6.11 61.06
CA VAL D 362 -7.99 -6.99 61.65
C VAL D 362 -9.22 -6.16 61.98
N ASN D 363 -10.34 -6.66 61.54
CA ASN D 363 -11.64 -6.05 61.68
C ASN D 363 -12.65 -7.18 61.79
N LYS D 364 -13.92 -6.83 61.94
CA LYS D 364 -14.98 -7.82 62.08
C LYS D 364 -15.05 -8.78 60.90
N THR D 365 -14.58 -8.34 59.73
CA THR D 365 -14.63 -9.16 58.55
C THR D 365 -13.47 -10.15 58.52
N ALA D 366 -12.37 -9.84 59.22
CA ALA D 366 -11.24 -10.73 59.27
C ALA D 366 -11.62 -11.84 60.20
N ILE D 367 -12.37 -11.47 61.22
CA ILE D 367 -12.80 -12.41 62.20
C ILE D 367 -13.80 -13.35 61.57
N ASP D 368 -14.77 -12.81 60.82
CA ASP D 368 -15.73 -13.68 60.16
C ASP D 368 -15.00 -14.70 59.24
N VAL D 369 -13.96 -14.25 58.51
CA VAL D 369 -13.20 -15.16 57.65
C VAL D 369 -12.44 -16.20 58.49
N MET D 370 -11.80 -15.79 59.59
CA MET D 370 -11.08 -16.73 60.46
C MET D 370 -12.00 -17.76 61.13
N GLU D 371 -13.20 -17.35 61.53
CA GLU D 371 -14.11 -18.27 62.20
C GLU D 371 -14.48 -19.44 61.30
N ARG D 372 -14.67 -19.19 60.01
CA ARG D 372 -15.02 -20.24 59.05
C ARG D 372 -13.93 -21.29 58.85
N GLN D 373 -12.70 -20.95 59.24
CA GLN D 373 -11.54 -21.80 59.09
C GLN D 373 -11.26 -22.55 60.41
N GLY D 374 -12.04 -22.24 61.45
CA GLY D 374 -11.82 -22.83 62.77
C GLY D 374 -10.77 -22.13 63.64
N TYR D 375 -10.46 -20.85 63.36
CA TYR D 375 -9.45 -20.13 64.10
C TYR D 375 -9.90 -18.77 64.62
N ASN D 376 -9.19 -18.26 65.62
CA ASN D 376 -9.42 -16.92 66.14
C ASN D 376 -8.06 -16.28 66.47
N LEU D 377 -8.05 -15.05 66.96
CA LEU D 377 -6.79 -14.34 67.22
C LEU D 377 -5.87 -15.00 68.24
N ASP D 378 -6.42 -15.73 69.20
CA ASP D 378 -5.57 -16.35 70.20
C ASP D 378 -5.17 -17.78 69.84
N SER D 379 -5.60 -18.25 68.66
CA SER D 379 -5.29 -19.60 68.22
C SER D 379 -3.84 -19.71 67.82
N VAL D 380 -3.23 -20.85 68.12
CA VAL D 380 -1.86 -21.14 67.68
C VAL D 380 -1.93 -21.99 66.44
N LEU D 381 -1.20 -21.61 65.40
CA LEU D 381 -1.30 -22.41 64.20
C LEU D 381 -0.28 -23.54 64.19
N PRO D 382 -0.62 -24.73 63.67
CA PRO D 382 0.27 -25.84 63.41
C PRO D 382 1.33 -25.41 62.42
N LYS D 383 2.52 -26.00 62.52
CA LYS D 383 3.57 -25.63 61.60
C LYS D 383 3.13 -25.73 60.15
N ASP D 384 3.41 -24.65 59.42
CA ASP D 384 3.13 -24.45 57.99
C ASP D 384 1.65 -24.34 57.59
N GLU D 385 0.76 -24.20 58.58
CA GLU D 385 -0.66 -23.98 58.34
C GLU D 385 -0.90 -22.57 57.83
N VAL D 386 -1.80 -22.39 56.86
CA VAL D 386 -2.09 -21.02 56.42
C VAL D 386 -3.53 -20.61 56.72
N VAL D 387 -3.66 -19.43 57.28
CA VAL D 387 -4.94 -18.84 57.62
C VAL D 387 -5.15 -17.53 56.88
N TYR D 388 -6.29 -17.44 56.23
CA TYR D 388 -6.61 -16.26 55.45
C TYR D 388 -7.38 -15.25 56.26
N LEU D 389 -7.07 -13.99 56.07
CA LEU D 389 -7.74 -12.90 56.78
C LEU D 389 -8.76 -12.16 55.91
N ARG D 390 -8.87 -12.55 54.64
CA ARG D 390 -9.75 -11.97 53.64
C ARG D 390 -10.34 -13.02 52.73
N ALA D 391 -11.57 -12.80 52.27
CA ALA D 391 -12.21 -13.71 51.34
C ALA D 391 -11.67 -13.64 49.90
N THR D 392 -11.22 -12.46 49.46
CA THR D 392 -10.74 -12.29 48.09
C THR D 392 -9.38 -11.62 48.07
N ALA D 393 -8.65 -11.80 46.97
CA ALA D 393 -7.33 -11.19 46.83
C ALA D 393 -7.38 -9.76 46.36
N ASN D 394 -6.47 -8.95 46.90
CA ASN D 394 -6.30 -7.56 46.49
C ASN D 394 -5.04 -7.00 47.14
N LEU D 395 -4.16 -6.37 46.36
CA LEU D 395 -2.95 -5.78 46.93
C LEU D 395 -3.28 -4.68 47.94
N SER D 396 -4.35 -3.95 47.70
CA SER D 396 -4.75 -2.83 48.55
C SER D 396 -5.28 -3.28 49.91
N THR D 397 -5.53 -4.58 50.10
CA THR D 397 -6.04 -5.06 51.37
C THR D 397 -4.97 -5.88 52.07
N GLY D 398 -3.74 -5.91 51.54
CA GLY D 398 -2.66 -6.65 52.17
C GLY D 398 -2.31 -7.99 51.53
N GLY D 399 -2.83 -8.30 50.34
CA GLY D 399 -2.50 -9.55 49.68
C GLY D 399 -1.22 -9.41 48.86
N ILE D 400 -0.95 -10.41 48.04
CA ILE D 400 0.26 -10.43 47.22
C ILE D 400 -0.06 -10.72 45.75
N ALA D 401 0.91 -10.41 44.87
CA ALA D 401 0.77 -10.69 43.44
C ALA D 401 2.08 -11.23 42.91
N ILE D 402 1.99 -12.39 42.27
CA ILE D 402 3.15 -13.08 41.76
C ILE D 402 3.17 -13.14 40.23
N ASP D 403 4.24 -12.67 39.62
CA ASP D 403 4.32 -12.73 38.16
C ASP D 403 4.48 -14.16 37.67
N ARG D 404 3.59 -14.60 36.76
CA ARG D 404 3.59 -15.94 36.20
C ARG D 404 3.57 -15.84 34.69
N THR D 405 4.08 -14.75 34.14
CA THR D 405 3.94 -14.49 32.71
C THR D 405 4.61 -15.51 31.83
N ASP D 406 5.74 -16.03 32.25
CA ASP D 406 6.48 -16.95 31.42
C ASP D 406 6.12 -18.41 31.66
N ASP D 407 5.14 -18.68 32.54
CA ASP D 407 4.74 -20.04 32.87
C ASP D 407 3.45 -20.48 32.21
N ILE D 408 2.87 -19.66 31.35
CA ILE D 408 1.58 -19.98 30.77
C ILE D 408 1.70 -20.80 29.49
N HIS D 409 0.92 -21.88 29.45
CA HIS D 409 0.90 -22.83 28.34
C HIS D 409 0.37 -22.20 27.02
N PRO D 410 0.96 -22.48 25.84
CA PRO D 410 0.57 -21.99 24.52
C PRO D 410 -0.90 -22.13 24.17
N GLU D 411 -1.57 -23.16 24.66
CA GLU D 411 -2.97 -23.31 24.36
C GLU D 411 -3.78 -22.34 25.17
N ASN D 412 -3.33 -22.05 26.40
CA ASN D 412 -4.04 -21.14 27.25
C ASN D 412 -3.83 -19.74 26.72
N ILE D 413 -2.69 -19.49 26.09
CA ILE D 413 -2.45 -18.17 25.52
C ILE D 413 -3.44 -17.95 24.39
N TRP D 414 -3.61 -18.95 23.54
CA TRP D 414 -4.55 -18.89 22.44
C TRP D 414 -5.98 -18.66 22.90
N LEU D 415 -6.41 -19.37 23.94
CA LEU D 415 -7.75 -19.18 24.43
C LEU D 415 -8.00 -17.77 24.97
N MET D 416 -7.05 -17.21 25.72
CA MET D 416 -7.24 -15.88 26.28
C MET D 416 -7.39 -14.80 25.22
N GLU D 417 -6.62 -14.91 24.16
CA GLU D 417 -6.70 -13.95 23.09
C GLU D 417 -8.05 -14.07 22.37
N ARG D 418 -8.55 -15.29 22.20
CA ARG D 418 -9.84 -15.51 21.56
C ARG D 418 -10.96 -14.90 22.41
N VAL D 419 -10.88 -14.99 23.74
CA VAL D 419 -11.91 -14.42 24.62
C VAL D 419 -12.02 -12.92 24.45
N ALA D 420 -10.89 -12.21 24.41
CA ALA D 420 -10.93 -10.76 24.25
C ALA D 420 -11.57 -10.34 22.93
N LYS D 421 -11.29 -11.11 21.86
CA LYS D 421 -11.83 -10.84 20.51
C LYS D 421 -13.33 -11.12 20.41
N VAL D 422 -13.81 -12.17 21.08
CA VAL D 422 -15.22 -12.53 21.11
C VAL D 422 -16.05 -11.45 21.80
N ILE D 423 -15.56 -10.92 22.92
CA ILE D 423 -16.26 -9.84 23.63
C ILE D 423 -15.97 -8.44 23.09
N GLY D 424 -15.11 -8.31 22.09
CA GLY D 424 -14.84 -7.00 21.55
C GLY D 424 -14.16 -5.86 22.27
N LEU D 425 -13.19 -6.20 23.12
CA LEU D 425 -12.47 -5.20 23.94
C LEU D 425 -11.00 -5.17 23.59
N ASP D 426 -10.42 -3.99 23.39
CA ASP D 426 -8.97 -3.94 23.20
C ASP D 426 -8.13 -4.18 24.44
N ILE D 427 -8.33 -3.38 25.48
CA ILE D 427 -7.57 -3.63 26.68
C ILE D 427 -8.49 -4.34 27.67
N ALA D 428 -8.11 -5.56 28.02
CA ALA D 428 -8.93 -6.39 28.86
C ALA D 428 -8.22 -7.17 29.93
N GLY D 429 -8.87 -7.29 31.07
CA GLY D 429 -8.41 -8.14 32.15
C GLY D 429 -9.27 -9.38 32.22
N ILE D 430 -8.67 -10.55 32.21
CA ILE D 430 -9.46 -11.77 32.27
C ILE D 430 -9.16 -12.51 33.58
N ASP D 431 -10.21 -12.82 34.33
CA ASP D 431 -10.10 -13.54 35.62
C ASP D 431 -10.32 -15.03 35.42
N VAL D 432 -9.28 -15.79 35.68
CA VAL D 432 -9.22 -17.24 35.49
C VAL D 432 -9.00 -18.02 36.77
N VAL D 433 -9.78 -19.07 36.98
CA VAL D 433 -9.57 -19.93 38.14
C VAL D 433 -9.03 -21.28 37.71
N THR D 434 -7.85 -21.58 38.19
CA THR D 434 -7.14 -22.81 37.85
C THR D 434 -6.12 -23.20 38.88
N SER D 435 -5.88 -24.49 39.00
CA SER D 435 -4.84 -24.97 39.88
C SER D 435 -3.45 -24.92 39.27
N ASP D 436 -3.37 -24.87 37.93
CA ASP D 436 -2.07 -24.88 37.28
C ASP D 436 -2.10 -24.17 35.92
N ILE D 437 -1.55 -22.97 35.85
CA ILE D 437 -1.58 -22.13 34.64
C ILE D 437 -0.68 -22.70 33.51
N SER D 438 0.17 -23.67 33.86
CA SER D 438 1.11 -24.27 32.95
C SER D 438 0.54 -25.49 32.22
N LYS D 439 -0.69 -25.86 32.53
CA LYS D 439 -1.38 -26.96 31.90
C LYS D 439 -2.62 -26.39 31.22
N PRO D 440 -3.19 -27.00 30.18
CA PRO D 440 -4.41 -26.58 29.53
C PRO D 440 -5.59 -26.52 30.52
N LEU D 441 -6.46 -25.53 30.36
CA LEU D 441 -7.60 -25.43 31.28
C LEU D 441 -8.52 -26.65 31.19
N ARG D 442 -8.58 -27.31 30.03
CA ARG D 442 -9.46 -28.48 29.92
C ARG D 442 -8.95 -29.68 30.73
N GLU D 443 -7.66 -29.69 31.10
CA GLU D 443 -7.08 -30.83 31.81
C GLU D 443 -7.12 -30.62 33.32
N THR D 444 -7.11 -29.36 33.72
CA THR D 444 -7.11 -28.99 35.13
C THR D 444 -8.51 -28.64 35.62
N ASN D 445 -9.48 -28.72 34.72
CA ASN D 445 -10.87 -28.32 34.96
C ASN D 445 -11.01 -26.87 35.40
N GLY D 446 -10.28 -25.97 34.74
CA GLY D 446 -10.34 -24.55 35.07
C GLY D 446 -11.46 -23.83 34.33
N VAL D 447 -11.81 -22.65 34.82
CA VAL D 447 -12.84 -21.81 34.20
C VAL D 447 -12.48 -20.35 34.08
N ILE D 448 -13.18 -19.67 33.18
CA ILE D 448 -13.06 -18.22 33.07
C ILE D 448 -14.23 -17.62 33.78
N VAL D 449 -13.93 -16.82 34.78
CA VAL D 449 -14.93 -16.28 35.66
C VAL D 449 -15.42 -14.90 35.25
N GLU D 450 -14.52 -14.03 34.85
CA GLU D 450 -14.92 -12.66 34.51
C GLU D 450 -14.07 -11.98 33.45
N VAL D 451 -14.68 -11.11 32.66
CA VAL D 451 -13.94 -10.28 31.73
C VAL D 451 -14.14 -8.82 32.11
N ASN D 452 -13.05 -8.11 32.37
CA ASN D 452 -13.09 -6.72 32.82
C ASN D 452 -12.56 -5.70 31.82
N ALA D 453 -13.42 -4.80 31.40
CA ALA D 453 -12.98 -3.77 30.49
C ALA D 453 -12.19 -2.77 31.29
N ALA D 454 -11.14 -2.21 30.70
CA ALA D 454 -10.36 -1.14 31.33
C ALA D 454 -9.80 -1.48 32.73
N PRO D 455 -8.98 -2.54 32.88
CA PRO D 455 -8.38 -3.06 34.11
C PRO D 455 -7.27 -2.15 34.63
N GLY D 456 -6.91 -2.26 35.91
CA GLY D 456 -5.78 -1.47 36.43
C GLY D 456 -4.43 -2.17 36.19
N PHE D 457 -3.33 -1.47 36.51
CA PHE D 457 -1.99 -2.05 36.27
C PHE D 457 -1.01 -2.30 37.44
N ARG D 458 -1.28 -1.80 38.64
CA ARG D 458 -0.31 -1.91 39.78
C ARG D 458 0.26 -3.32 39.93
N MET D 459 -0.55 -4.37 39.77
CA MET D 459 -0.15 -5.73 39.99
C MET D 459 0.81 -6.27 38.95
N HIS D 460 0.92 -5.58 37.81
CA HIS D 460 1.79 -6.01 36.74
C HIS D 460 3.04 -5.15 36.65
N VAL D 461 2.94 -3.89 37.10
CA VAL D 461 4.10 -3.00 37.03
C VAL D 461 4.83 -2.94 38.38
N ALA D 462 4.19 -3.40 39.45
CA ALA D 462 4.79 -3.45 40.77
C ALA D 462 4.35 -4.69 41.54
N PRO D 463 4.69 -5.91 41.07
CA PRO D 463 4.35 -7.18 41.65
C PRO D 463 5.15 -7.37 42.93
N SER D 464 4.69 -8.22 43.85
CA SER D 464 5.48 -8.46 45.04
C SER D 464 6.52 -9.54 44.84
N GLN D 465 6.27 -10.42 43.89
CA GLN D 465 7.25 -11.44 43.53
C GLN D 465 7.36 -11.48 42.02
N GLY D 466 8.56 -11.71 41.53
CA GLY D 466 8.78 -11.80 40.10
C GLY D 466 9.23 -10.46 39.55
N LEU D 467 9.33 -10.37 38.23
CA LEU D 467 9.89 -9.18 37.61
C LEU D 467 8.76 -8.24 37.13
N PRO D 468 8.86 -6.89 37.30
CA PRO D 468 7.95 -5.87 36.76
C PRO D 468 7.86 -5.85 35.24
N ARG D 469 6.68 -5.56 34.70
CA ARG D 469 6.53 -5.53 33.24
C ARG D 469 6.17 -4.16 32.70
N ASN D 470 6.71 -3.80 31.54
CA ASN D 470 6.34 -2.52 30.96
C ASN D 470 5.08 -2.66 30.16
N VAL D 471 3.98 -2.44 30.85
CA VAL D 471 2.63 -2.55 30.35
C VAL D 471 2.25 -1.45 29.38
N ALA D 472 2.71 -0.22 29.65
CA ALA D 472 2.41 0.92 28.78
C ALA D 472 2.96 0.81 27.38
N ALA D 473 4.12 0.21 27.21
CA ALA D 473 4.71 0.17 25.88
C ALA D 473 3.76 -0.46 24.83
N PRO D 474 3.10 -1.63 25.04
CA PRO D 474 2.10 -2.21 24.16
C PRO D 474 0.86 -1.36 23.94
N VAL D 475 0.59 -0.38 24.80
CA VAL D 475 -0.59 0.44 24.63
C VAL D 475 -0.23 1.53 23.64
N LEU D 476 0.90 2.17 23.84
CA LEU D 476 1.31 3.23 22.93
C LEU D 476 1.61 2.69 21.55
N ASP D 477 2.05 1.44 21.46
CA ASP D 477 2.28 0.84 20.16
C ASP D 477 0.99 0.64 19.36
N MET D 478 -0.19 0.52 20.00
CA MET D 478 -1.38 0.37 19.17
C MET D 478 -1.91 1.75 18.80
N LEU D 479 -1.72 2.73 19.69
CA LEU D 479 -2.20 4.08 19.45
C LEU D 479 -1.36 4.80 18.40
N PHE D 480 -0.06 4.58 18.43
CA PHE D 480 0.90 5.18 17.51
C PHE D 480 1.81 4.09 16.93
N PRO D 481 1.24 3.33 15.98
CA PRO D 481 1.89 2.19 15.34
C PRO D 481 3.31 2.41 14.80
N PRO D 482 4.19 1.41 14.77
CA PRO D 482 5.60 1.63 14.35
C PRO D 482 5.78 2.45 13.06
N GLY D 483 6.73 3.38 13.07
CA GLY D 483 6.97 4.28 11.93
C GLY D 483 5.89 5.21 11.45
N THR D 484 5.03 5.67 12.35
CA THR D 484 3.87 6.54 12.09
C THR D 484 4.10 7.74 13.00
N PRO D 485 3.65 8.95 12.67
CA PRO D 485 4.03 10.18 13.35
C PRO D 485 2.98 10.53 14.39
N SER D 486 3.37 11.29 15.41
CA SER D 486 2.46 11.79 16.42
C SER D 486 2.29 13.30 16.34
N ARG D 487 3.05 13.93 15.44
CA ARG D 487 3.09 15.37 15.27
C ARG D 487 2.85 15.82 13.85
N ILE D 488 2.40 17.05 13.70
CA ILE D 488 2.22 17.66 12.41
C ILE D 488 3.32 18.71 12.31
N PRO D 489 3.76 19.14 11.12
CA PRO D 489 4.74 20.19 10.95
C PRO D 489 4.34 21.51 11.54
N ILE D 490 5.29 22.15 12.21
CA ILE D 490 5.09 23.48 12.79
C ILE D 490 6.13 24.44 12.26
N LEU D 491 5.63 25.56 11.72
CA LEU D 491 6.47 26.61 11.19
C LEU D 491 6.21 27.86 12.01
N ALA D 492 7.21 28.26 12.79
CA ALA D 492 7.08 29.40 13.71
C ALA D 492 7.80 30.63 13.17
N VAL D 493 7.10 31.75 13.08
CA VAL D 493 7.68 32.97 12.52
C VAL D 493 7.77 34.10 13.52
N THR D 494 8.97 34.64 13.74
CA THR D 494 9.09 35.78 14.65
C THR D 494 9.99 36.88 14.08
N GLY D 495 10.14 37.97 14.82
CA GLY D 495 10.95 39.12 14.44
C GLY D 495 10.19 40.40 14.71
N THR D 496 10.88 41.54 14.75
CA THR D 496 10.19 42.79 15.04
C THR D 496 9.19 43.24 13.97
N ASN D 497 9.56 43.19 12.69
CA ASN D 497 8.66 43.61 11.61
C ASN D 497 8.48 42.55 10.53
N GLY D 498 7.28 42.46 9.95
CA GLY D 498 7.01 41.58 8.81
C GLY D 498 6.37 40.21 9.10
N LYS D 499 6.16 39.87 10.37
CA LYS D 499 5.57 38.58 10.74
C LYS D 499 4.23 38.24 10.12
N THR D 500 3.26 39.14 10.16
CA THR D 500 1.94 38.85 9.62
C THR D 500 1.96 38.60 8.12
N THR D 501 2.71 39.40 7.39
CA THR D 501 2.81 39.26 5.95
C THR D 501 3.47 37.94 5.57
N THR D 502 4.55 37.59 6.26
CA THR D 502 5.30 36.37 6.00
C THR D 502 4.44 35.15 6.30
N THR D 503 3.69 35.21 7.41
CA THR D 503 2.81 34.14 7.88
C THR D 503 1.70 33.86 6.87
N ARG D 504 1.05 34.90 6.34
CA ARG D 504 -0.01 34.69 5.36
C ARG D 504 0.51 34.13 4.04
N LEU D 505 1.68 34.57 3.59
CA LEU D 505 2.24 34.03 2.37
C LEU D 505 2.66 32.59 2.51
N LEU D 506 3.27 32.25 3.62
CA LEU D 506 3.74 30.90 3.83
C LEU D 506 2.55 29.95 3.92
N ALA D 507 1.47 30.34 4.61
CA ALA D 507 0.28 29.51 4.69
C ALA D 507 -0.34 29.30 3.30
N HIS D 508 -0.34 30.34 2.47
CA HIS D 508 -0.85 30.31 1.09
C HIS D 508 -0.07 29.33 0.23
N ILE D 509 1.26 29.28 0.38
CA ILE D 509 2.09 28.36 -0.39
C ILE D 509 1.78 26.90 -0.01
N TYR D 510 1.68 26.59 1.29
CA TYR D 510 1.40 25.21 1.71
C TYR D 510 0.05 24.75 1.26
N ARG D 511 -0.88 25.66 1.22
CA ARG D 511 -2.24 25.41 0.82
C ARG D 511 -2.35 24.94 -0.64
N GLN D 512 -1.32 25.19 -1.47
CA GLN D 512 -1.37 24.84 -2.88
C GLN D 512 -1.12 23.36 -3.06
N THR D 513 -0.80 22.66 -1.97
CA THR D 513 -0.57 21.22 -2.01
C THR D 513 -1.86 20.47 -1.68
N GLY D 514 -2.94 21.19 -1.33
CA GLY D 514 -4.22 20.57 -1.02
C GLY D 514 -4.44 20.13 0.43
N LYS D 515 -3.52 20.46 1.32
CA LYS D 515 -3.60 20.10 2.73
C LYS D 515 -4.38 21.10 3.55
N THR D 516 -4.85 20.66 4.73
CA THR D 516 -5.51 21.60 5.62
C THR D 516 -4.47 22.35 6.42
N VAL D 517 -4.51 23.65 6.25
CA VAL D 517 -3.53 24.52 6.86
C VAL D 517 -4.20 25.45 7.84
N GLY D 518 -3.71 25.43 9.06
CA GLY D 518 -4.23 26.30 10.07
C GLY D 518 -3.19 27.34 10.41
N TYR D 519 -3.62 28.54 10.74
CA TYR D 519 -2.66 29.54 11.14
C TYR D 519 -3.21 30.60 12.04
N THR D 520 -2.31 31.24 12.77
CA THR D 520 -2.73 32.32 13.65
C THR D 520 -1.96 33.58 13.35
N SER D 521 -2.66 34.70 13.48
CA SER D 521 -2.08 36.01 13.27
C SER D 521 -2.68 37.04 14.21
N THR D 522 -2.22 38.25 14.08
CA THR D 522 -2.78 39.36 14.86
C THR D 522 -4.16 39.81 14.38
N ASP D 523 -4.64 39.28 13.25
CA ASP D 523 -5.97 39.67 12.81
C ASP D 523 -7.04 38.63 13.18
N ALA D 524 -6.70 37.33 13.07
CA ALA D 524 -7.64 36.21 13.25
C ALA D 524 -6.97 34.83 13.29
N ILE D 525 -7.76 33.80 13.63
CA ILE D 525 -7.37 32.39 13.52
C ILE D 525 -8.12 31.79 12.36
N TYR D 526 -7.39 31.18 11.42
CA TYR D 526 -7.98 30.57 10.22
C TYR D 526 -7.66 29.13 9.98
N ILE D 527 -8.60 28.41 9.38
CA ILE D 527 -8.37 27.07 8.86
C ILE D 527 -8.86 27.01 7.42
N ASN D 528 -7.96 26.81 6.45
CA ASN D 528 -8.36 26.74 5.03
C ASN D 528 -9.26 27.86 4.57
N GLU D 529 -8.92 29.08 4.92
CA GLU D 529 -9.68 30.29 4.60
C GLU D 529 -11.02 30.49 5.32
N TYR D 530 -11.32 29.69 6.32
CA TYR D 530 -12.50 29.95 7.14
C TYR D 530 -12.02 30.60 8.41
N CYS D 531 -12.72 31.61 8.86
CA CYS D 531 -12.28 32.26 10.08
C CYS D 531 -12.90 31.60 11.29
N VAL D 532 -12.07 31.19 12.23
CA VAL D 532 -12.50 30.53 13.44
C VAL D 532 -12.74 31.58 14.52
N GLU D 533 -11.78 32.48 14.71
CA GLU D 533 -11.87 33.56 15.71
C GLU D 533 -11.29 34.85 15.16
N LYS D 534 -11.77 36.01 15.60
CA LYS D 534 -11.18 37.30 15.19
C LYS D 534 -10.52 38.03 16.34
N GLY D 535 -9.57 38.92 16.02
CA GLY D 535 -8.88 39.72 17.03
C GLY D 535 -7.42 39.31 17.11
N ASP D 536 -6.69 39.86 18.07
CA ASP D 536 -5.27 39.54 18.16
C ASP D 536 -5.16 38.16 18.72
N ASN D 537 -4.78 37.24 17.86
CA ASN D 537 -4.73 35.87 18.21
C ASN D 537 -3.35 35.32 18.29
N THR D 538 -2.38 36.17 18.53
CA THR D 538 -1.06 35.64 18.74
C THR D 538 -0.98 35.17 20.18
N GLY D 539 0.04 34.39 20.51
CA GLY D 539 0.22 33.90 21.87
C GLY D 539 -0.18 32.42 21.97
N PRO D 540 0.24 31.74 23.05
CA PRO D 540 0.08 30.34 23.33
C PRO D 540 -1.36 29.83 23.48
N GLN D 541 -2.29 30.72 23.77
CA GLN D 541 -3.66 30.29 23.89
C GLN D 541 -4.27 30.02 22.53
N SER D 542 -3.78 30.70 21.49
CA SER D 542 -4.32 30.51 20.16
C SER D 542 -3.61 29.38 19.47
N ALA D 543 -2.33 29.23 19.77
CA ALA D 543 -1.56 28.16 19.18
C ALA D 543 -2.19 26.83 19.56
N GLY D 544 -2.72 26.76 20.78
CA GLY D 544 -3.38 25.57 21.28
C GLY D 544 -4.70 25.25 20.60
N VAL D 545 -5.34 26.22 19.95
CA VAL D 545 -6.58 25.97 19.25
C VAL D 545 -6.27 25.21 18.00
N ILE D 546 -5.23 25.65 17.30
CA ILE D 546 -4.80 24.97 16.08
C ILE D 546 -4.23 23.58 16.38
N LEU D 547 -3.37 23.45 17.40
CA LEU D 547 -2.76 22.16 17.68
C LEU D 547 -3.75 21.11 18.18
N ARG D 548 -4.81 21.51 18.85
CA ARG D 548 -5.81 20.56 19.30
C ARG D 548 -6.85 20.22 18.23
N ASP D 549 -6.84 20.89 17.09
CA ASP D 549 -7.84 20.71 16.05
C ASP D 549 -7.63 19.44 15.23
N PRO D 550 -8.56 18.47 15.23
CA PRO D 550 -8.48 17.16 14.62
C PRO D 550 -8.35 17.15 13.10
N THR D 551 -8.54 18.29 12.45
CA THR D 551 -8.45 18.34 11.00
C THR D 551 -7.14 18.94 10.46
N VAL D 552 -6.34 19.59 11.31
CA VAL D 552 -5.18 20.32 10.80
C VAL D 552 -3.95 19.47 10.51
N GLU D 553 -3.40 19.65 9.30
CA GLU D 553 -2.24 18.92 8.84
C GLU D 553 -0.94 19.74 8.91
N VAL D 554 -1.04 21.06 8.73
CA VAL D 554 0.11 21.98 8.81
C VAL D 554 -0.21 23.17 9.70
N ALA D 555 0.68 23.55 10.62
CA ALA D 555 0.44 24.74 11.45
C ALA D 555 1.47 25.84 11.20
N VAL D 556 1.00 27.04 10.88
CA VAL D 556 1.90 28.19 10.66
C VAL D 556 1.54 29.26 11.72
N LEU D 557 2.46 29.58 12.61
CA LEU D 557 2.10 30.46 13.74
C LEU D 557 2.94 31.75 13.87
N GLU D 558 2.33 32.96 13.81
CA GLU D 558 3.21 34.13 14.03
C GLU D 558 3.41 34.21 15.54
N THR D 559 4.64 34.45 15.99
CA THR D 559 4.95 34.52 17.42
C THR D 559 5.48 35.87 17.87
N ALA D 560 4.79 36.44 18.84
CA ALA D 560 5.10 37.72 19.40
C ALA D 560 5.81 37.61 20.75
N ARG D 561 6.58 38.66 21.09
CA ARG D 561 7.28 38.75 22.36
C ARG D 561 6.36 38.81 23.56
N GLY D 562 5.15 39.36 23.41
CA GLY D 562 4.27 39.45 24.56
C GLY D 562 3.92 38.06 25.05
N GLY D 563 3.66 37.15 24.11
CA GLY D 563 3.31 35.80 24.45
C GLY D 563 4.46 35.09 25.11
N ILE D 564 5.66 35.26 24.59
CA ILE D 564 6.80 34.55 25.17
C ILE D 564 7.08 35.04 26.58
N LEU D 565 7.12 36.34 26.77
CA LEU D 565 7.43 36.90 28.06
C LEU D 565 6.36 36.65 29.12
N ARG D 566 5.11 36.61 28.72
CA ARG D 566 4.03 36.38 29.65
C ARG D 566 3.80 34.92 30.01
N ALA D 567 3.90 33.98 29.05
CA ALA D 567 3.60 32.60 29.39
C ALA D 567 4.45 31.49 28.74
N GLY D 568 5.52 31.80 27.98
CA GLY D 568 6.31 30.77 27.28
C GLY D 568 5.70 30.32 25.94
N LEU D 569 6.38 29.45 25.21
CA LEU D 569 5.83 28.93 23.94
C LEU D 569 4.86 27.77 24.16
N ALA D 570 3.84 27.65 23.30
CA ALA D 570 2.87 26.55 23.40
C ALA D 570 3.27 25.19 22.86
N PHE D 571 4.30 25.12 22.03
CA PHE D 571 4.61 23.86 21.37
C PHE D 571 5.89 23.09 21.71
N ASP D 572 6.76 23.60 22.57
CA ASP D 572 8.05 22.95 22.92
C ASP D 572 9.11 22.85 21.82
N SER D 573 8.76 22.30 20.66
CA SER D 573 9.71 22.22 19.54
C SER D 573 9.01 22.38 18.21
N CYS D 574 9.78 22.75 17.19
CA CYS D 574 9.24 22.94 15.84
C CYS D 574 10.20 22.54 14.75
N ASP D 575 9.70 22.51 13.50
CA ASP D 575 10.49 22.07 12.35
C ASP D 575 11.22 23.20 11.68
N VAL D 576 10.56 24.35 11.58
CA VAL D 576 11.19 25.50 10.99
C VAL D 576 11.00 26.68 11.91
N GLY D 577 12.09 27.37 12.18
CA GLY D 577 12.03 28.59 12.98
C GLY D 577 12.56 29.73 12.17
N VAL D 578 11.74 30.74 11.92
CA VAL D 578 12.15 31.87 11.09
C VAL D 578 12.30 33.15 11.91
N VAL D 579 13.48 33.76 11.87
CA VAL D 579 13.68 35.03 12.58
C VAL D 579 13.96 36.09 11.52
N LEU D 580 13.09 37.07 11.42
CA LEU D 580 13.20 38.03 10.34
C LEU D 580 14.08 39.25 10.59
N ASN D 581 14.12 39.77 11.81
CA ASN D 581 14.86 40.99 12.15
C ASN D 581 14.76 41.35 13.62
N VAL D 582 15.78 42.02 14.15
CA VAL D 582 15.69 42.57 15.51
C VAL D 582 15.80 44.09 15.44
N ALA D 583 14.84 44.80 16.03
CA ALA D 583 14.87 46.26 15.97
C ALA D 583 14.37 46.83 17.28
N ALA D 584 14.69 48.10 17.53
CA ALA D 584 14.38 48.74 18.81
C ALA D 584 12.94 49.18 18.97
N ASP D 585 12.08 48.20 19.04
CA ASP D 585 10.66 48.38 19.30
C ASP D 585 10.38 47.81 20.66
N HIS D 586 9.32 48.28 21.29
CA HIS D 586 8.89 47.77 22.59
C HIS D 586 9.97 47.78 23.66
N LEU D 587 10.86 48.77 23.64
CA LEU D 587 11.86 48.75 24.67
C LEU D 587 11.31 49.45 25.86
N GLY D 588 11.67 48.91 27.02
CA GLY D 588 11.24 49.39 28.31
C GLY D 588 10.07 48.57 28.83
N LEU D 589 9.47 47.75 27.96
CA LEU D 589 8.32 46.96 28.38
C LEU D 589 8.75 45.55 28.73
N GLY D 590 8.11 44.95 29.72
CA GLY D 590 8.40 43.55 30.03
C GLY D 590 9.78 43.36 30.61
N ASP D 591 10.31 44.40 31.24
CA ASP D 591 11.65 44.42 31.80
C ASP D 591 12.78 44.32 30.76
N ILE D 592 12.48 44.57 29.48
CA ILE D 592 13.52 44.59 28.46
C ILE D 592 13.80 45.98 27.96
N ASP D 593 14.96 46.50 28.34
CA ASP D 593 15.38 47.84 28.04
C ASP D 593 16.34 47.97 26.86
N THR D 594 17.11 46.92 26.58
CA THR D 594 18.13 47.05 25.55
C THR D 594 17.86 46.17 24.34
N ILE D 595 18.61 46.43 23.27
CA ILE D 595 18.47 45.68 22.04
C ILE D 595 19.08 44.28 22.21
N GLU D 596 20.15 44.17 23.01
CA GLU D 596 20.79 42.90 23.27
C GLU D 596 19.84 41.97 24.01
N GLN D 597 19.01 42.54 24.90
CA GLN D 597 18.02 41.74 25.61
C GLN D 597 16.89 41.34 24.65
N MET D 598 16.49 42.24 23.74
CA MET D 598 15.42 41.91 22.81
C MET D 598 15.83 40.76 21.92
N ALA D 599 17.10 40.71 21.57
CA ALA D 599 17.62 39.64 20.76
C ALA D 599 17.52 38.29 21.47
N LYS D 600 17.56 38.26 22.82
CA LYS D 600 17.49 37.02 23.60
C LYS D 600 16.08 36.49 23.63
N VAL D 601 15.11 37.39 23.46
CA VAL D 601 13.74 36.96 23.39
C VAL D 601 13.50 36.33 22.03
N LYS D 602 13.99 36.98 20.96
CA LYS D 602 13.72 36.46 19.62
C LYS D 602 14.43 35.15 19.37
N SER D 603 15.60 34.96 19.98
CA SER D 603 16.39 33.75 19.81
C SER D 603 15.71 32.52 20.40
N VAL D 604 14.65 32.68 21.18
CA VAL D 604 13.95 31.55 21.76
C VAL D 604 13.44 30.67 20.65
N ILE D 605 12.95 31.24 19.54
CA ILE D 605 12.47 30.40 18.45
C ILE D 605 13.58 29.60 17.80
N ALA D 606 14.70 30.22 17.54
CA ALA D 606 15.81 29.53 16.90
C ALA D 606 16.31 28.36 17.75
N GLU D 607 16.28 28.52 19.07
CA GLU D 607 16.77 27.51 19.99
C GLU D 607 15.80 26.36 20.29
N VAL D 608 14.58 26.39 19.75
CA VAL D 608 13.66 25.29 19.98
C VAL D 608 13.44 24.50 18.71
N VAL D 609 14.22 24.77 17.68
CA VAL D 609 14.04 24.01 16.47
C VAL D 609 14.70 22.66 16.66
N ASP D 610 13.99 21.59 16.33
CA ASP D 610 14.46 20.23 16.43
C ASP D 610 15.75 20.06 15.64
N PRO D 611 16.78 19.31 16.08
CA PRO D 611 18.03 19.10 15.38
C PRO D 611 17.88 18.63 13.92
N SER D 612 16.77 17.97 13.59
CA SER D 612 16.55 17.50 12.22
C SER D 612 15.96 18.60 11.32
N GLY D 613 15.59 19.73 11.91
CA GLY D 613 14.97 20.86 11.22
C GLY D 613 15.93 21.99 10.92
N TYR D 614 15.36 23.15 10.60
CA TYR D 614 16.10 24.34 10.21
C TYR D 614 15.72 25.63 10.87
N ALA D 615 16.72 26.48 11.04
CA ALA D 615 16.54 27.84 11.45
C ALA D 615 16.78 28.70 10.22
N VAL D 616 15.91 29.66 9.98
CA VAL D 616 16.06 30.56 8.86
C VAL D 616 16.40 31.95 9.37
N LEU D 617 17.63 32.38 9.06
CA LEU D 617 18.14 33.63 9.58
C LEU D 617 18.40 34.67 8.50
N ASN D 618 18.29 35.92 8.88
CA ASN D 618 18.56 37.06 8.03
C ASN D 618 20.04 37.41 8.07
N ALA D 619 20.78 37.18 6.98
CA ALA D 619 22.23 37.38 6.97
C ALA D 619 22.62 38.84 6.87
N ASP D 620 21.65 39.70 6.63
CA ASP D 620 21.89 41.13 6.53
C ASP D 620 21.65 41.82 7.87
N ASP D 621 21.33 41.04 8.90
CA ASP D 621 21.04 41.54 10.25
C ASP D 621 22.05 40.98 11.26
N PRO D 622 22.98 41.79 11.80
CA PRO D 622 24.08 41.36 12.67
C PRO D 622 23.65 40.76 14.01
N LEU D 623 22.42 41.01 14.49
CA LEU D 623 22.03 40.39 15.74
C LEU D 623 21.43 39.04 15.44
N VAL D 624 20.77 38.95 14.29
CA VAL D 624 20.11 37.71 13.90
C VAL D 624 21.11 36.69 13.38
N ALA D 625 22.06 37.10 12.53
CA ALA D 625 23.02 36.16 11.98
C ALA D 625 23.82 35.47 13.09
N ALA D 626 24.08 36.21 14.16
CA ALA D 626 24.83 35.78 15.34
C ALA D 626 24.14 34.67 16.13
N MET D 627 22.85 34.47 15.90
CA MET D 627 22.08 33.46 16.61
C MET D 627 22.47 32.08 16.10
N ALA D 628 23.15 32.04 14.96
CA ALA D 628 23.54 30.80 14.33
C ALA D 628 24.45 29.99 15.21
N ASP D 629 25.12 30.63 16.16
CA ASP D 629 26.07 29.94 17.02
C ASP D 629 25.41 29.36 18.27
N LYS D 630 24.10 29.56 18.42
CA LYS D 630 23.34 29.02 19.54
C LYS D 630 22.47 27.86 19.06
N VAL D 631 22.13 27.88 17.78
CA VAL D 631 21.25 26.91 17.15
C VAL D 631 21.85 25.51 17.03
N LYS D 632 21.07 24.51 17.45
CA LYS D 632 21.40 23.07 17.40
C LYS D 632 20.92 22.42 16.10
N ALA D 633 20.08 23.15 15.40
CA ALA D 633 19.43 22.81 14.15
C ALA D 633 20.30 23.25 12.98
N LYS D 634 19.90 22.92 11.77
CA LYS D 634 20.63 23.35 10.61
C LYS D 634 20.31 24.81 10.35
N VAL D 635 21.20 25.53 9.72
CA VAL D 635 20.93 26.94 9.45
C VAL D 635 20.91 27.26 7.97
N ALA D 636 19.87 27.98 7.56
CA ALA D 636 19.70 28.48 6.20
C ALA D 636 19.68 30.00 6.28
N TYR D 637 20.17 30.69 5.26
CA TYR D 637 20.17 32.15 5.29
C TYR D 637 19.51 32.84 4.13
N PHE D 638 19.00 34.03 4.36
CA PHE D 638 18.51 34.80 3.25
C PHE D 638 19.12 36.20 3.26
N SER D 639 19.22 36.82 2.09
CA SER D 639 19.73 38.19 1.97
C SER D 639 19.28 38.93 0.72
N MET D 640 19.43 40.25 0.75
CA MET D 640 19.11 41.13 -0.38
C MET D 640 20.31 41.52 -1.21
N ASN D 641 21.44 40.91 -0.89
CA ASN D 641 22.70 41.19 -1.53
C ASN D 641 23.53 39.91 -1.64
N PRO D 642 23.66 39.28 -2.82
CA PRO D 642 24.42 38.07 -3.02
C PRO D 642 25.86 38.20 -2.53
N ASP D 643 26.41 39.41 -2.56
CA ASP D 643 27.78 39.63 -2.11
C ASP D 643 27.80 39.95 -0.63
N ASN D 644 27.50 38.92 0.13
CA ASN D 644 27.44 38.93 1.57
C ASN D 644 28.34 37.79 2.00
N PRO D 645 29.50 38.06 2.64
CA PRO D 645 30.48 37.08 3.05
C PRO D 645 29.89 35.89 3.80
N ILE D 646 28.79 36.09 4.54
CA ILE D 646 28.18 34.98 5.27
C ILE D 646 27.61 33.99 4.30
N ILE D 647 26.95 34.50 3.27
CA ILE D 647 26.27 33.69 2.29
C ILE D 647 27.29 32.94 1.50
N GLN D 648 28.37 33.63 1.14
CA GLN D 648 29.38 32.99 0.33
C GLN D 648 30.10 31.90 1.10
N ALA D 649 30.44 32.15 2.36
CA ALA D 649 31.10 31.12 3.14
C ALA D 649 30.22 29.91 3.32
N HIS D 650 28.93 30.15 3.48
CA HIS D 650 27.92 29.14 3.71
C HIS D 650 27.67 28.25 2.49
N VAL D 651 27.47 28.84 1.30
CA VAL D 651 27.19 27.99 0.14
C VAL D 651 28.44 27.21 -0.27
N ARG D 652 29.63 27.71 0.03
CA ARG D 652 30.89 27.01 -0.25
C ARG D 652 31.06 25.73 0.57
N ARG D 653 30.24 25.56 1.60
CA ARG D 653 30.23 24.38 2.46
C ARG D 653 28.95 23.58 2.20
N ASN D 654 28.33 23.86 1.05
CA ASN D 654 27.08 23.31 0.57
C ASN D 654 25.84 23.59 1.40
N GLY D 655 25.73 24.79 1.96
CA GLY D 655 24.54 25.18 2.66
C GLY D 655 23.53 25.71 1.66
N ILE D 656 22.41 26.19 2.19
CA ILE D 656 21.29 26.70 1.41
C ILE D 656 21.04 28.16 1.73
N ALA D 657 20.83 28.96 0.70
CA ALA D 657 20.54 30.35 0.92
C ALA D 657 19.57 30.89 -0.11
N ALA D 658 18.85 31.92 0.25
CA ALA D 658 17.96 32.57 -0.70
C ALA D 658 18.39 34.00 -0.89
N VAL D 659 18.61 34.38 -2.14
CA VAL D 659 19.06 35.73 -2.40
C VAL D 659 18.25 36.41 -3.48
N TYR D 660 18.31 37.72 -3.46
CA TYR D 660 17.75 38.49 -4.55
C TYR D 660 18.86 38.88 -5.52
N GLU D 661 18.76 38.41 -6.77
CA GLU D 661 19.80 38.69 -7.76
C GLU D 661 19.24 38.83 -9.17
N SER D 662 19.78 39.76 -9.95
CA SER D 662 19.40 39.96 -11.35
C SER D 662 17.90 40.09 -11.59
N GLY D 663 17.16 40.66 -10.63
CA GLY D 663 15.72 40.82 -10.75
C GLY D 663 14.92 39.58 -10.31
N TYR D 664 15.62 38.52 -9.92
CA TYR D 664 15.01 37.27 -9.52
C TYR D 664 15.17 36.88 -8.08
N LEU D 665 14.19 36.17 -7.60
CA LEU D 665 14.28 35.58 -6.29
C LEU D 665 14.72 34.17 -6.56
N SER D 666 15.88 33.80 -6.02
CA SER D 666 16.46 32.49 -6.30
C SER D 666 17.06 31.81 -5.09
N ILE D 667 17.16 30.49 -5.19
CA ILE D 667 17.72 29.65 -4.17
C ILE D 667 19.06 29.07 -4.56
N LEU D 668 20.02 29.26 -3.69
CA LEU D 668 21.36 28.78 -3.89
C LEU D 668 21.54 27.52 -3.10
N GLU D 669 21.74 26.42 -3.79
CA GLU D 669 21.89 25.15 -3.12
C GLU D 669 23.24 24.60 -3.50
N GLY D 670 24.22 24.84 -2.66
CA GLY D 670 25.57 24.52 -3.05
C GLY D 670 25.94 25.32 -4.29
N SER D 671 26.44 24.64 -5.32
CA SER D 671 26.86 25.28 -6.57
C SER D 671 25.74 25.58 -7.56
N TRP D 672 24.54 25.08 -7.33
CA TRP D 672 23.46 25.24 -8.27
C TRP D 672 22.51 26.38 -7.91
N THR D 673 22.01 27.08 -8.92
CA THR D 673 21.06 28.15 -8.68
C THR D 673 19.69 27.82 -9.21
N LEU D 674 18.68 27.99 -8.38
CA LEU D 674 17.30 27.73 -8.76
C LEU D 674 16.52 29.03 -8.79
N ARG D 675 16.07 29.46 -9.95
CA ARG D 675 15.32 30.70 -9.98
C ARG D 675 13.85 30.41 -9.76
N VAL D 676 13.21 31.14 -8.86
CA VAL D 676 11.82 30.90 -8.60
C VAL D 676 10.99 31.81 -9.46
N GLU D 677 11.16 33.12 -9.31
CA GLU D 677 10.39 34.06 -10.13
C GLU D 677 11.04 35.45 -10.16
N GLN D 678 10.48 36.36 -10.94
CA GLN D 678 10.93 37.75 -11.01
C GLN D 678 10.23 38.59 -9.98
N ALA D 679 10.93 39.51 -9.35
CA ALA D 679 10.27 40.32 -8.33
C ALA D 679 9.09 41.11 -8.87
N LYS D 680 9.19 41.60 -10.09
CA LYS D 680 8.15 42.43 -10.67
C LYS D 680 6.88 41.66 -10.98
N LEU D 681 6.96 40.35 -11.02
CA LEU D 681 5.80 39.54 -11.35
C LEU D 681 5.14 38.93 -10.12
N ILE D 682 5.59 39.32 -8.93
CA ILE D 682 4.99 38.81 -7.70
C ILE D 682 4.20 39.95 -7.07
N PRO D 683 2.84 39.94 -7.11
CA PRO D 683 1.92 41.01 -6.73
C PRO D 683 2.08 41.64 -5.35
N MET D 684 2.64 40.93 -4.37
CA MET D 684 2.78 41.54 -3.04
C MET D 684 3.83 42.64 -3.06
N THR D 685 4.73 42.59 -4.03
CA THR D 685 5.79 43.57 -4.12
C THR D 685 5.32 44.56 -5.14
N MET D 686 5.35 45.83 -4.80
CA MET D 686 4.83 46.85 -5.70
C MET D 686 5.67 47.07 -6.95
N GLY D 687 5.68 46.09 -7.86
CA GLY D 687 6.42 46.17 -9.10
C GLY D 687 7.92 46.08 -8.90
N GLY D 688 8.33 45.46 -7.80
CA GLY D 688 9.75 45.39 -7.47
C GLY D 688 10.25 46.62 -6.67
N MET D 689 9.36 47.57 -6.35
CA MET D 689 9.73 48.81 -5.65
C MET D 689 9.67 48.81 -4.13
N ALA D 690 9.41 47.67 -3.51
CA ALA D 690 9.29 47.58 -2.05
C ALA D 690 10.22 46.51 -1.48
N PRO D 691 11.52 46.83 -1.24
CA PRO D 691 12.58 45.92 -0.79
C PRO D 691 12.23 45.10 0.43
N PHE D 692 11.41 45.66 1.32
CA PHE D 692 10.99 44.97 2.51
C PHE D 692 9.97 43.88 2.21
N MET D 693 9.25 43.99 1.09
CA MET D 693 8.30 42.97 0.70
C MET D 693 9.06 41.85 0.02
N ILE D 694 10.16 42.21 -0.64
CA ILE D 694 10.98 41.22 -1.32
C ILE D 694 11.63 40.36 -0.26
N ALA D 695 12.16 40.98 0.79
CA ALA D 695 12.78 40.24 1.87
C ALA D 695 11.79 39.30 2.57
N ASN D 696 10.53 39.73 2.74
CA ASN D 696 9.54 38.87 3.38
C ASN D 696 9.24 37.66 2.47
N ALA D 697 9.19 37.90 1.16
CA ALA D 697 8.97 36.83 0.19
C ALA D 697 10.14 35.84 0.16
N LEU D 698 11.38 36.31 0.32
CA LEU D 698 12.51 35.40 0.33
C LEU D 698 12.45 34.48 1.52
N ALA D 699 12.09 35.02 2.69
CA ALA D 699 12.00 34.20 3.89
C ALA D 699 10.94 33.11 3.78
N ALA D 700 9.77 33.43 3.18
CA ALA D 700 8.71 32.45 3.01
C ALA D 700 9.09 31.37 2.01
N CYS D 701 9.78 31.75 0.93
CA CYS D 701 10.18 30.80 -0.08
C CYS D 701 11.22 29.84 0.45
N LEU D 702 12.16 30.35 1.23
CA LEU D 702 13.21 29.52 1.77
C LEU D 702 12.65 28.57 2.81
N ALA D 703 11.73 29.01 3.67
CA ALA D 703 11.14 28.11 4.66
C ALA D 703 10.37 26.96 3.99
N ALA D 704 9.64 27.27 2.90
CA ALA D 704 8.90 26.27 2.17
C ALA D 704 9.82 25.24 1.51
N PHE D 705 10.94 25.73 0.98
CA PHE D 705 11.94 24.90 0.32
C PHE D 705 12.66 23.95 1.27
N VAL D 706 13.15 24.47 2.40
CA VAL D 706 13.92 23.61 3.31
C VAL D 706 13.04 22.59 3.99
N ASN D 707 11.72 22.82 4.04
CA ASN D 707 10.82 21.86 4.61
C ASN D 707 10.26 20.88 3.58
N GLY D 708 10.83 20.85 2.37
CA GLY D 708 10.44 19.88 1.36
C GLY D 708 9.47 20.23 0.24
N LEU D 709 9.03 21.48 0.07
CA LEU D 709 8.12 21.69 -1.05
C LEU D 709 8.91 21.90 -2.34
N ASP D 710 8.31 21.51 -3.45
CA ASP D 710 8.91 21.69 -4.76
C ASP D 710 8.86 23.15 -5.20
N VAL D 711 9.74 23.51 -6.10
CA VAL D 711 9.84 24.87 -6.61
C VAL D 711 8.62 25.26 -7.39
N GLU D 712 8.03 24.35 -8.14
CA GLU D 712 6.86 24.70 -8.93
C GLU D 712 5.70 25.10 -8.01
N VAL D 713 5.58 24.44 -6.86
CA VAL D 713 4.53 24.74 -5.89
C VAL D 713 4.78 26.14 -5.33
N ILE D 714 6.03 26.43 -5.03
CA ILE D 714 6.41 27.72 -4.49
C ILE D 714 6.07 28.82 -5.51
N ARG D 715 6.38 28.59 -6.81
CA ARG D 715 6.05 29.58 -7.85
C ARG D 715 4.57 29.85 -7.95
N GLN D 716 3.77 28.80 -7.91
CA GLN D 716 2.34 28.97 -7.99
C GLN D 716 1.83 29.81 -6.83
N GLY D 717 2.35 29.53 -5.63
CA GLY D 717 1.97 30.26 -4.44
C GLY D 717 2.34 31.74 -4.49
N VAL D 718 3.55 32.09 -4.91
CA VAL D 718 3.87 33.51 -4.88
C VAL D 718 3.09 34.29 -5.94
N ARG D 719 2.85 33.68 -7.11
CA ARG D 719 2.13 34.33 -8.19
C ARG D 719 0.68 34.65 -7.93
N THR D 720 -0.01 33.87 -7.10
CA THR D 720 -1.42 34.09 -6.86
C THR D 720 -1.74 34.73 -5.52
N PHE D 721 -0.73 35.12 -4.76
CA PHE D 721 -0.96 35.68 -3.45
C PHE D 721 -1.31 37.15 -3.52
N THR D 722 -2.34 37.57 -2.79
CA THR D 722 -2.69 38.98 -2.78
C THR D 722 -2.76 39.57 -1.39
N THR D 723 -2.50 40.87 -1.34
CA THR D 723 -2.57 41.70 -0.14
C THR D 723 -3.35 42.96 -0.49
N SER D 724 -4.62 42.82 -0.86
CA SER D 724 -5.40 43.96 -1.33
C SER D 724 -5.94 44.77 -0.17
N ALA D 725 -6.49 45.94 -0.49
CA ALA D 725 -7.16 46.67 0.55
C ALA D 725 -8.29 45.75 1.00
N GLU D 726 -8.61 45.84 2.28
CA GLU D 726 -9.62 45.05 2.97
C GLU D 726 -9.22 43.56 3.15
N GLN D 727 -7.99 43.18 2.76
CA GLN D 727 -7.44 41.87 3.08
C GLN D 727 -6.35 42.13 4.10
N THR D 728 -5.56 43.16 3.81
CA THR D 728 -4.48 43.59 4.68
C THR D 728 -4.58 45.11 4.85
N PRO D 729 -5.64 45.64 5.49
CA PRO D 729 -5.86 47.06 5.61
C PRO D 729 -4.75 47.64 6.45
N GLY D 730 -4.24 48.78 6.05
CA GLY D 730 -3.21 49.48 6.79
C GLY D 730 -1.81 49.02 6.47
N ARG D 731 -1.67 48.05 5.57
CA ARG D 731 -0.34 47.55 5.23
C ARG D 731 -0.07 47.74 3.74
N MET D 732 0.60 48.85 3.37
CA MET D 732 0.82 49.20 1.97
C MET D 732 -0.41 49.19 1.07
N ASN D 733 -1.46 49.95 1.41
CA ASN D 733 -2.64 49.96 0.55
C ASN D 733 -2.48 51.09 -0.45
N LEU D 734 -2.17 50.75 -1.69
CA LEU D 734 -1.92 51.79 -2.69
C LEU D 734 -3.12 51.92 -3.64
N PHE D 735 -3.75 53.09 -3.58
CA PHE D 735 -4.98 53.41 -4.29
C PHE D 735 -4.77 54.23 -5.55
N ASN D 736 -5.50 53.90 -6.60
CA ASN D 736 -5.52 54.58 -7.91
C ASN D 736 -6.72 55.54 -8.02
N LEU D 737 -6.47 56.85 -8.06
CA LEU D 737 -7.56 57.84 -8.10
C LEU D 737 -7.44 58.80 -9.27
N GLY D 738 -7.80 58.36 -10.46
CA GLY D 738 -7.61 59.16 -11.66
C GLY D 738 -6.12 59.39 -11.86
N GLN D 739 -5.72 60.61 -12.15
CA GLN D 739 -4.29 60.87 -12.36
C GLN D 739 -3.64 61.18 -11.03
N HIS D 740 -3.63 60.21 -10.13
CA HIS D 740 -3.14 60.36 -8.75
C HIS D 740 -3.08 59.04 -7.98
N HIS D 741 -2.11 58.90 -7.07
CA HIS D 741 -2.07 57.71 -6.22
C HIS D 741 -2.04 58.07 -4.74
N ALA D 742 -2.60 57.22 -3.88
CA ALA D 742 -2.52 57.47 -2.45
C ALA D 742 -2.14 56.19 -1.70
N LEU D 743 -1.29 56.31 -0.69
CA LEU D 743 -0.82 55.15 0.04
C LEU D 743 -1.16 55.18 1.53
N VAL D 744 -1.85 54.15 1.99
CA VAL D 744 -2.16 54.08 3.42
C VAL D 744 -1.37 52.99 4.08
N ASP D 745 -0.67 53.36 5.15
CA ASP D 745 0.10 52.39 5.88
C ASP D 745 -0.05 52.69 7.36
N TYR D 746 0.60 51.92 8.21
CA TYR D 746 0.45 52.13 9.64
C TYR D 746 1.77 51.81 10.28
N ALA D 747 2.78 52.60 9.94
CA ALA D 747 4.11 52.34 10.45
C ALA D 747 4.03 52.47 11.95
N HIS D 748 4.69 51.56 12.64
CA HIS D 748 4.69 51.54 14.08
C HIS D 748 6.01 51.98 14.67
N ASN D 749 7.04 51.17 14.53
CA ASN D 749 8.36 51.55 15.01
C ASN D 749 9.06 52.22 13.82
N PRO D 750 10.16 52.96 14.04
CA PRO D 750 10.92 53.67 13.01
C PRO D 750 11.33 52.85 11.81
N ALA D 751 11.51 51.52 11.93
CA ALA D 751 11.93 50.79 10.75
C ALA D 751 10.84 50.82 9.68
N GLY D 752 9.57 50.93 10.10
CA GLY D 752 8.48 50.93 9.14
C GLY D 752 8.33 52.27 8.46
N TYR D 753 8.93 53.32 9.03
CA TYR D 753 8.83 54.63 8.44
C TYR D 753 9.90 54.68 7.37
N ARG D 754 11.04 54.04 7.68
CA ARG D 754 12.11 53.96 6.71
C ARG D 754 11.69 53.03 5.55
N ALA D 755 11.03 51.90 5.85
CA ALA D 755 10.60 50.98 4.81
C ALA D 755 9.65 51.66 3.83
N VAL D 756 8.71 52.47 4.33
CA VAL D 756 7.84 53.20 3.44
C VAL D 756 8.62 54.25 2.69
N GLY D 757 9.55 54.95 3.37
CA GLY D 757 10.34 55.97 2.71
C GLY D 757 11.10 55.40 1.51
N ASP D 758 11.60 54.15 1.58
CA ASP D 758 12.30 53.59 0.43
C ASP D 758 11.33 53.35 -0.72
N PHE D 759 10.11 52.90 -0.41
CA PHE D 759 9.10 52.77 -1.47
C PHE D 759 8.92 54.10 -2.18
N VAL D 760 8.80 55.17 -1.39
CA VAL D 760 8.63 56.51 -1.93
C VAL D 760 9.81 56.92 -2.84
N LYS D 761 11.04 56.66 -2.40
CA LYS D 761 12.24 56.98 -3.17
C LYS D 761 12.26 56.31 -4.55
N ASN D 762 11.71 55.10 -4.64
CA ASN D 762 11.72 54.33 -5.89
C ASN D 762 10.58 54.68 -6.88
N TRP D 763 9.67 55.56 -6.48
CA TRP D 763 8.51 55.90 -7.30
C TRP D 763 8.89 56.78 -8.49
N GLN D 764 8.36 56.46 -9.66
CA GLN D 764 8.72 57.16 -10.91
C GLN D 764 7.75 58.25 -11.37
N GLY D 765 6.81 58.61 -10.52
CA GLY D 765 5.80 59.61 -10.82
C GLY D 765 6.18 61.02 -10.32
N GLN D 766 5.15 61.80 -10.01
CA GLN D 766 5.32 63.20 -9.62
C GLN D 766 5.50 63.40 -8.13
N ARG D 767 5.62 64.65 -7.67
CA ARG D 767 6.00 64.92 -6.28
C ARG D 767 5.10 64.29 -5.23
N PHE D 768 5.76 64.00 -4.11
CA PHE D 768 5.14 63.37 -2.95
C PHE D 768 4.91 64.25 -1.76
N GLY D 769 3.84 63.93 -1.07
CA GLY D 769 3.63 64.58 0.19
C GLY D 769 3.07 63.63 1.21
N VAL D 770 3.23 64.00 2.46
CA VAL D 770 2.76 63.21 3.57
C VAL D 770 1.80 63.99 4.46
N VAL D 771 0.72 63.30 4.82
CA VAL D 771 -0.36 63.86 5.63
C VAL D 771 -0.56 63.13 6.96
N GLY D 772 0.51 62.74 7.62
CA GLY D 772 0.39 62.02 8.88
C GLY D 772 1.73 61.90 9.62
N GLY D 773 1.74 61.05 10.65
CA GLY D 773 2.90 60.88 11.53
C GLY D 773 2.50 60.39 12.94
N PRO D 774 3.49 60.14 13.83
CA PRO D 774 3.37 59.57 15.18
C PRO D 774 2.65 60.37 16.29
N GLY D 775 1.97 59.61 17.14
CA GLY D 775 1.21 60.15 18.26
C GLY D 775 1.93 60.24 19.61
N ASP D 776 1.09 60.41 20.63
CA ASP D 776 1.39 60.65 22.04
C ASP D 776 2.16 59.58 22.79
N ARG D 777 2.03 58.36 22.35
CA ARG D 777 2.70 57.25 23.00
C ARG D 777 4.17 57.11 22.60
N ARG D 778 4.65 57.94 21.68
CA ARG D 778 6.03 57.83 21.24
C ARG D 778 6.97 58.48 22.26
N ASP D 779 8.05 57.79 22.65
CA ASP D 779 8.94 58.33 23.69
C ASP D 779 10.00 59.29 23.12
N SER D 780 9.53 60.44 22.65
CA SER D 780 10.35 61.52 22.06
C SER D 780 11.20 61.11 20.84
N ASP D 781 10.80 60.02 20.17
CA ASP D 781 11.48 59.51 18.97
C ASP D 781 10.88 60.21 17.76
N LEU D 782 10.01 61.14 18.08
CA LEU D 782 9.26 61.99 17.21
C LEU D 782 10.17 62.87 16.42
N ILE D 783 11.28 63.30 17.02
CA ILE D 783 12.15 64.13 16.22
C ILE D 783 12.78 63.26 15.13
N GLU D 784 13.28 62.06 15.50
CA GLU D 784 13.86 61.18 14.49
C GLU D 784 12.85 60.83 13.42
N LEU D 785 11.60 60.61 13.80
CA LEU D 785 10.60 60.26 12.80
C LEU D 785 10.34 61.46 11.85
N GLY D 786 10.30 62.69 12.38
CA GLY D 786 10.11 63.88 11.52
C GLY D 786 11.25 63.99 10.51
N GLN D 787 12.44 63.56 10.93
CA GLN D 787 13.65 63.55 10.13
C GLN D 787 13.61 62.48 9.02
N ILE D 788 12.67 61.54 9.07
CA ILE D 788 12.55 60.52 8.03
C ILE D 788 11.72 61.12 6.93
N ALA D 789 10.64 61.81 7.28
CA ALA D 789 9.82 62.44 6.24
C ALA D 789 10.69 63.45 5.47
N ALA D 790 11.58 64.11 6.21
CA ALA D 790 12.48 65.06 5.60
C ALA D 790 13.34 64.35 4.57
N GLN D 791 13.51 64.96 3.41
CA GLN D 791 14.31 64.45 2.30
C GLN D 791 13.73 63.17 1.66
N VAL D 792 12.50 62.83 2.02
CA VAL D 792 11.74 61.76 1.40
C VAL D 792 10.58 62.38 0.66
N PHE D 793 9.90 63.30 1.35
CA PHE D 793 8.74 64.00 0.84
C PHE D 793 9.07 65.44 0.44
N ASP D 794 8.34 65.96 -0.56
CA ASP D 794 8.48 67.32 -1.06
C ASP D 794 7.60 68.27 -0.24
N ARG D 795 6.46 67.73 0.20
CA ARG D 795 5.45 68.42 1.00
C ARG D 795 5.27 67.66 2.30
N ILE D 796 5.54 68.29 3.43
CA ILE D 796 5.43 67.55 4.68
C ILE D 796 4.51 68.26 5.65
N ILE D 797 3.39 67.66 6.00
CA ILE D 797 2.44 68.36 6.83
C ILE D 797 2.22 67.65 8.15
N VAL D 798 2.21 68.39 9.26
CA VAL D 798 1.94 67.77 10.53
C VAL D 798 0.43 67.77 10.81
N LYS D 799 -0.07 66.60 11.19
CA LYS D 799 -1.47 66.30 11.51
C LYS D 799 -1.57 65.81 12.94
N GLU D 800 -0.47 65.81 13.64
CA GLU D 800 -0.42 65.12 14.91
C GLU D 800 -0.94 65.89 16.12
N ASP D 801 -2.25 66.05 16.10
CA ASP D 801 -3.05 66.69 17.12
C ASP D 801 -4.37 65.91 17.06
N ASP D 802 -4.26 64.61 17.35
CA ASP D 802 -5.35 63.65 17.19
C ASP D 802 -6.31 63.66 18.35
N ASP D 803 -7.28 62.75 18.35
CA ASP D 803 -8.28 62.74 19.41
C ASP D 803 -7.80 61.98 20.65
N LYS D 804 -6.91 61.01 20.48
CA LYS D 804 -6.49 60.19 21.60
C LYS D 804 -5.88 61.06 22.69
N ARG D 805 -4.94 61.94 22.31
CA ARG D 805 -4.36 62.88 23.27
C ARG D 805 -4.02 62.25 24.62
N GLY D 806 -3.25 61.15 24.62
CA GLY D 806 -2.93 60.46 25.86
C GLY D 806 -2.26 61.38 26.86
N ARG D 807 -1.45 62.31 26.36
CA ARG D 807 -0.81 63.29 27.19
C ARG D 807 -0.92 64.64 26.51
N SER D 808 -1.31 65.65 27.27
CA SER D 808 -1.43 67.02 26.76
C SER D 808 -2.29 67.15 25.50
N GLU D 809 -1.77 67.91 24.53
CA GLU D 809 -2.45 68.17 23.27
C GLU D 809 -1.51 67.76 22.11
N GLY D 810 -1.51 68.52 21.00
CA GLY D 810 -0.73 68.19 19.78
C GLY D 810 0.76 68.50 19.89
N GLU D 811 1.38 67.94 20.91
CA GLU D 811 2.77 68.15 21.17
C GLU D 811 3.60 67.36 20.19
N THR D 812 3.06 66.27 19.66
CA THR D 812 3.91 65.52 18.79
C THR D 812 4.00 66.28 17.48
N ALA D 813 2.93 66.97 17.03
CA ALA D 813 3.05 67.74 15.80
C ALA D 813 4.17 68.77 15.93
N ASP D 814 4.32 69.37 17.12
CA ASP D 814 5.40 70.34 17.31
C ASP D 814 6.79 69.65 17.29
N LEU D 815 6.94 68.51 17.95
CA LEU D 815 8.24 67.81 17.95
C LEU D 815 8.62 67.24 16.58
N ILE D 816 7.61 66.78 15.85
CA ILE D 816 7.80 66.22 14.54
C ILE D 816 8.26 67.30 13.59
N VAL D 817 7.61 68.48 13.61
CA VAL D 817 8.06 69.53 12.71
C VAL D 817 9.46 70.00 13.06
N LYS D 818 9.85 69.97 14.34
CA LYS D 818 11.23 70.34 14.59
C LYS D 818 12.15 69.37 13.82
N GLY D 819 11.86 68.07 13.84
CA GLY D 819 12.68 67.11 13.08
C GLY D 819 12.62 67.34 11.56
N ILE D 820 11.44 67.70 11.06
CA ILE D 820 11.27 67.91 9.63
C ILE D 820 12.12 69.08 9.18
N LEU D 821 12.04 70.16 9.94
CA LEU D 821 12.72 71.40 9.65
C LEU D 821 14.22 71.22 9.74
N GLN D 822 14.71 70.49 10.74
CA GLN D 822 16.16 70.31 10.85
C GLN D 822 16.76 69.65 9.62
N GLU D 823 16.10 68.64 9.06
CA GLU D 823 16.65 67.95 7.89
C GLU D 823 16.20 68.45 6.51
N ASN D 824 14.98 68.99 6.36
CA ASN D 824 14.51 69.45 5.06
C ASN D 824 13.71 70.74 5.17
N PRO D 825 14.29 71.83 5.69
CA PRO D 825 13.60 73.06 5.93
C PRO D 825 13.21 73.56 4.56
N GLY D 826 12.04 74.17 4.45
CA GLY D 826 11.63 74.65 3.15
C GLY D 826 10.64 73.69 2.50
N ALA D 827 10.45 72.51 3.12
CA ALA D 827 9.49 71.56 2.62
C ALA D 827 8.16 72.28 2.57
N SER D 828 7.33 71.96 1.59
CA SER D 828 6.07 72.66 1.51
C SER D 828 5.19 72.40 2.73
N TYR D 829 4.49 73.45 3.18
CA TYR D 829 3.55 73.38 4.30
C TYR D 829 4.06 72.82 5.64
N GLU D 830 5.20 73.30 6.17
CA GLU D 830 5.68 72.80 7.49
C GLU D 830 4.92 73.48 8.64
N VAL D 831 3.63 73.24 8.64
CA VAL D 831 2.61 73.78 9.52
C VAL D 831 1.66 72.69 9.98
N ILE D 832 0.84 72.98 10.98
CA ILE D 832 -0.23 72.08 11.33
C ILE D 832 -1.45 72.54 10.58
N LEU D 833 -2.04 71.67 9.77
CA LEU D 833 -3.22 72.14 9.01
C LEU D 833 -4.56 71.71 9.57
N ASP D 834 -4.63 70.55 10.20
CA ASP D 834 -5.88 70.04 10.75
C ASP D 834 -5.64 68.94 11.73
N GLU D 835 -6.73 68.49 12.33
CA GLU D 835 -6.76 67.31 13.16
C GLU D 835 -7.05 66.09 12.26
N THR D 836 -8.07 66.21 11.36
CA THR D 836 -8.49 65.09 10.51
C THR D 836 -8.68 65.39 9.00
N ILE D 837 -9.94 65.63 8.66
CA ILE D 837 -10.48 65.73 7.30
C ILE D 837 -9.98 66.84 6.40
N ALA D 838 -9.55 67.97 6.94
CA ALA D 838 -9.10 69.03 6.06
C ALA D 838 -7.68 68.79 5.58
N LEU D 839 -7.02 67.77 6.15
CA LEU D 839 -5.68 67.46 5.72
C LEU D 839 -5.64 66.15 4.95
N ASN D 840 -6.33 65.10 5.40
CA ASN D 840 -6.31 63.87 4.60
C ASN D 840 -7.39 63.93 3.52
N LYS D 841 -7.26 64.96 2.70
CA LYS D 841 -8.05 65.26 1.54
C LYS D 841 -7.06 65.88 0.58
N ALA D 842 -5.84 66.10 1.10
CA ALA D 842 -4.80 66.88 0.41
C ALA D 842 -4.13 66.09 -0.68
N LEU D 843 -4.97 65.70 -1.62
CA LEU D 843 -4.70 65.00 -2.82
C LEU D 843 -4.81 66.17 -3.76
N ASP D 844 -5.54 67.17 -3.26
CA ASP D 844 -5.80 68.40 -4.01
C ASP D 844 -4.62 69.39 -3.93
N GLN D 845 -3.57 68.96 -3.23
CA GLN D 845 -2.31 69.68 -3.10
C GLN D 845 -1.21 69.01 -3.94
N VAL D 846 -1.58 68.00 -4.74
CA VAL D 846 -0.64 67.22 -5.53
C VAL D 846 -0.95 67.27 -7.03
N GLU D 847 0.08 67.43 -7.86
CA GLU D 847 -0.11 67.48 -9.31
C GLU D 847 -0.41 66.10 -9.91
N GLU D 848 -0.63 66.07 -11.22
CA GLU D 848 -1.01 64.83 -11.87
C GLU D 848 0.04 63.75 -11.72
N LYS D 849 -0.46 62.60 -11.33
CA LYS D 849 0.26 61.37 -11.07
C LYS D 849 1.30 61.48 -9.94
N GLY D 850 1.04 62.35 -8.95
CA GLY D 850 1.90 62.45 -7.78
C GLY D 850 1.34 61.53 -6.72
N LEU D 851 1.85 61.59 -5.49
CA LEU D 851 1.33 60.63 -4.50
C LEU D 851 1.19 61.20 -3.07
N VAL D 852 0.06 60.85 -2.41
CA VAL D 852 -0.17 61.20 -1.00
C VAL D 852 0.03 60.01 -0.07
N VAL D 853 0.96 60.14 0.87
CA VAL D 853 1.26 59.07 1.82
C VAL D 853 0.62 59.39 3.15
N VAL D 854 -0.12 58.43 3.68
CA VAL D 854 -0.84 58.65 4.91
C VAL D 854 -0.32 57.75 6.02
N PHE D 855 0.01 58.37 7.16
CA PHE D 855 0.44 57.67 8.38
C PHE D 855 -0.52 58.13 9.48
N PRO D 856 -1.73 57.57 9.50
CA PRO D 856 -2.88 57.99 10.26
C PRO D 856 -2.80 57.52 11.69
N GLU D 857 -3.63 58.13 12.54
CA GLU D 857 -3.85 57.63 13.88
C GLU D 857 -4.72 56.36 13.87
N SER D 858 -5.46 56.20 12.78
CA SER D 858 -6.39 55.09 12.54
C SER D 858 -6.55 54.79 11.05
N VAL D 859 -6.39 53.52 10.70
CA VAL D 859 -6.48 53.08 9.32
C VAL D 859 -7.86 53.24 8.74
N THR D 860 -8.90 52.92 9.50
CA THR D 860 -10.25 53.04 8.94
C THR D 860 -10.50 54.45 8.45
N ARG D 861 -10.11 55.46 9.23
CA ARG D 861 -10.32 56.81 8.76
C ARG D 861 -9.47 57.09 7.53
N ALA D 862 -8.22 56.60 7.54
CA ALA D 862 -7.32 56.86 6.44
C ALA D 862 -7.83 56.37 5.11
N ILE D 863 -8.46 55.20 5.10
CA ILE D 863 -8.97 54.62 3.87
C ILE D 863 -10.35 55.15 3.53
N ASP D 864 -11.21 55.40 4.53
CA ASP D 864 -12.55 55.89 4.20
C ASP D 864 -12.49 57.30 3.62
N LEU D 865 -11.46 58.07 3.99
CA LEU D 865 -11.30 59.41 3.44
C LEU D 865 -10.70 59.38 2.03
N ILE D 866 -10.36 58.20 1.54
CA ILE D 866 -9.90 58.01 0.17
C ILE D 866 -11.12 57.57 -0.63
N LYS D 867 -11.93 56.67 -0.06
CA LYS D 867 -13.14 56.15 -0.73
C LYS D 867 -14.09 57.30 -1.10
N VAL D 868 -14.16 58.31 -0.24
CA VAL D 868 -14.99 59.49 -0.43
C VAL D 868 -14.51 60.35 -1.61
N ARG D 869 -13.28 60.13 -2.07
CA ARG D 869 -12.67 60.85 -3.18
C ARG D 869 -12.93 60.16 -4.50
N ASN D 870 -13.72 59.07 -4.47
CA ASN D 870 -14.06 58.29 -5.65
C ASN D 870 -12.88 57.64 -6.38
N PRO D 871 -12.15 56.70 -5.75
CA PRO D 871 -11.01 55.99 -6.29
C PRO D 871 -11.50 55.03 -7.35
N ILE D 872 -10.61 54.65 -8.24
CA ILE D 872 -10.91 53.70 -9.29
C ILE D 872 -10.70 52.29 -8.80
N GLY D 873 -9.58 52.08 -8.13
CA GLY D 873 -9.25 50.73 -7.68
C GLY D 873 -7.81 50.62 -7.20
N GLU D 874 -7.31 49.40 -7.15
CA GLU D 874 -5.95 49.11 -6.71
C GLU D 874 -4.98 49.70 -7.74
N ASN D 875 -3.86 50.25 -7.26
CA ASN D 875 -2.79 50.83 -8.07
C ASN D 875 -2.70 50.29 -9.50
#